data_3N8K
#
_entry.id   3N8K
#
_cell.length_a   96.316
_cell.length_b   137.208
_cell.length_c   146.713
_cell.angle_alpha   90.00
_cell.angle_beta   96.59
_cell.angle_gamma   90.00
#
_symmetry.space_group_name_H-M   'P 1 21 1'
#
loop_
_entity.id
_entity.type
_entity.pdbx_description
1 polymer '3-dehydroquinate dehydratase'
2 non-polymer '2,6-dioxo-1,2,3,6-tetrahydropyridine-4-carboxylic acid'
3 non-polymer 'CHLORIDE ION'
4 water water
#
_entity_poly.entity_id   1
_entity_poly.type   'polypeptide(L)'
_entity_poly.pdbx_seq_one_letter_code
;MGSSHHHHHHSSGLQGTENLYFQSHMSELIVNVINGPNLGRLGRREPAVYGGTTHDELVALIEREAAELGLKAVVRQSDS
EAQLLDWIHQAADAAEPVILNAGGLTHTSVALRDACAELSAPLIEVHISNVHAREEFRRHSYLSPIATGVIVGLGIQGYL
LALRYLAEHVGT
;
_entity_poly.pdbx_strand_id   A,B,C,D,E,F,G,H,I,J,K,L,M,N,O,P,Q,R,S,T,U,V,W,X
#
# COMPACT_ATOMS: atom_id res chain seq x y z
N LEU A 29 -0.11 -86.38 -7.63
CA LEU A 29 -0.63 -84.99 -7.63
C LEU A 29 -1.36 -84.66 -6.32
N ILE A 30 -0.60 -84.10 -5.38
CA ILE A 30 -1.09 -83.83 -4.03
C ILE A 30 -1.61 -82.40 -3.91
N VAL A 31 -2.81 -82.26 -3.36
CA VAL A 31 -3.38 -80.95 -3.04
C VAL A 31 -3.58 -80.84 -1.53
N ASN A 32 -3.06 -79.76 -0.94
CA ASN A 32 -3.26 -79.50 0.47
C ASN A 32 -4.48 -78.63 0.73
N VAL A 33 -5.41 -79.16 1.52
CA VAL A 33 -6.56 -78.39 1.97
C VAL A 33 -6.36 -78.06 3.45
N ILE A 34 -6.22 -76.78 3.75
CA ILE A 34 -5.91 -76.34 5.11
C ILE A 34 -7.02 -75.49 5.69
N ASN A 35 -7.56 -75.93 6.83
CA ASN A 35 -8.61 -75.19 7.52
C ASN A 35 -8.11 -74.54 8.81
N GLY A 36 -8.49 -73.28 9.00
CA GLY A 36 -8.03 -72.50 10.14
C GLY A 36 -8.92 -72.61 11.36
N PRO A 37 -8.81 -71.65 12.29
CA PRO A 37 -9.53 -71.63 13.56
C PRO A 37 -11.04 -71.79 13.42
N ASN A 38 -11.62 -72.56 14.35
CA ASN A 38 -13.07 -72.77 14.47
C ASN A 38 -13.73 -73.63 13.39
N LEU A 39 -12.95 -74.07 12.41
CA LEU A 39 -13.49 -74.91 11.33
C LEU A 39 -13.60 -76.40 11.72
N GLY A 40 -12.90 -76.78 12.78
CA GLY A 40 -13.10 -78.10 13.38
C GLY A 40 -14.46 -78.20 14.06
N ARG A 41 -15.10 -77.04 14.24
CA ARG A 41 -16.38 -76.94 14.93
C ARG A 41 -17.59 -76.99 13.98
N LEU A 42 -17.35 -77.15 12.68
CA LEU A 42 -18.44 -77.24 11.69
C LEU A 42 -19.47 -78.30 12.06
N GLY A 43 -20.74 -77.94 11.95
CA GLY A 43 -21.84 -78.80 12.37
C GLY A 43 -22.63 -78.17 13.50
N ARG A 44 -21.96 -77.92 14.62
CA ARG A 44 -22.57 -77.22 15.75
C ARG A 44 -22.48 -75.71 15.56
N ARG A 45 -21.40 -75.29 14.91
CA ARG A 45 -21.05 -73.88 14.77
C ARG A 45 -22.02 -73.14 13.85
N GLU A 46 -22.73 -72.17 14.43
CA GLU A 46 -23.67 -71.30 13.69
C GLU A 46 -24.22 -71.90 12.39
N PRO A 47 -25.11 -72.92 12.51
CA PRO A 47 -25.59 -73.69 11.36
C PRO A 47 -26.19 -72.84 10.24
N ALA A 48 -26.88 -71.76 10.60
CA ALA A 48 -27.48 -70.85 9.61
C ALA A 48 -26.42 -70.12 8.78
N VAL A 49 -25.20 -70.03 9.31
CA VAL A 49 -24.10 -69.36 8.62
C VAL A 49 -23.23 -70.36 7.85
N TYR A 50 -22.86 -71.46 8.50
CA TYR A 50 -21.84 -72.36 7.97
C TYR A 50 -22.35 -73.73 7.50
N GLY A 51 -23.65 -73.98 7.67
CA GLY A 51 -24.25 -75.25 7.26
C GLY A 51 -24.23 -76.30 8.36
N GLY A 52 -24.70 -77.50 8.03
CA GLY A 52 -24.80 -78.60 9.00
C GLY A 52 -23.82 -79.76 8.80
N THR A 53 -22.96 -79.66 7.79
CA THR A 53 -21.92 -80.65 7.54
C THR A 53 -20.79 -80.52 8.57
N THR A 54 -20.35 -81.66 9.10
CA THR A 54 -19.24 -81.70 10.08
C THR A 54 -17.89 -81.65 9.37
N HIS A 55 -16.83 -81.41 10.13
CA HIS A 55 -15.48 -81.38 9.56
C HIS A 55 -15.00 -82.76 9.13
N ASP A 56 -15.34 -83.78 9.90
CA ASP A 56 -15.05 -85.17 9.54
C ASP A 56 -15.66 -85.53 8.18
N GLU A 57 -16.93 -85.18 8.00
CA GLU A 57 -17.63 -85.39 6.73
C GLU A 57 -17.04 -84.55 5.60
N LEU A 58 -16.65 -83.31 5.93
CA LEU A 58 -15.98 -82.43 4.96
C LEU A 58 -14.69 -83.05 4.43
N VAL A 59 -13.83 -83.49 5.34
CA VAL A 59 -12.57 -84.17 4.99
C VAL A 59 -12.81 -85.30 3.99
N ALA A 60 -13.73 -86.20 4.33
CA ALA A 60 -14.06 -87.36 3.51
C ALA A 60 -14.64 -86.98 2.14
N LEU A 61 -15.45 -85.93 2.11
CA LEU A 61 -16.07 -85.46 0.87
C LEU A 61 -15.02 -84.86 -0.08
N ILE A 62 -14.06 -84.14 0.48
CA ILE A 62 -12.95 -83.57 -0.28
C ILE A 62 -12.05 -84.66 -0.85
N GLU A 63 -11.70 -85.64 0.01
CA GLU A 63 -10.84 -86.75 -0.36
C GLU A 63 -11.41 -87.59 -1.50
N ARG A 64 -12.72 -87.86 -1.44
CA ARG A 64 -13.41 -88.63 -2.47
C ARG A 64 -13.47 -87.90 -3.82
N GLU A 65 -13.78 -86.61 -3.77
CA GLU A 65 -13.83 -85.78 -4.97
C GLU A 65 -12.46 -85.67 -5.62
N ALA A 66 -11.43 -85.45 -4.80
CA ALA A 66 -10.05 -85.37 -5.27
C ALA A 66 -9.62 -86.66 -5.98
N ALA A 67 -9.93 -87.79 -5.36
CA ALA A 67 -9.62 -89.12 -5.91
C ALA A 67 -10.29 -89.36 -7.26
N GLU A 68 -11.55 -88.94 -7.38
CA GLU A 68 -12.30 -89.03 -8.64
C GLU A 68 -11.67 -88.20 -9.75
N LEU A 69 -11.11 -87.05 -9.39
CA LEU A 69 -10.46 -86.17 -10.35
C LEU A 69 -9.03 -86.58 -10.67
N GLY A 70 -8.56 -87.65 -10.02
CA GLY A 70 -7.20 -88.17 -10.22
C GLY A 70 -6.15 -87.47 -9.37
N LEU A 71 -6.60 -86.92 -8.25
CA LEU A 71 -5.72 -86.21 -7.32
C LEU A 71 -5.76 -86.88 -5.94
N LYS A 72 -4.87 -86.46 -5.06
CA LYS A 72 -4.91 -86.88 -3.67
C LYS A 72 -4.92 -85.66 -2.76
N ALA A 73 -5.99 -85.53 -1.98
CA ALA A 73 -6.13 -84.40 -1.05
C ALA A 73 -5.62 -84.75 0.34
N VAL A 74 -4.73 -83.90 0.86
CA VAL A 74 -4.33 -83.97 2.26
C VAL A 74 -5.06 -82.84 2.98
N VAL A 75 -6.00 -83.22 3.85
CA VAL A 75 -6.86 -82.25 4.52
C VAL A 75 -6.53 -82.16 6.01
N ARG A 76 -6.24 -80.95 6.48
CA ARG A 76 -5.85 -80.72 7.87
C ARG A 76 -6.46 -79.43 8.43
N GLN A 77 -6.79 -79.46 9.72
CA GLN A 77 -7.38 -78.33 10.41
C GLN A 77 -6.65 -78.06 11.72
N SER A 78 -6.40 -76.79 12.01
CA SER A 78 -5.81 -76.36 13.28
C SER A 78 -6.32 -75.00 13.70
N ASP A 79 -6.49 -74.82 15.01
CA ASP A 79 -6.80 -73.53 15.61
C ASP A 79 -5.52 -72.74 15.91
N SER A 80 -4.38 -73.40 15.74
CA SER A 80 -3.07 -72.80 16.02
C SER A 80 -2.44 -72.20 14.77
N GLU A 81 -2.16 -70.90 14.82
CA GLU A 81 -1.54 -70.18 13.71
C GLU A 81 -0.18 -70.76 13.32
N ALA A 82 0.64 -71.07 14.33
CA ALA A 82 1.96 -71.68 14.12
C ALA A 82 1.87 -72.99 13.35
N GLN A 83 0.87 -73.81 13.68
CA GLN A 83 0.65 -75.08 13.00
C GLN A 83 0.27 -74.88 11.53
N LEU A 84 -0.64 -73.93 11.28
CA LEU A 84 -1.03 -73.58 9.92
C LEU A 84 0.16 -73.08 9.10
N LEU A 85 1.01 -72.28 9.73
CA LEU A 85 2.22 -71.76 9.10
C LEU A 85 3.18 -72.87 8.69
N ASP A 86 3.33 -73.88 9.56
CA ASP A 86 4.20 -75.02 9.28
C ASP A 86 3.71 -75.82 8.07
N TRP A 87 2.39 -76.05 7.99
CA TRP A 87 1.79 -76.77 6.88
C TRP A 87 1.95 -76.02 5.55
N ILE A 88 1.89 -74.69 5.61
CA ILE A 88 2.11 -73.86 4.42
C ILE A 88 3.57 -73.88 3.97
N HIS A 89 4.50 -73.81 4.92
CA HIS A 89 5.93 -73.92 4.63
C HIS A 89 6.24 -75.22 3.88
N GLN A 90 5.70 -76.33 4.38
CA GLN A 90 5.89 -77.65 3.79
C GLN A 90 5.34 -77.69 2.37
N ALA A 91 4.17 -77.10 2.17
CA ALA A 91 3.54 -77.00 0.86
C ALA A 91 4.39 -76.16 -0.11
N ALA A 92 5.00 -75.10 0.40
CA ALA A 92 5.89 -74.26 -0.39
C ALA A 92 7.14 -75.04 -0.81
N ASP A 93 7.73 -75.79 0.13
CA ASP A 93 8.90 -76.62 -0.15
C ASP A 93 8.60 -77.74 -1.13
N ALA A 94 7.36 -78.23 -1.13
CA ALA A 94 6.96 -79.32 -2.00
C ALA A 94 6.31 -78.83 -3.29
N ALA A 95 6.08 -77.52 -3.38
CA ALA A 95 5.39 -76.88 -4.52
C ALA A 95 4.06 -77.56 -4.84
N GLU A 96 3.26 -77.76 -3.80
CA GLU A 96 1.93 -78.36 -3.92
C GLU A 96 0.88 -77.26 -3.80
N PRO A 97 -0.21 -77.35 -4.57
CA PRO A 97 -1.29 -76.38 -4.47
C PRO A 97 -1.91 -76.38 -3.07
N VAL A 98 -2.39 -75.22 -2.65
CA VAL A 98 -3.05 -75.08 -1.36
C VAL A 98 -4.46 -74.51 -1.54
N ILE A 99 -5.44 -75.23 -1.01
CA ILE A 99 -6.80 -74.71 -0.85
C ILE A 99 -6.94 -74.31 0.63
N LEU A 100 -7.10 -73.02 0.88
CA LEU A 100 -7.03 -72.48 2.23
C LEU A 100 -8.29 -71.75 2.68
N ASN A 101 -8.85 -72.21 3.80
CA ASN A 101 -9.86 -71.45 4.53
C ASN A 101 -9.26 -71.11 5.89
N ALA A 102 -8.72 -69.90 6.00
CA ALA A 102 -8.03 -69.48 7.22
C ALA A 102 -8.99 -69.09 8.34
N GLY A 103 -10.29 -69.11 8.05
CA GLY A 103 -11.30 -68.74 9.04
C GLY A 103 -11.14 -67.30 9.45
N GLY A 104 -11.09 -67.05 10.76
CA GLY A 104 -10.94 -65.70 11.31
C GLY A 104 -9.62 -65.03 10.96
N LEU A 105 -8.56 -65.83 10.80
CA LEU A 105 -7.22 -65.33 10.51
C LEU A 105 -7.11 -64.68 9.13
N THR A 106 -8.07 -65.00 8.26
CA THR A 106 -8.20 -64.39 6.93
C THR A 106 -8.15 -62.87 7.01
N HIS A 107 -8.81 -62.31 8.02
CA HIS A 107 -9.03 -60.88 8.14
C HIS A 107 -7.97 -60.16 9.00
N THR A 108 -7.06 -60.94 9.60
CA THR A 108 -6.19 -60.40 10.65
C THR A 108 -4.70 -60.75 10.55
N SER A 109 -4.38 -61.88 9.92
CA SER A 109 -3.01 -62.41 9.98
C SER A 109 -2.11 -62.04 8.80
N VAL A 110 -1.18 -61.12 9.06
CA VAL A 110 -0.12 -60.78 8.11
C VAL A 110 0.93 -61.90 8.05
N ALA A 111 1.19 -62.53 9.19
CA ALA A 111 2.12 -63.66 9.26
C ALA A 111 1.70 -64.82 8.37
N LEU A 112 0.40 -65.07 8.30
CA LEU A 112 -0.15 -66.11 7.44
C LEU A 112 -0.03 -65.71 5.96
N ARG A 113 -0.32 -64.45 5.67
CA ARG A 113 -0.15 -63.89 4.34
C ARG A 113 1.30 -64.05 3.87
N ASP A 114 2.24 -63.69 4.75
CA ASP A 114 3.66 -63.82 4.47
C ASP A 114 4.09 -65.26 4.12
N ALA A 115 3.54 -66.22 4.85
CA ALA A 115 3.81 -67.64 4.58
C ALA A 115 3.26 -68.07 3.23
N CYS A 116 2.05 -67.63 2.92
CA CYS A 116 1.39 -67.94 1.66
C CYS A 116 2.08 -67.33 0.44
N ALA A 117 2.78 -66.21 0.66
CA ALA A 117 3.54 -65.54 -0.39
C ALA A 117 4.66 -66.42 -0.96
N GLU A 118 5.12 -67.39 -0.16
CA GLU A 118 6.13 -68.36 -0.60
C GLU A 118 5.59 -69.42 -1.56
N LEU A 119 4.26 -69.56 -1.62
CA LEU A 119 3.65 -70.55 -2.49
C LEU A 119 3.80 -70.17 -3.96
N SER A 120 4.17 -71.16 -4.77
CA SER A 120 4.40 -70.99 -6.20
C SER A 120 3.33 -71.72 -7.01
N ALA A 121 2.94 -72.90 -6.52
CA ALA A 121 1.78 -73.62 -7.03
C ALA A 121 0.52 -72.85 -6.64
N PRO A 122 -0.60 -73.05 -7.38
CA PRO A 122 -1.81 -72.27 -7.13
C PRO A 122 -2.27 -72.25 -5.67
N LEU A 123 -2.74 -71.09 -5.23
CA LEU A 123 -3.36 -70.94 -3.93
C LEU A 123 -4.80 -70.48 -4.11
N ILE A 124 -5.75 -71.26 -3.60
CA ILE A 124 -7.16 -70.89 -3.69
C ILE A 124 -7.75 -70.63 -2.30
N GLU A 125 -8.24 -69.41 -2.11
CA GLU A 125 -8.90 -69.02 -0.87
C GLU A 125 -10.36 -69.43 -0.93
N VAL A 126 -10.81 -70.16 0.09
CA VAL A 126 -12.18 -70.66 0.14
C VAL A 126 -12.87 -70.22 1.43
N HIS A 127 -14.08 -69.70 1.31
CA HIS A 127 -14.93 -69.47 2.47
C HIS A 127 -16.30 -70.06 2.24
N ILE A 128 -16.78 -70.79 3.26
CA ILE A 128 -18.05 -71.48 3.21
C ILE A 128 -19.20 -70.48 3.12
N SER A 129 -19.20 -69.49 4.00
CA SER A 129 -20.24 -68.46 4.02
C SER A 129 -19.86 -67.32 3.08
N ASN A 130 -20.88 -66.56 2.64
CA ASN A 130 -20.63 -65.35 1.87
C ASN A 130 -20.13 -64.25 2.80
N VAL A 131 -18.81 -64.12 2.87
CA VAL A 131 -18.12 -63.23 3.78
C VAL A 131 -18.39 -61.75 3.48
N HIS A 132 -18.97 -61.47 2.31
CA HIS A 132 -19.33 -60.13 1.91
C HIS A 132 -20.74 -59.71 2.32
N ALA A 133 -21.53 -60.67 2.81
CA ALA A 133 -22.89 -60.41 3.27
C ALA A 133 -22.98 -60.26 4.79
N ARG A 134 -21.83 -60.16 5.43
CA ARG A 134 -21.74 -60.12 6.89
C ARG A 134 -21.17 -58.79 7.38
N GLU A 135 -20.37 -58.81 8.44
CA GLU A 135 -19.77 -57.57 8.97
C GLU A 135 -18.75 -57.01 7.99
N GLU A 136 -18.57 -55.69 8.01
CA GLU A 136 -17.60 -55.01 7.15
C GLU A 136 -16.18 -55.53 7.29
N PHE A 137 -15.74 -55.79 8.53
CA PHE A 137 -14.37 -56.24 8.79
C PHE A 137 -14.00 -57.56 8.10
N ARG A 138 -15.02 -58.30 7.66
CA ARG A 138 -14.83 -59.58 6.97
C ARG A 138 -14.60 -59.42 5.46
N ARG A 139 -14.69 -58.19 4.96
CA ARG A 139 -14.62 -57.93 3.52
C ARG A 139 -13.23 -57.53 3.01
N HIS A 140 -12.23 -57.58 3.87
CA HIS A 140 -10.90 -57.07 3.52
C HIS A 140 -9.78 -58.09 3.78
N SER A 141 -9.90 -59.25 3.13
CA SER A 141 -8.96 -60.36 3.30
C SER A 141 -7.50 -60.00 3.02
N TYR A 142 -6.61 -60.44 3.90
CA TYR A 142 -5.17 -60.32 3.70
C TYR A 142 -4.65 -61.34 2.68
N LEU A 143 -5.41 -62.41 2.47
CA LEU A 143 -4.97 -63.51 1.61
C LEU A 143 -5.37 -63.34 0.15
N SER A 144 -6.54 -62.75 -0.08
CA SER A 144 -7.08 -62.55 -1.43
C SER A 144 -6.09 -61.97 -2.45
N PRO A 145 -5.40 -60.85 -2.11
CA PRO A 145 -4.50 -60.21 -3.07
C PRO A 145 -3.31 -61.07 -3.54
N ILE A 146 -2.93 -62.09 -2.76
CA ILE A 146 -1.80 -62.94 -3.13
C ILE A 146 -2.20 -64.36 -3.55
N ALA A 147 -3.50 -64.66 -3.47
CA ALA A 147 -4.03 -65.94 -3.92
C ALA A 147 -4.27 -65.93 -5.42
N THR A 148 -4.28 -67.11 -6.04
CA THR A 148 -4.64 -67.25 -7.44
C THR A 148 -6.08 -66.80 -7.63
N GLY A 149 -6.97 -67.32 -6.79
CA GLY A 149 -8.38 -66.99 -6.84
C GLY A 149 -9.10 -67.21 -5.53
N VAL A 150 -10.37 -66.79 -5.47
CA VAL A 150 -11.16 -66.85 -4.25
C VAL A 150 -12.57 -67.38 -4.54
N ILE A 151 -12.99 -68.40 -3.78
CA ILE A 151 -14.36 -68.91 -3.82
C ILE A 151 -15.05 -68.67 -2.48
N VAL A 152 -16.16 -67.96 -2.51
CA VAL A 152 -16.86 -67.53 -1.31
C VAL A 152 -18.37 -67.81 -1.40
N GLY A 153 -18.95 -68.30 -0.31
CA GLY A 153 -20.40 -68.40 -0.18
C GLY A 153 -21.10 -69.54 -0.89
N LEU A 154 -20.32 -70.46 -1.46
CA LEU A 154 -20.89 -71.61 -2.16
C LEU A 154 -20.91 -72.85 -1.28
N GLY A 155 -20.87 -72.60 0.04
CA GLY A 155 -20.91 -73.66 1.03
C GLY A 155 -19.71 -74.58 0.96
N ILE A 156 -19.95 -75.84 1.28
CA ILE A 156 -18.92 -76.87 1.34
C ILE A 156 -18.41 -77.21 -0.07
N GLN A 157 -19.25 -77.00 -1.08
CA GLN A 157 -18.89 -77.30 -2.46
C GLN A 157 -17.75 -76.42 -2.98
N GLY A 158 -17.52 -75.29 -2.31
CA GLY A 158 -16.43 -74.38 -2.64
C GLY A 158 -15.07 -75.06 -2.67
N TYR A 159 -14.85 -75.97 -1.73
CA TYR A 159 -13.65 -76.79 -1.68
C TYR A 159 -13.56 -77.68 -2.92
N LEU A 160 -14.68 -78.30 -3.28
CA LEU A 160 -14.74 -79.24 -4.39
C LEU A 160 -14.55 -78.56 -5.75
N LEU A 161 -15.03 -77.33 -5.86
CA LEU A 161 -14.86 -76.53 -7.07
C LEU A 161 -13.43 -76.04 -7.20
N ALA A 162 -12.78 -75.75 -6.07
CA ALA A 162 -11.38 -75.40 -6.03
C ALA A 162 -10.51 -76.57 -6.50
N LEU A 163 -10.87 -77.78 -6.08
CA LEU A 163 -10.21 -79.01 -6.52
C LEU A 163 -10.34 -79.21 -8.03
N ARG A 164 -11.53 -78.94 -8.55
CA ARG A 164 -11.80 -79.11 -9.98
C ARG A 164 -11.00 -78.12 -10.82
N TYR A 165 -10.83 -76.88 -10.32
CA TYR A 165 -9.96 -75.91 -10.97
C TYR A 165 -8.57 -76.50 -11.16
N LEU A 166 -8.03 -77.10 -10.11
CA LEU A 166 -6.68 -77.69 -10.14
C LEU A 166 -6.60 -78.89 -11.07
N ALA A 167 -7.61 -79.75 -11.04
CA ALA A 167 -7.66 -80.93 -11.89
C ALA A 167 -7.76 -80.58 -13.38
N GLU A 168 -8.52 -79.53 -13.68
CA GLU A 168 -8.70 -79.07 -15.07
C GLU A 168 -7.48 -78.31 -15.60
N HIS A 169 -6.57 -77.95 -14.70
CA HIS A 169 -5.37 -77.21 -15.08
C HIS A 169 -4.07 -78.00 -14.86
N VAL A 170 -4.13 -79.31 -15.09
CA VAL A 170 -2.91 -80.13 -15.04
C VAL A 170 -2.33 -80.34 -16.43
N LEU B 29 3.37 -8.97 -25.72
CA LEU B 29 2.87 -9.74 -24.55
C LEU B 29 3.97 -10.63 -23.97
N ILE B 30 4.25 -10.45 -22.68
CA ILE B 30 5.28 -11.21 -21.98
C ILE B 30 4.65 -12.31 -21.13
N VAL B 31 5.14 -13.53 -21.33
CA VAL B 31 4.67 -14.70 -20.57
C VAL B 31 5.79 -15.22 -19.68
N ASN B 32 5.47 -15.47 -18.42
CA ASN B 32 6.44 -16.01 -17.47
C ASN B 32 6.29 -17.53 -17.30
N VAL B 33 7.34 -18.26 -17.65
CA VAL B 33 7.40 -19.69 -17.43
C VAL B 33 8.30 -19.95 -16.22
N ILE B 34 7.70 -20.50 -15.16
CA ILE B 34 8.40 -20.68 -13.90
C ILE B 34 8.45 -22.15 -13.51
N ASN B 35 9.67 -22.66 -13.32
CA ASN B 35 9.90 -24.03 -12.93
C ASN B 35 10.43 -24.14 -11.50
N GLY B 36 9.82 -25.04 -10.72
CA GLY B 36 10.17 -25.22 -9.32
C GLY B 36 11.29 -26.23 -9.10
N PRO B 37 11.40 -26.75 -7.86
CA PRO B 37 12.45 -27.67 -7.44
C PRO B 37 12.65 -28.87 -8.35
N ASN B 38 13.92 -29.19 -8.60
CA ASN B 38 14.33 -30.37 -9.37
C ASN B 38 14.12 -30.30 -10.88
N LEU B 39 13.44 -29.25 -11.35
CA LEU B 39 13.19 -29.09 -12.79
C LEU B 39 14.43 -28.62 -13.57
N GLY B 40 15.45 -28.16 -12.84
CA GLY B 40 16.75 -27.86 -13.44
C GLY B 40 17.50 -29.13 -13.81
N ARG B 41 17.04 -30.25 -13.24
CA ARG B 41 17.68 -31.56 -13.41
C ARG B 41 17.11 -32.37 -14.59
N LEU B 42 16.23 -31.75 -15.37
CA LEU B 42 15.62 -32.40 -16.53
C LEU B 42 16.65 -32.98 -17.49
N GLY B 43 16.40 -34.20 -17.96
CA GLY B 43 17.35 -34.93 -18.79
C GLY B 43 18.16 -35.91 -17.96
N ARG B 44 18.51 -35.49 -16.74
CA ARG B 44 19.25 -36.34 -15.81
C ARG B 44 18.31 -37.14 -14.92
N ARG B 45 17.34 -36.44 -14.32
CA ARG B 45 16.42 -37.04 -13.34
C ARG B 45 15.40 -37.98 -13.99
N GLU B 46 15.27 -39.16 -13.41
CA GLU B 46 14.29 -40.17 -13.82
C GLU B 46 13.79 -40.01 -15.26
N PRO B 47 14.66 -40.30 -16.26
CA PRO B 47 14.33 -40.07 -17.68
C PRO B 47 13.10 -40.81 -18.18
N ALA B 48 12.78 -41.95 -17.55
CA ALA B 48 11.59 -42.72 -17.91
C ALA B 48 10.30 -42.05 -17.44
N VAL B 49 10.44 -41.13 -16.49
CA VAL B 49 9.31 -40.37 -15.94
C VAL B 49 9.19 -38.99 -16.59
N TYR B 50 10.32 -38.30 -16.76
CA TYR B 50 10.32 -36.90 -17.19
C TYR B 50 10.87 -36.63 -18.59
N GLY B 51 11.41 -37.66 -19.24
CA GLY B 51 11.99 -37.51 -20.59
C GLY B 51 13.47 -37.18 -20.57
N GLY B 52 14.09 -37.16 -21.75
CA GLY B 52 15.52 -36.92 -21.89
C GLY B 52 15.90 -35.52 -22.34
N THR B 53 14.92 -34.62 -22.36
CA THR B 53 15.13 -33.23 -22.74
C THR B 53 15.63 -32.43 -21.54
N THR B 54 16.74 -31.70 -21.72
CA THR B 54 17.31 -30.87 -20.65
C THR B 54 16.52 -29.57 -20.48
N HIS B 55 16.73 -28.90 -19.34
CA HIS B 55 16.07 -27.64 -19.07
C HIS B 55 16.50 -26.53 -20.03
N ASP B 56 17.77 -26.55 -20.45
CA ASP B 56 18.28 -25.62 -21.45
C ASP B 56 17.58 -25.78 -22.79
N GLU B 57 17.39 -27.04 -23.20
CA GLU B 57 16.67 -27.36 -24.42
C GLU B 57 15.19 -26.96 -24.31
N LEU B 58 14.63 -27.10 -23.12
CA LEU B 58 13.26 -26.66 -22.84
C LEU B 58 13.12 -25.14 -22.99
N VAL B 59 14.05 -24.40 -22.40
CA VAL B 59 14.12 -22.94 -22.54
C VAL B 59 14.13 -22.53 -24.01
N ALA B 60 15.00 -23.15 -24.79
CA ALA B 60 15.14 -22.85 -26.22
C ALA B 60 13.88 -23.19 -27.03
N LEU B 61 13.25 -24.32 -26.70
CA LEU B 61 12.01 -24.74 -27.36
C LEU B 61 10.84 -23.80 -27.06
N ILE B 62 10.80 -23.30 -25.83
CA ILE B 62 9.76 -22.35 -25.40
C ILE B 62 9.95 -20.99 -26.06
N GLU B 63 11.19 -20.51 -26.10
CA GLU B 63 11.52 -19.22 -26.72
C GLU B 63 11.25 -19.22 -28.23
N ARG B 64 11.48 -20.35 -28.87
CA ARG B 64 11.22 -20.52 -30.29
C ARG B 64 9.71 -20.48 -30.56
N GLU B 65 8.96 -21.26 -29.78
CA GLU B 65 7.50 -21.32 -29.93
C GLU B 65 6.83 -19.96 -29.64
N ALA B 66 7.34 -19.25 -28.63
CA ALA B 66 6.84 -17.92 -28.29
C ALA B 66 7.02 -16.92 -29.44
N ALA B 67 8.16 -17.03 -30.13
CA ALA B 67 8.45 -16.18 -31.28
C ALA B 67 7.48 -16.44 -32.45
N GLU B 68 7.07 -17.70 -32.60
CA GLU B 68 6.07 -18.07 -33.61
C GLU B 68 4.69 -17.49 -33.31
N LEU B 69 4.39 -17.35 -32.02
CA LEU B 69 3.08 -16.89 -31.57
C LEU B 69 3.01 -15.38 -31.35
N GLY B 70 4.14 -14.69 -31.54
CA GLY B 70 4.22 -13.25 -31.32
C GLY B 70 4.22 -12.88 -29.84
N LEU B 71 4.74 -13.79 -29.02
CA LEU B 71 4.87 -13.57 -27.57
C LEU B 71 6.34 -13.54 -27.17
N LYS B 72 6.62 -13.04 -25.98
CA LYS B 72 7.94 -13.12 -25.39
C LYS B 72 7.87 -13.95 -24.12
N ALA B 73 8.67 -15.01 -24.07
CA ALA B 73 8.67 -15.92 -22.93
C ALA B 73 9.92 -15.76 -22.08
N VAL B 74 9.72 -15.60 -20.77
CA VAL B 74 10.81 -15.54 -19.82
C VAL B 74 10.76 -16.80 -18.96
N VAL B 75 11.71 -17.70 -19.20
CA VAL B 75 11.74 -18.99 -18.52
C VAL B 75 12.78 -18.96 -17.41
N ARG B 76 12.31 -19.17 -16.17
CA ARG B 76 13.17 -19.17 -15.00
C ARG B 76 12.92 -20.39 -14.12
N GLN B 77 14.00 -20.91 -13.54
CA GLN B 77 13.92 -22.11 -12.69
C GLN B 77 14.64 -21.86 -11.36
N SER B 78 14.01 -22.32 -10.28
CA SER B 78 14.64 -22.27 -8.94
C SER B 78 14.18 -23.42 -8.06
N ASP B 79 15.11 -23.92 -7.23
CA ASP B 79 14.79 -24.92 -6.21
C ASP B 79 14.31 -24.24 -4.93
N SER B 80 14.34 -22.91 -4.90
CA SER B 80 13.99 -22.13 -3.72
C SER B 80 12.55 -21.63 -3.75
N GLU B 81 11.78 -21.98 -2.71
CA GLU B 81 10.40 -21.50 -2.56
C GLU B 81 10.34 -19.97 -2.53
N ALA B 82 11.21 -19.34 -1.74
CA ALA B 82 11.27 -17.88 -1.62
C ALA B 82 11.46 -17.18 -2.96
N GLN B 83 12.36 -17.73 -3.78
CA GLN B 83 12.65 -17.18 -5.11
C GLN B 83 11.44 -17.30 -6.06
N LEU B 84 10.72 -18.41 -5.95
CA LEU B 84 9.52 -18.63 -6.76
C LEU B 84 8.42 -17.65 -6.38
N LEU B 85 8.26 -17.41 -5.07
CA LEU B 85 7.31 -16.44 -4.55
C LEU B 85 7.58 -15.03 -5.10
N ASP B 86 8.85 -14.65 -5.13
CA ASP B 86 9.26 -13.34 -5.62
C ASP B 86 8.93 -13.15 -7.10
N TRP B 87 9.21 -14.16 -7.91
CA TRP B 87 8.89 -14.13 -9.34
C TRP B 87 7.39 -14.02 -9.58
N ILE B 88 6.61 -14.76 -8.78
CA ILE B 88 5.14 -14.69 -8.82
C ILE B 88 4.65 -13.28 -8.44
N HIS B 89 5.24 -12.71 -7.40
CA HIS B 89 4.92 -11.34 -6.98
C HIS B 89 5.14 -10.35 -8.11
N GLN B 90 6.27 -10.50 -8.80
CA GLN B 90 6.63 -9.64 -9.94
C GLN B 90 5.63 -9.79 -11.09
N ALA B 91 5.21 -11.03 -11.34
CA ALA B 91 4.21 -11.32 -12.37
C ALA B 91 2.83 -10.75 -11.99
N ALA B 92 2.55 -10.70 -10.70
CA ALA B 92 1.31 -10.09 -10.19
C ALA B 92 1.30 -8.57 -10.37
N ASP B 93 2.42 -7.91 -10.05
CA ASP B 93 2.57 -6.46 -10.20
C ASP B 93 2.53 -6.01 -11.66
N ALA B 94 3.06 -6.85 -12.54
CA ALA B 94 3.14 -6.55 -13.97
C ALA B 94 1.90 -7.03 -14.74
N ALA B 95 0.99 -7.71 -14.05
CA ALA B 95 -0.19 -8.35 -14.65
C ALA B 95 0.16 -9.23 -15.85
N GLU B 96 1.25 -10.00 -15.71
CA GLU B 96 1.72 -10.90 -16.76
C GLU B 96 1.24 -12.33 -16.49
N PRO B 97 0.87 -13.06 -17.57
CA PRO B 97 0.47 -14.47 -17.46
C PRO B 97 1.60 -15.35 -16.92
N VAL B 98 1.23 -16.43 -16.24
CA VAL B 98 2.19 -17.37 -15.66
C VAL B 98 1.89 -18.81 -16.05
N ILE B 99 2.88 -19.46 -16.64
CA ILE B 99 2.87 -20.91 -16.80
C ILE B 99 3.74 -21.46 -15.67
N LEU B 100 3.13 -22.24 -14.79
CA LEU B 100 3.83 -22.71 -13.58
C LEU B 100 3.89 -24.22 -13.43
N ASN B 101 5.12 -24.73 -13.39
CA ASN B 101 5.39 -26.09 -12.95
C ASN B 101 6.17 -26.03 -11.64
N ALA B 102 5.48 -26.17 -10.53
CA ALA B 102 6.09 -26.01 -9.21
C ALA B 102 6.83 -27.25 -8.71
N GLY B 103 6.81 -28.32 -9.51
CA GLY B 103 7.43 -29.58 -9.11
C GLY B 103 6.81 -30.13 -7.84
N GLY B 104 7.65 -30.54 -6.90
CA GLY B 104 7.21 -31.09 -5.62
C GLY B 104 6.37 -30.14 -4.77
N LEU B 105 6.68 -28.84 -4.86
CA LEU B 105 5.94 -27.82 -4.11
C LEU B 105 4.47 -27.71 -4.49
N THR B 106 4.13 -28.23 -5.68
CA THR B 106 2.75 -28.29 -6.16
C THR B 106 1.81 -28.96 -5.14
N HIS B 107 2.32 -30.00 -4.48
CA HIS B 107 1.51 -30.85 -3.63
C HIS B 107 1.59 -30.46 -2.15
N THR B 108 2.39 -29.45 -1.84
CA THR B 108 2.74 -29.14 -0.45
C THR B 108 2.61 -27.69 -0.02
N SER B 109 2.79 -26.76 -0.96
CA SER B 109 2.95 -25.34 -0.61
C SER B 109 1.67 -24.49 -0.68
N VAL B 110 1.15 -24.14 0.49
CA VAL B 110 0.04 -23.19 0.61
C VAL B 110 0.57 -21.77 0.34
N ALA B 111 1.83 -21.54 0.72
CA ALA B 111 2.49 -20.25 0.52
C ALA B 111 2.56 -19.86 -0.96
N LEU B 112 2.95 -20.82 -1.79
CA LEU B 112 3.00 -20.63 -3.24
C LEU B 112 1.61 -20.39 -3.82
N ARG B 113 0.62 -21.12 -3.31
CA ARG B 113 -0.79 -20.96 -3.71
C ARG B 113 -1.29 -19.54 -3.38
N ASP B 114 -0.93 -19.05 -2.20
CA ASP B 114 -1.30 -17.70 -1.77
C ASP B 114 -0.68 -16.62 -2.66
N ALA B 115 0.56 -16.86 -3.11
CA ALA B 115 1.25 -15.95 -4.02
C ALA B 115 0.52 -15.90 -5.37
N CYS B 116 0.14 -17.07 -5.88
CA CYS B 116 -0.55 -17.19 -7.15
C CYS B 116 -1.96 -16.58 -7.13
N ALA B 117 -2.55 -16.48 -5.94
CA ALA B 117 -3.89 -15.89 -5.77
C ALA B 117 -3.91 -14.39 -6.06
N GLU B 118 -2.73 -13.76 -6.11
CA GLU B 118 -2.61 -12.35 -6.45
C GLU B 118 -2.63 -12.08 -7.96
N LEU B 119 -2.41 -13.13 -8.75
CA LEU B 119 -2.33 -12.98 -10.22
C LEU B 119 -3.68 -12.60 -10.82
N SER B 120 -3.68 -11.53 -11.60
CA SER B 120 -4.87 -11.07 -12.32
C SER B 120 -4.92 -11.66 -13.72
N ALA B 121 -3.75 -11.88 -14.30
CA ALA B 121 -3.61 -12.56 -15.60
C ALA B 121 -3.76 -14.07 -15.40
N PRO B 122 -4.04 -14.81 -16.49
CA PRO B 122 -4.26 -16.26 -16.34
C PRO B 122 -3.06 -17.02 -15.78
N LEU B 123 -3.36 -18.07 -15.02
CA LEU B 123 -2.34 -18.98 -14.50
C LEU B 123 -2.58 -20.39 -15.00
N ILE B 124 -1.62 -20.93 -15.76
CA ILE B 124 -1.72 -22.29 -16.25
C ILE B 124 -0.71 -23.17 -15.55
N GLU B 125 -1.22 -24.20 -14.87
CA GLU B 125 -0.39 -25.19 -14.21
C GLU B 125 0.03 -26.25 -15.24
N VAL B 126 1.32 -26.57 -15.27
CA VAL B 126 1.84 -27.57 -16.21
C VAL B 126 2.68 -28.62 -15.47
N HIS B 127 2.47 -29.88 -15.82
CA HIS B 127 3.32 -30.97 -15.35
C HIS B 127 3.76 -31.83 -16.52
N ILE B 128 5.04 -32.15 -16.55
CA ILE B 128 5.61 -32.97 -17.63
C ILE B 128 5.06 -34.39 -17.61
N SER B 129 5.08 -35.02 -16.43
CA SER B 129 4.59 -36.38 -16.26
C SER B 129 3.09 -36.39 -15.95
N ASN B 130 2.44 -37.52 -16.21
CA ASN B 130 1.06 -37.70 -15.79
C ASN B 130 1.00 -37.96 -14.29
N VAL B 131 0.82 -36.86 -13.56
CA VAL B 131 0.77 -36.85 -12.11
C VAL B 131 -0.29 -37.78 -11.51
N HIS B 132 -1.34 -38.05 -12.28
CA HIS B 132 -2.44 -38.91 -11.83
C HIS B 132 -2.17 -40.41 -12.01
N ALA B 133 -1.10 -40.74 -12.73
CA ALA B 133 -0.72 -42.13 -12.96
C ALA B 133 0.39 -42.59 -12.01
N ARG B 134 0.68 -41.77 -11.00
CA ARG B 134 1.79 -42.03 -10.08
C ARG B 134 1.29 -42.25 -8.65
N GLU B 135 1.99 -41.73 -7.65
CA GLU B 135 1.57 -41.89 -6.26
C GLU B 135 0.36 -41.01 -5.96
N GLU B 136 -0.50 -41.49 -5.06
CA GLU B 136 -1.73 -40.78 -4.67
C GLU B 136 -1.52 -39.34 -4.19
N PHE B 137 -0.42 -39.10 -3.47
CA PHE B 137 -0.15 -37.77 -2.91
C PHE B 137 0.17 -36.70 -3.97
N ARG B 138 0.32 -37.13 -5.22
CA ARG B 138 0.57 -36.19 -6.33
C ARG B 138 -0.72 -35.73 -7.01
N ARG B 139 -1.84 -36.29 -6.60
CA ARG B 139 -3.13 -36.03 -7.25
C ARG B 139 -3.98 -34.93 -6.59
N HIS B 140 -3.40 -34.22 -5.63
CA HIS B 140 -4.16 -33.24 -4.84
C HIS B 140 -3.50 -31.85 -4.82
N SER B 141 -3.11 -31.37 -6.00
CA SER B 141 -2.45 -30.06 -6.16
C SER B 141 -3.14 -28.92 -5.39
N TYR B 142 -2.32 -28.12 -4.71
CA TYR B 142 -2.80 -26.90 -4.05
C TYR B 142 -3.03 -25.78 -5.06
N LEU B 143 -2.37 -25.86 -6.21
CA LEU B 143 -2.41 -24.82 -7.23
C LEU B 143 -3.57 -24.95 -8.21
N SER B 144 -4.00 -26.20 -8.43
CA SER B 144 -5.07 -26.49 -9.39
C SER B 144 -6.39 -25.72 -9.17
N PRO B 145 -6.89 -25.64 -7.92
CA PRO B 145 -8.15 -24.93 -7.66
C PRO B 145 -8.12 -23.43 -7.97
N ILE B 146 -6.93 -22.81 -7.94
CA ILE B 146 -6.82 -21.37 -8.21
C ILE B 146 -6.22 -21.03 -9.57
N ALA B 147 -5.86 -22.05 -10.34
CA ALA B 147 -5.36 -21.87 -11.71
C ALA B 147 -6.50 -21.73 -12.71
N THR B 148 -6.24 -21.06 -13.82
CA THR B 148 -7.19 -21.01 -14.93
C THR B 148 -7.36 -22.42 -15.51
N GLY B 149 -6.24 -23.10 -15.72
CA GLY B 149 -6.25 -24.45 -16.26
C GLY B 149 -5.00 -25.25 -15.92
N VAL B 150 -5.08 -26.55 -16.17
CA VAL B 150 -4.00 -27.48 -15.85
C VAL B 150 -3.71 -28.38 -17.06
N ILE B 151 -2.42 -28.51 -17.39
CA ILE B 151 -1.98 -29.41 -18.45
C ILE B 151 -1.00 -30.42 -17.85
N VAL B 152 -1.31 -31.70 -17.99
CA VAL B 152 -0.57 -32.76 -17.32
C VAL B 152 -0.24 -33.92 -18.27
N GLY B 153 1.00 -34.40 -18.20
CA GLY B 153 1.40 -35.63 -18.90
C GLY B 153 1.65 -35.54 -20.39
N LEU B 154 1.63 -34.32 -20.92
CA LEU B 154 1.87 -34.12 -22.35
C LEU B 154 3.33 -33.79 -22.61
N GLY B 155 4.17 -34.11 -21.63
CA GLY B 155 5.61 -33.93 -21.72
C GLY B 155 6.00 -32.47 -21.85
N ILE B 156 7.06 -32.24 -22.63
CA ILE B 156 7.62 -30.92 -22.84
C ILE B 156 6.66 -29.99 -23.60
N GLN B 157 5.85 -30.58 -24.49
CA GLN B 157 4.91 -29.81 -25.32
C GLN B 157 3.78 -29.17 -24.50
N GLY B 158 3.59 -29.65 -23.27
CA GLY B 158 2.63 -29.06 -22.33
C GLY B 158 2.86 -27.56 -22.12
N TYR B 159 4.12 -27.16 -22.03
CA TYR B 159 4.51 -25.75 -21.95
C TYR B 159 4.13 -24.99 -23.20
N LEU B 160 4.39 -25.59 -24.36
CA LEU B 160 4.13 -24.96 -25.65
C LEU B 160 2.64 -24.80 -25.92
N LEU B 161 1.86 -25.80 -25.50
CA LEU B 161 0.41 -25.73 -25.62
C LEU B 161 -0.18 -24.67 -24.70
N ALA B 162 0.40 -24.54 -23.50
CA ALA B 162 0.03 -23.49 -22.56
C ALA B 162 0.26 -22.09 -23.15
N LEU B 163 1.39 -21.93 -23.85
CA LEU B 163 1.69 -20.67 -24.55
C LEU B 163 0.63 -20.32 -25.59
N ARG B 164 0.22 -21.33 -26.35
CA ARG B 164 -0.74 -21.14 -27.43
C ARG B 164 -2.12 -20.71 -26.93
N TYR B 165 -2.51 -21.24 -25.76
CA TYR B 165 -3.74 -20.81 -25.11
C TYR B 165 -3.72 -19.32 -24.82
N LEU B 166 -2.61 -18.86 -24.22
CA LEU B 166 -2.45 -17.47 -23.82
C LEU B 166 -2.39 -16.50 -25.00
N ALA B 167 -1.81 -16.96 -26.11
CA ALA B 167 -1.74 -16.18 -27.35
C ALA B 167 -3.11 -16.03 -28.01
N GLU B 168 -3.92 -17.08 -27.91
CA GLU B 168 -5.27 -17.10 -28.48
C GLU B 168 -6.25 -16.28 -27.63
N HIS B 169 -5.97 -16.17 -26.34
CA HIS B 169 -6.81 -15.41 -25.41
C HIS B 169 -6.26 -14.00 -25.16
N VAL B 170 -5.52 -13.48 -26.13
CA VAL B 170 -4.91 -12.14 -26.07
C VAL B 170 -4.04 -11.93 -24.83
N GLU C 28 14.73 -2.82 28.97
CA GLU C 28 14.21 -2.97 27.57
C GLU C 28 13.68 -4.38 27.33
N LEU C 29 12.36 -4.49 27.21
CA LEU C 29 11.71 -5.77 26.97
C LEU C 29 11.38 -5.91 25.49
N ILE C 30 12.16 -6.74 24.79
CA ILE C 30 12.07 -6.90 23.35
C ILE C 30 11.03 -7.95 22.94
N VAL C 31 10.12 -7.55 22.07
CA VAL C 31 9.15 -8.46 21.47
C VAL C 31 9.44 -8.57 19.98
N ASN C 32 9.51 -9.81 19.48
CA ASN C 32 9.76 -10.05 18.07
C ASN C 32 8.46 -10.35 17.32
N VAL C 33 8.10 -9.47 16.39
CA VAL C 33 6.96 -9.69 15.51
C VAL C 33 7.49 -10.23 14.17
N ILE C 34 7.14 -11.48 13.89
CA ILE C 34 7.67 -12.17 12.71
C ILE C 34 6.56 -12.51 11.72
N ASN C 35 6.67 -11.98 10.51
CA ASN C 35 5.72 -12.25 9.44
C ASN C 35 6.31 -13.15 8.36
N GLY C 36 5.52 -14.12 7.91
CA GLY C 36 5.97 -15.11 6.94
C GLY C 36 5.62 -14.79 5.50
N PRO C 37 5.61 -15.82 4.62
CA PRO C 37 5.40 -15.66 3.18
C PRO C 37 4.16 -14.85 2.81
N ASN C 38 4.34 -13.95 1.84
CA ASN C 38 3.26 -13.13 1.25
C ASN C 38 2.73 -12.00 2.13
N LEU C 39 3.22 -11.89 3.36
CA LEU C 39 2.78 -10.81 4.26
C LEU C 39 3.47 -9.48 3.98
N GLY C 40 4.55 -9.52 3.18
CA GLY C 40 5.17 -8.29 2.68
C GLY C 40 4.35 -7.68 1.55
N ARG C 41 3.36 -8.42 1.07
CA ARG C 41 2.49 -8.00 -0.02
C ARG C 41 1.21 -7.31 0.47
N LEU C 42 1.08 -7.17 1.79
CA LEU C 42 -0.09 -6.52 2.40
C LEU C 42 -0.41 -5.16 1.79
N GLY C 43 -1.69 -4.89 1.63
CA GLY C 43 -2.17 -3.67 0.97
C GLY C 43 -2.92 -4.01 -0.29
N ARG C 44 -2.17 -4.45 -1.30
CA ARG C 44 -2.74 -4.84 -2.59
C ARG C 44 -3.15 -6.32 -2.64
N ARG C 45 -2.60 -7.12 -1.73
CA ARG C 45 -2.89 -8.55 -1.65
C ARG C 45 -4.30 -8.82 -1.12
N GLU C 46 -5.16 -9.34 -2.00
CA GLU C 46 -6.55 -9.70 -1.66
C GLU C 46 -7.17 -8.83 -0.56
N PRO C 47 -7.43 -7.54 -0.87
CA PRO C 47 -7.84 -6.55 0.15
C PRO C 47 -9.12 -6.93 0.90
N ALA C 48 -10.01 -7.67 0.25
CA ALA C 48 -11.25 -8.13 0.89
C ALA C 48 -10.97 -9.15 2.01
N VAL C 49 -9.83 -9.82 1.91
CA VAL C 49 -9.44 -10.85 2.88
C VAL C 49 -8.51 -10.29 3.96
N TYR C 50 -7.51 -9.52 3.54
CA TYR C 50 -6.42 -9.10 4.44
C TYR C 50 -6.41 -7.61 4.80
N GLY C 51 -7.34 -6.85 4.23
CA GLY C 51 -7.41 -5.40 4.48
C GLY C 51 -6.52 -4.61 3.54
N GLY C 52 -6.61 -3.29 3.63
CA GLY C 52 -5.86 -2.38 2.75
C GLY C 52 -4.63 -1.75 3.37
N THR C 53 -4.21 -2.27 4.54
CA THR C 53 -3.02 -1.78 5.22
C THR C 53 -1.77 -2.43 4.64
N THR C 54 -0.79 -1.60 4.29
CA THR C 54 0.49 -2.09 3.77
C THR C 54 1.35 -2.63 4.92
N HIS C 55 2.41 -3.36 4.58
CA HIS C 55 3.31 -3.89 5.59
C HIS C 55 4.12 -2.81 6.29
N ASP C 56 4.51 -1.78 5.54
CA ASP C 56 5.23 -0.64 6.11
C ASP C 56 4.38 0.13 7.13
N GLU C 57 3.10 0.31 6.81
CA GLU C 57 2.15 0.94 7.73
C GLU C 57 1.90 0.07 8.97
N LEU C 58 1.92 -1.25 8.78
CA LEU C 58 1.77 -2.20 9.89
C LEU C 58 2.94 -2.10 10.86
N VAL C 59 4.16 -2.07 10.33
CA VAL C 59 5.37 -1.93 11.12
C VAL C 59 5.29 -0.68 12.01
N ALA C 60 4.90 0.44 11.41
CA ALA C 60 4.75 1.71 12.13
C ALA C 60 3.68 1.65 13.23
N LEU C 61 2.57 0.96 12.97
CA LEU C 61 1.50 0.80 13.95
C LEU C 61 1.92 -0.07 15.14
N ILE C 62 2.61 -1.18 14.86
CA ILE C 62 3.07 -2.10 15.90
C ILE C 62 4.10 -1.42 16.81
N GLU C 63 5.09 -0.77 16.21
CA GLU C 63 6.14 -0.07 16.95
C GLU C 63 5.58 1.03 17.87
N ARG C 64 4.61 1.78 17.35
CA ARG C 64 3.97 2.86 18.10
C ARG C 64 3.14 2.32 19.28
N GLU C 65 2.40 1.24 19.02
CA GLU C 65 1.61 0.57 20.06
C GLU C 65 2.51 -0.04 21.14
N ALA C 66 3.63 -0.63 20.72
CA ALA C 66 4.62 -1.19 21.64
C ALA C 66 5.24 -0.14 22.55
N ALA C 67 5.47 1.05 22.00
CA ALA C 67 6.05 2.17 22.76
C ALA C 67 5.13 2.62 23.91
N GLU C 68 3.83 2.75 23.61
CA GLU C 68 2.82 3.10 24.62
C GLU C 68 2.69 2.07 25.74
N LEU C 69 3.00 0.81 25.42
CA LEU C 69 2.90 -0.28 26.39
C LEU C 69 4.20 -0.50 27.19
N GLY C 70 5.26 0.20 26.79
CA GLY C 70 6.57 0.07 27.43
C GLY C 70 7.38 -1.12 26.92
N LEU C 71 7.18 -1.45 25.64
CA LEU C 71 7.91 -2.54 25.00
C LEU C 71 8.66 -2.03 23.76
N LYS C 72 9.63 -2.82 23.31
CA LYS C 72 10.31 -2.54 22.05
C LYS C 72 10.00 -3.66 21.06
N ALA C 73 9.32 -3.31 19.97
CA ALA C 73 8.92 -4.28 18.96
C ALA C 73 9.90 -4.33 17.80
N VAL C 74 10.38 -5.54 17.51
CA VAL C 74 11.20 -5.78 16.33
C VAL C 74 10.32 -6.51 15.30
N VAL C 75 9.92 -5.78 14.26
CA VAL C 75 9.04 -6.33 13.23
C VAL C 75 9.85 -6.72 12.00
N ARG C 76 9.76 -7.99 11.63
CA ARG C 76 10.49 -8.54 10.49
C ARG C 76 9.62 -9.45 9.64
N GLN C 77 9.82 -9.39 8.33
CA GLN C 77 9.07 -10.21 7.37
C GLN C 77 10.00 -10.88 6.38
N SER C 78 9.73 -12.14 6.08
CA SER C 78 10.47 -12.87 5.05
C SER C 78 9.62 -13.94 4.39
N ASP C 79 9.82 -14.13 3.08
CA ASP C 79 9.21 -15.22 2.34
C ASP C 79 10.05 -16.49 2.43
N SER C 80 11.23 -16.38 3.04
CA SER C 80 12.13 -17.52 3.21
C SER C 80 11.94 -18.22 4.55
N GLU C 81 11.63 -19.51 4.49
CA GLU C 81 11.47 -20.35 5.68
C GLU C 81 12.74 -20.41 6.53
N ALA C 82 13.89 -20.56 5.87
CA ALA C 82 15.18 -20.61 6.54
C ALA C 82 15.46 -19.33 7.32
N GLN C 83 15.09 -18.19 6.73
CA GLN C 83 15.23 -16.89 7.37
C GLN C 83 14.32 -16.78 8.60
N LEU C 84 13.11 -17.31 8.49
CA LEU C 84 12.16 -17.33 9.60
C LEU C 84 12.66 -18.20 10.75
N LEU C 85 13.29 -19.33 10.40
CA LEU C 85 13.85 -20.24 11.39
C LEU C 85 15.01 -19.60 12.16
N ASP C 86 15.83 -18.82 11.46
CA ASP C 86 16.96 -18.13 12.08
C ASP C 86 16.48 -17.10 13.11
N TRP C 87 15.45 -16.34 12.74
CA TRP C 87 14.85 -15.35 13.64
C TRP C 87 14.23 -16.01 14.88
N ILE C 88 13.62 -17.18 14.69
CA ILE C 88 13.06 -17.95 15.81
C ILE C 88 14.18 -18.44 16.74
N HIS C 89 15.26 -18.97 16.14
CA HIS C 89 16.42 -19.43 16.90
C HIS C 89 17.02 -18.32 17.78
N GLN C 90 17.17 -17.13 17.19
CA GLN C 90 17.71 -15.96 17.89
C GLN C 90 16.84 -15.54 19.06
N ALA C 91 15.52 -15.56 18.84
CA ALA C 91 14.55 -15.20 19.87
C ALA C 91 14.53 -16.21 21.02
N ALA C 92 14.80 -17.48 20.69
CA ALA C 92 14.90 -18.55 21.69
C ALA C 92 16.13 -18.38 22.57
N ASP C 93 17.26 -18.03 21.95
CA ASP C 93 18.51 -17.79 22.67
C ASP C 93 18.45 -16.55 23.55
N ALA C 94 17.72 -15.54 23.09
CA ALA C 94 17.56 -14.28 23.81
C ALA C 94 16.40 -14.31 24.81
N ALA C 95 15.67 -15.44 24.83
CA ALA C 95 14.49 -15.63 25.67
C ALA C 95 13.44 -14.52 25.50
N GLU C 96 13.26 -14.10 24.25
CA GLU C 96 12.33 -13.02 23.91
C GLU C 96 10.99 -13.59 23.42
N PRO C 97 9.87 -12.92 23.78
CA PRO C 97 8.54 -13.28 23.29
C PRO C 97 8.44 -13.16 21.77
N VAL C 98 7.56 -13.95 21.16
CA VAL C 98 7.38 -13.95 19.72
C VAL C 98 5.91 -13.86 19.32
N ILE C 99 5.59 -12.85 18.52
CA ILE C 99 4.30 -12.78 17.85
C ILE C 99 4.54 -13.21 16.41
N LEU C 100 3.91 -14.31 16.01
CA LEU C 100 4.21 -14.94 14.73
C LEU C 100 2.99 -15.14 13.83
N ASN C 101 3.05 -14.52 12.65
CA ASN C 101 2.13 -14.83 11.55
C ASN C 101 2.93 -15.52 10.45
N ALA C 102 2.85 -16.84 10.40
CA ALA C 102 3.69 -17.64 9.50
C ALA C 102 3.14 -17.71 8.08
N GLY C 103 1.96 -17.13 7.85
CA GLY C 103 1.33 -17.18 6.54
C GLY C 103 0.95 -18.58 6.14
N GLY C 104 1.26 -18.95 4.90
CA GLY C 104 0.98 -20.29 4.38
C GLY C 104 1.67 -21.41 5.12
N LEU C 105 2.85 -21.11 5.66
CA LEU C 105 3.68 -22.11 6.38
C LEU C 105 3.05 -22.56 7.70
N THR C 106 2.10 -21.78 8.20
CA THR C 106 1.31 -22.14 9.38
C THR C 106 0.68 -23.53 9.23
N HIS C 107 0.22 -23.83 8.02
CA HIS C 107 -0.57 -25.02 7.74
C HIS C 107 0.26 -26.19 7.23
N THR C 108 1.56 -25.97 7.01
CA THR C 108 2.40 -26.94 6.30
C THR C 108 3.73 -27.29 6.97
N SER C 109 4.31 -26.33 7.68
CA SER C 109 5.70 -26.45 8.15
C SER C 109 5.89 -27.06 9.54
N VAL C 110 6.37 -28.30 9.57
CA VAL C 110 6.78 -28.94 10.82
C VAL C 110 8.09 -28.33 11.30
N ALA C 111 8.95 -27.93 10.36
CA ALA C 111 10.24 -27.33 10.66
C ALA C 111 10.08 -26.05 11.48
N LEU C 112 9.11 -25.21 11.10
CA LEU C 112 8.81 -23.98 11.83
C LEU C 112 8.25 -24.26 13.21
N ARG C 113 7.47 -25.33 13.32
CA ARG C 113 6.94 -25.80 14.60
C ARG C 113 8.08 -26.24 15.53
N ASP C 114 9.02 -27.02 14.99
CA ASP C 114 10.18 -27.51 15.75
C ASP C 114 11.05 -26.38 16.28
N ALA C 115 11.21 -25.32 15.48
CA ALA C 115 11.97 -24.14 15.89
C ALA C 115 11.26 -23.38 17.01
N CYS C 116 9.94 -23.20 16.87
CA CYS C 116 9.12 -22.53 17.87
C CYS C 116 9.04 -23.28 19.20
N ALA C 117 9.30 -24.58 19.16
CA ALA C 117 9.26 -25.43 20.36
C ALA C 117 10.42 -25.13 21.33
N GLU C 118 11.45 -24.43 20.84
CA GLU C 118 12.57 -24.01 21.67
C GLU C 118 12.26 -22.79 22.52
N LEU C 119 11.31 -21.98 22.07
CA LEU C 119 10.94 -20.74 22.74
C LEU C 119 10.44 -20.98 24.18
N SER C 120 11.10 -20.34 25.14
CA SER C 120 10.72 -20.44 26.55
C SER C 120 9.78 -19.30 26.93
N ALA C 121 9.95 -18.15 26.28
CA ALA C 121 9.06 -17.02 26.43
C ALA C 121 7.80 -17.24 25.60
N PRO C 122 6.69 -16.55 25.93
CA PRO C 122 5.41 -16.80 25.25
C PRO C 122 5.44 -16.62 23.73
N LEU C 123 4.69 -17.47 23.05
CA LEU C 123 4.54 -17.39 21.59
C LEU C 123 3.07 -17.16 21.26
N ILE C 124 2.80 -16.06 20.56
CA ILE C 124 1.43 -15.73 20.18
C ILE C 124 1.28 -15.85 18.66
N GLU C 125 0.43 -16.77 18.24
CA GLU C 125 0.10 -16.94 16.84
C GLU C 125 -0.98 -15.94 16.44
N VAL C 126 -0.71 -15.16 15.40
CA VAL C 126 -1.66 -14.17 14.91
C VAL C 126 -1.98 -14.38 13.44
N HIS C 127 -3.27 -14.39 13.10
CA HIS C 127 -3.70 -14.34 11.71
C HIS C 127 -4.65 -13.17 11.49
N ILE C 128 -4.42 -12.45 10.39
CA ILE C 128 -5.24 -11.30 10.02
C ILE C 128 -6.68 -11.73 9.68
N SER C 129 -6.81 -12.69 8.78
CA SER C 129 -8.12 -13.20 8.37
C SER C 129 -8.64 -14.25 9.36
N ASN C 130 -9.95 -14.49 9.33
CA ASN C 130 -10.51 -15.61 10.08
C ASN C 130 -10.27 -16.90 9.31
N VAL C 131 -9.20 -17.58 9.70
CA VAL C 131 -8.69 -18.76 9.02
C VAL C 131 -9.66 -19.96 9.07
N HIS C 132 -10.65 -19.88 9.95
CA HIS C 132 -11.66 -20.94 10.11
C HIS C 132 -12.87 -20.75 9.21
N ALA C 133 -13.01 -19.56 8.63
CA ALA C 133 -14.11 -19.23 7.72
C ALA C 133 -13.69 -19.39 6.26
N ARG C 134 -12.52 -19.97 6.06
CA ARG C 134 -11.92 -20.09 4.72
C ARG C 134 -11.84 -21.57 4.32
N GLU C 135 -10.85 -21.92 3.50
CA GLU C 135 -10.66 -23.31 3.08
C GLU C 135 -10.39 -24.21 4.27
N GLU C 136 -10.74 -25.49 4.13
CA GLU C 136 -10.61 -26.46 5.20
C GLU C 136 -9.16 -26.68 5.65
N PHE C 137 -8.23 -26.64 4.69
CA PHE C 137 -6.81 -26.87 4.98
C PHE C 137 -6.15 -25.78 5.84
N ARG C 138 -6.86 -24.67 6.04
CA ARG C 138 -6.37 -23.56 6.85
C ARG C 138 -6.76 -23.69 8.33
N ARG C 139 -7.55 -24.72 8.64
CA ARG C 139 -8.12 -24.89 9.98
C ARG C 139 -7.31 -25.82 10.89
N HIS C 140 -6.10 -26.19 10.47
CA HIS C 140 -5.32 -27.21 11.18
C HIS C 140 -3.87 -26.80 11.37
N SER C 141 -3.66 -25.64 12.01
CA SER C 141 -2.32 -25.08 12.23
C SER C 141 -1.37 -26.04 12.94
N TYR C 142 -0.14 -26.13 12.43
CA TYR C 142 0.92 -26.87 13.09
C TYR C 142 1.47 -26.12 14.32
N LEU C 143 1.24 -24.81 14.36
CA LEU C 143 1.81 -23.94 15.38
C LEU C 143 0.93 -23.78 16.62
N SER C 144 -0.38 -23.82 16.43
CA SER C 144 -1.34 -23.61 17.51
C SER C 144 -1.14 -24.52 18.74
N PRO C 145 -0.90 -25.84 18.53
CA PRO C 145 -0.72 -26.74 19.67
C PRO C 145 0.49 -26.44 20.58
N ILE C 146 1.44 -25.66 20.08
CA ILE C 146 2.64 -25.33 20.87
C ILE C 146 2.72 -23.86 21.27
N ALA C 147 1.84 -23.03 20.71
CA ALA C 147 1.77 -21.61 21.05
C ALA C 147 1.13 -21.42 22.42
N THR C 148 1.38 -20.26 23.03
CA THR C 148 0.68 -19.87 24.25
C THR C 148 -0.79 -19.61 23.91
N GLY C 149 -1.01 -18.80 22.89
CA GLY C 149 -2.35 -18.45 22.45
C GLY C 149 -2.43 -18.09 20.98
N VAL C 150 -3.65 -17.97 20.47
CA VAL C 150 -3.89 -17.67 19.06
C VAL C 150 -4.93 -16.56 18.91
N ILE C 151 -4.62 -15.59 18.06
CA ILE C 151 -5.56 -14.53 17.70
C ILE C 151 -5.82 -14.59 16.19
N VAL C 152 -7.08 -14.71 15.82
CA VAL C 152 -7.48 -14.93 14.43
C VAL C 152 -8.67 -14.04 14.06
N GLY C 153 -8.62 -13.46 12.86
CA GLY C 153 -9.77 -12.76 12.28
C GLY C 153 -10.09 -11.36 12.79
N LEU C 154 -9.16 -10.78 13.55
CA LEU C 154 -9.36 -9.46 14.10
C LEU C 154 -8.57 -8.40 13.33
N GLY C 155 -8.10 -8.79 12.14
CA GLY C 155 -7.34 -7.91 11.27
C GLY C 155 -5.96 -7.58 11.81
N ILE C 156 -5.47 -6.41 11.43
CA ILE C 156 -4.17 -5.91 11.88
C ILE C 156 -4.11 -5.67 13.39
N GLN C 157 -5.26 -5.32 13.99
CA GLN C 157 -5.33 -5.07 15.44
C GLN C 157 -4.95 -6.30 16.26
N GLY C 158 -5.02 -7.48 15.65
CA GLY C 158 -4.61 -8.73 16.28
C GLY C 158 -3.15 -8.74 16.72
N TYR C 159 -2.30 -8.03 15.98
CA TYR C 159 -0.91 -7.82 16.38
C TYR C 159 -0.82 -6.97 17.65
N LEU C 160 -1.62 -5.90 17.68
CA LEU C 160 -1.60 -4.94 18.79
C LEU C 160 -2.13 -5.52 20.09
N LEU C 161 -3.15 -6.38 19.97
CA LEU C 161 -3.74 -7.04 21.13
C LEU C 161 -2.80 -8.09 21.70
N ALA C 162 -2.03 -8.73 20.81
CA ALA C 162 -1.02 -9.71 21.21
C ALA C 162 0.10 -9.03 22.03
N LEU C 163 0.49 -7.84 21.60
CA LEU C 163 1.46 -7.02 22.35
C LEU C 163 0.93 -6.68 23.74
N ARG C 164 -0.35 -6.33 23.81
CA ARG C 164 -0.99 -5.98 25.07
C ARG C 164 -1.01 -7.16 26.06
N TYR C 165 -1.23 -8.37 25.54
CA TYR C 165 -1.15 -9.58 26.36
C TYR C 165 0.23 -9.73 27.00
N LEU C 166 1.27 -9.50 26.19
CA LEU C 166 2.65 -9.65 26.64
C LEU C 166 3.05 -8.55 27.63
N ALA C 167 2.53 -7.35 27.44
CA ALA C 167 2.77 -6.23 28.35
C ALA C 167 2.16 -6.46 29.72
N GLU C 168 1.01 -7.14 29.74
CA GLU C 168 0.33 -7.48 30.99
C GLU C 168 0.90 -8.76 31.61
N HIS C 169 1.66 -9.52 30.83
CA HIS C 169 2.31 -10.74 31.30
C HIS C 169 3.83 -10.60 31.29
N GLU D 28 -51.87 -27.79 -19.90
CA GLU D 28 -51.55 -26.37 -19.56
C GLU D 28 -50.27 -26.31 -18.71
N LEU D 29 -50.43 -26.47 -17.41
CA LEU D 29 -49.32 -26.49 -16.47
C LEU D 29 -48.79 -27.93 -16.35
N ILE D 30 -47.67 -28.19 -17.00
CA ILE D 30 -47.15 -29.55 -17.14
C ILE D 30 -46.07 -29.88 -16.10
N VAL D 31 -46.19 -31.06 -15.50
CA VAL D 31 -45.21 -31.59 -14.55
C VAL D 31 -44.67 -32.92 -15.07
N ASN D 32 -43.34 -33.04 -15.11
CA ASN D 32 -42.69 -34.29 -15.50
C ASN D 32 -42.36 -35.16 -14.30
N VAL D 33 -42.97 -36.34 -14.25
CA VAL D 33 -42.63 -37.34 -13.24
C VAL D 33 -41.75 -38.38 -13.90
N ILE D 34 -40.49 -38.45 -13.47
CA ILE D 34 -39.49 -39.29 -14.10
C ILE D 34 -38.95 -40.34 -13.13
N ASN D 35 -39.15 -41.60 -13.49
CA ASN D 35 -38.67 -42.73 -12.68
C ASN D 35 -37.49 -43.44 -13.33
N GLY D 36 -36.50 -43.79 -12.51
CA GLY D 36 -35.28 -44.42 -12.99
C GLY D 36 -35.29 -45.93 -12.90
N PRO D 37 -34.12 -46.56 -12.99
CA PRO D 37 -33.95 -48.02 -13.04
C PRO D 37 -34.72 -48.77 -11.96
N ASN D 38 -35.32 -49.89 -12.36
CA ASN D 38 -36.03 -50.83 -11.47
C ASN D 38 -37.38 -50.36 -10.92
N LEU D 39 -37.77 -49.13 -11.26
CA LEU D 39 -39.05 -48.59 -10.79
C LEU D 39 -40.23 -49.08 -11.63
N GLY D 40 -39.94 -49.57 -12.83
CA GLY D 40 -40.95 -50.27 -13.64
C GLY D 40 -41.30 -51.62 -13.04
N ARG D 41 -40.50 -52.05 -12.07
CA ARG D 41 -40.67 -53.34 -11.40
C ARG D 41 -41.52 -53.27 -10.13
N LEU D 42 -42.01 -52.07 -9.78
CA LEU D 42 -42.84 -51.89 -8.59
C LEU D 42 -44.01 -52.85 -8.52
N GLY D 43 -44.30 -53.35 -7.32
CA GLY D 43 -45.35 -54.33 -7.11
C GLY D 43 -44.80 -55.69 -6.72
N ARG D 44 -43.99 -56.25 -7.60
CA ARG D 44 -43.35 -57.56 -7.36
C ARG D 44 -41.99 -57.40 -6.67
N ARG D 45 -41.34 -56.27 -6.93
CA ARG D 45 -40.02 -55.98 -6.41
C ARG D 45 -40.05 -55.63 -4.92
N GLU D 46 -39.29 -56.40 -4.12
CA GLU D 46 -39.17 -56.20 -2.66
C GLU D 46 -40.36 -55.48 -2.00
N PRO D 47 -41.53 -56.15 -1.92
CA PRO D 47 -42.77 -55.50 -1.47
C PRO D 47 -42.70 -54.92 -0.06
N ALA D 48 -41.92 -55.53 0.83
CA ALA D 48 -41.74 -55.04 2.19
C ALA D 48 -40.97 -53.72 2.23
N VAL D 49 -40.21 -53.46 1.16
CA VAL D 49 -39.42 -52.23 1.04
C VAL D 49 -40.16 -51.15 0.23
N TYR D 50 -40.77 -51.56 -0.88
CA TYR D 50 -41.33 -50.60 -1.85
C TYR D 50 -42.86 -50.58 -1.95
N GLY D 51 -43.53 -51.50 -1.26
CA GLY D 51 -44.98 -51.59 -1.31
C GLY D 51 -45.48 -52.48 -2.43
N GLY D 52 -46.80 -52.68 -2.49
CA GLY D 52 -47.41 -53.58 -3.46
C GLY D 52 -48.07 -52.92 -4.66
N THR D 53 -47.96 -51.60 -4.75
CA THR D 53 -48.50 -50.85 -5.88
C THR D 53 -47.60 -50.98 -7.10
N THR D 54 -48.18 -51.38 -8.24
CA THR D 54 -47.44 -51.53 -9.49
C THR D 54 -47.15 -50.16 -10.09
N HIS D 55 -46.21 -50.12 -11.05
CA HIS D 55 -45.87 -48.85 -11.70
C HIS D 55 -47.03 -48.31 -12.54
N ASP D 56 -47.75 -49.21 -13.20
CA ASP D 56 -48.96 -48.86 -13.96
C ASP D 56 -50.01 -48.20 -13.07
N GLU D 57 -50.23 -48.77 -11.89
CA GLU D 57 -51.13 -48.21 -10.89
C GLU D 57 -50.61 -46.86 -10.38
N LEU D 58 -49.29 -46.73 -10.26
CA LEU D 58 -48.66 -45.47 -9.85
C LEU D 58 -48.88 -44.36 -10.90
N VAL D 59 -48.68 -44.69 -12.17
CA VAL D 59 -48.89 -43.74 -13.26
C VAL D 59 -50.31 -43.18 -13.21
N ALA D 60 -51.29 -44.08 -13.15
CA ALA D 60 -52.71 -43.72 -13.11
C ALA D 60 -53.05 -42.86 -11.89
N LEU D 61 -52.48 -43.21 -10.74
CA LEU D 61 -52.71 -42.49 -9.49
C LEU D 61 -52.17 -41.06 -9.57
N ILE D 62 -50.97 -40.90 -10.14
CA ILE D 62 -50.33 -39.59 -10.30
C ILE D 62 -51.15 -38.69 -11.23
N GLU D 63 -51.63 -39.25 -12.34
CA GLU D 63 -52.43 -38.50 -13.33
C GLU D 63 -53.74 -37.98 -12.73
N ARG D 64 -54.40 -38.80 -11.92
CA ARG D 64 -55.66 -38.43 -11.27
C ARG D 64 -55.45 -37.29 -10.26
N GLU D 65 -54.44 -37.43 -9.42
CA GLU D 65 -54.10 -36.41 -8.42
C GLU D 65 -53.72 -35.08 -9.08
N ALA D 66 -52.93 -35.16 -10.15
CA ALA D 66 -52.49 -33.97 -10.88
C ALA D 66 -53.67 -33.20 -11.48
N ALA D 67 -54.59 -33.94 -12.11
CA ALA D 67 -55.79 -33.34 -12.72
C ALA D 67 -56.70 -32.67 -11.68
N GLU D 68 -56.74 -33.25 -10.48
CA GLU D 68 -57.47 -32.65 -9.35
C GLU D 68 -56.83 -31.35 -8.88
N LEU D 69 -55.51 -31.23 -9.06
CA LEU D 69 -54.77 -30.03 -8.67
C LEU D 69 -54.67 -29.00 -9.80
N GLY D 70 -55.24 -29.32 -10.96
CA GLY D 70 -55.18 -28.45 -12.13
C GLY D 70 -53.86 -28.54 -12.88
N LEU D 71 -53.20 -29.69 -12.75
CA LEU D 71 -51.92 -29.93 -13.39
C LEU D 71 -52.02 -31.09 -14.39
N LYS D 72 -51.08 -31.12 -15.34
CA LYS D 72 -50.96 -32.22 -16.28
C LYS D 72 -49.66 -32.97 -16.02
N ALA D 73 -49.77 -34.18 -15.49
CA ALA D 73 -48.60 -34.99 -15.18
C ALA D 73 -48.21 -35.86 -16.36
N VAL D 74 -46.95 -35.77 -16.75
CA VAL D 74 -46.37 -36.65 -17.76
C VAL D 74 -45.45 -37.61 -17.01
N VAL D 75 -45.88 -38.87 -16.92
CA VAL D 75 -45.18 -39.87 -16.13
C VAL D 75 -44.38 -40.81 -17.02
N ARG D 76 -43.07 -40.84 -16.81
CA ARG D 76 -42.15 -41.65 -17.61
C ARG D 76 -41.20 -42.48 -16.76
N GLN D 77 -40.92 -43.69 -17.22
CA GLN D 77 -39.98 -44.58 -16.54
C GLN D 77 -39.00 -45.16 -17.54
N SER D 78 -37.74 -45.25 -17.16
CA SER D 78 -36.71 -45.91 -17.95
C SER D 78 -35.60 -46.50 -17.09
N ASP D 79 -35.10 -47.66 -17.52
CA ASP D 79 -33.92 -48.26 -16.91
C ASP D 79 -32.63 -47.69 -17.53
N SER D 80 -32.80 -46.82 -18.52
CA SER D 80 -31.68 -46.27 -19.29
C SER D 80 -31.32 -44.86 -18.85
N GLU D 81 -30.08 -44.68 -18.40
CA GLU D 81 -29.56 -43.37 -17.97
C GLU D 81 -29.67 -42.31 -19.09
N ALA D 82 -29.26 -42.69 -20.30
CA ALA D 82 -29.31 -41.81 -21.47
C ALA D 82 -30.72 -41.29 -21.76
N GLN D 83 -31.71 -42.19 -21.65
CA GLN D 83 -33.11 -41.83 -21.82
C GLN D 83 -33.55 -40.82 -20.75
N LEU D 84 -33.13 -41.05 -19.51
CA LEU D 84 -33.45 -40.16 -18.40
C LEU D 84 -32.84 -38.77 -18.60
N LEU D 85 -31.60 -38.74 -19.09
CA LEU D 85 -30.93 -37.47 -19.40
C LEU D 85 -31.69 -36.66 -20.45
N ASP D 86 -32.12 -37.34 -21.50
CA ASP D 86 -32.89 -36.73 -22.58
C ASP D 86 -34.17 -36.09 -22.05
N TRP D 87 -34.91 -36.83 -21.22
CA TRP D 87 -36.15 -36.36 -20.64
C TRP D 87 -35.96 -35.11 -19.79
N ILE D 88 -34.91 -35.08 -18.96
CA ILE D 88 -34.69 -33.92 -18.12
C ILE D 88 -34.07 -32.74 -18.91
N HIS D 89 -33.35 -33.02 -20.00
CA HIS D 89 -32.92 -31.97 -20.93
C HIS D 89 -34.11 -31.22 -21.52
N GLN D 90 -35.17 -31.95 -21.86
CA GLN D 90 -36.38 -31.38 -22.44
C GLN D 90 -37.16 -30.55 -21.42
N ALA D 91 -37.15 -31.00 -20.16
CA ALA D 91 -37.77 -30.25 -19.08
C ALA D 91 -37.02 -28.94 -18.79
N ALA D 92 -35.71 -28.96 -18.99
CA ALA D 92 -34.88 -27.77 -18.86
C ALA D 92 -35.17 -26.74 -19.96
N ASP D 93 -35.35 -27.22 -21.19
CA ASP D 93 -35.67 -26.36 -22.33
C ASP D 93 -37.07 -25.77 -22.23
N ALA D 94 -38.00 -26.56 -21.70
CA ALA D 94 -39.40 -26.13 -21.57
C ALA D 94 -39.70 -25.44 -20.24
N ALA D 95 -38.70 -25.36 -19.38
CA ALA D 95 -38.84 -24.82 -18.01
C ALA D 95 -40.01 -25.45 -17.26
N GLU D 96 -40.12 -26.78 -17.36
CA GLU D 96 -41.16 -27.55 -16.71
C GLU D 96 -40.64 -28.17 -15.42
N PRO D 97 -41.47 -28.18 -14.36
CA PRO D 97 -41.13 -28.82 -13.09
C PRO D 97 -40.84 -30.32 -13.26
N VAL D 98 -39.93 -30.85 -12.43
CA VAL D 98 -39.59 -32.27 -12.47
C VAL D 98 -39.73 -32.92 -11.09
N ILE D 99 -40.47 -34.03 -11.05
CA ILE D 99 -40.46 -34.91 -9.89
C ILE D 99 -39.65 -36.15 -10.30
N LEU D 100 -38.52 -36.34 -9.62
CA LEU D 100 -37.56 -37.37 -10.03
C LEU D 100 -37.25 -38.41 -8.95
N ASN D 101 -37.54 -39.66 -9.28
CA ASN D 101 -37.03 -40.80 -8.53
C ASN D 101 -36.06 -41.55 -9.43
N ALA D 102 -34.76 -41.30 -9.24
CA ALA D 102 -33.73 -41.85 -10.11
C ALA D 102 -33.37 -43.30 -9.78
N GLY D 103 -33.99 -43.85 -8.74
CA GLY D 103 -33.70 -45.21 -8.30
C GLY D 103 -32.26 -45.36 -7.83
N GLY D 104 -31.58 -46.39 -8.32
CA GLY D 104 -30.17 -46.64 -7.97
C GLY D 104 -29.20 -45.57 -8.42
N LEU D 105 -29.55 -44.88 -9.50
CA LEU D 105 -28.71 -43.82 -10.07
C LEU D 105 -28.59 -42.59 -9.17
N THR D 106 -29.57 -42.40 -8.29
CA THR D 106 -29.54 -41.37 -7.26
C THR D 106 -28.17 -41.31 -6.55
N HIS D 107 -27.62 -42.48 -6.27
CA HIS D 107 -26.44 -42.61 -5.43
C HIS D 107 -25.13 -42.71 -6.20
N THR D 108 -25.21 -42.72 -7.53
CA THR D 108 -24.05 -43.04 -8.36
C THR D 108 -23.78 -42.07 -9.51
N SER D 109 -24.82 -41.46 -10.06
CA SER D 109 -24.71 -40.73 -11.32
C SER D 109 -24.44 -39.22 -11.19
N VAL D 110 -23.22 -38.82 -11.50
CA VAL D 110 -22.87 -37.39 -11.61
C VAL D 110 -23.47 -36.82 -12.91
N ALA D 111 -23.53 -37.65 -13.96
CA ALA D 111 -24.11 -37.27 -15.23
C ALA D 111 -25.57 -36.79 -15.08
N LEU D 112 -26.35 -37.54 -14.30
CA LEU D 112 -27.74 -37.20 -14.04
C LEU D 112 -27.86 -35.90 -13.26
N ARG D 113 -27.00 -35.74 -12.24
CA ARG D 113 -26.90 -34.51 -11.47
C ARG D 113 -26.58 -33.32 -12.38
N ASP D 114 -25.62 -33.49 -13.29
CA ASP D 114 -25.19 -32.43 -14.20
C ASP D 114 -26.33 -31.96 -15.10
N ALA D 115 -27.17 -32.90 -15.52
CA ALA D 115 -28.34 -32.59 -16.33
C ALA D 115 -29.37 -31.83 -15.50
N CYS D 116 -29.61 -32.30 -14.27
CA CYS D 116 -30.58 -31.66 -13.37
C CYS D 116 -30.19 -30.22 -13.00
N ALA D 117 -28.90 -29.92 -13.07
CA ALA D 117 -28.36 -28.59 -12.78
C ALA D 117 -28.83 -27.52 -13.77
N GLU D 118 -29.31 -27.96 -14.94
CA GLU D 118 -29.84 -27.08 -15.98
C GLU D 118 -31.29 -26.65 -15.71
N LEU D 119 -32.01 -27.42 -14.91
CA LEU D 119 -33.42 -27.14 -14.62
C LEU D 119 -33.59 -25.79 -13.90
N SER D 120 -34.46 -24.95 -14.45
CA SER D 120 -34.77 -23.65 -13.85
C SER D 120 -36.04 -23.74 -12.99
N ALA D 121 -37.00 -24.52 -13.45
CA ALA D 121 -38.22 -24.80 -12.69
C ALA D 121 -37.89 -25.80 -11.55
N PRO D 122 -38.72 -25.84 -10.50
CA PRO D 122 -38.45 -26.67 -9.32
C PRO D 122 -38.17 -28.15 -9.62
N LEU D 123 -37.21 -28.71 -8.90
CA LEU D 123 -36.89 -30.12 -8.97
C LEU D 123 -37.14 -30.79 -7.61
N ILE D 124 -38.04 -31.77 -7.59
CA ILE D 124 -38.36 -32.48 -6.36
C ILE D 124 -37.88 -33.93 -6.46
N GLU D 125 -36.97 -34.29 -5.56
CA GLU D 125 -36.46 -35.65 -5.49
C GLU D 125 -37.38 -36.46 -4.57
N VAL D 126 -37.85 -37.60 -5.07
CA VAL D 126 -38.76 -38.46 -4.32
C VAL D 126 -38.19 -39.87 -4.21
N HIS D 127 -38.25 -40.45 -3.01
CA HIS D 127 -37.94 -41.86 -2.83
C HIS D 127 -39.05 -42.54 -2.05
N ILE D 128 -39.46 -43.71 -2.53
CA ILE D 128 -40.56 -44.47 -1.94
C ILE D 128 -40.18 -45.00 -0.55
N SER D 129 -38.98 -45.58 -0.46
CA SER D 129 -38.49 -46.11 0.81
C SER D 129 -37.72 -45.03 1.56
N ASN D 130 -37.59 -45.19 2.88
CA ASN D 130 -36.75 -44.31 3.67
C ASN D 130 -35.28 -44.74 3.51
N VAL D 131 -34.60 -44.09 2.56
CA VAL D 131 -33.22 -44.44 2.20
C VAL D 131 -32.23 -44.25 3.35
N HIS D 132 -32.62 -43.44 4.34
CA HIS D 132 -31.79 -43.21 5.52
C HIS D 132 -31.91 -44.33 6.56
N ALA D 133 -32.90 -45.21 6.38
CA ALA D 133 -33.09 -46.36 7.26
C ALA D 133 -32.50 -47.64 6.67
N ARG D 134 -31.76 -47.49 5.56
CA ARG D 134 -31.23 -48.62 4.80
C ARG D 134 -29.70 -48.61 4.80
N GLU D 135 -29.09 -49.13 3.75
CA GLU D 135 -27.62 -49.18 3.64
C GLU D 135 -27.02 -47.77 3.60
N GLU D 136 -25.84 -47.61 4.20
CA GLU D 136 -25.15 -46.33 4.27
C GLU D 136 -24.92 -45.67 2.91
N PHE D 137 -24.64 -46.48 1.88
CA PHE D 137 -24.40 -45.95 0.54
C PHE D 137 -25.61 -45.25 -0.10
N ARG D 138 -26.80 -45.47 0.48
CA ARG D 138 -28.03 -44.85 -0.01
C ARG D 138 -28.31 -43.50 0.64
N ARG D 139 -27.47 -43.13 1.61
CA ARG D 139 -27.71 -41.91 2.40
C ARG D 139 -26.98 -40.68 1.86
N HIS D 140 -26.42 -40.77 0.66
CA HIS D 140 -25.57 -39.70 0.12
C HIS D 140 -25.90 -39.31 -1.32
N SER D 141 -27.18 -38.99 -1.55
CA SER D 141 -27.70 -38.62 -2.87
C SER D 141 -26.88 -37.54 -3.58
N TYR D 142 -26.57 -37.78 -4.85
CA TYR D 142 -25.92 -36.78 -5.70
C TYR D 142 -26.91 -35.69 -6.12
N LEU D 143 -28.19 -36.05 -6.15
CA LEU D 143 -29.24 -35.15 -6.62
C LEU D 143 -29.71 -34.16 -5.57
N SER D 144 -29.79 -34.63 -4.32
CA SER D 144 -30.29 -33.81 -3.20
C SER D 144 -29.73 -32.39 -3.12
N PRO D 145 -28.39 -32.22 -3.23
CA PRO D 145 -27.82 -30.86 -3.09
C PRO D 145 -28.24 -29.86 -4.17
N ILE D 146 -28.74 -30.33 -5.31
CA ILE D 146 -29.16 -29.44 -6.39
C ILE D 146 -30.68 -29.39 -6.58
N ALA D 147 -31.40 -30.23 -5.84
CA ALA D 147 -32.86 -30.26 -5.89
C ALA D 147 -33.45 -29.12 -5.06
N THR D 148 -34.70 -28.77 -5.36
CA THR D 148 -35.46 -27.82 -4.54
C THR D 148 -35.71 -28.47 -3.18
N GLY D 149 -36.25 -29.68 -3.22
CA GLY D 149 -36.56 -30.43 -2.01
C GLY D 149 -36.55 -31.93 -2.21
N VAL D 150 -36.67 -32.65 -1.09
CA VAL D 150 -36.61 -34.10 -1.09
C VAL D 150 -37.73 -34.67 -0.22
N ILE D 151 -38.46 -35.64 -0.78
CA ILE D 151 -39.45 -36.41 -0.03
C ILE D 151 -39.04 -37.87 -0.03
N VAL D 152 -38.89 -38.43 1.16
CA VAL D 152 -38.34 -39.78 1.33
C VAL D 152 -39.18 -40.58 2.32
N GLY D 153 -39.42 -41.85 2.00
CA GLY D 153 -40.03 -42.80 2.95
C GLY D 153 -41.53 -42.66 3.18
N LEU D 154 -42.18 -41.82 2.38
CA LEU D 154 -43.63 -41.62 2.53
C LEU D 154 -44.40 -42.51 1.54
N GLY D 155 -43.69 -43.50 1.01
CA GLY D 155 -44.26 -44.44 0.06
C GLY D 155 -44.68 -43.78 -1.21
N ILE D 156 -45.73 -44.33 -1.82
CA ILE D 156 -46.23 -43.86 -3.10
C ILE D 156 -46.81 -42.44 -3.03
N GLN D 157 -47.30 -42.07 -1.85
CA GLN D 157 -47.91 -40.75 -1.63
C GLN D 157 -46.91 -39.60 -1.78
N GLY D 158 -45.62 -39.90 -1.63
CA GLY D 158 -44.55 -38.90 -1.82
C GLY D 158 -44.60 -38.21 -3.17
N TYR D 159 -44.91 -38.97 -4.22
CA TYR D 159 -45.14 -38.43 -5.56
C TYR D 159 -46.31 -37.44 -5.57
N LEU D 160 -47.40 -37.83 -4.89
CA LEU D 160 -48.62 -37.03 -4.86
C LEU D 160 -48.45 -35.75 -4.05
N LEU D 161 -47.66 -35.84 -2.97
CA LEU D 161 -47.34 -34.68 -2.13
C LEU D 161 -46.44 -33.68 -2.86
N ALA D 162 -45.52 -34.21 -3.65
CA ALA D 162 -44.65 -33.39 -4.50
C ALA D 162 -45.46 -32.60 -5.53
N LEU D 163 -46.47 -33.23 -6.11
CA LEU D 163 -47.40 -32.57 -7.03
C LEU D 163 -48.13 -31.41 -6.34
N ARG D 164 -48.53 -31.63 -5.09
CA ARG D 164 -49.26 -30.62 -4.32
C ARG D 164 -48.37 -29.41 -4.01
N TYR D 165 -47.08 -29.65 -3.81
CA TYR D 165 -46.13 -28.57 -3.62
C TYR D 165 -46.04 -27.70 -4.87
N LEU D 166 -45.97 -28.35 -6.02
CA LEU D 166 -45.84 -27.66 -7.30
C LEU D 166 -47.11 -26.88 -7.66
N ALA D 167 -48.26 -27.38 -7.22
CA ALA D 167 -49.54 -26.70 -7.42
C ALA D 167 -49.62 -25.38 -6.66
N GLU D 168 -48.95 -25.31 -5.50
CA GLU D 168 -48.83 -24.07 -4.74
C GLU D 168 -47.66 -23.20 -5.20
N HIS D 169 -46.76 -23.77 -5.99
CA HIS D 169 -45.52 -23.07 -6.39
C HIS D 169 -45.35 -22.95 -7.91
N VAL D 170 -46.28 -22.22 -8.54
CA VAL D 170 -46.23 -21.97 -9.98
C VAL D 170 -45.64 -20.58 -10.24
N GLU E 28 39.03 -42.95 0.89
CA GLU E 28 38.42 -43.86 -0.13
C GLU E 28 37.01 -43.41 -0.52
N LEU E 29 36.02 -44.16 -0.06
CA LEU E 29 34.62 -43.86 -0.36
C LEU E 29 34.14 -42.61 0.37
N ILE E 30 33.53 -41.69 -0.37
CA ILE E 30 32.98 -40.45 0.17
C ILE E 30 31.51 -40.65 0.55
N VAL E 31 31.18 -40.29 1.79
CA VAL E 31 29.81 -40.40 2.29
C VAL E 31 29.28 -39.00 2.67
N ASN E 32 28.12 -38.66 2.14
CA ASN E 32 27.47 -37.40 2.44
C ASN E 32 26.48 -37.53 3.60
N VAL E 33 26.79 -36.87 4.71
CA VAL E 33 25.86 -36.82 5.85
C VAL E 33 25.19 -35.45 5.85
N ILE E 34 23.91 -35.43 5.53
CA ILE E 34 23.16 -34.18 5.37
C ILE E 34 22.09 -34.03 6.45
N ASN E 35 22.19 -32.94 7.22
CA ASN E 35 21.20 -32.61 8.24
C ASN E 35 20.33 -31.44 7.83
N GLY E 36 19.03 -31.56 8.09
CA GLY E 36 18.05 -30.54 7.70
C GLY E 36 17.76 -29.55 8.81
N PRO E 37 16.64 -28.79 8.65
CA PRO E 37 16.21 -27.72 9.55
C PRO E 37 16.25 -28.09 11.04
N ASN E 38 16.82 -27.17 11.83
CA ASN E 38 16.84 -27.25 13.30
C ASN E 38 17.88 -28.19 13.92
N LEU E 39 18.55 -28.98 13.07
CA LEU E 39 19.58 -29.90 13.54
C LEU E 39 20.90 -29.19 13.87
N GLY E 40 21.05 -27.95 13.39
CA GLY E 40 22.16 -27.10 13.78
C GLY E 40 21.98 -26.56 15.20
N ARG E 41 20.80 -26.80 15.77
CA ARG E 41 20.45 -26.31 17.10
C ARG E 41 20.66 -27.37 18.19
N LEU E 42 21.08 -28.57 17.79
CA LEU E 42 21.34 -29.68 18.71
C LEU E 42 22.20 -29.24 19.90
N GLY E 43 21.88 -29.80 21.08
CA GLY E 43 22.58 -29.46 22.31
C GLY E 43 21.68 -28.71 23.27
N ARG E 44 21.14 -27.58 22.81
CA ARG E 44 20.21 -26.78 23.61
C ARG E 44 18.76 -27.04 23.23
N ARG E 45 18.56 -27.56 22.01
CA ARG E 45 17.24 -27.87 21.48
C ARG E 45 16.66 -29.14 22.11
N GLU E 46 15.53 -28.97 22.79
CA GLU E 46 14.81 -30.07 23.47
C GLU E 46 15.71 -31.25 23.88
N PRO E 47 16.56 -31.05 24.91
CA PRO E 47 17.56 -32.05 25.34
C PRO E 47 16.97 -33.42 25.68
N ALA E 48 15.79 -33.45 26.29
CA ALA E 48 15.12 -34.70 26.64
C ALA E 48 14.64 -35.48 25.41
N VAL E 49 14.52 -34.80 24.28
CA VAL E 49 14.10 -35.42 23.03
C VAL E 49 15.30 -35.78 22.14
N TYR E 50 16.24 -34.84 22.02
CA TYR E 50 17.34 -34.97 21.05
C TYR E 50 18.73 -35.18 21.65
N GLY E 51 18.83 -35.13 22.97
CA GLY E 51 20.13 -35.31 23.64
C GLY E 51 20.90 -34.01 23.82
N GLY E 52 22.03 -34.09 24.52
CA GLY E 52 22.84 -32.91 24.85
C GLY E 52 24.04 -32.66 23.96
N THR E 53 24.21 -33.50 22.93
CA THR E 53 25.32 -33.37 22.00
C THR E 53 25.04 -32.27 20.99
N THR E 54 25.98 -31.33 20.85
CA THR E 54 25.85 -30.23 19.89
C THR E 54 26.14 -30.72 18.47
N HIS E 55 25.78 -29.90 17.48
CA HIS E 55 26.00 -30.26 16.08
C HIS E 55 27.48 -30.33 15.70
N ASP E 56 28.27 -29.37 16.19
CA ASP E 56 29.72 -29.37 16.00
C ASP E 56 30.35 -30.65 16.56
N GLU E 57 29.92 -31.03 17.76
CA GLU E 57 30.35 -32.28 18.40
C GLU E 57 29.92 -33.51 17.59
N LEU E 58 28.75 -33.43 16.97
CA LEU E 58 28.25 -34.49 16.10
C LEU E 58 29.08 -34.61 14.82
N VAL E 59 29.36 -33.48 14.19
CA VAL E 59 30.18 -33.43 12.97
C VAL E 59 31.53 -34.09 13.19
N ALA E 60 32.21 -33.69 14.26
CA ALA E 60 33.54 -34.21 14.60
C ALA E 60 33.52 -35.71 14.89
N LEU E 61 32.47 -36.16 15.58
CA LEU E 61 32.30 -37.58 15.91
C LEU E 61 32.10 -38.44 14.66
N ILE E 62 31.25 -37.98 13.75
CA ILE E 62 30.97 -38.66 12.49
C ILE E 62 32.24 -38.77 11.62
N GLU E 63 33.03 -37.70 11.59
CA GLU E 63 34.27 -37.65 10.81
C GLU E 63 35.30 -38.66 11.32
N ARG E 64 35.39 -38.82 12.64
CA ARG E 64 36.30 -39.77 13.25
C ARG E 64 35.88 -41.22 13.02
N GLU E 65 34.59 -41.51 13.22
CA GLU E 65 34.04 -42.85 13.01
C GLU E 65 34.22 -43.33 11.58
N ALA E 66 33.99 -42.43 10.63
CA ALA E 66 34.12 -42.73 9.20
C ALA E 66 35.56 -43.04 8.80
N ALA E 67 36.50 -42.25 9.33
CA ALA E 67 37.93 -42.43 9.03
C ALA E 67 38.48 -43.73 9.60
N GLU E 68 37.86 -44.22 10.68
CA GLU E 68 38.20 -45.50 11.28
C GLU E 68 37.73 -46.66 10.38
N LEU E 69 36.65 -46.41 9.64
CA LEU E 69 36.06 -47.41 8.75
C LEU E 69 36.56 -47.31 7.30
N GLY E 70 37.55 -46.46 7.07
CA GLY E 70 38.13 -46.25 5.74
C GLY E 70 37.25 -45.43 4.81
N LEU E 71 36.40 -44.59 5.41
CA LEU E 71 35.51 -43.71 4.65
C LEU E 71 35.88 -42.24 4.86
N LYS E 72 35.29 -41.37 4.04
CA LYS E 72 35.43 -39.93 4.22
C LYS E 72 34.05 -39.29 4.31
N ALA E 73 33.70 -38.82 5.49
CA ALA E 73 32.38 -38.22 5.73
C ALA E 73 32.40 -36.72 5.48
N VAL E 74 31.49 -36.27 4.63
CA VAL E 74 31.24 -34.83 4.44
C VAL E 74 29.91 -34.50 5.11
N VAL E 75 30.00 -33.86 6.27
CA VAL E 75 28.82 -33.55 7.09
C VAL E 75 28.38 -32.11 6.86
N ARG E 76 27.13 -31.94 6.43
CA ARG E 76 26.60 -30.60 6.16
C ARG E 76 25.19 -30.41 6.71
N GLN E 77 24.95 -29.21 7.25
CA GLN E 77 23.67 -28.84 7.83
C GLN E 77 23.16 -27.55 7.21
N SER E 78 21.85 -27.48 6.96
CA SER E 78 21.20 -26.27 6.49
C SER E 78 19.72 -26.24 6.88
N ASP E 79 19.21 -25.05 7.17
CA ASP E 79 17.78 -24.83 7.40
C ASP E 79 17.05 -24.58 6.08
N SER E 80 17.81 -24.42 5.00
CA SER E 80 17.25 -24.12 3.68
C SER E 80 17.01 -25.39 2.87
N GLU E 81 15.76 -25.57 2.45
CA GLU E 81 15.38 -26.70 1.59
C GLU E 81 16.17 -26.70 0.28
N ALA E 82 16.26 -25.53 -0.36
CA ALA E 82 17.03 -25.35 -1.60
C ALA E 82 18.48 -25.81 -1.46
N GLN E 83 19.10 -25.50 -0.34
CA GLN E 83 20.47 -25.91 -0.05
C GLN E 83 20.60 -27.42 0.10
N LEU E 84 19.62 -28.04 0.75
CA LEU E 84 19.60 -29.49 0.90
C LEU E 84 19.44 -30.20 -0.44
N LEU E 85 18.57 -29.66 -1.29
CA LEU E 85 18.35 -30.20 -2.64
C LEU E 85 19.64 -30.18 -3.46
N ASP E 86 20.36 -29.06 -3.40
CA ASP E 86 21.63 -28.91 -4.11
C ASP E 86 22.66 -29.95 -3.70
N TRP E 87 22.76 -30.20 -2.39
CA TRP E 87 23.68 -31.21 -1.86
C TRP E 87 23.31 -32.63 -2.29
N ILE E 88 22.01 -32.91 -2.34
CA ILE E 88 21.50 -34.18 -2.84
C ILE E 88 21.80 -34.34 -4.34
N HIS E 89 21.62 -33.25 -5.10
CA HIS E 89 21.92 -33.24 -6.53
C HIS E 89 23.38 -33.60 -6.79
N GLN E 90 24.27 -33.06 -5.97
CA GLN E 90 25.71 -33.30 -6.09
C GLN E 90 26.06 -34.76 -5.79
N ALA E 91 25.39 -35.33 -4.80
CA ALA E 91 25.56 -36.75 -4.46
C ALA E 91 25.05 -37.68 -5.56
N ALA E 92 23.97 -37.29 -6.22
CA ALA E 92 23.41 -38.06 -7.34
C ALA E 92 24.36 -38.06 -8.54
N ASP E 93 24.90 -36.89 -8.86
CA ASP E 93 25.83 -36.74 -9.97
C ASP E 93 27.17 -37.46 -9.73
N ALA E 94 27.59 -37.52 -8.48
CA ALA E 94 28.84 -38.19 -8.12
C ALA E 94 28.63 -39.67 -7.74
N ALA E 95 27.37 -40.08 -7.66
CA ALA E 95 26.97 -41.44 -7.22
C ALA E 95 27.57 -41.81 -5.86
N GLU E 96 27.46 -40.86 -4.92
CA GLU E 96 27.94 -41.05 -3.56
C GLU E 96 26.77 -41.36 -2.63
N PRO E 97 26.99 -42.26 -1.64
CA PRO E 97 25.94 -42.58 -0.67
C PRO E 97 25.55 -41.37 0.18
N VAL E 98 24.32 -41.38 0.68
CA VAL E 98 23.81 -40.29 1.52
C VAL E 98 23.22 -40.82 2.83
N ILE E 99 23.66 -40.22 3.94
CA ILE E 99 22.97 -40.38 5.21
C ILE E 99 22.18 -39.08 5.45
N LEU E 100 20.86 -39.21 5.59
CA LEU E 100 20.00 -38.03 5.61
C LEU E 100 19.07 -37.95 6.81
N ASN E 101 19.25 -36.88 7.59
CA ASN E 101 18.28 -36.49 8.61
C ASN E 101 17.70 -35.15 8.20
N ALA E 102 16.54 -35.20 7.55
CA ALA E 102 15.92 -34.01 6.97
C ALA E 102 15.18 -33.15 7.99
N GLY E 103 15.10 -33.62 9.23
CA GLY E 103 14.42 -32.88 10.29
C GLY E 103 12.93 -32.79 10.04
N GLY E 104 12.39 -31.57 10.12
CA GLY E 104 10.97 -31.32 9.88
C GLY E 104 10.52 -31.60 8.45
N LEU E 105 11.44 -31.41 7.50
CA LEU E 105 11.16 -31.61 6.07
C LEU E 105 10.88 -33.08 5.72
N THR E 106 11.31 -33.98 6.59
CA THR E 106 11.07 -35.43 6.45
C THR E 106 9.59 -35.74 6.24
N HIS E 107 8.73 -34.98 6.92
CA HIS E 107 7.30 -35.27 6.99
C HIS E 107 6.47 -34.42 6.02
N THR E 108 7.12 -33.51 5.30
CA THR E 108 6.41 -32.49 4.53
C THR E 108 6.86 -32.31 3.08
N SER E 109 8.14 -32.57 2.81
CA SER E 109 8.74 -32.20 1.53
C SER E 109 8.74 -33.30 0.46
N VAL E 110 7.90 -33.12 -0.54
CA VAL E 110 7.92 -33.98 -1.74
C VAL E 110 9.12 -33.61 -2.61
N ALA E 111 9.46 -32.33 -2.64
CA ALA E 111 10.61 -31.82 -3.38
C ALA E 111 11.91 -32.52 -2.98
N LEU E 112 12.08 -32.77 -1.68
CA LEU E 112 13.24 -33.48 -1.16
C LEU E 112 13.24 -34.95 -1.53
N ARG E 113 12.06 -35.58 -1.47
CA ARG E 113 11.88 -36.96 -1.89
C ARG E 113 12.23 -37.12 -3.36
N ASP E 114 11.78 -36.18 -4.19
CA ASP E 114 12.06 -36.18 -5.63
C ASP E 114 13.56 -36.07 -5.95
N ALA E 115 14.27 -35.27 -5.18
CA ALA E 115 15.73 -35.14 -5.34
C ALA E 115 16.44 -36.41 -4.94
N CYS E 116 15.99 -37.02 -3.83
CA CYS E 116 16.57 -38.26 -3.32
C CYS E 116 16.32 -39.45 -4.25
N ALA E 117 15.24 -39.39 -5.03
CA ALA E 117 14.90 -40.42 -6.00
C ALA E 117 15.95 -40.59 -7.11
N GLU E 118 16.82 -39.60 -7.26
CA GLU E 118 17.90 -39.62 -8.25
C GLU E 118 19.12 -40.42 -7.79
N LEU E 119 19.25 -40.59 -6.47
CA LEU E 119 20.41 -41.27 -5.89
C LEU E 119 20.47 -42.73 -6.34
N SER E 120 21.64 -43.13 -6.84
CA SER E 120 21.87 -44.51 -7.28
C SER E 120 22.61 -45.30 -6.21
N ALA E 121 23.41 -44.60 -5.41
CA ALA E 121 24.09 -45.18 -4.26
C ALA E 121 23.13 -45.19 -3.05
N PRO E 122 23.41 -46.02 -2.03
CA PRO E 122 22.45 -46.17 -0.93
C PRO E 122 22.08 -44.86 -0.21
N LEU E 123 20.80 -44.75 0.14
CA LEU E 123 20.30 -43.63 0.93
C LEU E 123 19.81 -44.16 2.28
N ILE E 124 20.40 -43.65 3.36
CA ILE E 124 20.00 -44.06 4.70
C ILE E 124 19.37 -42.91 5.46
N GLU E 125 18.09 -43.07 5.80
CA GLU E 125 17.36 -42.09 6.58
C GLU E 125 17.67 -42.32 8.06
N VAL E 126 18.06 -41.25 8.75
CA VAL E 126 18.41 -41.34 10.16
C VAL E 126 17.64 -40.30 10.98
N HIS E 127 17.04 -40.76 12.09
CA HIS E 127 16.47 -39.84 13.08
C HIS E 127 17.00 -40.13 14.48
N ILE E 128 17.31 -39.06 15.20
CA ILE E 128 17.86 -39.15 16.55
C ILE E 128 16.81 -39.67 17.54
N SER E 129 15.65 -39.03 17.55
CA SER E 129 14.53 -39.43 18.43
C SER E 129 13.72 -40.56 17.80
N ASN E 130 13.03 -41.33 18.63
CA ASN E 130 12.08 -42.31 18.11
C ASN E 130 10.84 -41.60 17.61
N VAL E 131 10.81 -41.41 16.29
CA VAL E 131 9.79 -40.61 15.63
C VAL E 131 8.41 -41.28 15.67
N HIS E 132 8.40 -42.58 15.99
CA HIS E 132 7.16 -43.34 16.12
C HIS E 132 6.57 -43.30 17.53
N ALA E 133 7.33 -42.74 18.48
CA ALA E 133 6.87 -42.58 19.85
C ALA E 133 6.37 -41.15 20.11
N ARG E 134 6.23 -40.37 19.05
CA ARG E 134 5.89 -38.95 19.17
C ARG E 134 4.55 -38.65 18.50
N GLU E 135 4.38 -37.44 17.98
CA GLU E 135 3.13 -37.04 17.32
C GLU E 135 2.86 -37.91 16.09
N GLU E 136 1.59 -38.08 15.77
CA GLU E 136 1.17 -38.91 14.63
C GLU E 136 1.73 -38.41 13.29
N PHE E 137 1.78 -37.09 13.11
CA PHE E 137 2.28 -36.52 11.85
C PHE E 137 3.76 -36.82 11.56
N ARG E 138 4.48 -37.35 12.57
CA ARG E 138 5.88 -37.68 12.42
C ARG E 138 6.12 -39.12 11.95
N ARG E 139 5.04 -39.91 11.87
CA ARG E 139 5.14 -41.34 11.59
C ARG E 139 5.00 -41.72 10.11
N HIS E 140 4.95 -40.72 9.24
CA HIS E 140 4.65 -40.96 7.82
C HIS E 140 5.66 -40.30 6.87
N SER E 141 6.93 -40.62 7.08
CA SER E 141 8.05 -40.04 6.31
C SER E 141 7.89 -40.17 4.79
N TYR E 142 8.14 -39.07 4.08
CA TYR E 142 8.15 -39.06 2.62
C TYR E 142 9.40 -39.73 2.04
N LEU E 143 10.45 -39.79 2.85
CA LEU E 143 11.75 -40.30 2.41
C LEU E 143 11.90 -41.80 2.62
N SER E 144 11.26 -42.33 3.66
CA SER E 144 11.32 -43.76 3.98
C SER E 144 11.04 -44.73 2.82
N PRO E 145 9.97 -44.48 2.02
CA PRO E 145 9.66 -45.41 0.93
C PRO E 145 10.72 -45.47 -0.18
N ILE E 146 11.52 -44.42 -0.32
CA ILE E 146 12.54 -44.38 -1.37
C ILE E 146 13.97 -44.57 -0.86
N ALA E 147 14.12 -44.67 0.46
CA ALA E 147 15.43 -44.91 1.07
C ALA E 147 15.78 -46.39 1.06
N THR E 148 17.08 -46.69 1.15
CA THR E 148 17.57 -48.06 1.31
C THR E 148 17.10 -48.58 2.67
N GLY E 149 17.31 -47.76 3.70
CA GLY E 149 16.93 -48.11 5.05
C GLY E 149 16.75 -46.92 5.97
N VAL E 150 16.22 -47.19 7.16
CA VAL E 150 15.91 -46.15 8.14
C VAL E 150 16.44 -46.54 9.52
N ILE E 151 17.10 -45.59 10.17
CA ILE E 151 17.51 -45.77 11.57
C ILE E 151 16.86 -44.67 12.42
N VAL E 152 16.09 -45.10 13.41
CA VAL E 152 15.29 -44.19 14.23
C VAL E 152 15.47 -44.50 15.71
N GLY E 153 15.61 -43.46 16.53
CA GLY E 153 15.56 -43.59 17.99
C GLY E 153 16.80 -44.09 18.71
N LEU E 154 17.91 -44.23 18.00
CA LEU E 154 19.15 -44.73 18.59
C LEU E 154 20.13 -43.60 18.91
N GLY E 155 19.60 -42.38 19.01
CA GLY E 155 20.39 -41.19 19.32
C GLY E 155 21.32 -40.82 18.18
N ILE E 156 22.38 -40.10 18.51
CA ILE E 156 23.39 -39.68 17.53
C ILE E 156 24.22 -40.86 17.00
N GLN E 157 24.20 -41.98 17.72
CA GLN E 157 24.90 -43.20 17.29
C GLN E 157 24.30 -43.79 16.02
N GLY E 158 23.05 -43.43 15.73
CA GLY E 158 22.37 -43.84 14.49
C GLY E 158 23.10 -43.44 13.23
N TYR E 159 23.75 -42.26 13.26
CA TYR E 159 24.60 -41.81 12.16
C TYR E 159 25.80 -42.74 11.99
N LEU E 160 26.38 -43.17 13.11
CA LEU E 160 27.58 -44.01 13.11
C LEU E 160 27.29 -45.42 12.60
N LEU E 161 26.12 -45.94 12.98
CA LEU E 161 25.67 -47.26 12.51
C LEU E 161 25.37 -47.24 11.01
N ALA E 162 24.80 -46.13 10.54
CA ALA E 162 24.57 -45.92 9.11
C ALA E 162 25.88 -45.93 8.32
N LEU E 163 26.92 -45.31 8.88
CA LEU E 163 28.26 -45.32 8.28
C LEU E 163 28.83 -46.73 8.18
N ARG E 164 28.62 -47.52 9.24
CA ARG E 164 29.10 -48.90 9.30
C ARG E 164 28.42 -49.81 8.25
N TYR E 165 27.14 -49.54 7.97
CA TYR E 165 26.44 -50.26 6.91
C TYR E 165 27.08 -49.96 5.56
N LEU E 166 27.29 -48.68 5.27
CA LEU E 166 27.87 -48.22 4.00
C LEU E 166 29.27 -48.77 3.77
N ALA E 167 30.04 -48.88 4.85
CA ALA E 167 31.38 -49.46 4.80
C ALA E 167 31.36 -50.94 4.43
N GLU E 168 30.26 -51.61 4.81
CA GLU E 168 30.09 -53.04 4.56
C GLU E 168 29.52 -53.32 3.17
N HIS E 169 28.85 -52.32 2.58
CA HIS E 169 28.16 -52.49 1.30
C HIS E 169 28.77 -51.62 0.19
N VAL E 170 29.53 -52.24 -0.72
CA VAL E 170 29.78 -53.68 -0.71
N LEU F 29 -3.47 -39.62 -40.51
CA LEU F 29 -3.73 -39.61 -39.04
C LEU F 29 -5.17 -39.20 -38.74
N ILE F 30 -5.95 -40.14 -38.21
CA ILE F 30 -7.33 -39.89 -37.82
C ILE F 30 -7.43 -39.83 -36.31
N VAL F 31 -8.00 -38.73 -35.80
CA VAL F 31 -8.19 -38.55 -34.37
C VAL F 31 -9.68 -38.62 -34.03
N ASN F 32 -10.00 -39.33 -32.97
CA ASN F 32 -11.37 -39.43 -32.50
C ASN F 32 -11.61 -38.51 -31.31
N VAL F 33 -12.51 -37.55 -31.48
CA VAL F 33 -12.91 -36.67 -30.39
C VAL F 33 -14.26 -37.15 -29.89
N ILE F 34 -14.29 -37.62 -28.65
CA ILE F 34 -15.48 -38.24 -28.09
C ILE F 34 -15.98 -37.45 -26.87
N ASN F 35 -17.22 -36.98 -26.96
CA ASN F 35 -17.86 -36.25 -25.87
C ASN F 35 -18.97 -37.07 -25.23
N GLY F 36 -18.99 -37.08 -23.90
CA GLY F 36 -19.96 -37.86 -23.14
C GLY F 36 -21.20 -37.06 -22.72
N PRO F 37 -21.93 -37.57 -21.71
CA PRO F 37 -23.21 -37.02 -21.27
C PRO F 37 -23.20 -35.50 -21.03
N ASN F 38 -24.26 -34.85 -21.51
CA ASN F 38 -24.52 -33.42 -21.31
C ASN F 38 -23.67 -32.46 -22.14
N LEU F 39 -22.68 -32.98 -22.86
CA LEU F 39 -21.82 -32.15 -23.69
C LEU F 39 -22.47 -31.68 -25.00
N GLY F 40 -23.52 -32.38 -25.43
CA GLY F 40 -24.35 -31.93 -26.55
C GLY F 40 -25.19 -30.72 -26.16
N ARG F 41 -25.16 -30.37 -24.87
CA ARG F 41 -25.93 -29.25 -24.33
C ARG F 41 -25.14 -27.95 -24.26
N LEU F 42 -23.86 -28.00 -24.63
CA LEU F 42 -22.99 -26.83 -24.61
C LEU F 42 -23.60 -25.58 -25.23
N GLY F 43 -23.33 -24.43 -24.62
CA GLY F 43 -23.87 -23.15 -25.08
C GLY F 43 -24.91 -22.61 -24.11
N ARG F 44 -25.92 -23.43 -23.87
CA ARG F 44 -27.03 -23.06 -22.97
C ARG F 44 -26.80 -23.65 -21.58
N ARG F 45 -25.96 -24.69 -21.52
CA ARG F 45 -25.65 -25.39 -20.28
C ARG F 45 -24.67 -24.60 -19.43
N GLU F 46 -25.11 -24.22 -18.22
CA GLU F 46 -24.27 -23.49 -17.25
C GLU F 46 -23.17 -22.64 -17.89
N PRO F 47 -23.55 -21.54 -18.58
CA PRO F 47 -22.61 -20.70 -19.34
C PRO F 47 -21.43 -20.17 -18.53
N ALA F 48 -21.65 -19.86 -17.25
CA ALA F 48 -20.58 -19.36 -16.38
C ALA F 48 -19.52 -20.44 -16.09
N VAL F 49 -19.92 -21.70 -16.22
CA VAL F 49 -19.02 -22.83 -15.98
C VAL F 49 -18.40 -23.37 -17.27
N TYR F 50 -19.21 -23.51 -18.32
CA TYR F 50 -18.78 -24.19 -19.55
C TYR F 50 -18.59 -23.28 -20.78
N GLY F 51 -18.92 -22.00 -20.63
CA GLY F 51 -18.80 -21.05 -21.74
C GLY F 51 -20.04 -21.00 -22.62
N GLY F 52 -19.99 -20.15 -23.64
CA GLY F 52 -21.13 -19.92 -24.53
C GLY F 52 -21.05 -20.59 -25.90
N THR F 53 -19.95 -21.29 -26.15
CA THR F 53 -19.75 -22.00 -27.41
C THR F 53 -20.58 -23.30 -27.43
N THR F 54 -21.44 -23.41 -28.45
CA THR F 54 -22.29 -24.60 -28.59
C THR F 54 -21.48 -25.81 -29.09
N HIS F 55 -22.10 -26.99 -29.04
CA HIS F 55 -21.45 -28.20 -29.54
C HIS F 55 -21.29 -28.19 -31.07
N ASP F 56 -22.29 -27.65 -31.76
CA ASP F 56 -22.21 -27.49 -33.22
C ASP F 56 -21.05 -26.57 -33.61
N GLU F 57 -20.85 -25.52 -32.84
CA GLU F 57 -19.75 -24.58 -33.05
C GLU F 57 -18.39 -25.21 -32.74
N LEU F 58 -18.35 -26.09 -31.75
CA LEU F 58 -17.13 -26.82 -31.40
C LEU F 58 -16.69 -27.73 -32.54
N VAL F 59 -17.65 -28.48 -33.10
CA VAL F 59 -17.43 -29.34 -34.27
C VAL F 59 -16.78 -28.56 -35.42
N ALA F 60 -17.33 -27.38 -35.71
CA ALA F 60 -16.80 -26.52 -36.78
C ALA F 60 -15.38 -26.02 -36.49
N LEU F 61 -15.12 -25.70 -35.23
CA LEU F 61 -13.79 -25.26 -34.80
C LEU F 61 -12.74 -26.35 -34.93
N ILE F 62 -13.12 -27.58 -34.57
CA ILE F 62 -12.26 -28.76 -34.68
C ILE F 62 -11.95 -29.07 -36.15
N GLU F 63 -12.96 -28.96 -37.02
CA GLU F 63 -12.77 -29.16 -38.46
C GLU F 63 -11.69 -28.22 -39.01
N ARG F 64 -11.76 -26.95 -38.62
CA ARG F 64 -10.79 -25.94 -39.06
C ARG F 64 -9.38 -26.22 -38.55
N GLU F 65 -9.26 -26.58 -37.28
CA GLU F 65 -7.96 -26.87 -36.66
C GLU F 65 -7.35 -28.13 -37.26
N ALA F 66 -8.18 -29.14 -37.50
CA ALA F 66 -7.75 -30.38 -38.15
C ALA F 66 -7.17 -30.14 -39.54
N ALA F 67 -7.80 -29.24 -40.28
CA ALA F 67 -7.33 -28.87 -41.62
C ALA F 67 -6.00 -28.14 -41.57
N GLU F 68 -5.81 -27.31 -40.55
CA GLU F 68 -4.59 -26.55 -40.36
C GLU F 68 -3.43 -27.45 -39.91
N LEU F 69 -3.77 -28.52 -39.19
CA LEU F 69 -2.76 -29.46 -38.69
C LEU F 69 -2.43 -30.57 -39.70
N GLY F 70 -3.31 -30.78 -40.66
CA GLY F 70 -3.11 -31.79 -41.69
C GLY F 70 -3.53 -33.19 -41.25
N LEU F 71 -4.55 -33.24 -40.39
CA LEU F 71 -5.09 -34.52 -39.92
C LEU F 71 -6.62 -34.56 -40.06
N LYS F 72 -7.17 -35.75 -39.90
CA LYS F 72 -8.62 -35.95 -39.90
C LYS F 72 -9.11 -36.04 -38.46
N ALA F 73 -10.20 -35.36 -38.16
CA ALA F 73 -10.80 -35.43 -36.83
C ALA F 73 -12.28 -35.81 -36.92
N VAL F 74 -12.64 -36.89 -36.22
CA VAL F 74 -14.01 -37.36 -36.18
C VAL F 74 -14.62 -37.03 -34.81
N VAL F 75 -15.61 -36.15 -34.79
CA VAL F 75 -16.22 -35.69 -33.53
C VAL F 75 -17.55 -36.38 -33.27
N ARG F 76 -17.64 -37.05 -32.13
CA ARG F 76 -18.84 -37.79 -31.74
C ARG F 76 -19.27 -37.41 -30.33
N GLN F 77 -20.58 -37.31 -30.13
CA GLN F 77 -21.16 -37.01 -28.82
C GLN F 77 -22.29 -38.00 -28.54
N SER F 78 -22.33 -38.50 -27.30
CA SER F 78 -23.44 -39.35 -26.84
C SER F 78 -23.63 -39.28 -25.34
N ASP F 79 -24.89 -39.30 -24.91
CA ASP F 79 -25.26 -39.38 -23.50
C ASP F 79 -25.30 -40.84 -23.02
N SER F 80 -25.05 -41.77 -23.95
CA SER F 80 -25.12 -43.19 -23.68
C SER F 80 -23.74 -43.78 -23.41
N GLU F 81 -23.59 -44.42 -22.25
CA GLU F 81 -22.34 -45.08 -21.87
C GLU F 81 -21.96 -46.19 -22.85
N ALA F 82 -22.93 -47.06 -23.16
CA ALA F 82 -22.74 -48.14 -24.12
C ALA F 82 -22.23 -47.66 -25.48
N GLN F 83 -22.77 -46.52 -25.94
CA GLN F 83 -22.34 -45.92 -27.20
C GLN F 83 -20.89 -45.45 -27.14
N LEU F 84 -20.53 -44.80 -26.04
CA LEU F 84 -19.16 -44.32 -25.81
C LEU F 84 -18.18 -45.48 -25.79
N LEU F 85 -18.55 -46.57 -25.14
CA LEU F 85 -17.73 -47.78 -25.08
C LEU F 85 -17.49 -48.33 -26.49
N ASP F 86 -18.54 -48.35 -27.31
CA ASP F 86 -18.44 -48.84 -28.68
C ASP F 86 -17.44 -48.05 -29.50
N TRP F 87 -17.52 -46.71 -29.41
CA TRP F 87 -16.60 -45.82 -30.10
C TRP F 87 -15.15 -46.01 -29.64
N ILE F 88 -14.96 -46.21 -28.33
CA ILE F 88 -13.63 -46.52 -27.79
C ILE F 88 -13.12 -47.88 -28.33
N HIS F 89 -14.00 -48.88 -28.39
CA HIS F 89 -13.65 -50.20 -28.93
C HIS F 89 -13.13 -50.10 -30.37
N GLN F 90 -13.81 -49.30 -31.18
CA GLN F 90 -13.46 -49.11 -32.59
C GLN F 90 -12.08 -48.44 -32.73
N ALA F 91 -11.84 -47.43 -31.89
CA ALA F 91 -10.56 -46.72 -31.86
C ALA F 91 -9.41 -47.62 -31.43
N ALA F 92 -9.69 -48.53 -30.48
CA ALA F 92 -8.73 -49.53 -30.04
C ALA F 92 -8.36 -50.50 -31.17
N ASP F 93 -9.38 -50.95 -31.92
CA ASP F 93 -9.19 -51.88 -33.03
C ASP F 93 -8.45 -51.25 -34.21
N ALA F 94 -8.65 -49.94 -34.41
CA ALA F 94 -8.02 -49.22 -35.51
C ALA F 94 -6.70 -48.55 -35.09
N ALA F 95 -6.37 -48.67 -33.81
CA ALA F 95 -5.18 -48.03 -33.21
C ALA F 95 -5.15 -46.52 -33.48
N GLU F 96 -6.30 -45.88 -33.34
CA GLU F 96 -6.43 -44.43 -33.54
C GLU F 96 -6.43 -43.69 -32.19
N PRO F 97 -5.78 -42.51 -32.14
CA PRO F 97 -5.77 -41.69 -30.93
C PRO F 97 -7.18 -41.20 -30.56
N VAL F 98 -7.38 -40.93 -29.27
CA VAL F 98 -8.67 -40.49 -28.75
C VAL F 98 -8.51 -39.24 -27.88
N ILE F 99 -9.35 -38.24 -28.14
CA ILE F 99 -9.53 -37.13 -27.22
C ILE F 99 -10.91 -37.32 -26.57
N LEU F 100 -10.90 -37.52 -25.25
CA LEU F 100 -12.13 -37.86 -24.53
C LEU F 100 -12.51 -36.86 -23.44
N ASN F 101 -13.70 -36.31 -23.58
CA ASN F 101 -14.36 -35.61 -22.48
C ASN F 101 -15.59 -36.43 -22.12
N ALA F 102 -15.46 -37.26 -21.09
CA ALA F 102 -16.54 -38.19 -20.71
C ALA F 102 -17.65 -37.55 -19.88
N GLY F 103 -17.51 -36.25 -19.61
CA GLY F 103 -18.47 -35.52 -18.81
C GLY F 103 -18.56 -36.07 -17.40
N GLY F 104 -19.78 -36.35 -16.95
CA GLY F 104 -20.03 -36.87 -15.60
C GLY F 104 -19.50 -38.27 -15.36
N LEU F 105 -19.37 -39.05 -16.45
CA LEU F 105 -18.88 -40.42 -16.37
C LEU F 105 -17.40 -40.51 -16.03
N THR F 106 -16.66 -39.43 -16.24
CA THR F 106 -15.26 -39.31 -15.84
C THR F 106 -15.06 -39.69 -14.37
N HIS F 107 -16.00 -39.27 -13.53
CA HIS F 107 -15.87 -39.40 -12.09
C HIS F 107 -16.52 -40.66 -11.53
N THR F 108 -17.20 -41.42 -12.39
CA THR F 108 -18.03 -42.54 -11.94
C THR F 108 -17.82 -43.88 -12.65
N SER F 109 -17.38 -43.85 -13.90
CA SER F 109 -17.40 -45.06 -14.73
C SER F 109 -16.10 -45.87 -14.77
N VAL F 110 -16.11 -47.02 -14.10
CA VAL F 110 -15.03 -48.00 -14.22
C VAL F 110 -15.11 -48.68 -15.59
N ALA F 111 -16.33 -48.91 -16.08
CA ALA F 111 -16.55 -49.51 -17.39
C ALA F 111 -15.87 -48.74 -18.52
N LEU F 112 -16.00 -47.41 -18.49
CA LEU F 112 -15.35 -46.55 -19.47
C LEU F 112 -13.83 -46.60 -19.35
N ARG F 113 -13.34 -46.61 -18.11
CA ARG F 113 -11.90 -46.76 -17.84
C ARG F 113 -11.36 -48.06 -18.42
N ASP F 114 -12.10 -49.15 -18.21
CA ASP F 114 -11.73 -50.47 -18.75
C ASP F 114 -11.66 -50.48 -20.28
N ALA F 115 -12.60 -49.80 -20.93
CA ALA F 115 -12.59 -49.68 -22.40
C ALA F 115 -11.36 -48.90 -22.87
N CYS F 116 -11.08 -47.78 -22.21
CA CYS F 116 -9.94 -46.92 -22.56
C CYS F 116 -8.59 -47.60 -22.32
N ALA F 117 -8.55 -48.59 -21.44
CA ALA F 117 -7.32 -49.33 -21.13
C ALA F 117 -6.86 -50.21 -22.30
N GLU F 118 -7.75 -50.43 -23.26
CA GLU F 118 -7.44 -51.18 -24.47
C GLU F 118 -6.66 -50.35 -25.49
N LEU F 119 -6.83 -49.03 -25.44
CA LEU F 119 -6.23 -48.13 -26.42
C LEU F 119 -4.71 -48.22 -26.44
N SER F 120 -4.16 -48.38 -27.64
CA SER F 120 -2.71 -48.46 -27.82
C SER F 120 -2.14 -47.08 -28.20
N ALA F 121 -2.92 -46.33 -28.98
CA ALA F 121 -2.57 -44.96 -29.34
C ALA F 121 -2.90 -44.02 -28.17
N PRO F 122 -2.28 -42.82 -28.15
CA PRO F 122 -2.49 -41.91 -27.02
C PRO F 122 -3.96 -41.56 -26.73
N LEU F 123 -4.26 -41.39 -25.44
CA LEU F 123 -5.56 -40.95 -24.98
C LEU F 123 -5.38 -39.63 -24.23
N ILE F 124 -6.02 -38.58 -24.75
CA ILE F 124 -5.95 -37.28 -24.09
C ILE F 124 -7.30 -36.97 -23.45
N GLU F 125 -7.29 -36.84 -22.12
CA GLU F 125 -8.50 -36.48 -21.38
C GLU F 125 -8.64 -34.96 -21.37
N VAL F 126 -9.82 -34.48 -21.72
CA VAL F 126 -10.07 -33.05 -21.82
C VAL F 126 -11.31 -32.63 -21.04
N HIS F 127 -11.18 -31.59 -20.23
CA HIS F 127 -12.34 -30.95 -19.58
C HIS F 127 -12.35 -29.46 -19.86
N ILE F 128 -13.54 -28.95 -20.16
CA ILE F 128 -13.75 -27.54 -20.49
C ILE F 128 -13.57 -26.64 -19.26
N SER F 129 -14.23 -26.99 -18.16
CA SER F 129 -14.12 -26.25 -16.91
C SER F 129 -12.92 -26.75 -16.11
N ASN F 130 -12.46 -25.94 -15.15
CA ASN F 130 -11.45 -26.40 -14.21
C ASN F 130 -12.09 -27.28 -13.15
N VAL F 131 -11.95 -28.59 -13.35
CA VAL F 131 -12.59 -29.60 -12.53
C VAL F 131 -12.06 -29.61 -11.09
N HIS F 132 -10.90 -28.99 -10.88
CA HIS F 132 -10.27 -28.91 -9.56
C HIS F 132 -10.69 -27.66 -8.76
N ALA F 133 -11.44 -26.76 -9.41
CA ALA F 133 -11.96 -25.56 -8.75
C ALA F 133 -13.44 -25.69 -8.38
N ARG F 134 -13.96 -26.91 -8.47
CA ARG F 134 -15.39 -27.17 -8.26
C ARG F 134 -15.61 -28.10 -7.07
N GLU F 135 -16.59 -29.00 -7.15
CA GLU F 135 -16.85 -29.94 -6.06
C GLU F 135 -15.74 -30.98 -5.94
N GLU F 136 -15.46 -31.41 -4.72
CA GLU F 136 -14.41 -32.40 -4.45
C GLU F 136 -14.55 -33.69 -5.26
N PHE F 137 -15.79 -34.16 -5.43
CA PHE F 137 -16.03 -35.40 -6.17
C PHE F 137 -15.61 -35.33 -7.64
N ARG F 138 -15.31 -34.12 -8.13
CA ARG F 138 -14.86 -33.93 -9.50
C ARG F 138 -13.34 -34.03 -9.67
N ARG F 139 -12.61 -34.17 -8.56
CA ARG F 139 -11.15 -34.14 -8.57
C ARG F 139 -10.48 -35.52 -8.57
N HIS F 140 -11.26 -36.57 -8.83
CA HIS F 140 -10.77 -37.94 -8.69
C HIS F 140 -11.05 -38.81 -9.91
N SER F 141 -10.75 -38.26 -11.10
CA SER F 141 -11.01 -38.92 -12.37
C SER F 141 -10.53 -40.38 -12.44
N TYR F 142 -11.41 -41.25 -12.93
CA TYR F 142 -11.07 -42.66 -13.18
C TYR F 142 -10.23 -42.82 -14.45
N LEU F 143 -10.29 -41.83 -15.33
CA LEU F 143 -9.62 -41.89 -16.63
C LEU F 143 -8.18 -41.36 -16.59
N SER F 144 -7.94 -40.35 -15.76
CA SER F 144 -6.63 -39.72 -15.64
C SER F 144 -5.44 -40.68 -15.48
N PRO F 145 -5.53 -41.66 -14.56
CA PRO F 145 -4.39 -42.58 -14.37
C PRO F 145 -4.04 -43.44 -15.60
N ILE F 146 -5.01 -43.69 -16.47
CA ILE F 146 -4.76 -44.52 -17.66
C ILE F 146 -4.65 -43.71 -18.96
N ALA F 147 -4.82 -42.40 -18.85
CA ALA F 147 -4.65 -41.50 -19.99
C ALA F 147 -3.19 -41.12 -20.17
N THR F 148 -2.83 -40.73 -21.39
CA THR F 148 -1.50 -40.21 -21.68
C THR F 148 -1.31 -38.89 -20.94
N GLY F 149 -2.29 -38.00 -21.10
CA GLY F 149 -2.26 -36.70 -20.46
C GLY F 149 -3.64 -36.10 -20.29
N VAL F 150 -3.72 -35.01 -19.54
CA VAL F 150 -4.98 -34.35 -19.21
C VAL F 150 -4.91 -32.84 -19.42
N ILE F 151 -5.93 -32.29 -20.08
CA ILE F 151 -6.07 -30.83 -20.23
C ILE F 151 -7.38 -30.40 -19.60
N VAL F 152 -7.29 -29.49 -18.64
CA VAL F 152 -8.43 -29.06 -17.83
C VAL F 152 -8.49 -27.54 -17.75
N GLY F 153 -9.69 -26.98 -17.84
CA GLY F 153 -9.94 -25.57 -17.55
C GLY F 153 -9.57 -24.56 -18.62
N LEU F 154 -9.17 -25.05 -19.79
CA LEU F 154 -8.77 -24.16 -20.88
C LEU F 154 -9.92 -23.95 -21.87
N GLY F 155 -11.13 -24.26 -21.39
CA GLY F 155 -12.34 -24.10 -22.18
C GLY F 155 -12.32 -24.96 -23.43
N ILE F 156 -12.95 -24.44 -24.47
CA ILE F 156 -13.11 -25.14 -25.73
C ILE F 156 -11.76 -25.35 -26.44
N GLN F 157 -10.81 -24.45 -26.20
CA GLN F 157 -9.48 -24.53 -26.82
C GLN F 157 -8.69 -25.77 -26.36
N GLY F 158 -9.08 -26.33 -25.22
CA GLY F 158 -8.51 -27.59 -24.73
C GLY F 158 -8.55 -28.72 -25.76
N TYR F 159 -9.67 -28.82 -26.47
CA TYR F 159 -9.82 -29.77 -27.58
C TYR F 159 -8.81 -29.51 -28.69
N LEU F 160 -8.64 -28.23 -29.04
CA LEU F 160 -7.77 -27.82 -30.14
C LEU F 160 -6.30 -28.04 -29.80
N LEU F 161 -5.95 -27.82 -28.53
CA LEU F 161 -4.60 -28.02 -28.04
C LEU F 161 -4.24 -29.51 -27.97
N ALA F 162 -5.23 -30.33 -27.62
CA ALA F 162 -5.06 -31.78 -27.60
C ALA F 162 -4.80 -32.34 -29.01
N LEU F 163 -5.50 -31.77 -30.00
CA LEU F 163 -5.28 -32.12 -31.41
C LEU F 163 -3.87 -31.78 -31.86
N ARG F 164 -3.38 -30.61 -31.44
CA ARG F 164 -2.03 -30.17 -31.79
C ARG F 164 -0.97 -31.09 -31.19
N TYR F 165 -1.21 -31.56 -29.97
CA TYR F 165 -0.32 -32.54 -29.34
C TYR F 165 -0.19 -33.80 -30.21
N LEU F 166 -1.34 -34.32 -30.66
CA LEU F 166 -1.38 -35.55 -31.43
C LEU F 166 -0.80 -35.40 -32.83
N ALA F 167 -0.87 -34.20 -33.38
CA ALA F 167 -0.26 -33.89 -34.68
C ALA F 167 1.27 -33.93 -34.60
N GLU F 168 1.81 -33.42 -33.50
CA GLU F 168 3.26 -33.38 -33.28
C GLU F 168 3.82 -34.70 -32.76
N HIS F 169 2.98 -35.51 -32.13
CA HIS F 169 3.38 -36.81 -31.59
C HIS F 169 2.86 -37.97 -32.42
N GLU G 28 -33.09 -79.54 -17.99
CA GLU G 28 -34.32 -79.19 -17.22
C GLU G 28 -34.21 -77.82 -16.56
N LEU G 29 -33.08 -77.57 -15.92
CA LEU G 29 -32.81 -76.28 -15.28
C LEU G 29 -32.19 -75.30 -16.28
N ILE G 30 -32.76 -74.11 -16.36
CA ILE G 30 -32.24 -73.05 -17.22
C ILE G 30 -31.43 -72.06 -16.39
N VAL G 31 -30.19 -71.82 -16.82
CA VAL G 31 -29.29 -70.89 -16.14
CA VAL G 31 -29.29 -70.89 -16.14
C VAL G 31 -28.89 -69.74 -17.05
N ASN G 32 -28.97 -68.52 -16.51
CA ASN G 32 -28.60 -67.33 -17.26
C ASN G 32 -27.19 -66.88 -16.94
N VAL G 33 -26.34 -66.89 -17.96
CA VAL G 33 -24.99 -66.35 -17.84
C VAL G 33 -25.01 -64.96 -18.46
N ILE G 34 -24.85 -63.94 -17.62
CA ILE G 34 -24.92 -62.55 -18.08
C ILE G 34 -23.57 -61.87 -17.93
N ASN G 35 -23.04 -61.35 -19.03
CA ASN G 35 -21.78 -60.64 -19.04
C ASN G 35 -21.95 -59.15 -19.31
N GLY G 36 -21.25 -58.33 -18.52
CA GLY G 36 -21.37 -56.87 -18.59
C GLY G 36 -20.40 -56.21 -19.54
N PRO G 37 -20.22 -54.89 -19.39
CA PRO G 37 -19.39 -54.06 -20.27
C PRO G 37 -17.99 -54.60 -20.47
N ASN G 38 -17.52 -54.54 -21.72
CA ASN G 38 -16.16 -54.90 -22.12
C ASN G 38 -15.84 -56.40 -22.17
N LEU G 39 -16.80 -57.23 -21.77
CA LEU G 39 -16.60 -58.68 -21.78
C LEU G 39 -16.78 -59.29 -23.18
N GLY G 40 -17.42 -58.53 -24.07
CA GLY G 40 -17.47 -58.91 -25.48
C GLY G 40 -16.12 -58.73 -26.16
N ARG G 41 -15.21 -58.05 -25.46
CA ARG G 41 -13.89 -57.75 -25.98
C ARG G 41 -12.83 -58.79 -25.58
N LEU G 42 -13.25 -59.83 -24.87
CA LEU G 42 -12.34 -60.88 -24.40
C LEU G 42 -11.51 -61.50 -25.52
N GLY G 43 -10.26 -61.81 -25.20
CA GLY G 43 -9.31 -62.33 -26.19
C GLY G 43 -8.23 -61.30 -26.45
N ARG G 44 -8.62 -60.20 -27.10
CA ARG G 44 -7.70 -59.10 -27.39
C ARG G 44 -7.57 -58.13 -26.20
N ARG G 45 -8.56 -58.14 -25.32
CA ARG G 45 -8.61 -57.22 -24.17
C ARG G 45 -7.62 -57.65 -23.08
N GLU G 46 -6.70 -56.74 -22.74
CA GLU G 46 -5.70 -56.94 -21.67
C GLU G 46 -5.43 -58.43 -21.36
N PRO G 47 -4.74 -59.14 -22.28
CA PRO G 47 -4.56 -60.59 -22.15
C PRO G 47 -3.83 -61.02 -20.89
N ALA G 48 -2.92 -60.19 -20.38
CA ALA G 48 -2.20 -60.47 -19.14
C ALA G 48 -3.11 -60.47 -17.91
N VAL G 49 -4.31 -59.90 -18.08
CA VAL G 49 -5.27 -59.77 -16.99
C VAL G 49 -6.46 -60.72 -17.18
N TYR G 50 -6.96 -60.83 -18.42
CA TYR G 50 -8.19 -61.58 -18.68
C TYR G 50 -8.01 -62.87 -19.49
N GLY G 51 -6.79 -63.12 -19.97
CA GLY G 51 -6.52 -64.32 -20.78
C GLY G 51 -6.86 -64.15 -22.24
N GLY G 52 -6.55 -65.16 -23.04
CA GLY G 52 -6.70 -65.09 -24.50
C GLY G 52 -7.94 -65.74 -25.08
N THR G 53 -8.84 -66.21 -24.21
CA THR G 53 -10.09 -66.82 -24.66
C THR G 53 -11.08 -65.72 -25.09
N THR G 54 -11.66 -65.88 -26.27
CA THR G 54 -12.67 -64.94 -26.77
C THR G 54 -14.03 -65.19 -26.12
N HIS G 55 -14.96 -64.25 -26.31
CA HIS G 55 -16.31 -64.41 -25.77
C HIS G 55 -17.10 -65.52 -26.48
N ASP G 56 -16.90 -65.65 -27.79
CA ASP G 56 -17.48 -66.75 -28.57
C ASP G 56 -17.02 -68.12 -28.06
N GLU G 57 -15.73 -68.23 -27.78
CA GLU G 57 -15.14 -69.44 -27.22
C GLU G 57 -15.66 -69.72 -25.81
N LEU G 58 -15.88 -68.65 -25.05
CA LEU G 58 -16.46 -68.74 -23.70
C LEU G 58 -17.89 -69.27 -23.74
N VAL G 59 -18.69 -68.78 -24.68
CA VAL G 59 -20.06 -69.25 -24.87
C VAL G 59 -20.09 -70.75 -25.17
N ALA G 60 -19.23 -71.18 -26.10
CA ALA G 60 -19.14 -72.58 -26.49
C ALA G 60 -18.69 -73.50 -25.35
N LEU G 61 -17.75 -73.02 -24.53
CA LEU G 61 -17.26 -73.76 -23.36
C LEU G 61 -18.33 -73.92 -22.29
N ILE G 62 -19.15 -72.89 -22.11
CA ILE G 62 -20.26 -72.90 -21.14
C ILE G 62 -21.37 -73.85 -21.59
N GLU G 63 -21.74 -73.78 -22.86
CA GLU G 63 -22.79 -74.62 -23.43
C GLU G 63 -22.42 -76.11 -23.43
N ARG G 64 -21.13 -76.39 -23.60
CA ARG G 64 -20.62 -77.76 -23.57
C ARG G 64 -20.61 -78.33 -22.15
N GLU G 65 -20.29 -77.48 -21.18
CA GLU G 65 -20.29 -77.86 -19.76
C GLU G 65 -21.71 -78.04 -19.25
N ALA G 66 -22.61 -77.16 -19.69
CA ALA G 66 -24.03 -77.22 -19.32
C ALA G 66 -24.70 -78.50 -19.84
N ALA G 67 -24.32 -78.91 -21.04
CA ALA G 67 -24.81 -80.16 -21.63
C ALA G 67 -24.31 -81.39 -20.87
N GLU G 68 -23.12 -81.29 -20.29
CA GLU G 68 -22.55 -82.37 -19.47
C GLU G 68 -23.28 -82.49 -18.14
N LEU G 69 -23.73 -81.36 -17.61
CA LEU G 69 -24.39 -81.30 -16.29
C LEU G 69 -25.91 -81.50 -16.39
N GLY G 70 -26.43 -81.55 -17.62
CA GLY G 70 -27.86 -81.70 -17.85
C GLY G 70 -28.65 -80.41 -17.63
N LEU G 71 -28.00 -79.28 -17.90
CA LEU G 71 -28.62 -77.96 -17.76
C LEU G 71 -28.67 -77.24 -19.10
N LYS G 72 -29.53 -76.23 -19.20
CA LYS G 72 -29.59 -75.39 -20.37
C LYS G 72 -29.02 -74.02 -20.02
N ALA G 73 -27.92 -73.65 -20.67
CA ALA G 73 -27.27 -72.36 -20.41
C ALA G 73 -27.57 -71.34 -21.52
N VAL G 74 -28.02 -70.17 -21.10
CA VAL G 74 -28.26 -69.05 -22.00
C VAL G 74 -27.24 -67.95 -21.67
N VAL G 75 -26.25 -67.78 -22.56
CA VAL G 75 -25.18 -66.79 -22.35
C VAL G 75 -25.45 -65.51 -23.14
N ARG G 76 -25.47 -64.38 -22.44
CA ARG G 76 -25.70 -63.09 -23.08
C ARG G 76 -24.75 -62.02 -22.56
N GLN G 77 -24.36 -61.12 -23.46
CA GLN G 77 -23.41 -60.05 -23.14
C GLN G 77 -23.92 -58.71 -23.68
N SER G 78 -23.75 -57.66 -22.89
CA SER G 78 -24.07 -56.30 -23.32
C SER G 78 -23.19 -55.26 -22.60
N ASP G 79 -22.86 -54.19 -23.32
CA ASP G 79 -22.21 -53.02 -22.73
C ASP G 79 -23.24 -52.06 -22.15
N SER G 80 -24.52 -52.33 -22.37
CA SER G 80 -25.61 -51.49 -21.91
C SER G 80 -26.15 -51.95 -20.56
N GLU G 81 -26.10 -51.05 -19.58
CA GLU G 81 -26.62 -51.30 -18.25
C GLU G 81 -28.12 -51.64 -18.27
N ALA G 82 -28.89 -50.87 -19.04
CA ALA G 82 -30.33 -51.10 -19.18
C ALA G 82 -30.65 -52.50 -19.72
N GLN G 83 -29.85 -52.95 -20.69
CA GLN G 83 -29.99 -54.28 -21.25
C GLN G 83 -29.74 -55.36 -20.21
N LEU G 84 -28.70 -55.17 -19.40
CA LEU G 84 -28.38 -56.09 -18.31
C LEU G 84 -29.51 -56.14 -17.28
N LEU G 85 -30.09 -54.98 -16.97
CA LEU G 85 -31.22 -54.88 -16.05
C LEU G 85 -32.43 -55.64 -16.56
N ASP G 86 -32.68 -55.53 -17.86
CA ASP G 86 -33.81 -56.23 -18.50
C ASP G 86 -33.67 -57.75 -18.38
N TRP G 87 -32.47 -58.27 -18.64
CA TRP G 87 -32.20 -59.70 -18.53
C TRP G 87 -32.37 -60.20 -17.10
N ILE G 88 -31.88 -59.42 -16.14
CA ILE G 88 -32.05 -59.73 -14.71
C ILE G 88 -33.54 -59.77 -14.32
N HIS G 89 -34.32 -58.81 -14.82
CA HIS G 89 -35.77 -58.78 -14.59
C HIS G 89 -36.47 -60.03 -15.11
N GLN G 90 -36.05 -60.49 -16.30
CA GLN G 90 -36.58 -61.70 -16.91
C GLN G 90 -36.25 -62.94 -16.08
N ALA G 91 -35.03 -62.99 -15.55
CA ALA G 91 -34.58 -64.08 -14.69
C ALA G 91 -35.34 -64.11 -13.36
N ALA G 92 -35.67 -62.93 -12.84
CA ALA G 92 -36.47 -62.81 -11.63
C ALA G 92 -37.89 -63.31 -11.86
N ASP G 93 -38.49 -62.91 -12.99
CA ASP G 93 -39.83 -63.34 -13.35
C ASP G 93 -39.93 -64.84 -13.61
N ALA G 94 -38.90 -65.39 -14.25
CA ALA G 94 -38.85 -66.82 -14.57
C ALA G 94 -38.35 -67.68 -13.40
N ALA G 95 -37.85 -67.02 -12.35
CA ALA G 95 -37.23 -67.67 -11.19
C ALA G 95 -36.07 -68.59 -11.60
N GLU G 96 -35.20 -68.07 -12.46
CA GLU G 96 -34.04 -68.81 -12.96
C GLU G 96 -32.75 -68.30 -12.34
N PRO G 97 -31.78 -69.22 -12.11
CA PRO G 97 -30.47 -68.84 -11.58
C PRO G 97 -29.71 -67.90 -12.50
N VAL G 98 -28.85 -67.06 -11.92
CA VAL G 98 -28.03 -66.13 -12.68
C VAL G 98 -26.56 -66.26 -12.31
N ILE G 99 -25.73 -66.47 -13.33
CA ILE G 99 -24.29 -66.27 -13.19
C ILE G 99 -23.97 -64.91 -13.82
N LEU G 100 -23.47 -64.00 -13.01
CA LEU G 100 -23.26 -62.62 -13.47
C LEU G 100 -21.82 -62.14 -13.33
N ASN G 101 -21.25 -61.70 -14.45
CA ASN G 101 -20.03 -60.92 -14.45
C ASN G 101 -20.39 -59.54 -15.00
N ALA G 102 -20.52 -58.57 -14.10
CA ALA G 102 -20.98 -57.23 -14.47
C ALA G 102 -19.85 -56.34 -15.02
N GLY G 103 -18.63 -56.89 -15.07
CA GLY G 103 -17.46 -56.12 -15.47
C GLY G 103 -17.27 -54.91 -14.57
N GLY G 104 -17.05 -53.74 -15.19
CA GLY G 104 -16.87 -52.48 -14.46
C GLY G 104 -18.05 -52.06 -13.60
N LEU G 105 -19.26 -52.42 -14.02
CA LEU G 105 -20.48 -52.06 -13.29
C LEU G 105 -20.57 -52.71 -11.91
N THR G 106 -19.84 -53.79 -11.71
CA THR G 106 -19.68 -54.46 -10.42
C THR G 106 -19.37 -53.47 -9.29
N HIS G 107 -18.50 -52.51 -9.60
CA HIS G 107 -17.94 -51.62 -8.59
C HIS G 107 -18.68 -50.29 -8.46
N THR G 108 -19.66 -50.07 -9.35
CA THR G 108 -20.28 -48.76 -9.47
C THR G 108 -21.81 -48.73 -9.48
N SER G 109 -22.45 -49.84 -9.86
CA SER G 109 -23.89 -49.82 -10.11
C SER G 109 -24.77 -50.30 -8.95
N VAL G 110 -25.44 -49.36 -8.30
CA VAL G 110 -26.47 -49.69 -7.31
C VAL G 110 -27.73 -50.18 -8.04
N ALA G 111 -27.99 -49.62 -9.22
CA ALA G 111 -29.12 -50.03 -10.06
C ALA G 111 -29.07 -51.52 -10.40
N LEU G 112 -27.88 -52.02 -10.73
CA LEU G 112 -27.69 -53.43 -11.03
C LEU G 112 -27.88 -54.30 -9.79
N ARG G 113 -27.42 -53.80 -8.64
CA ARG G 113 -27.59 -54.46 -7.36
C ARG G 113 -29.08 -54.59 -7.00
N ASP G 114 -29.83 -53.51 -7.22
CA ASP G 114 -31.26 -53.48 -6.93
C ASP G 114 -32.07 -54.45 -7.79
N ALA G 115 -31.65 -54.62 -9.04
CA ALA G 115 -32.28 -55.59 -9.94
C ALA G 115 -32.01 -57.02 -9.45
N CYS G 116 -30.77 -57.27 -9.02
CA CYS G 116 -30.36 -58.59 -8.54
C CYS G 116 -31.00 -59.00 -7.22
N ALA G 117 -31.40 -58.02 -6.41
CA ALA G 117 -32.06 -58.29 -5.12
C ALA G 117 -33.45 -58.92 -5.31
N GLU G 118 -34.00 -58.77 -6.51
CA GLU G 118 -35.33 -59.29 -6.84
C GLU G 118 -35.29 -60.78 -7.20
N LEU G 119 -34.09 -61.31 -7.41
CA LEU G 119 -33.91 -62.73 -7.78
C LEU G 119 -34.21 -63.66 -6.61
N SER G 120 -34.97 -64.72 -6.88
CA SER G 120 -35.29 -65.72 -5.87
C SER G 120 -34.39 -66.95 -6.00
N ALA G 121 -34.00 -67.27 -7.22
CA ALA G 121 -33.03 -68.34 -7.50
C ALA G 121 -31.62 -67.83 -7.21
N PRO G 122 -30.66 -68.76 -6.98
CA PRO G 122 -29.29 -68.36 -6.62
C PRO G 122 -28.61 -67.42 -7.62
N LEU G 123 -27.83 -66.48 -7.09
CA LEU G 123 -27.04 -65.55 -7.90
C LEU G 123 -25.56 -65.75 -7.59
N ILE G 124 -24.80 -66.17 -8.60
CA ILE G 124 -23.36 -66.33 -8.43
C ILE G 124 -22.62 -65.25 -9.20
N GLU G 125 -21.86 -64.45 -8.46
CA GLU G 125 -20.99 -63.43 -9.05
C GLU G 125 -19.68 -64.07 -9.46
N VAL G 126 -19.28 -63.81 -10.70
CA VAL G 126 -18.06 -64.40 -11.26
C VAL G 126 -17.16 -63.30 -11.83
N HIS G 127 -15.88 -63.34 -11.49
CA HIS G 127 -14.89 -62.50 -12.16
C HIS G 127 -13.73 -63.33 -12.66
N ILE G 128 -13.31 -63.04 -13.89
CA ILE G 128 -12.19 -63.72 -14.53
C ILE G 128 -10.88 -63.43 -13.80
N SER G 129 -10.58 -62.13 -13.62
CA SER G 129 -9.35 -61.71 -12.94
C SER G 129 -9.50 -61.76 -11.42
N ASN G 130 -8.37 -61.88 -10.72
CA ASN G 130 -8.37 -61.71 -9.26
C ASN G 130 -8.52 -60.23 -8.91
N VAL G 131 -9.77 -59.82 -8.77
CA VAL G 131 -10.16 -58.44 -8.52
C VAL G 131 -9.54 -57.84 -7.24
N HIS G 132 -9.05 -58.72 -6.35
CA HIS G 132 -8.43 -58.29 -5.09
C HIS G 132 -6.91 -58.08 -5.22
N ALA G 133 -6.35 -58.50 -6.34
CA ALA G 133 -4.92 -58.32 -6.63
C ALA G 133 -4.68 -57.14 -7.56
N ARG G 134 -5.69 -56.28 -7.72
CA ARG G 134 -5.64 -55.17 -8.65
C ARG G 134 -5.79 -53.83 -7.91
N GLU G 135 -6.44 -52.85 -8.53
CA GLU G 135 -6.66 -51.55 -7.87
C GLU G 135 -7.66 -51.69 -6.72
N GLU G 136 -7.48 -50.88 -5.69
CA GLU G 136 -8.34 -50.89 -4.49
C GLU G 136 -9.82 -50.76 -4.79
N PHE G 137 -10.16 -49.92 -5.77
CA PHE G 137 -11.57 -49.66 -6.11
C PHE G 137 -12.31 -50.89 -6.65
N ARG G 138 -11.56 -51.94 -6.98
CA ARG G 138 -12.15 -53.18 -7.50
C ARG G 138 -12.47 -54.19 -6.39
N ARG G 139 -12.13 -53.83 -5.15
CA ARG G 139 -12.27 -54.74 -4.01
C ARG G 139 -13.56 -54.54 -3.20
N HIS G 140 -14.50 -53.77 -3.73
CA HIS G 140 -15.71 -53.41 -2.98
C HIS G 140 -17.02 -53.61 -3.77
N SER G 141 -17.19 -54.80 -4.34
CA SER G 141 -18.36 -55.11 -5.17
C SER G 141 -19.70 -54.79 -4.52
N TYR G 142 -20.56 -54.10 -5.27
CA TYR G 142 -21.93 -53.83 -4.83
C TYR G 142 -22.80 -55.09 -4.87
N LEU G 143 -22.40 -56.06 -5.69
CA LEU G 143 -23.20 -57.26 -5.93
C LEU G 143 -22.89 -58.39 -4.95
N SER G 144 -21.66 -58.45 -4.46
CA SER G 144 -21.23 -59.50 -3.53
C SER G 144 -22.12 -59.71 -2.30
N PRO G 145 -22.53 -58.62 -1.61
CA PRO G 145 -23.36 -58.79 -0.41
C PRO G 145 -24.76 -59.38 -0.65
N ILE G 146 -25.29 -59.24 -1.87
CA ILE G 146 -26.61 -59.77 -2.19
C ILE G 146 -26.57 -61.04 -3.06
N ALA G 147 -25.36 -61.46 -3.42
CA ALA G 147 -25.17 -62.70 -4.16
C ALA G 147 -25.18 -63.90 -3.22
N THR G 148 -25.46 -65.08 -3.77
CA THR G 148 -25.31 -66.34 -3.04
C THR G 148 -23.82 -66.57 -2.78
N GLY G 149 -23.03 -66.50 -3.84
CA GLY G 149 -21.60 -66.73 -3.76
C GLY G 149 -20.80 -65.96 -4.80
N VAL G 150 -19.49 -65.96 -4.64
CA VAL G 150 -18.58 -65.22 -5.52
C VAL G 150 -17.39 -66.09 -5.90
N ILE G 151 -17.10 -66.17 -7.20
CA ILE G 151 -15.90 -66.83 -7.70
C ILE G 151 -15.05 -65.80 -8.44
N VAL G 152 -13.80 -65.65 -7.99
CA VAL G 152 -12.92 -64.61 -8.50
C VAL G 152 -11.54 -65.21 -8.82
N GLY G 153 -10.93 -64.73 -9.90
CA GLY G 153 -9.53 -65.04 -10.20
C GLY G 153 -9.20 -66.42 -10.73
N LEU G 154 -10.21 -67.20 -11.09
CA LEU G 154 -9.97 -68.55 -11.61
C LEU G 154 -10.08 -68.62 -13.13
N GLY G 155 -10.07 -67.46 -13.77
CA GLY G 155 -10.18 -67.35 -15.22
C GLY G 155 -11.55 -67.75 -15.73
N ILE G 156 -11.57 -68.29 -16.95
CA ILE G 156 -12.80 -68.71 -17.62
C ILE G 156 -13.49 -69.85 -16.87
N GLN G 157 -12.71 -70.69 -16.22
CA GLN G 157 -13.26 -71.84 -15.49
CA GLN G 157 -13.18 -71.83 -15.42
C GLN G 157 -14.22 -71.41 -14.38
N GLY G 158 -14.08 -70.18 -13.90
CA GLY G 158 -15.00 -69.62 -12.90
C GLY G 158 -16.47 -69.72 -13.30
N TYR G 159 -16.75 -69.58 -14.60
CA TYR G 159 -18.10 -69.74 -15.13
C TYR G 159 -18.58 -71.18 -15.04
N LEU G 160 -17.70 -72.12 -15.40
CA LEU G 160 -18.02 -73.55 -15.43
C LEU G 160 -18.19 -74.13 -14.03
N LEU G 161 -17.41 -73.61 -13.08
CA LEU G 161 -17.51 -74.01 -11.68
C LEU G 161 -18.81 -73.51 -11.06
N ALA G 162 -19.21 -72.29 -11.44
CA ALA G 162 -20.49 -71.73 -11.02
C ALA G 162 -21.66 -72.55 -11.54
N LEU G 163 -21.51 -73.08 -12.75
CA LEU G 163 -22.51 -73.97 -13.35
C LEU G 163 -22.66 -75.27 -12.57
N ARG G 164 -21.52 -75.82 -12.15
CA ARG G 164 -21.51 -77.07 -11.39
C ARG G 164 -22.17 -76.92 -10.02
N TYR G 165 -21.97 -75.76 -9.38
CA TYR G 165 -22.65 -75.45 -8.12
C TYR G 165 -24.16 -75.48 -8.31
N LEU G 166 -24.65 -74.81 -9.35
CA LEU G 166 -26.08 -74.70 -9.63
C LEU G 166 -26.70 -76.04 -10.02
N ALA G 167 -25.88 -76.92 -10.59
CA ALA G 167 -26.31 -78.27 -10.96
C ALA G 167 -26.58 -79.16 -9.75
N GLU G 168 -25.80 -78.96 -8.68
CA GLU G 168 -25.94 -79.75 -7.46
C GLU G 168 -26.95 -79.19 -6.45
N HIS G 169 -27.30 -77.91 -6.59
CA HIS G 169 -28.20 -77.24 -5.66
C HIS G 169 -29.60 -77.01 -6.23
N VAL G 170 -29.66 -76.30 -7.37
CA VAL G 170 -30.94 -76.00 -8.02
C VAL G 170 -31.18 -76.94 -9.20
N LEU H 29 -21.78 0.75 22.08
CA LEU H 29 -21.94 1.04 23.53
C LEU H 29 -22.07 -0.24 24.36
N ILE H 30 -23.09 -1.04 24.06
CA ILE H 30 -23.38 -2.25 24.85
C ILE H 30 -22.75 -3.49 24.21
N VAL H 31 -21.95 -4.21 25.01
CA VAL H 31 -21.32 -5.45 24.58
C VAL H 31 -21.82 -6.59 25.46
N ASN H 32 -22.21 -7.71 24.83
CA ASN H 32 -22.69 -8.88 25.54
C ASN H 32 -21.60 -9.95 25.66
N VAL H 33 -21.19 -10.21 26.90
CA VAL H 33 -20.23 -11.27 27.17
C VAL H 33 -21.01 -12.47 27.70
N ILE H 34 -21.03 -13.55 26.91
CA ILE H 34 -21.83 -14.73 27.22
C ILE H 34 -20.95 -15.95 27.46
N ASN H 35 -21.09 -16.55 28.65
CA ASN H 35 -20.32 -17.74 29.03
C ASN H 35 -21.19 -18.99 29.13
N GLY H 36 -20.72 -20.08 28.54
CA GLY H 36 -21.46 -21.34 28.49
C GLY H 36 -21.21 -22.24 29.68
N PRO H 37 -21.58 -23.54 29.55
CA PRO H 37 -21.52 -24.52 30.64
C PRO H 37 -20.15 -24.63 31.31
N ASN H 38 -20.18 -24.75 32.63
CA ASN H 38 -18.99 -24.97 33.48
C ASN H 38 -18.09 -23.75 33.68
N LEU H 39 -18.43 -22.64 33.04
CA LEU H 39 -17.64 -21.41 33.20
C LEU H 39 -18.05 -20.60 34.43
N GLY H 40 -19.16 -20.99 35.06
CA GLY H 40 -19.54 -20.44 36.35
C GLY H 40 -18.75 -21.10 37.47
N ARG H 41 -18.01 -22.16 37.10
CA ARG H 41 -17.24 -22.96 38.04
C ARG H 41 -15.77 -22.52 38.13
N LEU H 42 -15.41 -21.49 37.36
CA LEU H 42 -14.03 -20.99 37.32
C LEU H 42 -13.47 -20.67 38.70
N GLY H 43 -12.19 -20.96 38.89
CA GLY H 43 -11.51 -20.78 40.17
C GLY H 43 -11.02 -22.11 40.71
N ARG H 44 -11.95 -22.98 41.08
CA ARG H 44 -11.63 -24.32 41.57
C ARG H 44 -11.66 -25.37 40.46
N ARG H 45 -12.34 -25.05 39.36
CA ARG H 45 -12.45 -25.93 38.20
C ARG H 45 -11.11 -26.00 37.45
N GLU H 46 -10.53 -27.20 37.41
CA GLU H 46 -9.23 -27.47 36.77
C GLU H 46 -8.29 -26.26 36.71
N PRO H 47 -7.71 -25.87 37.88
CA PRO H 47 -6.87 -24.69 38.00
C PRO H 47 -5.69 -24.63 37.02
N ALA H 48 -5.05 -25.77 36.78
CA ALA H 48 -3.90 -25.85 35.87
C ALA H 48 -4.27 -25.58 34.41
N VAL H 49 -5.55 -25.75 34.08
CA VAL H 49 -6.05 -25.55 32.73
C VAL H 49 -6.68 -24.16 32.56
N TYR H 50 -7.49 -23.74 33.52
CA TYR H 50 -8.30 -22.53 33.38
C TYR H 50 -7.88 -21.35 34.28
N GLY H 51 -7.01 -21.60 35.26
CA GLY H 51 -6.55 -20.53 36.16
C GLY H 51 -7.34 -20.44 37.45
N GLY H 52 -6.89 -19.58 38.36
CA GLY H 52 -7.48 -19.46 39.69
C GLY H 52 -8.53 -18.37 39.84
N THR H 53 -8.76 -17.60 38.78
CA THR H 53 -9.74 -16.52 38.78
C THR H 53 -11.17 -17.07 38.74
N THR H 54 -12.01 -16.57 39.63
CA THR H 54 -13.43 -16.97 39.67
C THR H 54 -14.23 -16.21 38.61
N HIS H 55 -15.48 -16.63 38.41
CA HIS H 55 -16.36 -15.95 37.47
C HIS H 55 -16.79 -14.57 37.97
N ASP H 56 -17.01 -14.46 39.27
CA ASP H 56 -17.30 -13.17 39.91
C ASP H 56 -16.18 -12.16 39.67
N GLU H 57 -14.94 -12.60 39.83
CA GLU H 57 -13.76 -11.78 39.59
C GLU H 57 -13.61 -11.42 38.11
N LEU H 58 -14.00 -12.36 37.23
CA LEU H 58 -13.99 -12.14 35.79
C LEU H 58 -15.00 -11.08 35.37
N VAL H 59 -16.21 -11.13 35.94
CA VAL H 59 -17.25 -10.14 35.68
C VAL H 59 -16.75 -8.72 36.03
N ALA H 60 -16.11 -8.60 37.20
CA ALA H 60 -15.57 -7.33 37.68
C ALA H 60 -14.49 -6.76 36.76
N LEU H 61 -13.56 -7.61 36.32
CA LEU H 61 -12.47 -7.18 35.42
C LEU H 61 -13.01 -6.71 34.07
N ILE H 62 -14.02 -7.42 33.55
CA ILE H 62 -14.67 -7.06 32.28
C ILE H 62 -15.38 -5.71 32.39
N GLU H 63 -16.15 -5.52 33.47
CA GLU H 63 -16.88 -4.28 33.72
C GLU H 63 -15.94 -3.08 33.92
N ARG H 64 -14.79 -3.32 34.54
CA ARG H 64 -13.79 -2.29 34.77
C ARG H 64 -13.07 -1.91 33.47
N GLU H 65 -12.78 -2.90 32.63
CA GLU H 65 -12.11 -2.68 31.36
C GLU H 65 -13.04 -1.98 30.34
N ALA H 66 -14.29 -2.40 30.30
CA ALA H 66 -15.30 -1.80 29.41
C ALA H 66 -15.53 -0.33 29.73
N ALA H 67 -15.57 -0.01 31.02
CA ALA H 67 -15.76 1.37 31.48
C ALA H 67 -14.59 2.26 31.06
N GLU H 68 -13.39 1.67 31.02
CA GLU H 68 -12.19 2.37 30.58
C GLU H 68 -12.17 2.60 29.07
N LEU H 69 -12.86 1.74 28.33
CA LEU H 69 -12.93 1.83 26.87
C LEU H 69 -14.18 2.58 26.39
N GLY H 70 -14.97 3.09 27.34
CA GLY H 70 -16.19 3.83 27.03
C GLY H 70 -17.32 2.94 26.56
N LEU H 71 -17.40 1.74 27.13
CA LEU H 71 -18.44 0.77 26.78
C LEU H 71 -19.15 0.26 28.02
N LYS H 72 -20.33 -0.31 27.83
CA LYS H 72 -21.05 -1.03 28.88
C LYS H 72 -21.05 -2.52 28.53
N ALA H 73 -20.63 -3.34 29.49
CA ALA H 73 -20.57 -4.78 29.27
C ALA H 73 -21.58 -5.54 30.14
N VAL H 74 -22.41 -6.36 29.49
CA VAL H 74 -23.36 -7.22 30.18
C VAL H 74 -22.81 -8.64 30.17
N VAL H 75 -22.45 -9.14 31.34
CA VAL H 75 -21.81 -10.45 31.48
C VAL H 75 -22.77 -11.46 32.07
N ARG H 76 -23.01 -12.53 31.32
CA ARG H 76 -23.96 -13.57 31.73
C ARG H 76 -23.42 -14.97 31.50
N GLN H 77 -23.66 -15.85 32.48
CA GLN H 77 -23.24 -17.25 32.40
C GLN H 77 -24.43 -18.17 32.61
N SER H 78 -24.46 -19.27 31.84
CA SER H 78 -25.47 -20.30 32.03
C SER H 78 -24.97 -21.67 31.58
N ASP H 79 -25.38 -22.71 32.32
CA ASP H 79 -25.14 -24.09 31.91
C ASP H 79 -26.22 -24.58 30.94
N SER H 80 -27.25 -23.75 30.73
CA SER H 80 -28.37 -24.09 29.85
C SER H 80 -28.19 -23.59 28.43
N GLU H 81 -28.24 -24.52 27.47
CA GLU H 81 -28.14 -24.21 26.06
C GLU H 81 -29.27 -23.27 25.61
N ALA H 82 -30.50 -23.58 26.01
CA ALA H 82 -31.67 -22.76 25.69
C ALA H 82 -31.52 -21.31 26.17
N GLN H 83 -30.95 -21.14 27.37
CA GLN H 83 -30.70 -19.82 27.93
C GLN H 83 -29.70 -19.04 27.10
N LEU H 84 -28.63 -19.71 26.66
CA LEU H 84 -27.63 -19.10 25.79
C LEU H 84 -28.27 -18.64 24.48
N LEU H 85 -29.09 -19.52 23.89
CA LEU H 85 -29.83 -19.20 22.65
C LEU H 85 -30.72 -17.97 22.82
N ASP H 86 -31.41 -17.89 23.95
CA ASP H 86 -32.25 -16.73 24.28
C ASP H 86 -31.42 -15.44 24.29
N TRP H 87 -30.26 -15.48 24.94
CA TRP H 87 -29.38 -14.32 25.04
C TRP H 87 -28.83 -13.88 23.67
N ILE H 88 -28.52 -14.85 22.81
CA ILE H 88 -28.05 -14.57 21.45
C ILE H 88 -29.15 -13.90 20.61
N HIS H 89 -30.38 -14.41 20.73
CA HIS H 89 -31.54 -13.83 20.03
C HIS H 89 -31.73 -12.36 20.35
N GLN H 90 -31.59 -12.03 21.64
CA GLN H 90 -31.75 -10.66 22.12
C GLN H 90 -30.67 -9.73 21.57
N ALA H 91 -29.44 -10.25 21.50
CA ALA H 91 -28.31 -9.51 20.90
C ALA H 91 -28.53 -9.27 19.41
N ALA H 92 -29.06 -10.28 18.72
CA ALA H 92 -29.37 -10.19 17.30
C ALA H 92 -30.45 -9.14 17.02
N ASP H 93 -31.46 -9.10 17.89
CA ASP H 93 -32.54 -8.12 17.79
C ASP H 93 -32.09 -6.70 18.14
N ALA H 94 -31.12 -6.59 19.05
CA ALA H 94 -30.62 -5.30 19.49
C ALA H 94 -29.39 -4.83 18.70
N ALA H 95 -28.91 -5.70 17.81
CA ALA H 95 -27.69 -5.45 17.01
C ALA H 95 -26.49 -5.07 17.90
N GLU H 96 -26.33 -5.83 18.97
CA GLU H 96 -25.24 -5.62 19.93
C GLU H 96 -24.15 -6.68 19.74
N PRO H 97 -22.87 -6.26 19.84
CA PRO H 97 -21.73 -7.18 19.72
C PRO H 97 -21.75 -8.28 20.79
N VAL H 98 -21.25 -9.46 20.43
CA VAL H 98 -21.22 -10.61 21.34
C VAL H 98 -19.81 -11.17 21.49
N ILE H 99 -19.35 -11.25 22.74
CA ILE H 99 -18.15 -12.01 23.07
C ILE H 99 -18.63 -13.33 23.68
N LEU H 100 -18.35 -14.42 22.98
CA LEU H 100 -18.91 -15.72 23.36
C LEU H 100 -17.86 -16.78 23.69
N ASN H 101 -17.99 -17.34 24.89
CA ASN H 101 -17.29 -18.56 25.28
C ASN H 101 -18.33 -19.61 25.60
N ALA H 102 -18.62 -20.47 24.63
CA ALA H 102 -19.69 -21.46 24.77
C ALA H 102 -19.30 -22.67 25.60
N GLY H 103 -18.04 -22.74 26.04
CA GLY H 103 -17.55 -23.87 26.82
C GLY H 103 -17.51 -25.13 25.98
N GLY H 104 -18.02 -26.23 26.54
CA GLY H 104 -18.08 -27.51 25.84
C GLY H 104 -19.03 -27.53 24.64
N LEU H 105 -20.02 -26.64 24.66
CA LEU H 105 -21.01 -26.52 23.58
C LEU H 105 -20.39 -26.00 22.28
N THR H 106 -19.26 -25.32 22.41
CA THR H 106 -18.49 -24.82 21.28
C THR H 106 -18.21 -25.94 20.25
N HIS H 107 -17.92 -27.13 20.76
CA HIS H 107 -17.50 -28.25 19.93
C HIS H 107 -18.65 -29.16 19.48
N THR H 108 -19.86 -28.89 19.98
CA THR H 108 -20.97 -29.84 19.81
C THR H 108 -22.30 -29.26 19.30
N SER H 109 -22.56 -27.99 19.60
CA SER H 109 -23.88 -27.40 19.35
C SER H 109 -24.03 -26.69 18.00
N VAL H 110 -24.79 -27.32 17.10
CA VAL H 110 -25.18 -26.70 15.83
C VAL H 110 -26.27 -25.66 16.09
N ALA H 111 -27.12 -25.93 17.09
CA ALA H 111 -28.18 -25.01 17.50
C ALA H 111 -27.64 -23.63 17.90
N LEU H 112 -26.54 -23.64 18.65
CA LEU H 112 -25.90 -22.40 19.08
C LEU H 112 -25.26 -21.66 17.91
N ARG H 113 -24.66 -22.40 16.99
CA ARG H 113 -24.11 -21.84 15.75
C ARG H 113 -25.20 -21.13 14.95
N ASP H 114 -26.34 -21.80 14.80
CA ASP H 114 -27.48 -21.26 14.07
C ASP H 114 -28.02 -19.94 14.64
N ALA H 115 -28.06 -19.84 15.96
CA ALA H 115 -28.50 -18.61 16.62
C ALA H 115 -27.50 -17.47 16.38
N CYS H 116 -26.21 -17.79 16.46
CA CYS H 116 -25.14 -16.83 16.22
C CYS H 116 -25.11 -16.30 14.78
N ALA H 117 -25.66 -17.07 13.85
CA ALA H 117 -25.72 -16.67 12.43
C ALA H 117 -26.64 -15.46 12.19
N GLU H 118 -27.53 -15.19 13.15
CA GLU H 118 -28.46 -14.05 13.07
C GLU H 118 -27.81 -12.72 13.44
N LEU H 119 -26.67 -12.77 14.14
CA LEU H 119 -25.99 -11.58 14.63
C LEU H 119 -25.46 -10.71 13.49
N SER H 120 -25.82 -9.43 13.52
CA SER H 120 -25.36 -8.46 12.53
C SER H 120 -24.13 -7.70 13.03
N ALA H 121 -24.06 -7.49 14.35
CA ALA H 121 -22.88 -6.95 15.01
C ALA H 121 -21.82 -8.04 15.16
N PRO H 122 -20.54 -7.65 15.29
CA PRO H 122 -19.44 -8.63 15.37
C PRO H 122 -19.59 -9.67 16.48
N LEU H 123 -19.19 -10.90 16.18
CA LEU H 123 -19.13 -11.99 17.16
C LEU H 123 -17.68 -12.44 17.33
N ILE H 124 -17.18 -12.31 18.55
CA ILE H 124 -15.82 -12.76 18.87
C ILE H 124 -15.88 -13.97 19.79
N GLU H 125 -15.31 -15.08 19.31
CA GLU H 125 -15.22 -16.30 20.10
C GLU H 125 -13.99 -16.21 21.00
N VAL H 126 -14.17 -16.56 22.28
CA VAL H 126 -13.08 -16.52 23.25
C VAL H 126 -12.97 -17.84 23.99
N HIS H 127 -11.74 -18.33 24.16
CA HIS H 127 -11.46 -19.47 25.04
C HIS H 127 -10.30 -19.14 25.97
N ILE H 128 -10.42 -19.57 27.22
CA ILE H 128 -9.41 -19.30 28.24
C ILE H 128 -8.16 -20.15 28.01
N SER H 129 -8.36 -21.45 27.82
CA SER H 129 -7.27 -22.38 27.55
C SER H 129 -6.94 -22.41 26.05
N ASN H 130 -5.72 -22.82 25.72
CA ASN H 130 -5.38 -23.09 24.33
C ASN H 130 -6.01 -24.39 23.89
N VAL H 131 -7.13 -24.26 23.20
CA VAL H 131 -7.99 -25.39 22.83
C VAL H 131 -7.34 -26.31 21.78
N HIS H 132 -6.26 -25.82 21.16
CA HIS H 132 -5.51 -26.57 20.16
C HIS H 132 -4.38 -27.42 20.75
N ALA H 133 -4.08 -27.18 22.03
CA ALA H 133 -3.02 -27.92 22.73
C ALA H 133 -3.60 -29.07 23.55
N ARG H 134 -4.89 -29.32 23.38
CA ARG H 134 -5.61 -30.30 24.20
C ARG H 134 -6.12 -31.48 23.35
N GLU H 135 -7.27 -32.04 23.72
CA GLU H 135 -7.83 -33.17 22.98
C GLU H 135 -8.25 -32.75 21.57
N GLU H 136 -8.11 -33.67 20.62
CA GLU H 136 -8.47 -33.43 19.22
C GLU H 136 -9.88 -32.87 19.00
N PHE H 137 -10.84 -33.38 19.76
CA PHE H 137 -12.24 -32.97 19.61
C PHE H 137 -12.50 -31.51 19.97
N ARG H 138 -11.53 -30.88 20.64
CA ARG H 138 -11.64 -29.48 21.01
C ARG H 138 -11.14 -28.53 19.90
N ARG H 139 -10.58 -29.11 18.85
CA ARG H 139 -9.93 -28.33 17.79
C ARG H 139 -10.83 -27.96 16.60
N HIS H 140 -12.11 -28.33 16.67
CA HIS H 140 -13.01 -28.15 15.53
C HIS H 140 -14.30 -27.39 15.89
N SER H 141 -14.12 -26.20 16.45
CA SER H 141 -15.23 -25.33 16.87
C SER H 141 -16.31 -25.14 15.79
N TYR H 142 -17.56 -25.23 16.20
CA TYR H 142 -18.70 -24.96 15.31
C TYR H 142 -18.91 -23.47 15.09
N LEU H 143 -18.41 -22.66 16.02
CA LEU H 143 -18.64 -21.22 16.03
C LEU H 143 -17.59 -20.44 15.24
N SER H 144 -16.36 -20.95 15.24
CA SER H 144 -15.24 -20.29 14.57
C SER H 144 -15.52 -19.81 13.13
N PRO H 145 -16.14 -20.67 12.29
CA PRO H 145 -16.41 -20.27 10.90
C PRO H 145 -17.42 -19.12 10.72
N ILE H 146 -18.32 -18.94 11.68
CA ILE H 146 -19.33 -17.88 11.58
C ILE H 146 -19.02 -16.65 12.45
N ALA H 147 -17.93 -16.72 13.22
CA ALA H 147 -17.50 -15.61 14.07
C ALA H 147 -16.69 -14.60 13.26
N THR H 148 -16.57 -13.38 13.79
CA THR H 148 -15.67 -12.39 13.21
C THR H 148 -14.22 -12.79 13.50
N GLY H 149 -13.94 -13.09 14.77
CA GLY H 149 -12.61 -13.48 15.19
C GLY H 149 -12.62 -14.47 16.34
N VAL H 150 -11.44 -15.04 16.63
CA VAL H 150 -11.29 -16.02 17.70
C VAL H 150 -10.03 -15.72 18.52
N ILE H 151 -10.20 -15.64 19.84
CA ILE H 151 -9.08 -15.47 20.76
C ILE H 151 -9.01 -16.69 21.68
N VAL H 152 -7.86 -17.36 21.64
CA VAL H 152 -7.69 -18.65 22.32
C VAL H 152 -6.38 -18.68 23.11
N GLY H 153 -6.43 -19.22 24.33
CA GLY H 153 -5.24 -19.50 25.12
C GLY H 153 -4.55 -18.33 25.79
N LEU H 154 -5.18 -17.16 25.73
CA LEU H 154 -4.61 -15.95 26.34
C LEU H 154 -5.20 -15.70 27.73
N GLY H 155 -5.78 -16.74 28.31
CA GLY H 155 -6.37 -16.68 29.64
C GLY H 155 -7.57 -15.76 29.73
N ILE H 156 -7.80 -15.25 30.93
CA ILE H 156 -8.90 -14.32 31.21
C ILE H 156 -8.80 -13.03 30.40
N GLN H 157 -7.57 -12.59 30.13
CA GLN H 157 -7.32 -11.37 29.35
C GLN H 157 -7.91 -11.43 27.94
N GLY H 158 -8.12 -12.64 27.42
CA GLY H 158 -8.78 -12.86 26.14
C GLY H 158 -10.09 -12.12 26.02
N TYR H 159 -10.89 -12.16 27.08
CA TYR H 159 -12.13 -11.38 27.19
C TYR H 159 -11.87 -9.87 27.05
N LEU H 160 -10.83 -9.39 27.74
CA LEU H 160 -10.51 -7.97 27.76
C LEU H 160 -9.98 -7.46 26.41
N LEU H 161 -9.18 -8.31 25.75
CA LEU H 161 -8.65 -7.98 24.42
C LEU H 161 -9.74 -7.97 23.37
N ALA H 162 -10.72 -8.87 23.52
CA ALA H 162 -11.90 -8.90 22.65
C ALA H 162 -12.74 -7.63 22.80
N LEU H 163 -12.83 -7.11 24.02
CA LEU H 163 -13.51 -5.85 24.28
C LEU H 163 -12.84 -4.68 23.56
N ARG H 164 -11.51 -4.66 23.59
CA ARG H 164 -10.72 -3.60 22.96
C ARG H 164 -10.90 -3.55 21.45
N TYR H 165 -11.00 -4.73 20.82
CA TYR H 165 -11.26 -4.82 19.39
C TYR H 165 -12.60 -4.16 19.03
N LEU H 166 -13.62 -4.43 19.83
CA LEU H 166 -14.97 -3.89 19.60
C LEU H 166 -15.05 -2.39 19.82
N ALA H 167 -14.22 -1.88 20.72
CA ALA H 167 -14.14 -0.43 20.98
C ALA H 167 -13.52 0.32 19.80
N GLU H 168 -12.65 -0.37 19.05
CA GLU H 168 -12.04 0.17 17.85
C GLU H 168 -12.96 0.04 16.64
N HIS H 169 -13.83 -0.96 16.70
CA HIS H 169 -14.75 -1.26 15.60
C HIS H 169 -16.20 -1.07 16.03
N LEU I 29 -58.33 -37.60 16.41
CA LEU I 29 -57.10 -37.72 15.56
C LEU I 29 -56.15 -36.55 15.82
N ILE I 30 -55.23 -36.74 16.77
CA ILE I 30 -54.32 -35.68 17.19
C ILE I 30 -52.93 -35.87 16.59
N VAL I 31 -52.42 -34.82 15.97
CA VAL I 31 -51.06 -34.79 15.41
C VAL I 31 -50.23 -33.72 16.10
N ASN I 32 -49.06 -34.12 16.60
CA ASN I 32 -48.15 -33.20 17.27
C ASN I 32 -47.08 -32.63 16.35
N VAL I 33 -47.08 -31.31 16.18
CA VAL I 33 -46.03 -30.62 15.44
C VAL I 33 -45.07 -30.00 16.44
N ILE I 34 -43.83 -30.50 16.44
CA ILE I 34 -42.82 -30.11 17.41
C ILE I 34 -41.65 -29.43 16.72
N ASN I 35 -41.45 -28.15 17.04
CA ASN I 35 -40.35 -27.37 16.48
C ASN I 35 -39.25 -27.12 17.51
N GLY I 36 -38.01 -27.33 17.09
CA GLY I 36 -36.84 -27.21 17.96
C GLY I 36 -36.16 -25.86 17.89
N PRO I 37 -34.90 -25.80 18.38
CA PRO I 37 -34.13 -24.55 18.54
C PRO I 37 -34.12 -23.63 17.31
N ASN I 38 -34.30 -22.34 17.58
CA ASN I 38 -34.21 -21.27 16.57
C ASN I 38 -35.39 -21.17 15.58
N LEU I 39 -36.34 -22.09 15.69
CA LEU I 39 -37.51 -22.07 14.82
C LEU I 39 -38.57 -21.05 15.25
N GLY I 40 -38.52 -20.63 16.51
CA GLY I 40 -39.34 -19.51 16.98
C GLY I 40 -38.89 -18.20 16.35
N ARG I 41 -37.71 -18.21 15.73
CA ARG I 41 -37.09 -17.01 15.16
C ARG I 41 -37.45 -16.80 13.69
N LEU I 42 -38.28 -17.67 13.14
CA LEU I 42 -38.70 -17.59 11.73
C LEU I 42 -39.27 -16.23 11.35
N GLY I 43 -38.92 -15.76 10.17
CA GLY I 43 -39.33 -14.45 9.68
C GLY I 43 -38.13 -13.56 9.42
N ARG I 44 -37.42 -13.20 10.48
CA ARG I 44 -36.20 -12.38 10.37
C ARG I 44 -34.96 -13.24 10.24
N ARG I 45 -35.04 -14.50 10.70
CA ARG I 45 -33.92 -15.43 10.70
C ARG I 45 -33.55 -15.90 9.30
N GLU I 46 -32.33 -15.57 8.87
CA GLU I 46 -31.78 -15.95 7.55
C GLU I 46 -32.86 -16.15 6.47
N PRO I 47 -33.51 -15.06 6.02
CA PRO I 47 -34.65 -15.13 5.10
C PRO I 47 -34.39 -15.88 3.80
N ALA I 48 -33.16 -15.77 3.27
CA ALA I 48 -32.77 -16.45 2.03
C ALA I 48 -32.71 -17.97 2.20
N VAL I 49 -32.61 -18.42 3.45
CA VAL I 49 -32.50 -19.84 3.77
C VAL I 49 -33.84 -20.42 4.23
N TYR I 50 -34.54 -19.68 5.11
CA TYR I 50 -35.74 -20.21 5.76
C TYR I 50 -37.06 -19.55 5.35
N GLY I 51 -36.99 -18.47 4.57
CA GLY I 51 -38.20 -17.77 4.11
C GLY I 51 -38.62 -16.65 5.04
N GLY I 52 -39.74 -16.01 4.70
CA GLY I 52 -40.24 -14.86 5.45
C GLY I 52 -41.45 -15.14 6.33
N THR I 53 -41.86 -16.41 6.39
CA THR I 53 -43.02 -16.83 7.19
C THR I 53 -42.63 -17.01 8.65
N THR I 54 -43.32 -16.28 9.54
CA THR I 54 -43.07 -16.37 10.99
C THR I 54 -43.61 -17.69 11.57
N HIS I 55 -43.21 -18.01 12.79
CA HIS I 55 -43.68 -19.23 13.46
C HIS I 55 -45.17 -19.19 13.76
N ASP I 56 -45.69 -18.02 14.12
CA ASP I 56 -47.12 -17.84 14.36
C ASP I 56 -47.94 -18.02 13.09
N GLU I 57 -47.42 -17.53 11.97
CA GLU I 57 -48.04 -17.73 10.66
C GLU I 57 -48.06 -19.21 10.31
N LEU I 58 -46.96 -19.89 10.61
CA LEU I 58 -46.84 -21.33 10.41
C LEU I 58 -47.85 -22.11 11.26
N VAL I 59 -48.00 -21.70 12.52
CA VAL I 59 -48.98 -22.30 13.42
C VAL I 59 -50.40 -22.21 12.83
N ALA I 60 -50.75 -21.02 12.34
CA ALA I 60 -52.06 -20.79 11.73
C ALA I 60 -52.29 -21.60 10.47
N LEU I 61 -51.27 -21.73 9.63
CA LEU I 61 -51.34 -22.51 8.40
C LEU I 61 -51.53 -24.01 8.66
N ILE I 62 -50.87 -24.51 9.71
CA ILE I 62 -50.97 -25.92 10.09
C ILE I 62 -52.36 -26.27 10.60
N GLU I 63 -52.87 -25.43 11.52
CA GLU I 63 -54.21 -25.61 12.09
C GLU I 63 -55.31 -25.52 11.04
N ARG I 64 -55.12 -24.65 10.05
CA ARG I 64 -56.06 -24.49 8.93
C ARG I 64 -56.09 -25.75 8.08
N GLU I 65 -54.91 -26.30 7.78
CA GLU I 65 -54.77 -27.48 6.97
C GLU I 65 -55.29 -28.74 7.68
N ALA I 66 -55.01 -28.83 8.97
CA ALA I 66 -55.46 -29.96 9.78
C ALA I 66 -56.99 -30.02 9.88
N ALA I 67 -57.62 -28.87 10.04
CA ALA I 67 -59.07 -28.77 10.13
C ALA I 67 -59.75 -29.20 8.83
N GLU I 68 -59.15 -28.83 7.70
CA GLU I 68 -59.63 -29.24 6.38
C GLU I 68 -59.41 -30.74 6.12
N LEU I 69 -58.45 -31.31 6.85
CA LEU I 69 -58.14 -32.74 6.74
C LEU I 69 -58.86 -33.59 7.79
N GLY I 70 -59.60 -32.92 8.69
CA GLY I 70 -60.33 -33.59 9.76
C GLY I 70 -59.44 -34.01 10.92
N LEU I 71 -58.27 -33.39 11.02
CA LEU I 71 -57.32 -33.66 12.10
C LEU I 71 -57.26 -32.50 13.07
N LYS I 72 -56.75 -32.77 14.28
CA LYS I 72 -56.44 -31.72 15.25
C LYS I 72 -54.93 -31.64 15.41
N ALA I 73 -54.39 -30.45 15.15
CA ALA I 73 -52.95 -30.23 15.23
C ALA I 73 -52.57 -29.43 16.47
N VAL I 74 -51.51 -29.89 17.15
CA VAL I 74 -50.95 -29.19 18.30
C VAL I 74 -49.50 -28.84 17.96
N VAL I 75 -49.25 -27.54 17.77
CA VAL I 75 -47.94 -27.04 17.36
C VAL I 75 -47.23 -26.37 18.54
N ARG I 76 -46.05 -26.89 18.87
CA ARG I 76 -45.25 -26.35 19.97
C ARG I 76 -43.79 -26.18 19.56
N GLN I 77 -43.18 -25.10 20.06
CA GLN I 77 -41.78 -24.80 19.78
C GLN I 77 -41.03 -24.54 21.08
N SER I 78 -39.78 -25.03 21.15
CA SER I 78 -38.88 -24.75 22.26
C SER I 78 -37.42 -24.84 21.83
N ASP I 79 -36.60 -23.99 22.42
CA ASP I 79 -35.14 -24.03 22.24
C ASP I 79 -34.50 -25.04 23.19
N SER I 80 -35.28 -25.58 24.12
CA SER I 80 -34.79 -26.54 25.11
C SER I 80 -34.92 -27.98 24.62
N GLU I 81 -33.80 -28.70 24.63
CA GLU I 81 -33.77 -30.12 24.28
C GLU I 81 -34.64 -30.96 25.22
N ALA I 82 -34.52 -30.69 26.52
CA ALA I 82 -35.30 -31.38 27.55
C ALA I 82 -36.80 -31.22 27.34
N GLN I 83 -37.20 -30.03 26.86
CA GLN I 83 -38.59 -29.74 26.57
C GLN I 83 -39.11 -30.56 25.38
N LEU I 84 -38.30 -30.65 24.32
CA LEU I 84 -38.66 -31.45 23.15
C LEU I 84 -38.80 -32.93 23.53
N LEU I 85 -37.90 -33.40 24.39
CA LEU I 85 -37.96 -34.77 24.92
C LEU I 85 -39.27 -35.01 25.68
N ASP I 86 -39.70 -34.01 26.44
CA ASP I 86 -40.94 -34.08 27.21
C ASP I 86 -42.15 -34.26 26.30
N TRP I 87 -42.20 -33.46 25.22
CA TRP I 87 -43.32 -33.49 24.28
C TRP I 87 -43.42 -34.81 23.50
N ILE I 88 -42.27 -35.39 23.12
CA ILE I 88 -42.30 -36.66 22.41
CA ILE I 88 -42.21 -36.68 22.42
C ILE I 88 -42.62 -37.84 23.34
N HIS I 89 -42.23 -37.72 24.62
CA HIS I 89 -42.63 -38.71 25.63
C HIS I 89 -44.15 -38.76 25.76
N GLN I 90 -44.77 -37.58 25.74
CA GLN I 90 -46.22 -37.45 25.81
C GLN I 90 -46.89 -38.09 24.60
N ALA I 91 -46.38 -37.78 23.41
CA ALA I 91 -46.87 -38.36 22.17
C ALA I 91 -46.71 -39.88 22.11
N ALA I 92 -45.65 -40.38 22.74
CA ALA I 92 -45.42 -41.82 22.86
C ALA I 92 -46.49 -42.51 23.72
N ASP I 93 -46.77 -41.93 24.89
CA ASP I 93 -47.79 -42.47 25.80
C ASP I 93 -49.20 -42.37 25.20
N ALA I 94 -49.45 -41.29 24.46
CA ALA I 94 -50.75 -41.07 23.84
C ALA I 94 -50.87 -41.73 22.47
N ALA I 95 -49.79 -42.40 22.04
CA ALA I 95 -49.70 -43.06 20.73
C ALA I 95 -50.13 -42.14 19.58
N GLU I 96 -49.63 -40.92 19.60
CA GLU I 96 -49.98 -39.91 18.60
C GLU I 96 -48.82 -39.68 17.63
N PRO I 97 -49.14 -39.48 16.33
CA PRO I 97 -48.11 -39.17 15.33
C PRO I 97 -47.39 -37.86 15.61
N VAL I 98 -46.13 -37.79 15.17
CA VAL I 98 -45.29 -36.62 15.40
C VAL I 98 -44.70 -36.09 14.09
N ILE I 99 -44.84 -34.78 13.88
CA ILE I 99 -44.08 -34.07 12.86
C ILE I 99 -43.00 -33.25 13.57
N LEU I 100 -41.75 -33.60 13.33
CA LEU I 100 -40.63 -33.04 14.08
C LEU I 100 -39.62 -32.29 13.22
N ASN I 101 -39.43 -31.01 13.54
CA ASN I 101 -38.31 -30.24 13.04
C ASN I 101 -37.45 -29.83 14.23
N ALA I 102 -36.35 -30.56 14.43
CA ALA I 102 -35.51 -30.40 15.61
C ALA I 102 -34.47 -29.30 15.49
N GLY I 103 -34.44 -28.62 14.35
CA GLY I 103 -33.45 -27.57 14.10
C GLY I 103 -32.04 -28.13 14.14
N GLY I 104 -31.16 -27.44 14.86
CA GLY I 104 -29.77 -27.85 14.98
C GLY I 104 -29.56 -29.17 15.71
N LEU I 105 -30.54 -29.56 16.54
CA LEU I 105 -30.49 -30.79 17.32
C LEU I 105 -30.63 -32.04 16.45
N THR I 106 -31.19 -31.85 15.26
CA THR I 106 -31.30 -32.89 14.23
C THR I 106 -29.97 -33.59 14.00
N HIS I 107 -28.90 -32.80 13.98
CA HIS I 107 -27.57 -33.28 13.58
C HIS I 107 -26.71 -33.69 14.77
N THR I 108 -27.19 -33.46 15.99
CA THR I 108 -26.35 -33.58 17.18
C THR I 108 -26.92 -34.46 18.31
N SER I 109 -28.24 -34.56 18.41
CA SER I 109 -28.85 -35.16 19.59
C SER I 109 -29.23 -36.64 19.47
N VAL I 110 -28.46 -37.49 20.16
CA VAL I 110 -28.79 -38.91 20.29
C VAL I 110 -29.95 -39.08 21.27
N ALA I 111 -30.01 -38.19 22.26
CA ALA I 111 -31.08 -38.22 23.27
C ALA I 111 -32.46 -38.02 22.65
N LEU I 112 -32.55 -37.14 21.66
CA LEU I 112 -33.80 -36.88 20.95
C LEU I 112 -34.21 -38.08 20.11
N ARG I 113 -33.22 -38.69 19.46
CA ARG I 113 -33.40 -39.92 18.68
C ARG I 113 -33.93 -41.05 19.56
N ASP I 114 -33.35 -41.21 20.74
CA ASP I 114 -33.76 -42.24 21.71
C ASP I 114 -35.21 -42.06 22.16
N ALA I 115 -35.61 -40.81 22.36
CA ALA I 115 -36.99 -40.47 22.75
C ALA I 115 -37.97 -40.79 21.61
N CYS I 116 -37.58 -40.48 20.38
CA CYS I 116 -38.39 -40.77 19.19
C CYS I 116 -38.53 -42.26 18.91
N ALA I 117 -37.58 -43.05 19.41
CA ALA I 117 -37.59 -44.50 19.21
C ALA I 117 -38.75 -45.19 19.95
N GLU I 118 -39.32 -44.48 20.93
CA GLU I 118 -40.47 -44.98 21.68
C GLU I 118 -41.79 -44.87 20.92
N LEU I 119 -41.84 -43.96 19.96
CA LEU I 119 -43.07 -43.66 19.20
C LEU I 119 -43.56 -44.85 18.38
N SER I 120 -44.79 -45.28 18.64
CA SER I 120 -45.41 -46.36 17.89
C SER I 120 -46.14 -45.85 16.65
N ALA I 121 -46.63 -44.61 16.73
CA ALA I 121 -47.27 -43.94 15.59
C ALA I 121 -46.20 -43.32 14.69
N PRO I 122 -46.54 -43.08 13.40
CA PRO I 122 -45.58 -42.52 12.45
C PRO I 122 -44.87 -41.25 12.92
N LEU I 123 -43.59 -41.15 12.60
CA LEU I 123 -42.80 -39.95 12.84
C LEU I 123 -42.33 -39.41 11.51
N ILE I 124 -42.68 -38.15 11.22
CA ILE I 124 -42.19 -37.50 10.01
C ILE I 124 -41.23 -36.37 10.35
N GLU I 125 -40.02 -36.48 9.83
CA GLU I 125 -39.00 -35.44 9.96
C GLU I 125 -39.21 -34.39 8.87
N VAL I 126 -39.27 -33.13 9.27
CA VAL I 126 -39.50 -32.04 8.33
C VAL I 126 -38.43 -30.96 8.50
N HIS I 127 -37.89 -30.50 7.37
CA HIS I 127 -36.98 -29.35 7.36
C HIS I 127 -37.41 -28.33 6.32
N ILE I 128 -37.40 -27.06 6.71
CA ILE I 128 -37.79 -25.96 5.84
C ILE I 128 -36.80 -25.79 4.68
N SER I 129 -35.52 -25.62 5.02
CA SER I 129 -34.47 -25.47 4.02
C SER I 129 -34.06 -26.82 3.45
N ASN I 130 -33.45 -26.81 2.27
CA ASN I 130 -32.83 -28.03 1.74
C ASN I 130 -31.51 -28.27 2.45
N VAL I 131 -31.56 -29.18 3.41
CA VAL I 131 -30.45 -29.43 4.32
C VAL I 131 -29.24 -30.10 3.63
N HIS I 132 -29.47 -30.64 2.43
CA HIS I 132 -28.41 -31.28 1.65
C HIS I 132 -27.69 -30.32 0.71
N ALA I 133 -28.23 -29.12 0.54
CA ALA I 133 -27.62 -28.08 -0.29
C ALA I 133 -26.72 -27.14 0.52
N ARG I 134 -26.55 -27.44 1.80
CA ARG I 134 -25.86 -26.54 2.72
C ARG I 134 -24.54 -27.15 3.21
N GLU I 135 -24.17 -26.89 4.47
CA GLU I 135 -22.95 -27.46 5.04
C GLU I 135 -23.03 -28.98 5.14
N GLU I 136 -21.88 -29.63 4.99
CA GLU I 136 -21.77 -31.09 4.99
C GLU I 136 -22.30 -31.73 6.29
N PHE I 137 -22.08 -31.06 7.42
CA PHE I 137 -22.50 -31.59 8.72
C PHE I 137 -24.02 -31.64 8.91
N ARG I 138 -24.77 -31.01 8.00
CA ARG I 138 -26.22 -31.00 8.05
C ARG I 138 -26.86 -32.16 7.29
N ARG I 139 -26.02 -33.00 6.68
CA ARG I 139 -26.49 -34.08 5.82
C ARG I 139 -26.57 -35.45 6.51
N HIS I 140 -26.34 -35.49 7.82
CA HIS I 140 -26.22 -36.77 8.54
C HIS I 140 -27.15 -36.90 9.75
N SER I 141 -28.42 -36.49 9.56
CA SER I 141 -29.44 -36.50 10.61
C SER I 141 -29.52 -37.78 11.45
N TYR I 142 -29.53 -37.62 12.77
CA TYR I 142 -29.73 -38.73 13.71
C TYR I 142 -31.17 -39.24 13.71
N LEU I 143 -32.09 -38.43 13.17
CA LEU I 143 -33.52 -38.73 13.24
C LEU I 143 -34.04 -39.48 12.01
N SER I 144 -33.44 -39.21 10.87
CA SER I 144 -33.84 -39.83 9.60
C SER I 144 -33.93 -41.36 9.62
N PRO I 145 -32.91 -42.05 10.17
CA PRO I 145 -32.93 -43.52 10.17
C PRO I 145 -34.06 -44.17 10.98
N ILE I 146 -34.60 -43.44 11.96
CA ILE I 146 -35.66 -43.99 12.82
C ILE I 146 -37.05 -43.44 12.50
N ALA I 147 -37.10 -42.38 11.69
CA ALA I 147 -38.36 -41.79 11.25
C ALA I 147 -39.03 -42.63 10.16
N THR I 148 -40.33 -42.43 9.97
CA THR I 148 -41.07 -43.09 8.89
C THR I 148 -40.66 -42.47 7.55
N GLY I 149 -40.64 -41.14 7.50
CA GLY I 149 -40.28 -40.42 6.30
C GLY I 149 -39.65 -39.07 6.60
N VAL I 150 -39.12 -38.43 5.55
CA VAL I 150 -38.44 -37.16 5.68
C VAL I 150 -38.85 -36.22 4.55
N ILE I 151 -39.22 -34.99 4.90
CA ILE I 151 -39.50 -33.95 3.91
C ILE I 151 -38.51 -32.81 4.13
N VAL I 152 -37.82 -32.43 3.06
CA VAL I 152 -36.75 -31.45 3.14
C VAL I 152 -36.84 -30.45 1.98
N GLY I 153 -36.64 -29.17 2.28
CA GLY I 153 -36.46 -28.14 1.25
C GLY I 153 -37.70 -27.59 0.59
N LEU I 154 -38.88 -27.93 1.12
CA LEU I 154 -40.13 -27.50 0.52
C LEU I 154 -40.78 -26.36 1.30
N GLY I 155 -39.98 -25.73 2.16
CA GLY I 155 -40.43 -24.60 2.96
C GLY I 155 -41.49 -24.98 3.98
N ILE I 156 -42.32 -24.01 4.33
CA ILE I 156 -43.41 -24.17 5.28
C ILE I 156 -44.39 -25.28 4.87
N GLN I 157 -44.62 -25.44 3.56
CA GLN I 157 -45.56 -26.42 3.05
C GLN I 157 -45.17 -27.88 3.37
N GLY I 158 -43.90 -28.09 3.68
CA GLY I 158 -43.41 -29.40 4.13
C GLY I 158 -44.20 -29.95 5.30
N TYR I 159 -44.53 -29.07 6.25
CA TYR I 159 -45.38 -29.40 7.39
C TYR I 159 -46.78 -29.85 6.96
N LEU I 160 -47.34 -29.13 5.99
CA LEU I 160 -48.70 -29.40 5.51
C LEU I 160 -48.77 -30.71 4.74
N LEU I 161 -47.70 -31.02 4.00
CA LEU I 161 -47.61 -32.27 3.24
C LEU I 161 -47.43 -33.46 4.18
N ALA I 162 -46.70 -33.25 5.27
CA ALA I 162 -46.56 -34.25 6.33
C ALA I 162 -47.89 -34.55 6.99
N LEU I 163 -48.71 -33.51 7.21
CA LEU I 163 -50.06 -33.67 7.74
C LEU I 163 -50.95 -34.52 6.83
N ARG I 164 -50.87 -34.25 5.54
CA ARG I 164 -51.69 -34.96 4.54
C ARG I 164 -51.35 -36.45 4.47
N TYR I 165 -50.07 -36.78 4.61
CA TYR I 165 -49.65 -38.17 4.68
C TYR I 165 -50.27 -38.88 5.89
N LEU I 166 -50.28 -38.18 7.02
CA LEU I 166 -50.82 -38.71 8.28
C LEU I 166 -52.34 -38.85 8.25
N ALA I 167 -53.00 -38.02 7.45
CA ALA I 167 -54.44 -38.10 7.25
C ALA I 167 -54.84 -39.37 6.48
N GLU I 168 -53.94 -39.81 5.60
CA GLU I 168 -54.14 -41.05 4.84
C GLU I 168 -53.62 -42.29 5.59
N HIS I 169 -52.82 -42.06 6.63
CA HIS I 169 -52.20 -43.15 7.40
C HIS I 169 -52.53 -43.05 8.88
N LEU J 29 -19.76 -42.53 52.74
CA LEU J 29 -21.19 -42.88 52.97
C LEU J 29 -22.08 -42.62 51.75
N ILE J 30 -22.04 -41.40 51.24
CA ILE J 30 -22.95 -40.96 50.19
C ILE J 30 -22.45 -41.28 48.78
N VAL J 31 -23.32 -41.92 47.99
CA VAL J 31 -23.06 -42.23 46.59
C VAL J 31 -24.15 -41.60 45.73
N ASN J 32 -23.75 -40.82 44.73
CA ASN J 32 -24.69 -40.18 43.82
C ASN J 32 -24.93 -41.00 42.56
N VAL J 33 -26.17 -41.48 42.40
CA VAL J 33 -26.58 -42.17 41.19
C VAL J 33 -27.35 -41.20 40.32
N ILE J 34 -26.78 -40.87 39.16
CA ILE J 34 -27.37 -39.87 38.27
C ILE J 34 -27.74 -40.47 36.92
N ASN J 35 -29.02 -40.37 36.57
CA ASN J 35 -29.53 -40.86 35.31
C ASN J 35 -29.90 -39.72 34.35
N GLY J 36 -29.44 -39.81 33.11
CA GLY J 36 -29.68 -38.80 32.10
C GLY J 36 -30.96 -39.01 31.31
N PRO J 37 -31.07 -38.36 30.14
CA PRO J 37 -32.27 -38.32 29.30
C PRO J 37 -32.88 -39.68 28.97
N ASN J 38 -34.21 -39.74 28.98
CA ASN J 38 -34.99 -40.92 28.61
C ASN J 38 -34.95 -42.09 29.61
N LEU J 39 -34.17 -41.94 30.69
CA LEU J 39 -34.08 -42.99 31.70
C LEU J 39 -35.22 -42.98 32.71
N GLY J 40 -35.96 -41.87 32.77
CA GLY J 40 -37.19 -41.81 33.55
C GLY J 40 -38.29 -42.62 32.89
N ARG J 41 -38.04 -43.03 31.64
CA ARG J 41 -39.00 -43.76 30.82
C ARG J 41 -38.87 -45.28 30.93
N LEU J 42 -37.90 -45.74 31.74
CA LEU J 42 -37.67 -47.18 31.95
C LEU J 42 -38.95 -47.94 32.29
N GLY J 43 -39.08 -49.13 31.72
CA GLY J 43 -40.28 -49.96 31.89
C GLY J 43 -41.05 -50.10 30.59
N ARG J 44 -41.59 -48.99 30.10
CA ARG J 44 -42.32 -48.95 28.84
C ARG J 44 -41.40 -48.68 27.64
N ARG J 45 -40.23 -48.10 27.93
CA ARG J 45 -39.25 -47.74 26.90
C ARG J 45 -38.49 -48.96 26.41
N GLU J 46 -38.62 -49.24 25.11
CA GLU J 46 -37.92 -50.35 24.43
C GLU J 46 -37.53 -51.51 25.36
N PRO J 47 -38.54 -52.29 25.82
CA PRO J 47 -38.33 -53.35 26.81
C PRO J 47 -37.31 -54.43 26.40
N ALA J 48 -37.24 -54.73 25.11
CA ALA J 48 -36.29 -55.72 24.60
C ALA J 48 -34.83 -55.25 24.73
N VAL J 49 -34.66 -53.93 24.79
CA VAL J 49 -33.33 -53.32 24.89
C VAL J 49 -32.98 -52.97 26.34
N TYR J 50 -33.93 -52.38 27.07
CA TYR J 50 -33.66 -51.82 28.39
C TYR J 50 -34.30 -52.55 29.58
N GLY J 51 -35.16 -53.53 29.29
CA GLY J 51 -35.84 -54.28 30.34
C GLY J 51 -37.18 -53.68 30.75
N GLY J 52 -37.88 -54.38 31.65
CA GLY J 52 -39.21 -53.97 32.09
C GLY J 52 -39.27 -53.34 33.47
N THR J 53 -38.10 -53.10 34.07
CA THR J 53 -38.01 -52.45 35.37
C THR J 53 -38.18 -50.95 35.23
N THR J 54 -39.09 -50.37 36.00
CA THR J 54 -39.34 -48.93 36.01
C THR J 54 -38.25 -48.19 36.79
N HIS J 55 -38.17 -46.88 36.59
CA HIS J 55 -37.21 -46.06 37.32
C HIS J 55 -37.49 -46.02 38.83
N ASP J 56 -38.78 -46.01 39.19
CA ASP J 56 -39.21 -46.08 40.59
C ASP J 56 -38.70 -47.35 41.27
N GLU J 57 -38.83 -48.48 40.57
CA GLU J 57 -38.33 -49.76 41.05
C GLU J 57 -36.81 -49.78 41.11
N LEU J 58 -36.18 -49.05 40.18
CA LEU J 58 -34.72 -48.92 40.15
C LEU J 58 -34.21 -48.17 41.39
N VAL J 59 -34.85 -47.06 41.70
CA VAL J 59 -34.53 -46.27 42.90
C VAL J 59 -34.61 -47.13 44.17
N ALA J 60 -35.68 -47.91 44.29
CA ALA J 60 -35.90 -48.79 45.44
C ALA J 60 -34.83 -49.88 45.55
N LEU J 61 -34.47 -50.47 44.41
CA LEU J 61 -33.46 -51.54 44.37
C LEU J 61 -32.07 -51.05 44.74
N ILE J 62 -31.73 -49.85 44.27
CA ILE J 62 -30.45 -49.21 44.57
C ILE J 62 -30.35 -48.88 46.07
N GLU J 63 -31.38 -48.24 46.61
CA GLU J 63 -31.45 -47.86 48.02
C GLU J 63 -31.37 -49.08 48.94
N ARG J 64 -32.02 -50.17 48.55
CA ARG J 64 -31.99 -51.43 49.29
C ARG J 64 -30.58 -52.03 49.29
N GLU J 65 -29.92 -51.97 48.13
CA GLU J 65 -28.56 -52.50 47.97
C GLU J 65 -27.54 -51.66 48.75
N ALA J 66 -27.70 -50.34 48.70
CA ALA J 66 -26.81 -49.42 49.40
C ALA J 66 -26.86 -49.60 50.91
N ALA J 67 -28.08 -49.80 51.44
CA ALA J 67 -28.27 -50.02 52.87
C ALA J 67 -27.63 -51.32 53.34
N GLU J 68 -27.62 -52.33 52.47
CA GLU J 68 -27.00 -53.62 52.78
C GLU J 68 -25.48 -53.59 52.65
N LEU J 69 -24.96 -52.55 51.98
CA LEU J 69 -23.52 -52.34 51.85
C LEU J 69 -22.99 -51.27 52.80
N GLY J 70 -23.89 -50.69 53.59
CA GLY J 70 -23.53 -49.65 54.56
C GLY J 70 -23.34 -48.28 53.94
N LEU J 71 -23.90 -48.09 52.74
CA LEU J 71 -23.82 -46.81 52.03
C LEU J 71 -25.18 -46.11 51.99
N LYS J 72 -25.16 -44.85 51.58
CA LYS J 72 -26.38 -44.11 51.27
C LYS J 72 -26.36 -43.73 49.80
N ALA J 73 -27.45 -44.03 49.12
CA ALA J 73 -27.57 -43.73 47.70
C ALA J 73 -28.62 -42.65 47.45
N VAL J 74 -28.21 -41.63 46.70
CA VAL J 74 -29.13 -40.57 46.27
C VAL J 74 -29.30 -40.68 44.75
N VAL J 75 -30.47 -41.10 44.32
CA VAL J 75 -30.76 -41.34 42.91
C VAL J 75 -31.56 -40.18 42.32
N ARG J 76 -31.00 -39.57 41.28
CA ARG J 76 -31.64 -38.45 40.58
C ARG J 76 -31.74 -38.75 39.09
N GLN J 77 -32.81 -38.25 38.47
CA GLN J 77 -33.00 -38.41 37.01
C GLN J 77 -33.50 -37.10 36.39
N SER J 78 -32.90 -36.73 35.26
CA SER J 78 -33.32 -35.55 34.51
C SER J 78 -33.03 -35.68 33.01
N ASP J 79 -33.90 -35.09 32.20
CA ASP J 79 -33.69 -34.99 30.76
C ASP J 79 -32.89 -33.73 30.42
N SER J 80 -32.78 -32.82 31.40
CA SER J 80 -32.08 -31.56 31.23
C SER J 80 -30.58 -31.69 31.47
N GLU J 81 -29.79 -31.26 30.48
CA GLU J 81 -28.34 -31.25 30.58
C GLU J 81 -27.86 -30.32 31.71
N ALA J 82 -28.43 -29.11 31.76
CA ALA J 82 -28.10 -28.12 32.79
C ALA J 82 -28.36 -28.64 34.20
N GLN J 83 -29.38 -29.49 34.35
CA GLN J 83 -29.70 -30.10 35.63
C GLN J 83 -28.68 -31.15 36.02
N LEU J 84 -28.24 -31.94 35.04
CA LEU J 84 -27.22 -32.97 35.26
C LEU J 84 -25.89 -32.35 35.64
N LEU J 85 -25.52 -31.27 34.96
CA LEU J 85 -24.30 -30.51 35.26
C LEU J 85 -24.31 -29.99 36.70
N ASP J 86 -25.47 -29.46 37.13
CA ASP J 86 -25.64 -28.94 38.48
C ASP J 86 -25.42 -30.01 39.54
N TRP J 87 -26.01 -31.18 39.33
CA TRP J 87 -25.91 -32.29 40.27
C TRP J 87 -24.48 -32.80 40.44
N ILE J 88 -23.74 -32.91 39.33
CA ILE J 88 -22.37 -33.39 39.42
C ILE J 88 -21.40 -32.30 39.92
N HIS J 89 -21.75 -31.02 39.71
CA HIS J 89 -21.03 -29.90 40.33
C HIS J 89 -21.06 -30.03 41.85
N GLN J 90 -22.24 -30.39 42.36
CA GLN J 90 -22.46 -30.58 43.79
C GLN J 90 -21.67 -31.77 44.33
N ALA J 91 -21.57 -32.82 43.52
CA ALA J 91 -20.81 -34.01 43.87
C ALA J 91 -19.31 -33.72 43.89
N ALA J 92 -18.87 -32.81 43.02
CA ALA J 92 -17.49 -32.36 42.98
C ALA J 92 -17.14 -31.54 44.23
N ASP J 93 -18.07 -30.67 44.64
CA ASP J 93 -17.90 -29.85 45.84
C ASP J 93 -17.90 -30.69 47.11
N ALA J 94 -18.71 -31.75 47.12
CA ALA J 94 -18.85 -32.62 48.29
C ALA J 94 -17.87 -33.81 48.28
N ALA J 95 -17.13 -33.96 47.17
CA ALA J 95 -16.19 -35.06 46.98
C ALA J 95 -16.83 -36.44 47.16
N GLU J 96 -18.02 -36.60 46.58
CA GLU J 96 -18.79 -37.84 46.66
C GLU J 96 -18.69 -38.65 45.35
N PRO J 97 -18.59 -39.99 45.46
CA PRO J 97 -18.57 -40.86 44.29
C PRO J 97 -19.83 -40.74 43.44
N VAL J 98 -19.68 -40.94 42.13
CA VAL J 98 -20.79 -40.79 41.19
C VAL J 98 -20.97 -42.03 40.31
N ILE J 99 -22.20 -42.55 40.27
CA ILE J 99 -22.59 -43.56 39.29
C ILE J 99 -23.45 -42.86 38.24
N LEU J 100 -22.92 -42.77 37.02
CA LEU J 100 -23.56 -41.96 35.98
C LEU J 100 -23.95 -42.75 34.73
N ASN J 101 -25.25 -42.77 34.47
CA ASN J 101 -25.79 -43.21 33.19
C ASN J 101 -26.36 -41.99 32.48
N ALA J 102 -25.55 -41.38 31.61
CA ALA J 102 -25.93 -40.13 30.95
C ALA J 102 -26.90 -40.31 29.78
N GLY J 103 -27.24 -41.56 29.48
CA GLY J 103 -28.13 -41.86 28.36
C GLY J 103 -27.51 -41.46 27.05
N GLY J 104 -28.27 -40.72 26.24
CA GLY J 104 -27.82 -40.27 24.92
C GLY J 104 -26.71 -39.25 24.97
N LEU J 105 -26.67 -38.46 26.04
CA LEU J 105 -25.67 -37.41 26.22
C LEU J 105 -24.25 -37.97 26.42
N THR J 106 -24.18 -39.26 26.76
CA THR J 106 -22.90 -39.99 26.87
C THR J 106 -22.07 -39.84 25.60
N HIS J 107 -22.74 -39.90 24.45
CA HIS J 107 -22.08 -39.97 23.15
C HIS J 107 -21.86 -38.59 22.50
N THR J 108 -22.41 -37.55 23.12
CA THR J 108 -22.48 -36.23 22.47
C THR J 108 -21.96 -35.06 23.31
N SER J 109 -22.11 -35.13 24.62
CA SER J 109 -21.88 -33.97 25.49
C SER J 109 -20.45 -33.82 26.00
N VAL J 110 -19.75 -32.80 25.48
CA VAL J 110 -18.44 -32.41 26.00
C VAL J 110 -18.62 -31.63 27.30
N ALA J 111 -19.72 -30.89 27.39
CA ALA J 111 -20.06 -30.12 28.59
C ALA J 111 -20.17 -30.99 29.83
N LEU J 112 -20.84 -32.14 29.69
CA LEU J 112 -20.99 -33.10 30.78
C LEU J 112 -19.65 -33.73 31.16
N ARG J 113 -18.84 -34.05 30.14
CA ARG J 113 -17.48 -34.55 30.35
C ARG J 113 -16.66 -33.55 31.15
N ASP J 114 -16.71 -32.28 30.76
CA ASP J 114 -15.98 -31.21 31.44
C ASP J 114 -16.37 -31.07 32.91
N ALA J 115 -17.66 -31.19 33.20
CA ALA J 115 -18.15 -31.17 34.57
C ALA J 115 -17.60 -32.35 35.35
N CYS J 116 -17.65 -33.54 34.74
CA CYS J 116 -17.17 -34.77 35.38
C CYS J 116 -15.66 -34.81 35.63
N ALA J 117 -14.93 -33.93 34.95
CA ALA J 117 -13.49 -33.80 35.14
C ALA J 117 -13.13 -33.16 36.48
N GLU J 118 -14.11 -32.51 37.12
CA GLU J 118 -13.92 -31.89 38.43
C GLU J 118 -13.97 -32.90 39.58
N LEU J 119 -14.55 -34.07 39.32
CA LEU J 119 -14.73 -35.10 40.35
C LEU J 119 -13.40 -35.65 40.85
N SER J 120 -13.20 -35.58 42.15
CA SER J 120 -12.01 -36.15 42.79
C SER J 120 -12.27 -37.59 43.26
N ALA J 121 -13.51 -37.84 43.64
CA ALA J 121 -13.97 -39.18 44.02
C ALA J 121 -14.27 -40.00 42.76
N PRO J 122 -14.26 -41.34 42.87
CA PRO J 122 -14.46 -42.21 41.70
C PRO J 122 -15.74 -41.94 40.91
N LEU J 123 -15.63 -42.04 39.59
CA LEU J 123 -16.77 -41.92 38.69
C LEU J 123 -16.95 -43.24 37.94
N ILE J 124 -18.10 -43.87 38.13
CA ILE J 124 -18.40 -45.12 37.45
C ILE J 124 -19.48 -44.87 36.39
N GLU J 125 -19.15 -45.19 35.14
CA GLU J 125 -20.10 -45.08 34.05
C GLU J 125 -20.88 -46.39 33.94
N VAL J 126 -22.20 -46.28 33.82
CA VAL J 126 -23.06 -47.46 33.75
C VAL J 126 -24.06 -47.33 32.59
N HIS J 127 -24.19 -48.41 31.82
CA HIS J 127 -25.25 -48.50 30.82
C HIS J 127 -26.01 -49.82 30.94
N ILE J 128 -27.32 -49.75 30.79
CA ILE J 128 -28.20 -50.91 30.92
C ILE J 128 -28.01 -51.89 29.76
N SER J 129 -28.08 -51.37 28.53
CA SER J 129 -27.92 -52.17 27.33
C SER J 129 -26.44 -52.28 26.95
N ASN J 130 -26.10 -53.33 26.20
CA ASN J 130 -24.75 -53.46 25.66
C ASN J 130 -24.58 -52.47 24.50
N VAL J 131 -23.99 -51.32 24.84
CA VAL J 131 -23.87 -50.18 23.94
C VAL J 131 -22.96 -50.50 22.73
N HIS J 132 -22.15 -51.55 22.86
CA HIS J 132 -21.24 -51.97 21.79
C HIS J 132 -21.91 -52.95 20.83
N ALA J 133 -23.11 -53.41 21.18
CA ALA J 133 -23.86 -54.36 20.36
C ALA J 133 -24.96 -53.67 19.54
N ARG J 134 -24.87 -52.35 19.43
CA ARG J 134 -25.90 -51.54 18.77
C ARG J 134 -25.30 -50.70 17.65
N GLU J 135 -25.80 -49.47 17.46
CA GLU J 135 -25.28 -48.58 16.42
C GLU J 135 -23.84 -48.15 16.70
N GLU J 136 -23.07 -47.95 15.63
CA GLU J 136 -21.65 -47.59 15.72
C GLU J 136 -21.41 -46.35 16.57
N PHE J 137 -22.29 -45.36 16.45
CA PHE J 137 -22.14 -44.08 17.15
C PHE J 137 -22.26 -44.18 18.69
N ARG J 138 -22.67 -45.34 19.18
CA ARG J 138 -22.82 -45.56 20.62
C ARG J 138 -21.56 -46.11 21.28
N ARG J 139 -20.52 -46.36 20.47
CA ARG J 139 -19.30 -47.02 20.93
C ARG J 139 -18.14 -46.07 21.28
N HIS J 140 -18.41 -44.76 21.28
CA HIS J 140 -17.35 -43.76 21.46
C HIS J 140 -17.65 -42.75 22.57
N SER J 141 -17.99 -43.26 23.75
CA SER J 141 -18.36 -42.46 24.91
C SER J 141 -17.36 -41.32 25.22
N TYR J 142 -17.90 -40.12 25.42
CA TYR J 142 -17.11 -38.97 25.88
C TYR J 142 -16.73 -39.09 27.35
N LEU J 143 -17.47 -39.90 28.09
CA LEU J 143 -17.28 -40.04 29.54
C LEU J 143 -16.29 -41.13 29.93
N SER J 144 -16.21 -42.18 29.12
CA SER J 144 -15.36 -43.34 29.39
C SER J 144 -13.88 -43.05 29.65
N PRO J 145 -13.26 -42.15 28.86
CA PRO J 145 -11.83 -41.86 29.08
C PRO J 145 -11.51 -41.20 30.42
N ILE J 146 -12.50 -40.56 31.05
CA ILE J 146 -12.27 -39.85 32.32
C ILE J 146 -12.93 -40.54 33.52
N ALA J 147 -13.74 -41.56 33.25
CA ALA J 147 -14.34 -42.36 34.31
C ALA J 147 -13.31 -43.32 34.91
N THR J 148 -13.53 -43.73 36.16
CA THR J 148 -12.72 -44.76 36.80
C THR J 148 -12.93 -46.09 36.08
N GLY J 149 -14.21 -46.43 35.88
CA GLY J 149 -14.57 -47.66 35.20
C GLY J 149 -15.92 -47.58 34.52
N VAL J 150 -16.21 -48.58 33.70
CA VAL J 150 -17.45 -48.66 32.93
C VAL J 150 -18.10 -50.05 33.08
N ILE J 151 -19.40 -50.07 33.32
CA ILE J 151 -20.19 -51.31 33.29
C ILE J 151 -21.29 -51.16 32.24
N VAL J 152 -21.31 -52.07 31.28
CA VAL J 152 -22.25 -52.03 30.16
CA VAL J 152 -22.31 -52.03 30.21
C VAL J 152 -22.97 -53.38 29.98
N GLY J 153 -24.24 -53.35 29.60
CA GLY J 153 -24.99 -54.56 29.21
C GLY J 153 -25.38 -55.55 30.29
N LEU J 154 -25.18 -55.19 31.55
CA LEU J 154 -25.55 -56.06 32.66
C LEU J 154 -26.92 -55.69 33.24
N GLY J 155 -27.70 -54.98 32.43
CA GLY J 155 -29.05 -54.58 32.80
C GLY J 155 -29.08 -53.65 34.00
N ILE J 156 -30.13 -53.78 34.78
CA ILE J 156 -30.36 -52.94 35.95
C ILE J 156 -29.34 -53.21 37.06
N GLN J 157 -28.80 -54.43 37.08
CA GLN J 157 -27.84 -54.87 38.09
C GLN J 157 -26.50 -54.14 37.99
N GLY J 158 -26.23 -53.54 36.83
CA GLY J 158 -25.02 -52.74 36.62
C GLY J 158 -24.85 -51.64 37.66
N TYR J 159 -25.96 -50.99 38.02
CA TYR J 159 -25.99 -49.99 39.07
C TYR J 159 -25.57 -50.56 40.43
N LEU J 160 -26.05 -51.78 40.72
CA LEU J 160 -25.80 -52.44 42.00
C LEU J 160 -24.37 -52.92 42.13
N LEU J 161 -23.79 -53.36 41.01
CA LEU J 161 -22.40 -53.81 40.97
C LEU J 161 -21.44 -52.63 41.11
N ALA J 162 -21.83 -51.49 40.54
CA ALA J 162 -21.08 -50.24 40.69
C ALA J 162 -21.07 -49.78 42.16
N LEU J 163 -22.21 -49.94 42.84
CA LEU J 163 -22.31 -49.64 44.27
C LEU J 163 -21.37 -50.51 45.09
N ARG J 164 -21.32 -51.80 44.73
CA ARG J 164 -20.48 -52.76 45.45
C ARG J 164 -19.00 -52.47 45.30
N TYR J 165 -18.59 -52.03 44.11
CA TYR J 165 -17.21 -51.62 43.88
C TYR J 165 -16.82 -50.48 44.82
N LEU J 166 -17.69 -49.48 44.90
CA LEU J 166 -17.45 -48.29 45.72
C LEU J 166 -17.44 -48.61 47.21
N ALA J 167 -18.18 -49.64 47.61
CA ALA J 167 -18.23 -50.08 49.01
C ALA J 167 -16.99 -50.89 49.40
N GLU J 168 -16.51 -51.73 48.48
CA GLU J 168 -15.37 -52.60 48.73
C GLU J 168 -14.02 -51.92 48.52
N HIS J 169 -13.98 -50.90 47.68
CA HIS J 169 -12.73 -50.23 47.32
C HIS J 169 -12.39 -49.14 48.34
N LEU K 29 27.33 -59.38 29.68
CA LEU K 29 26.00 -58.81 29.33
C LEU K 29 25.29 -59.65 28.27
N ILE K 30 24.06 -60.06 28.58
CA ILE K 30 23.29 -60.91 27.69
C ILE K 30 22.31 -60.12 26.85
N VAL K 31 22.33 -60.37 25.54
CA VAL K 31 21.41 -59.73 24.61
C VAL K 31 20.54 -60.80 23.95
N ASN K 32 19.23 -60.60 23.99
CA ASN K 32 18.29 -61.54 23.38
C ASN K 32 17.86 -61.09 21.99
N VAL K 33 18.19 -61.90 20.99
CA VAL K 33 17.68 -61.69 19.64
C VAL K 33 16.52 -62.64 19.42
N ILE K 34 15.33 -62.08 19.21
CA ILE K 34 14.11 -62.87 19.06
C ILE K 34 13.51 -62.66 17.66
N ASN K 35 13.43 -63.74 16.90
CA ASN K 35 12.85 -63.71 15.55
C ASN K 35 11.47 -64.36 15.50
N GLY K 36 10.52 -63.66 14.86
CA GLY K 36 9.14 -64.09 14.80
C GLY K 36 8.81 -64.99 13.62
N PRO K 37 7.51 -65.11 13.30
CA PRO K 37 6.98 -65.99 12.24
C PRO K 37 7.66 -65.80 10.89
N ASN K 38 7.89 -66.92 10.22
CA ASN K 38 8.45 -66.96 8.86
C ASN K 38 9.95 -66.64 8.74
N LEU K 39 10.56 -66.21 9.85
CA LEU K 39 11.97 -65.84 9.84
C LEU K 39 12.90 -67.04 9.95
N GLY K 40 12.34 -68.19 10.28
CA GLY K 40 13.08 -69.46 10.21
C GLY K 40 13.26 -69.89 8.77
N ARG K 41 12.52 -69.24 7.87
CA ARG K 41 12.51 -69.58 6.44
C ARG K 41 13.51 -68.77 5.62
N LEU K 42 14.30 -67.93 6.29
CA LEU K 42 15.31 -67.11 5.61
C LEU K 42 16.22 -67.95 4.73
N GLY K 43 16.54 -67.43 3.55
CA GLY K 43 17.31 -68.16 2.55
C GLY K 43 16.47 -68.45 1.32
N ARG K 44 15.43 -69.27 1.50
CA ARG K 44 14.50 -69.60 0.41
C ARG K 44 13.34 -68.59 0.33
N ARG K 45 13.07 -67.93 1.45
CA ARG K 45 11.93 -67.01 1.58
C ARG K 45 12.15 -65.73 0.80
N GLU K 46 11.30 -65.51 -0.21
CA GLU K 46 11.34 -64.30 -1.05
C GLU K 46 12.73 -63.65 -1.11
N PRO K 47 13.70 -64.30 -1.78
CA PRO K 47 15.12 -63.89 -1.75
C PRO K 47 15.38 -62.45 -2.16
N ALA K 48 14.57 -61.92 -3.08
CA ALA K 48 14.71 -60.53 -3.54
C ALA K 48 14.35 -59.52 -2.44
N VAL K 49 13.53 -59.96 -1.49
CA VAL K 49 13.07 -59.10 -0.40
C VAL K 49 13.96 -59.25 0.84
N TYR K 50 14.20 -60.48 1.26
CA TYR K 50 14.84 -60.76 2.54
C TYR K 50 16.29 -61.24 2.45
N GLY K 51 16.79 -61.45 1.24
CA GLY K 51 18.17 -61.86 1.04
C GLY K 51 18.37 -63.36 0.96
N GLY K 52 19.62 -63.78 0.79
CA GLY K 52 19.97 -65.19 0.63
C GLY K 52 20.55 -65.87 1.86
N THR K 53 20.69 -65.10 2.94
CA THR K 53 21.25 -65.63 4.19
C THR K 53 20.22 -66.47 4.94
N THR K 54 20.61 -67.70 5.31
CA THR K 54 19.74 -68.60 6.08
C THR K 54 19.66 -68.13 7.53
N HIS K 55 18.72 -68.70 8.29
CA HIS K 55 18.59 -68.34 9.70
C HIS K 55 19.73 -68.89 10.55
N ASP K 56 20.22 -70.08 10.20
CA ASP K 56 21.36 -70.69 10.87
C ASP K 56 22.61 -69.83 10.70
N GLU K 57 22.82 -69.33 9.48
CA GLU K 57 23.93 -68.43 9.18
C GLU K 57 23.78 -67.09 9.89
N LEU K 58 22.53 -66.67 10.11
CA LEU K 58 22.24 -65.46 10.88
C LEU K 58 22.68 -65.61 12.34
N VAL K 59 22.35 -66.74 12.95
CA VAL K 59 22.77 -67.04 14.32
C VAL K 59 24.30 -66.95 14.46
N ALA K 60 25.00 -67.58 13.52
CA ALA K 60 26.46 -67.59 13.48
C ALA K 60 27.06 -66.19 13.34
N LEU K 61 26.44 -65.35 12.51
CA LEU K 61 26.89 -63.98 12.30
C LEU K 61 26.70 -63.10 13.53
N ILE K 62 25.54 -63.24 14.18
CA ILE K 62 25.23 -62.49 15.40
C ILE K 62 26.16 -62.89 16.56
N GLU K 63 26.37 -64.20 16.73
CA GLU K 63 27.23 -64.72 17.79
C GLU K 63 28.70 -64.33 17.63
N ARG K 64 29.15 -64.24 16.37
CA ARG K 64 30.51 -63.80 16.06
C ARG K 64 30.67 -62.30 16.35
N GLU K 65 29.65 -61.53 15.99
CA GLU K 65 29.65 -60.08 16.22
C GLU K 65 29.54 -59.75 17.70
N ALA K 66 28.73 -60.53 18.43
CA ALA K 66 28.55 -60.35 19.87
C ALA K 66 29.83 -60.65 20.65
N ALA K 67 30.58 -61.67 20.22
CA ALA K 67 31.85 -62.03 20.84
C ALA K 67 32.90 -60.94 20.60
N GLU K 68 32.81 -60.27 19.45
CA GLU K 68 33.70 -59.17 19.10
C GLU K 68 33.41 -57.94 19.96
N LEU K 69 32.14 -57.77 20.34
CA LEU K 69 31.71 -56.63 21.16
C LEU K 69 31.80 -56.91 22.66
N GLY K 70 32.08 -58.17 23.02
CA GLY K 70 32.14 -58.59 24.42
C GLY K 70 30.75 -58.81 25.02
N LEU K 71 29.79 -59.15 24.17
CA LEU K 71 28.43 -59.43 24.60
C LEU K 71 28.12 -60.92 24.45
N LYS K 72 26.98 -61.34 25.03
CA LYS K 72 26.52 -62.71 24.90
C LYS K 72 25.14 -62.71 24.24
N ALA K 73 25.07 -63.19 23.01
CA ALA K 73 23.82 -63.17 22.25
C ALA K 73 23.15 -64.54 22.23
N VAL K 74 21.87 -64.56 22.58
CA VAL K 74 21.04 -65.75 22.49
C VAL K 74 19.99 -65.49 21.40
N VAL K 75 20.14 -66.17 20.28
CA VAL K 75 19.24 -66.00 19.14
C VAL K 75 18.20 -67.12 19.10
N ARG K 76 16.93 -66.74 19.06
CA ARG K 76 15.83 -67.69 19.06
C ARG K 76 14.75 -67.30 18.05
N GLN K 77 14.14 -68.30 17.43
CA GLN K 77 13.09 -68.10 16.42
C GLN K 77 11.88 -68.98 16.70
N SER K 78 10.69 -68.41 16.51
CA SER K 78 9.43 -69.15 16.67
C SER K 78 8.31 -68.56 15.83
N ASP K 79 7.51 -69.44 15.24
CA ASP K 79 6.28 -69.06 14.54
C ASP K 79 5.11 -68.91 15.53
N SER K 80 5.34 -69.34 16.77
CA SER K 80 4.31 -69.32 17.81
C SER K 80 4.36 -68.03 18.64
N GLU K 81 3.26 -67.28 18.59
CA GLU K 81 3.11 -66.03 19.35
C GLU K 81 3.33 -66.26 20.85
N ALA K 82 2.73 -67.33 21.39
CA ALA K 82 2.87 -67.70 22.80
C ALA K 82 4.32 -67.95 23.22
N GLN K 83 5.09 -68.58 22.34
CA GLN K 83 6.50 -68.85 22.57
C GLN K 83 7.32 -67.56 22.63
N LEU K 84 7.02 -66.64 21.71
CA LEU K 84 7.69 -65.34 21.65
C LEU K 84 7.38 -64.51 22.90
N LEU K 85 6.13 -64.55 23.34
CA LEU K 85 5.72 -63.88 24.57
C LEU K 85 6.49 -64.39 25.78
N ASP K 86 6.65 -65.71 25.87
CA ASP K 86 7.38 -66.35 26.96
C ASP K 86 8.85 -65.90 27.03
N TRP K 87 9.50 -65.86 25.86
CA TRP K 87 10.88 -65.40 25.76
C TRP K 87 11.05 -63.94 26.17
N ILE K 88 10.06 -63.12 25.84
CA ILE K 88 10.05 -61.70 26.23
C ILE K 88 9.78 -61.56 27.73
N HIS K 89 8.92 -62.41 28.28
CA HIS K 89 8.67 -62.45 29.72
C HIS K 89 9.96 -62.75 30.49
N GLN K 90 10.75 -63.69 29.96
CA GLN K 90 12.02 -64.09 30.57
C GLN K 90 13.04 -62.96 30.54
N ALA K 91 13.05 -62.20 29.45
CA ALA K 91 13.95 -61.06 29.31
C ALA K 91 13.55 -59.91 30.22
N ALA K 92 12.24 -59.76 30.44
CA ALA K 92 11.71 -58.75 31.35
C ALA K 92 12.13 -58.98 32.79
N ASP K 93 12.05 -60.24 33.22
CA ASP K 93 12.45 -60.64 34.57
C ASP K 93 13.97 -60.55 34.78
N ALA K 94 14.72 -60.86 33.72
CA ALA K 94 16.18 -60.89 33.80
C ALA K 94 16.82 -59.53 33.51
N ALA K 95 15.98 -58.54 33.15
CA ALA K 95 16.44 -57.19 32.79
C ALA K 95 17.49 -57.21 31.67
N GLU K 96 17.21 -58.00 30.64
CA GLU K 96 18.09 -58.17 29.49
C GLU K 96 17.54 -57.43 28.27
N PRO K 97 18.42 -56.78 27.49
CA PRO K 97 18.05 -56.11 26.25
C PRO K 97 17.46 -57.07 25.21
N VAL K 98 16.54 -56.57 24.38
CA VAL K 98 15.90 -57.38 23.35
C VAL K 98 16.03 -56.75 21.98
N ILE K 99 16.51 -57.54 21.02
CA ILE K 99 16.48 -57.20 19.61
C ILE K 99 15.36 -58.05 19.02
N LEU K 100 14.30 -57.41 18.56
CA LEU K 100 13.11 -58.13 18.13
C LEU K 100 12.73 -57.86 16.68
N ASN K 101 12.76 -58.92 15.88
CA ASN K 101 12.12 -58.91 14.56
C ASN K 101 10.91 -59.82 14.62
N ALA K 102 9.74 -59.22 14.83
CA ALA K 102 8.50 -59.97 15.05
C ALA K 102 7.85 -60.44 13.76
N GLY K 103 8.45 -60.11 12.61
CA GLY K 103 7.89 -60.48 11.32
C GLY K 103 6.52 -59.87 11.11
N GLY K 104 5.57 -60.70 10.69
CA GLY K 104 4.20 -60.27 10.43
C GLY K 104 3.44 -59.78 11.65
N LEU K 105 3.82 -60.30 12.82
CA LEU K 105 3.18 -59.94 14.09
C LEU K 105 3.46 -58.50 14.53
N THR K 106 4.50 -57.90 13.93
CA THR K 106 4.83 -56.50 14.13
C THR K 106 3.63 -55.59 13.86
N HIS K 107 2.87 -55.94 12.82
CA HIS K 107 1.79 -55.09 12.32
C HIS K 107 0.42 -55.42 12.90
N THR K 108 0.35 -56.50 13.67
CA THR K 108 -0.95 -57.04 14.10
C THR K 108 -1.10 -57.26 15.61
N SER K 109 -0.02 -57.64 16.28
CA SER K 109 -0.12 -58.16 17.65
C SER K 109 0.02 -57.13 18.78
N VAL K 110 -1.11 -56.82 19.42
CA VAL K 110 -1.13 -55.99 20.62
C VAL K 110 -0.61 -56.78 21.82
N ALA K 111 -0.83 -58.10 21.81
CA ALA K 111 -0.34 -58.99 22.85
C ALA K 111 1.18 -58.93 22.96
N LEU K 112 1.86 -58.92 21.81
CA LEU K 112 3.30 -58.84 21.75
C LEU K 112 3.82 -57.49 22.24
N ARG K 113 3.12 -56.41 21.87
CA ARG K 113 3.42 -55.07 22.34
C ARG K 113 3.26 -54.98 23.87
N ASP K 114 2.25 -55.65 24.39
CA ASP K 114 1.99 -55.69 25.83
C ASP K 114 3.12 -56.38 26.60
N ALA K 115 3.63 -57.47 26.03
CA ALA K 115 4.76 -58.19 26.64
C ALA K 115 6.02 -57.33 26.65
N CYS K 116 6.26 -56.63 25.54
CA CYS K 116 7.43 -55.78 25.38
C CYS K 116 7.43 -54.54 26.28
N ALA K 117 6.23 -54.12 26.70
CA ALA K 117 6.06 -52.98 27.60
C ALA K 117 6.64 -53.23 28.99
N GLU K 118 6.82 -54.51 29.34
CA GLU K 118 7.40 -54.91 30.61
C GLU K 118 8.92 -54.74 30.67
N LEU K 119 9.56 -54.70 29.50
CA LEU K 119 11.01 -54.64 29.41
C LEU K 119 11.59 -53.34 29.96
N SER K 120 12.44 -53.47 30.97
CA SER K 120 13.12 -52.33 31.58
C SER K 120 14.39 -51.97 30.79
N ALA K 121 15.05 -52.99 30.24
CA ALA K 121 16.21 -52.80 29.39
C ALA K 121 15.77 -52.42 27.97
N PRO K 122 16.65 -51.75 27.20
CA PRO K 122 16.29 -51.27 25.86
C PRO K 122 15.71 -52.34 24.93
N LEU K 123 14.70 -51.97 24.16
CA LEU K 123 14.14 -52.82 23.11
C LEU K 123 14.40 -52.17 21.77
N ILE K 124 15.02 -52.92 20.86
CA ILE K 124 15.32 -52.41 19.54
C ILE K 124 14.67 -53.27 18.45
N GLU K 125 13.81 -52.64 17.67
CA GLU K 125 13.06 -53.30 16.62
C GLU K 125 13.89 -53.35 15.34
N VAL K 126 13.98 -54.54 14.74
CA VAL K 126 14.77 -54.73 13.52
C VAL K 126 13.92 -55.35 12.41
N HIS K 127 14.06 -54.82 11.19
CA HIS K 127 13.48 -55.45 10.01
C HIS K 127 14.50 -55.54 8.88
N ILE K 128 14.55 -56.70 8.25
CA ILE K 128 15.49 -56.94 7.13
C ILE K 128 15.14 -56.09 5.92
N SER K 129 13.88 -56.15 5.48
CA SER K 129 13.40 -55.35 4.36
C SER K 129 13.03 -53.94 4.80
N ASN K 130 13.00 -53.01 3.84
CA ASN K 130 12.47 -51.68 4.09
C ASN K 130 10.95 -51.75 4.10
N VAL K 131 10.42 -51.85 5.32
CA VAL K 131 8.99 -52.07 5.54
C VAL K 131 8.12 -50.88 5.09
N HIS K 132 8.77 -49.73 4.85
CA HIS K 132 8.08 -48.52 4.38
C HIS K 132 8.05 -48.43 2.84
N ALA K 133 8.79 -49.31 2.17
CA ALA K 133 8.82 -49.35 0.71
C ALA K 133 7.93 -50.47 0.15
N ARG K 134 7.07 -51.03 0.99
CA ARG K 134 6.21 -52.15 0.61
C ARG K 134 4.73 -51.77 0.71
N GLU K 135 3.88 -52.72 1.13
CA GLU K 135 2.45 -52.46 1.28
C GLU K 135 2.20 -51.50 2.45
N GLU K 136 1.19 -50.64 2.29
CA GLU K 136 0.86 -49.61 3.27
C GLU K 136 0.65 -50.17 4.68
N PHE K 137 0.04 -51.35 4.78
CA PHE K 137 -0.23 -51.98 6.09
C PHE K 137 1.01 -52.38 6.88
N ARG K 138 2.17 -52.37 6.23
CA ARG K 138 3.43 -52.68 6.91
C ARG K 138 4.09 -51.45 7.55
N ARG K 139 3.45 -50.28 7.40
CA ARG K 139 4.04 -49.01 7.86
C ARG K 139 3.57 -48.55 9.25
N HIS K 140 2.78 -49.37 9.93
CA HIS K 140 2.14 -48.95 11.18
C HIS K 140 2.42 -49.90 12.36
N SER K 141 3.70 -50.17 12.60
CA SER K 141 4.14 -51.10 13.64
C SER K 141 3.56 -50.79 15.03
N TYR K 142 3.06 -51.83 15.69
CA TYR K 142 2.61 -51.73 17.08
C TYR K 142 3.77 -51.64 18.06
N LEU K 143 4.96 -52.05 17.61
CA LEU K 143 6.13 -52.13 18.48
C LEU K 143 6.97 -50.86 18.48
N SER K 144 7.01 -50.17 17.34
CA SER K 144 7.79 -48.93 17.18
C SER K 144 7.56 -47.85 18.26
N PRO K 145 6.29 -47.58 18.63
CA PRO K 145 6.02 -46.52 19.62
C PRO K 145 6.53 -46.80 21.03
N ILE K 146 6.87 -48.05 21.34
CA ILE K 146 7.33 -48.42 22.68
C ILE K 146 8.77 -48.96 22.70
N ALA K 147 9.34 -49.15 21.51
CA ALA K 147 10.74 -49.55 21.36
C ALA K 147 11.65 -48.34 21.58
N THR K 148 12.90 -48.60 21.97
CA THR K 148 13.90 -47.54 22.09
C THR K 148 14.21 -46.97 20.70
N GLY K 149 14.43 -47.87 19.75
CA GLY K 149 14.72 -47.48 18.37
C GLY K 149 14.35 -48.55 17.36
N VAL K 150 14.43 -48.19 16.08
CA VAL K 150 14.05 -49.09 14.99
C VAL K 150 15.11 -49.06 13.88
N ILE K 151 15.49 -50.24 13.39
CA ILE K 151 16.36 -50.36 12.23
C ILE K 151 15.64 -51.15 11.14
N VAL K 152 15.52 -50.54 9.97
CA VAL K 152 14.73 -51.08 8.88
C VAL K 152 15.49 -51.00 7.55
N GLY K 153 15.41 -52.06 6.76
CA GLY K 153 15.90 -52.05 5.38
C GLY K 153 17.41 -52.15 5.19
N LEU K 154 18.13 -52.47 6.27
CA LEU K 154 19.58 -52.56 6.20
C LEU K 154 20.03 -54.02 6.13
N GLY K 155 19.11 -54.89 5.76
CA GLY K 155 19.38 -56.31 5.61
C GLY K 155 19.73 -56.99 6.92
N ILE K 156 20.51 -58.06 6.81
CA ILE K 156 20.89 -58.87 7.96
C ILE K 156 21.84 -58.13 8.92
N GLN K 157 22.50 -57.09 8.40
CA GLN K 157 23.42 -56.26 9.19
C GLN K 157 22.68 -55.43 10.25
N GLY K 158 21.38 -55.21 10.04
CA GLY K 158 20.54 -54.49 11.00
C GLY K 158 20.59 -55.04 12.41
N TYR K 159 20.69 -56.36 12.53
CA TYR K 159 20.86 -57.03 13.82
C TYR K 159 22.21 -56.69 14.45
N LEU K 160 23.26 -56.68 13.64
CA LEU K 160 24.62 -56.42 14.11
C LEU K 160 24.79 -54.98 14.58
N LEU K 161 24.14 -54.05 13.88
CA LEU K 161 24.13 -52.65 14.25
C LEU K 161 23.38 -52.42 15.56
N ALA K 162 22.31 -53.20 15.74
CA ALA K 162 21.52 -53.18 16.98
C ALA K 162 22.33 -53.66 18.18
N LEU K 163 23.15 -54.68 17.97
CA LEU K 163 24.08 -55.18 18.99
C LEU K 163 25.07 -54.10 19.40
N ARG K 164 25.62 -53.40 18.41
CA ARG K 164 26.60 -52.34 18.62
C ARG K 164 26.04 -51.17 19.42
N TYR K 165 24.76 -50.87 19.20
CA TYR K 165 24.07 -49.85 20.00
C TYR K 165 24.03 -50.26 21.48
N LEU K 166 23.62 -51.50 21.72
CA LEU K 166 23.46 -52.03 23.07
C LEU K 166 24.79 -52.18 23.82
N ALA K 167 25.88 -52.40 23.08
CA ALA K 167 27.22 -52.53 23.66
C ALA K 167 27.72 -51.22 24.27
N GLU K 168 27.12 -50.11 23.86
CA GLU K 168 27.46 -48.79 24.38
C GLU K 168 26.32 -48.15 25.18
N HIS K 169 25.25 -48.92 25.39
CA HIS K 169 24.09 -48.47 26.17
C HIS K 169 23.64 -49.56 27.15
N LEU L 29 -23.68 -74.94 39.52
CA LEU L 29 -23.48 -74.15 38.26
C LEU L 29 -22.03 -73.70 38.11
N ILE L 30 -21.42 -74.08 36.99
CA ILE L 30 -20.01 -73.79 36.72
C ILE L 30 -19.84 -72.53 35.87
N VAL L 31 -18.91 -71.67 36.30
CA VAL L 31 -18.55 -70.47 35.55
C VAL L 31 -17.08 -70.55 35.12
N ASN L 32 -16.84 -70.30 33.84
CA ASN L 32 -15.48 -70.30 33.30
C ASN L 32 -14.87 -68.91 33.27
N VAL L 33 -13.78 -68.72 34.00
CA VAL L 33 -13.01 -67.49 33.94
C VAL L 33 -11.76 -67.73 33.09
N ILE L 34 -11.70 -67.08 31.94
CA ILE L 34 -10.61 -67.29 30.99
C ILE L 34 -9.78 -66.01 30.82
N ASN L 35 -8.49 -66.12 31.09
CA ASN L 35 -7.55 -65.02 30.92
C ASN L 35 -6.57 -65.26 29.78
N GLY L 36 -6.39 -64.25 28.95
CA GLY L 36 -5.54 -64.33 27.76
C GLY L 36 -4.10 -63.92 27.99
N PRO L 37 -3.38 -63.55 26.90
CA PRO L 37 -1.95 -63.24 26.92
C PRO L 37 -1.55 -62.16 27.91
N ASN L 38 -0.45 -62.41 28.62
CA ASN L 38 0.17 -61.46 29.56
C ASN L 38 -0.56 -61.28 30.89
N LEU L 39 -1.70 -61.96 31.04
CA LEU L 39 -2.45 -61.91 32.29
C LEU L 39 -1.88 -62.85 33.35
N GLY L 40 -1.06 -63.80 32.91
CA GLY L 40 -0.28 -64.64 33.82
C GLY L 40 0.87 -63.87 34.42
N ARG L 41 1.12 -62.67 33.88
CA ARG L 41 2.21 -61.80 34.34
C ARG L 41 1.76 -60.80 35.40
N LEU L 42 0.47 -60.83 35.74
CA LEU L 42 -0.10 -59.93 36.74
C LEU L 42 0.71 -59.87 38.03
N GLY L 43 0.76 -58.68 38.63
CA GLY L 43 1.57 -58.46 39.83
C GLY L 43 2.82 -57.67 39.49
N ARG L 44 3.66 -58.25 38.62
CA ARG L 44 4.88 -57.59 38.16
C ARG L 44 4.62 -56.74 36.92
N ARG L 45 3.61 -57.13 36.14
CA ARG L 45 3.27 -56.48 34.88
C ARG L 45 2.65 -55.10 35.11
N GLU L 46 3.31 -54.07 34.58
CA GLU L 46 2.85 -52.68 34.66
C GLU L 46 1.93 -52.37 35.84
N PRO L 47 2.50 -52.32 37.06
CA PRO L 47 1.73 -52.21 38.31
C PRO L 47 0.78 -51.01 38.35
N ALA L 48 1.20 -49.88 37.78
CA ALA L 48 0.41 -48.66 37.77
C ALA L 48 -0.83 -48.77 36.88
N VAL L 49 -0.79 -49.69 35.92
CA VAL L 49 -1.89 -49.93 35.00
C VAL L 49 -2.81 -51.06 35.50
N TYR L 50 -2.20 -52.16 35.93
CA TYR L 50 -2.94 -53.40 36.22
C TYR L 50 -3.04 -53.79 37.69
N GLY L 51 -2.32 -53.10 38.56
CA GLY L 51 -2.33 -53.40 40.00
C GLY L 51 -1.27 -54.42 40.38
N GLY L 52 -1.17 -54.68 41.69
CA GLY L 52 -0.13 -55.56 42.23
C GLY L 52 -0.55 -56.98 42.54
N THR L 53 -1.83 -57.30 42.29
CA THR L 53 -2.35 -58.64 42.53
C THR L 53 -1.86 -59.61 41.46
N THR L 54 -1.28 -60.72 41.88
CA THR L 54 -0.80 -61.75 40.96
C THR L 54 -1.97 -62.61 40.46
N HIS L 55 -1.70 -63.43 39.44
CA HIS L 55 -2.73 -64.30 38.89
C HIS L 55 -3.10 -65.45 39.84
N ASP L 56 -2.11 -65.94 40.60
CA ASP L 56 -2.36 -66.96 41.63
C ASP L 56 -3.34 -66.42 42.69
N GLU L 57 -3.11 -65.19 43.11
CA GLU L 57 -3.98 -64.53 44.10
C GLU L 57 -5.35 -64.20 43.51
N LEU L 58 -5.39 -63.93 42.21
CA LEU L 58 -6.64 -63.72 41.49
C LEU L 58 -7.49 -64.99 41.45
N VAL L 59 -6.85 -66.12 41.13
CA VAL L 59 -7.51 -67.43 41.14
C VAL L 59 -8.16 -67.70 42.50
N ALA L 60 -7.41 -67.45 43.56
CA ALA L 60 -7.89 -67.64 44.94
C ALA L 60 -9.06 -66.73 45.29
N LEU L 61 -9.00 -65.48 44.86
CA LEU L 61 -10.06 -64.50 45.14
C LEU L 61 -11.35 -64.84 44.43
N ILE L 62 -11.25 -65.29 43.17
CA ILE L 62 -12.40 -65.71 42.38
C ILE L 62 -13.07 -66.94 43.01
N GLU L 63 -12.26 -67.93 43.38
CA GLU L 63 -12.75 -69.17 44.00
C GLU L 63 -13.40 -68.93 45.37
N ARG L 64 -12.91 -67.94 46.10
CA ARG L 64 -13.51 -67.54 47.38
C ARG L 64 -14.86 -66.85 47.15
N GLU L 65 -14.90 -65.94 46.18
CA GLU L 65 -16.11 -65.19 45.85
C GLU L 65 -17.21 -66.12 45.31
N ALA L 66 -16.81 -67.06 44.45
CA ALA L 66 -17.74 -68.02 43.85
C ALA L 66 -18.37 -68.94 44.88
N ALA L 67 -17.61 -69.27 45.93
CA ALA L 67 -18.09 -70.13 47.01
C ALA L 67 -19.15 -69.45 47.87
N GLU L 68 -19.08 -68.12 47.95
CA GLU L 68 -20.06 -67.33 48.69
C GLU L 68 -21.36 -67.18 47.92
N LEU L 69 -21.26 -67.22 46.58
CA LEU L 69 -22.41 -67.06 45.69
C LEU L 69 -23.07 -68.40 45.34
N GLY L 70 -22.44 -69.50 45.74
CA GLY L 70 -22.94 -70.85 45.45
C GLY L 70 -22.57 -71.35 44.07
N LEU L 71 -21.54 -70.74 43.47
CA LEU L 71 -21.05 -71.13 42.15
C LEU L 71 -19.73 -71.88 42.25
N LYS L 72 -19.34 -72.53 41.15
CA LYS L 72 -18.04 -73.17 41.03
C LYS L 72 -17.27 -72.52 39.89
N ALA L 73 -16.14 -71.89 40.22
CA ALA L 73 -15.37 -71.15 39.23
C ALA L 73 -14.13 -71.93 38.77
N VAL L 74 -14.00 -72.08 37.46
CA VAL L 74 -12.82 -72.67 36.85
C VAL L 74 -12.03 -71.53 36.20
N VAL L 75 -10.88 -71.21 36.78
CA VAL L 75 -10.05 -70.11 36.33
C VAL L 75 -8.84 -70.63 35.59
N ARG L 76 -8.67 -70.18 34.34
CA ARG L 76 -7.56 -70.63 33.49
C ARG L 76 -6.95 -69.48 32.70
N GLN L 77 -5.65 -69.57 32.47
CA GLN L 77 -4.91 -68.55 31.74
C GLN L 77 -3.97 -69.20 30.72
N SER L 78 -3.85 -68.57 29.56
CA SER L 78 -2.91 -69.00 28.52
C SER L 78 -2.52 -67.83 27.62
N ASP L 79 -1.27 -67.87 27.16
CA ASP L 79 -0.78 -66.91 26.17
C ASP L 79 -1.07 -67.38 24.75
N SER L 80 -1.56 -68.62 24.63
CA SER L 80 -1.84 -69.24 23.33
C SER L 80 -3.30 -69.02 22.91
N GLU L 81 -3.47 -68.39 21.75
CA GLU L 81 -4.79 -68.17 21.16
C GLU L 81 -5.53 -69.49 20.93
N ALA L 82 -4.82 -70.51 20.46
CA ALA L 82 -5.39 -71.83 20.20
C ALA L 82 -5.96 -72.47 21.46
N GLN L 83 -5.29 -72.25 22.59
CA GLN L 83 -5.75 -72.77 23.89
C GLN L 83 -7.00 -72.03 24.36
N LEU L 84 -7.03 -70.72 24.15
CA LEU L 84 -8.21 -69.91 24.51
C LEU L 84 -9.42 -70.34 23.68
N LEU L 85 -9.19 -70.62 22.40
CA LEU L 85 -10.23 -71.15 21.51
C LEU L 85 -10.77 -72.50 21.97
N ASP L 86 -9.88 -73.37 22.43
CA ASP L 86 -10.25 -74.70 22.93
C ASP L 86 -11.14 -74.59 24.17
N TRP L 87 -10.74 -73.75 25.12
CA TRP L 87 -11.50 -73.52 26.34
C TRP L 87 -12.89 -72.94 26.07
N ILE L 88 -12.97 -72.04 25.08
CA ILE L 88 -14.24 -71.42 24.71
C ILE L 88 -15.17 -72.41 23.99
N HIS L 89 -14.61 -73.28 23.16
CA HIS L 89 -15.38 -74.36 22.52
C HIS L 89 -16.01 -75.28 23.56
N GLN L 90 -15.27 -75.59 24.61
CA GLN L 90 -15.74 -76.46 25.69
C GLN L 90 -16.92 -75.84 26.44
N ALA L 91 -16.80 -74.54 26.72
CA ALA L 91 -17.88 -73.78 27.36
C ALA L 91 -19.12 -73.66 26.47
N ALA L 92 -18.91 -73.68 25.15
CA ALA L 92 -20.02 -73.67 24.20
C ALA L 92 -20.79 -74.99 24.22
N ASP L 93 -20.05 -76.10 24.24
CA ASP L 93 -20.66 -77.44 24.29
C ASP L 93 -21.36 -77.73 25.62
N ALA L 94 -20.74 -77.30 26.72
CA ALA L 94 -21.29 -77.51 28.05
C ALA L 94 -22.34 -76.47 28.44
N ALA L 95 -22.52 -75.47 27.57
CA ALA L 95 -23.43 -74.35 27.81
C ALA L 95 -23.18 -73.64 29.15
N GLU L 96 -21.90 -73.43 29.46
CA GLU L 96 -21.50 -72.78 30.71
C GLU L 96 -21.16 -71.30 30.48
N PRO L 97 -21.54 -70.43 31.45
CA PRO L 97 -21.23 -69.00 31.38
C PRO L 97 -19.73 -68.73 31.30
N VAL L 98 -19.36 -67.63 30.64
CA VAL L 98 -17.95 -67.27 30.46
C VAL L 98 -17.66 -65.84 30.93
N ILE L 99 -16.59 -65.70 31.72
CA ILE L 99 -16.01 -64.41 32.03
C ILE L 99 -14.65 -64.38 31.33
N LEU L 100 -14.51 -63.45 30.37
CA LEU L 100 -13.32 -63.43 29.51
C LEU L 100 -12.55 -62.10 29.53
N ASN L 101 -11.28 -62.21 29.92
CA ASN L 101 -10.31 -61.14 29.70
C ASN L 101 -9.29 -61.67 28.70
N ALA L 102 -9.44 -61.29 27.45
CA ALA L 102 -8.62 -61.84 26.36
C ALA L 102 -7.30 -61.10 26.17
N GLY L 103 -7.03 -60.13 27.04
CA GLY L 103 -5.80 -59.34 26.97
C GLY L 103 -5.69 -58.62 25.64
N GLY L 104 -4.52 -58.71 25.01
CA GLY L 104 -4.27 -58.08 23.71
C GLY L 104 -5.15 -58.59 22.58
N LEU L 105 -5.55 -59.85 22.66
CA LEU L 105 -6.34 -60.50 21.61
C LEU L 105 -7.75 -59.90 21.49
N THR L 106 -8.17 -59.21 22.54
CA THR L 106 -9.42 -58.45 22.57
C THR L 106 -9.52 -57.51 21.37
N HIS L 107 -8.41 -56.86 21.04
CA HIS L 107 -8.38 -55.79 20.05
C HIS L 107 -8.01 -56.29 18.64
N THR L 108 -7.71 -57.58 18.52
CA THR L 108 -7.12 -58.11 17.28
C THR L 108 -7.79 -59.37 16.72
N SER L 109 -8.26 -60.25 17.59
CA SER L 109 -8.65 -61.60 17.20
C SER L 109 -10.10 -61.76 16.73
N VAL L 110 -10.28 -61.94 15.43
CA VAL L 110 -11.59 -62.29 14.87
C VAL L 110 -11.89 -63.77 15.14
N ALA L 111 -10.83 -64.58 15.21
CA ALA L 111 -10.94 -66.00 15.50
C ALA L 111 -11.56 -66.26 16.88
N LEU L 112 -11.09 -65.52 17.88
CA LEU L 112 -11.62 -65.61 19.24
C LEU L 112 -13.09 -65.17 19.29
N ARG L 113 -13.40 -64.09 18.57
CA ARG L 113 -14.77 -63.59 18.43
C ARG L 113 -15.68 -64.68 17.87
N ASP L 114 -15.23 -65.35 16.82
CA ASP L 114 -16.00 -66.43 16.19
C ASP L 114 -16.22 -67.62 17.12
N ALA L 115 -15.24 -67.90 17.98
CA ALA L 115 -15.38 -68.93 19.00
C ALA L 115 -16.43 -68.53 20.03
N CYS L 116 -16.41 -67.25 20.44
CA CYS L 116 -17.35 -66.71 21.43
C CYS L 116 -18.78 -66.59 20.90
N ALA L 117 -18.94 -66.56 19.58
CA ALA L 117 -20.25 -66.46 18.94
C ALA L 117 -21.06 -67.76 19.06
N GLU L 118 -20.37 -68.84 19.43
CA GLU L 118 -20.98 -70.14 19.65
C GLU L 118 -21.64 -70.27 21.02
N LEU L 119 -21.29 -69.37 21.94
CA LEU L 119 -21.77 -69.44 23.32
C LEU L 119 -23.26 -69.14 23.44
N SER L 120 -23.99 -70.05 24.05
CA SER L 120 -25.42 -69.85 24.33
C SER L 120 -25.61 -69.20 25.71
N ALA L 121 -24.73 -69.54 26.65
CA ALA L 121 -24.75 -68.99 27.99
C ALA L 121 -24.09 -67.60 28.01
N PRO L 122 -24.40 -66.77 29.03
CA PRO L 122 -23.90 -65.39 29.06
C PRO L 122 -22.38 -65.28 28.96
N LEU L 123 -21.92 -64.23 28.27
CA LEU L 123 -20.50 -63.93 28.13
C LEU L 123 -20.23 -62.52 28.66
N ILE L 124 -19.39 -62.43 29.68
CA ILE L 124 -19.01 -61.12 30.22
C ILE L 124 -17.54 -60.84 29.96
N GLU L 125 -17.29 -59.74 29.25
CA GLU L 125 -15.94 -59.26 28.99
C GLU L 125 -15.48 -58.45 30.18
N VAL L 126 -14.27 -58.75 30.67
CA VAL L 126 -13.71 -58.04 31.81
C VAL L 126 -12.33 -57.50 31.46
N HIS L 127 -12.09 -56.23 31.81
CA HIS L 127 -10.76 -55.65 31.73
C HIS L 127 -10.40 -54.94 33.01
N ILE L 128 -9.18 -55.19 33.49
CA ILE L 128 -8.67 -54.65 34.74
C ILE L 128 -8.48 -53.13 34.65
N SER L 129 -7.78 -52.68 33.61
CA SER L 129 -7.55 -51.26 33.38
C SER L 129 -8.73 -50.64 32.64
N ASN L 130 -8.89 -49.33 32.75
CA ASN L 130 -9.86 -48.61 31.93
C ASN L 130 -9.32 -48.50 30.51
N VAL L 131 -9.77 -49.42 29.66
CA VAL L 131 -9.30 -49.54 28.29
C VAL L 131 -9.59 -48.30 27.43
N HIS L 132 -10.53 -47.46 27.89
CA HIS L 132 -10.93 -46.26 27.17
C HIS L 132 -10.15 -45.01 27.58
N ALA L 133 -9.37 -45.12 28.65
CA ALA L 133 -8.51 -44.03 29.12
C ALA L 133 -7.07 -44.20 28.62
N ARG L 134 -6.86 -45.18 27.75
CA ARG L 134 -5.53 -45.51 27.25
C ARG L 134 -5.41 -45.21 25.75
N GLU L 135 -4.57 -45.98 25.05
CA GLU L 135 -4.38 -45.79 23.61
C GLU L 135 -5.67 -46.01 22.83
N GLU L 136 -5.79 -45.32 21.69
CA GLU L 136 -7.00 -45.34 20.87
C GLU L 136 -7.36 -46.75 20.37
N PHE L 137 -6.35 -47.54 20.01
CA PHE L 137 -6.57 -48.89 19.47
C PHE L 137 -7.15 -49.88 20.48
N ARG L 138 -7.20 -49.48 21.75
CA ARG L 138 -7.76 -50.33 22.81
C ARG L 138 -9.27 -50.14 22.97
N ARG L 139 -9.82 -49.14 22.29
CA ARG L 139 -11.21 -48.74 22.45
C ARG L 139 -12.19 -49.43 21.48
N HIS L 140 -11.73 -50.46 20.77
CA HIS L 140 -12.54 -51.08 19.71
C HIS L 140 -12.57 -52.61 19.79
N SER L 141 -12.93 -53.13 20.97
CA SER L 141 -12.99 -54.57 21.23
C SER L 141 -13.80 -55.32 20.17
N TYR L 142 -13.24 -56.43 19.68
CA TYR L 142 -13.93 -57.33 18.77
C TYR L 142 -14.95 -58.19 19.50
N LEU L 143 -14.80 -58.28 20.82
CA LEU L 143 -15.62 -59.16 21.64
C LEU L 143 -16.85 -58.48 22.23
N SER L 144 -16.74 -57.18 22.49
CA SER L 144 -17.83 -56.40 23.09
C SER L 144 -19.19 -56.51 22.35
N PRO L 145 -19.19 -56.44 21.00
CA PRO L 145 -20.46 -56.51 20.28
C PRO L 145 -21.20 -57.85 20.39
N ILE L 146 -20.50 -58.90 20.82
CA ILE L 146 -21.12 -60.22 20.96
C ILE L 146 -21.20 -60.70 22.42
N ALA L 147 -20.61 -59.94 23.33
CA ALA L 147 -20.72 -60.23 24.76
C ALA L 147 -22.08 -59.80 25.29
N THR L 148 -22.50 -60.43 26.39
CA THR L 148 -23.69 -60.01 27.12
C THR L 148 -23.43 -58.63 27.71
N GLY L 149 -22.28 -58.50 28.36
CA GLY L 149 -21.89 -57.25 29.01
C GLY L 149 -20.39 -57.09 29.10
N VAL L 150 -19.95 -55.89 29.46
CA VAL L 150 -18.53 -55.57 29.60
C VAL L 150 -18.29 -54.80 30.90
N ILE L 151 -17.28 -55.23 31.66
CA ILE L 151 -16.84 -54.52 32.86
C ILE L 151 -15.39 -54.07 32.65
N VAL L 152 -15.16 -52.77 32.78
CA VAL L 152 -13.88 -52.16 32.44
C VAL L 152 -13.42 -51.19 33.54
N GLY L 153 -12.16 -51.29 33.94
CA GLY L 153 -11.53 -50.29 34.81
C GLY L 153 -11.76 -50.45 36.31
N LEU L 154 -12.46 -51.50 36.70
CA LEU L 154 -12.75 -51.73 38.12
C LEU L 154 -11.75 -52.69 38.77
N GLY L 155 -10.58 -52.79 38.17
CA GLY L 155 -9.48 -53.61 38.70
C GLY L 155 -9.80 -55.08 38.75
N ILE L 156 -9.24 -55.75 39.75
CA ILE L 156 -9.43 -57.18 39.95
C ILE L 156 -10.88 -57.52 40.33
N GLN L 157 -11.58 -56.54 40.92
CA GLN L 157 -12.95 -56.72 41.40
C GLN L 157 -13.96 -56.89 40.26
N GLY L 158 -13.57 -56.49 39.05
CA GLY L 158 -14.40 -56.67 37.86
C GLY L 158 -14.80 -58.11 37.63
N TYR L 159 -13.87 -59.03 37.88
CA TYR L 159 -14.13 -60.47 37.83
C TYR L 159 -15.19 -60.87 38.85
N LEU L 160 -15.05 -60.37 40.07
CA LEU L 160 -15.93 -60.73 41.18
C LEU L 160 -17.34 -60.19 40.98
N LEU L 161 -17.45 -59.01 40.40
CA LEU L 161 -18.74 -58.40 40.07
C LEU L 161 -19.43 -59.12 38.91
N ALA L 162 -18.64 -59.66 38.00
CA ALA L 162 -19.16 -60.46 36.89
C ALA L 162 -19.74 -61.79 37.40
N LEU L 163 -19.10 -62.36 38.41
CA LEU L 163 -19.59 -63.56 39.09
C LEU L 163 -20.97 -63.32 39.74
N ARG L 164 -21.12 -62.15 40.36
CA ARG L 164 -22.36 -61.79 41.04
CA ARG L 164 -22.36 -61.78 41.04
C ARG L 164 -23.52 -61.64 40.06
N TYR L 165 -23.24 -61.04 38.90
CA TYR L 165 -24.24 -60.92 37.83
C TYR L 165 -24.71 -62.31 37.41
N LEU L 166 -23.75 -63.22 37.22
CA LEU L 166 -24.02 -64.59 36.80
C LEU L 166 -24.75 -65.41 37.87
N ALA L 167 -24.56 -65.04 39.14
CA ALA L 167 -25.27 -65.66 40.25
C ALA L 167 -26.76 -65.31 40.25
N GLU L 168 -27.09 -64.13 39.72
CA GLU L 168 -28.48 -63.72 39.54
C GLU L 168 -29.06 -64.16 38.19
N HIS L 169 -28.18 -64.52 37.26
CA HIS L 169 -28.59 -64.97 35.93
C HIS L 169 -28.07 -66.37 35.61
N LEU M 20 -26.17 47.07 8.33
CA LEU M 20 -25.24 48.03 7.68
C LEU M 20 -24.84 49.14 8.65
N TYR M 21 -25.46 50.31 8.50
CA TYR M 21 -25.15 51.48 9.32
C TYR M 21 -26.32 52.45 9.39
N PHE M 22 -26.41 53.18 10.50
CA PHE M 22 -27.40 54.24 10.64
C PHE M 22 -26.90 55.53 9.98
N GLN M 23 -27.85 56.29 9.42
CA GLN M 23 -27.55 57.53 8.73
C GLN M 23 -28.79 58.42 8.81
N SER M 24 -28.62 59.67 9.24
CA SER M 24 -29.75 60.60 9.24
C SER M 24 -29.99 61.12 7.82
N HIS M 25 -31.21 61.60 7.57
CA HIS M 25 -31.59 62.12 6.24
C HIS M 25 -30.71 63.28 5.80
N MET M 26 -30.18 64.04 6.75
CA MET M 26 -29.34 65.19 6.46
C MET M 26 -27.86 64.85 6.26
N SER M 27 -27.45 63.65 6.67
CA SER M 27 -26.05 63.23 6.62
C SER M 27 -25.49 63.09 5.20
N GLU M 28 -26.34 62.65 4.27
CA GLU M 28 -26.00 62.56 2.85
C GLU M 28 -25.58 63.91 2.27
N LEU M 29 -26.19 64.98 2.77
CA LEU M 29 -26.02 66.32 2.21
C LEU M 29 -24.85 67.10 2.81
N ILE M 30 -24.29 66.58 3.90
CA ILE M 30 -23.12 67.21 4.54
C ILE M 30 -21.84 66.52 4.06
N VAL M 31 -21.04 67.24 3.29
CA VAL M 31 -19.81 66.71 2.70
C VAL M 31 -18.57 67.26 3.41
N ASN M 32 -17.77 66.35 3.97
CA ASN M 32 -16.51 66.72 4.60
C ASN M 32 -15.36 66.70 3.61
N VAL M 33 -14.78 67.87 3.36
CA VAL M 33 -13.61 67.98 2.50
C VAL M 33 -12.38 68.13 3.37
N ILE M 34 -11.55 67.09 3.39
CA ILE M 34 -10.39 67.03 4.27
C ILE M 34 -9.09 67.09 3.46
N ASN M 35 -8.28 68.11 3.75
CA ASN M 35 -6.97 68.27 3.14
C ASN M 35 -5.86 68.00 4.15
N GLY M 36 -4.88 67.19 3.75
CA GLY M 36 -3.78 66.79 4.62
C GLY M 36 -2.58 67.72 4.57
N PRO M 37 -1.40 67.22 4.98
CA PRO M 37 -0.16 67.98 5.10
C PRO M 37 0.23 68.78 3.85
N ASN M 38 0.75 69.99 4.08
CA ASN M 38 1.29 70.87 3.04
C ASN M 38 0.24 71.55 2.14
N LEU M 39 -1.03 71.16 2.28
CA LEU M 39 -2.09 71.67 1.42
C LEU M 39 -2.64 73.04 1.86
N GLY M 40 -2.33 73.42 3.10
CA GLY M 40 -2.63 74.77 3.58
C GLY M 40 -1.67 75.78 3.01
N ARG M 41 -0.63 75.28 2.34
CA ARG M 41 0.39 76.12 1.72
C ARG M 41 0.14 76.31 0.22
N LEU M 42 -1.03 75.90 -0.25
CA LEU M 42 -1.41 76.02 -1.65
C LEU M 42 -1.41 77.48 -2.12
N GLY M 43 -1.02 77.68 -3.38
CA GLY M 43 -0.89 79.03 -3.94
C GLY M 43 0.57 79.42 -4.08
N ARG M 44 1.36 79.10 -3.06
CA ARG M 44 2.81 79.32 -3.08
C ARG M 44 3.56 77.99 -3.26
N ARG M 45 2.89 76.90 -2.90
CA ARG M 45 3.41 75.55 -3.09
C ARG M 45 3.53 75.19 -4.56
N GLU M 46 4.77 74.99 -5.01
CA GLU M 46 5.10 74.60 -6.38
C GLU M 46 3.96 74.90 -7.37
N PRO M 47 3.83 76.17 -7.79
CA PRO M 47 2.72 76.62 -8.65
C PRO M 47 2.64 75.88 -9.99
N ALA M 48 3.79 75.40 -10.47
CA ALA M 48 3.84 74.60 -11.70
C ALA M 48 3.18 73.23 -11.51
N VAL M 49 3.18 72.75 -10.26
CA VAL M 49 2.62 71.44 -9.93
C VAL M 49 1.18 71.52 -9.41
N TYR M 50 0.92 72.41 -8.45
CA TYR M 50 -0.37 72.45 -7.76
C TYR M 50 -1.28 73.63 -8.14
N GLY M 51 -0.72 74.63 -8.81
CA GLY M 51 -1.48 75.80 -9.23
C GLY M 51 -1.32 77.00 -8.31
N GLY M 52 -1.86 78.14 -8.73
CA GLY M 52 -1.73 79.39 -7.98
C GLY M 52 -2.90 79.71 -7.06
N THR M 53 -3.84 78.77 -6.95
CA THR M 53 -5.02 78.94 -6.10
C THR M 53 -4.66 78.71 -4.62
N THR M 54 -5.02 79.67 -3.77
CA THR M 54 -4.78 79.56 -2.33
C THR M 54 -5.82 78.65 -1.68
N HIS M 55 -5.53 78.18 -0.47
CA HIS M 55 -6.45 77.29 0.24
C HIS M 55 -7.76 77.98 0.63
N ASP M 56 -7.68 79.27 0.95
CA ASP M 56 -8.87 80.09 1.24
C ASP M 56 -9.78 80.23 0.01
N GLU M 57 -9.16 80.43 -1.16
CA GLU M 57 -9.90 80.50 -2.42
C GLU M 57 -10.54 79.15 -2.77
N LEU M 58 -9.87 78.07 -2.39
CA LEU M 58 -10.38 76.71 -2.59
C LEU M 58 -11.63 76.47 -1.74
N VAL M 59 -11.59 76.92 -0.48
CA VAL M 59 -12.74 76.82 0.43
C VAL M 59 -13.95 77.55 -0.17
N ALA M 60 -13.73 78.78 -0.59
CA ALA M 60 -14.78 79.62 -1.20
C ALA M 60 -15.37 79.00 -2.46
N LEU M 61 -14.51 78.40 -3.29
CA LEU M 61 -14.96 77.75 -4.53
C LEU M 61 -15.77 76.49 -4.27
N ILE M 62 -15.36 75.71 -3.27
CA ILE M 62 -16.06 74.47 -2.90
C ILE M 62 -17.42 74.77 -2.27
N GLU M 63 -17.44 75.68 -1.30
CA GLU M 63 -18.68 76.07 -0.62
C GLU M 63 -19.74 76.63 -1.57
N ARG M 64 -19.28 77.37 -2.59
CA ARG M 64 -20.17 77.95 -3.60
C ARG M 64 -20.78 76.87 -4.49
N GLU M 65 -19.95 75.94 -4.95
CA GLU M 65 -20.37 74.85 -5.83
C GLU M 65 -21.29 73.87 -5.10
N ALA M 66 -20.99 73.60 -3.83
CA ALA M 66 -21.79 72.71 -3.00
C ALA M 66 -23.22 73.23 -2.83
N ALA M 67 -23.35 74.55 -2.65
CA ALA M 67 -24.64 75.21 -2.52
C ALA M 67 -25.47 75.12 -3.81
N GLU M 68 -24.79 75.19 -4.95
CA GLU M 68 -25.44 75.07 -6.26
C GLU M 68 -25.97 73.65 -6.51
N LEU M 69 -25.29 72.67 -5.92
CA LEU M 69 -25.66 71.26 -6.07
C LEU M 69 -26.70 70.81 -5.03
N GLY M 70 -26.92 71.64 -4.02
CA GLY M 70 -27.87 71.33 -2.95
C GLY M 70 -27.23 70.66 -1.75
N LEU M 71 -25.91 70.83 -1.62
CA LEU M 71 -25.13 70.21 -0.55
C LEU M 71 -24.55 71.25 0.40
N LYS M 72 -24.02 70.80 1.52
CA LYS M 72 -23.28 71.64 2.45
C LYS M 72 -21.87 71.07 2.65
N ALA M 73 -20.87 71.91 2.43
CA ALA M 73 -19.47 71.47 2.49
C ALA M 73 -18.73 72.01 3.71
N VAL M 74 -18.04 71.13 4.42
CA VAL M 74 -17.17 71.52 5.53
C VAL M 74 -15.72 71.27 5.14
N VAL M 75 -15.02 72.34 4.76
CA VAL M 75 -13.65 72.24 4.28
C VAL M 75 -12.64 72.52 5.39
N ARG M 76 -11.80 71.53 5.67
CA ARG M 76 -10.81 71.61 6.74
C ARG M 76 -9.43 71.12 6.30
N GLN M 77 -8.39 71.63 6.95
CA GLN M 77 -7.00 71.30 6.61
C GLN M 77 -6.14 71.18 7.86
N SER M 78 -5.26 70.18 7.88
CA SER M 78 -4.29 69.99 8.96
C SER M 78 -3.04 69.24 8.50
N ASP M 79 -1.90 69.67 9.02
CA ASP M 79 -0.62 68.99 8.79
C ASP M 79 -0.40 67.87 9.81
N SER M 80 -1.31 67.77 10.78
CA SER M 80 -1.25 66.78 11.84
C SER M 80 -2.04 65.54 11.46
N GLU M 81 -1.41 64.36 11.62
CA GLU M 81 -2.04 63.08 11.35
C GLU M 81 -3.22 62.83 12.30
N ALA M 82 -3.00 63.07 13.60
CA ALA M 82 -4.02 62.86 14.63
C ALA M 82 -5.29 63.65 14.37
N GLN M 83 -5.13 64.90 13.93
CA GLN M 83 -6.25 65.78 13.62
C GLN M 83 -7.07 65.26 12.44
N LEU M 84 -6.37 64.77 11.42
CA LEU M 84 -7.02 64.19 10.25
C LEU M 84 -7.77 62.90 10.63
N LEU M 85 -7.13 62.09 11.47
CA LEU M 85 -7.74 60.86 11.99
C LEU M 85 -9.04 61.14 12.75
N ASP M 86 -9.03 62.20 13.55
CA ASP M 86 -10.21 62.62 14.32
C ASP M 86 -11.37 63.04 13.42
N TRP M 87 -11.07 63.81 12.37
CA TRP M 87 -12.09 64.25 11.42
C TRP M 87 -12.74 63.10 10.65
N ILE M 88 -11.93 62.10 10.31
CA ILE M 88 -12.41 60.90 9.63
C ILE M 88 -13.27 60.04 10.57
N HIS M 89 -12.86 59.97 11.84
CA HIS M 89 -13.64 59.27 12.87
C HIS M 89 -15.04 59.87 13.01
N GLN M 90 -15.11 61.20 13.02
CA GLN M 90 -16.37 61.94 13.14
C GLN M 90 -17.28 61.70 11.92
N ALA M 91 -16.67 61.66 10.74
CA ALA M 91 -17.39 61.39 9.50
C ALA M 91 -17.87 59.94 9.39
N ALA M 92 -17.09 59.02 9.96
CA ALA M 92 -17.47 57.61 10.01
C ALA M 92 -18.69 57.39 10.91
N ASP M 93 -18.72 58.10 12.04
CA ASP M 93 -19.77 57.96 13.03
C ASP M 93 -21.05 58.69 12.62
N ALA M 94 -20.89 59.84 11.94
CA ALA M 94 -22.03 60.63 11.46
C ALA M 94 -22.51 60.17 10.08
N ALA M 95 -21.81 59.19 9.51
CA ALA M 95 -22.11 58.65 8.17
C ALA M 95 -22.21 59.74 7.10
N GLU M 96 -21.25 60.67 7.14
CA GLU M 96 -21.18 61.77 6.18
C GLU M 96 -20.09 61.49 5.15
N PRO M 97 -20.39 61.74 3.86
CA PRO M 97 -19.42 61.50 2.78
C PRO M 97 -18.15 62.33 2.94
N VAL M 98 -17.03 61.77 2.51
CA VAL M 98 -15.72 62.43 2.63
C VAL M 98 -15.04 62.59 1.28
N ILE M 99 -14.57 63.81 1.01
CA ILE M 99 -13.64 64.05 -0.08
C ILE M 99 -12.27 64.30 0.55
N LEU M 100 -11.32 63.40 0.28
CA LEU M 100 -10.04 63.43 0.98
C LEU M 100 -8.81 63.57 0.08
N ASN M 101 -8.02 64.60 0.38
CA ASN M 101 -6.69 64.75 -0.17
C ASN M 101 -5.69 64.71 0.99
N ALA M 102 -5.11 63.54 1.22
CA ALA M 102 -4.26 63.31 2.39
C ALA M 102 -2.82 63.79 2.21
N GLY M 103 -2.55 64.45 1.09
CA GLY M 103 -1.21 64.97 0.80
C GLY M 103 -0.19 63.85 0.70
N GLY M 104 0.90 63.99 1.44
CA GLY M 104 1.97 63.00 1.46
C GLY M 104 1.59 61.71 2.17
N LEU M 105 0.66 61.81 3.14
CA LEU M 105 0.21 60.67 3.94
C LEU M 105 -0.53 59.61 3.12
N THR M 106 -1.07 60.03 1.98
CA THR M 106 -1.72 59.14 1.03
C THR M 106 -0.85 57.93 0.68
N HIS M 107 0.45 58.15 0.63
CA HIS M 107 1.41 57.14 0.17
C HIS M 107 2.12 56.42 1.31
N THR M 108 1.88 56.84 2.55
CA THR M 108 2.65 56.33 3.69
C THR M 108 1.82 55.80 4.87
N SER M 109 0.63 56.35 5.08
CA SER M 109 -0.11 56.15 6.33
C SER M 109 -1.14 55.01 6.29
N VAL M 110 -0.83 53.94 7.02
CA VAL M 110 -1.74 52.80 7.18
C VAL M 110 -2.82 53.15 8.21
N ALA M 111 -2.43 53.90 9.25
CA ALA M 111 -3.36 54.37 10.29
C ALA M 111 -4.49 55.21 9.69
N LEU M 112 -4.14 56.04 8.70
CA LEU M 112 -5.13 56.85 7.99
C LEU M 112 -6.04 55.99 7.11
N ARG M 113 -5.46 54.92 6.54
CA ARG M 113 -6.21 53.96 5.75
C ARG M 113 -7.20 53.17 6.63
N ASP M 114 -6.75 52.80 7.82
CA ASP M 114 -7.59 52.10 8.79
C ASP M 114 -8.79 52.91 9.24
N ALA M 115 -8.59 54.22 9.40
CA ALA M 115 -9.67 55.14 9.78
C ALA M 115 -10.67 55.33 8.63
N CYS M 116 -10.15 55.41 7.41
CA CYS M 116 -10.98 55.56 6.22
C CYS M 116 -11.75 54.28 5.88
N ALA M 117 -11.23 53.14 6.33
CA ALA M 117 -11.90 51.84 6.14
C ALA M 117 -13.19 51.73 6.97
N GLU M 118 -13.28 52.56 8.01
CA GLU M 118 -14.46 52.64 8.87
C GLU M 118 -15.60 53.45 8.25
N LEU M 119 -15.27 54.28 7.26
CA LEU M 119 -16.26 55.14 6.60
C LEU M 119 -17.35 54.34 5.92
N SER M 120 -18.60 54.68 6.21
CA SER M 120 -19.76 54.00 5.64
C SER M 120 -20.31 54.75 4.42
N ALA M 121 -20.35 56.08 4.51
CA ALA M 121 -20.73 56.93 3.39
C ALA M 121 -19.56 57.01 2.40
N PRO M 122 -19.85 57.31 1.11
CA PRO M 122 -18.81 57.31 0.06
C PRO M 122 -17.55 58.10 0.41
N LEU M 123 -16.40 57.57 0.00
CA LEU M 123 -15.11 58.25 0.15
C LEU M 123 -14.49 58.48 -1.22
N ILE M 124 -14.28 59.75 -1.56
CA ILE M 124 -13.63 60.11 -2.82
C ILE M 124 -12.24 60.67 -2.57
N GLU M 125 -11.24 60.00 -3.13
CA GLU M 125 -9.86 60.46 -3.06
C GLU M 125 -9.63 61.48 -4.16
N VAL M 126 -9.05 62.62 -3.80
CA VAL M 126 -8.79 63.69 -4.75
C VAL M 126 -7.34 64.14 -4.68
N HIS M 127 -6.70 64.28 -5.84
CA HIS M 127 -5.37 64.88 -5.94
C HIS M 127 -5.36 65.95 -7.01
N ILE M 128 -4.80 67.10 -6.67
CA ILE M 128 -4.71 68.24 -7.59
C ILE M 128 -3.85 67.89 -8.80
N SER M 129 -2.63 67.39 -8.54
CA SER M 129 -1.69 67.03 -9.59
C SER M 129 -1.89 65.59 -10.07
N ASN M 130 -1.36 65.28 -11.25
CA ASN M 130 -1.35 63.92 -11.75
C ASN M 130 -0.26 63.10 -11.04
N VAL M 131 -0.70 62.37 -10.02
CA VAL M 131 0.19 61.60 -9.15
C VAL M 131 0.92 60.46 -9.90
N HIS M 132 0.42 60.11 -11.08
CA HIS M 132 1.01 59.07 -11.90
C HIS M 132 2.05 59.60 -12.90
N ALA M 133 2.10 60.92 -13.04
CA ALA M 133 3.05 61.58 -13.95
C ALA M 133 4.28 62.11 -13.19
N ARG M 134 4.44 61.66 -11.95
CA ARG M 134 5.48 62.16 -11.06
C ARG M 134 6.42 61.03 -10.62
N GLU M 135 6.97 61.14 -9.42
CA GLU M 135 7.85 60.11 -8.86
C GLU M 135 7.10 58.79 -8.66
N GLU M 136 7.84 57.68 -8.76
CA GLU M 136 7.24 56.34 -8.74
C GLU M 136 6.54 56.02 -7.42
N PHE M 137 7.06 56.54 -6.30
CA PHE M 137 6.51 56.26 -4.97
C PHE M 137 5.14 56.91 -4.72
N ARG M 138 4.71 57.77 -5.64
CA ARG M 138 3.42 58.44 -5.53
C ARG M 138 2.30 57.69 -6.25
N ARG M 139 2.66 56.60 -6.93
CA ARG M 139 1.73 55.83 -7.76
C ARG M 139 1.07 54.66 -7.02
N HIS M 140 1.27 54.59 -5.70
CA HIS M 140 0.78 53.45 -4.91
C HIS M 140 0.02 53.89 -3.66
N SER M 141 -1.09 54.59 -3.88
CA SER M 141 -1.92 55.11 -2.79
C SER M 141 -2.46 54.02 -1.86
N TYR M 142 -2.28 54.22 -0.56
CA TYR M 142 -2.83 53.33 0.46
C TYR M 142 -4.34 53.46 0.58
N LEU M 143 -4.87 54.59 0.11
CA LEU M 143 -6.28 54.94 0.29
C LEU M 143 -7.16 54.55 -0.90
N SER M 144 -6.54 54.42 -2.07
CA SER M 144 -7.25 54.06 -3.30
C SER M 144 -8.07 52.77 -3.22
N PRO M 145 -7.49 51.67 -2.70
CA PRO M 145 -8.23 50.40 -2.61
C PRO M 145 -9.47 50.45 -1.71
N ILE M 146 -9.48 51.33 -0.71
CA ILE M 146 -10.60 51.41 0.23
C ILE M 146 -11.56 52.57 -0.02
N ALA M 147 -11.30 53.34 -1.07
CA ALA M 147 -12.15 54.46 -1.45
C ALA M 147 -13.20 54.06 -2.49
N THR M 148 -14.27 54.86 -2.58
CA THR M 148 -15.29 54.67 -3.62
C THR M 148 -14.67 54.96 -4.98
N GLY M 149 -13.97 56.09 -5.08
CA GLY M 149 -13.35 56.52 -6.32
C GLY M 149 -12.20 57.47 -6.13
N VAL M 150 -11.46 57.72 -7.20
CA VAL M 150 -10.28 58.58 -7.19
C VAL M 150 -10.31 59.56 -8.37
N ILE M 151 -10.08 60.83 -8.08
CA ILE M 151 -9.92 61.87 -9.11
C ILE M 151 -8.54 62.49 -8.97
N VAL M 152 -7.76 62.42 -10.05
CA VAL M 152 -6.37 62.84 -10.03
C VAL M 152 -6.06 63.72 -11.24
N GLY M 153 -5.24 64.76 -11.03
CA GLY M 153 -4.68 65.55 -12.12
C GLY M 153 -5.58 66.57 -12.79
N LEU M 154 -6.78 66.77 -12.25
CA LEU M 154 -7.73 67.72 -12.83
C LEU M 154 -7.74 69.07 -12.10
N GLY M 155 -6.67 69.33 -11.35
CA GLY M 155 -6.52 70.58 -10.61
C GLY M 155 -7.50 70.71 -9.47
N ILE M 156 -7.82 71.95 -9.12
CA ILE M 156 -8.75 72.25 -8.02
C ILE M 156 -10.21 71.90 -8.36
N GLN M 157 -10.51 71.76 -9.65
CA GLN M 157 -11.85 71.36 -10.10
C GLN M 157 -12.17 69.92 -9.69
N GLY M 158 -11.13 69.15 -9.40
CA GLY M 158 -11.29 67.78 -8.89
C GLY M 158 -12.20 67.69 -7.68
N TYR M 159 -12.07 68.65 -6.78
CA TYR M 159 -12.92 68.75 -5.60
C TYR M 159 -14.39 69.00 -5.99
N LEU M 160 -14.59 69.86 -6.98
CA LEU M 160 -15.92 70.25 -7.42
C LEU M 160 -16.64 69.11 -8.16
N LEU M 161 -15.87 68.33 -8.91
CA LEU M 161 -16.40 67.18 -9.64
C LEU M 161 -16.77 66.04 -8.70
N ALA M 162 -16.02 65.91 -7.61
CA ALA M 162 -16.31 64.93 -6.57
C ALA M 162 -17.62 65.26 -5.84
N LEU M 163 -17.85 66.55 -5.62
CA LEU M 163 -19.11 67.04 -5.05
C LEU M 163 -20.29 66.70 -5.95
N ARG M 164 -20.10 66.88 -7.26
CA ARG M 164 -21.15 66.61 -8.25
C ARG M 164 -21.52 65.12 -8.29
N TYR M 165 -20.52 64.26 -8.08
CA TYR M 165 -20.77 62.82 -7.94
C TYR M 165 -21.68 62.55 -6.74
N LEU M 166 -21.35 63.17 -5.61
CA LEU M 166 -22.11 63.00 -4.37
C LEU M 166 -23.52 63.58 -4.47
N ALA M 167 -23.66 64.66 -5.23
CA ALA M 167 -24.96 65.29 -5.47
C ALA M 167 -25.86 64.39 -6.32
N GLU M 168 -25.28 63.77 -7.34
CA GLU M 168 -26.02 62.87 -8.23
C GLU M 168 -26.35 61.52 -7.59
N HIS M 169 -25.63 61.17 -6.53
CA HIS M 169 -25.84 59.91 -5.82
C HIS M 169 -26.59 60.06 -4.50
N VAL M 170 -27.04 61.27 -4.22
CA VAL M 170 -27.84 61.55 -3.01
C VAL M 170 -29.26 61.01 -3.17
N LEU N 29 -1.28 -2.14 -20.66
CA LEU N 29 -0.34 -1.15 -20.07
C LEU N 29 -0.70 -0.81 -18.63
N ILE N 30 0.30 -0.81 -17.75
CA ILE N 30 0.11 -0.51 -16.34
C ILE N 30 0.34 0.98 -16.07
N VAL N 31 -0.65 1.61 -15.47
CA VAL N 31 -0.59 3.04 -15.13
C VAL N 31 -0.56 3.22 -13.61
N ASN N 32 0.45 3.92 -13.13
CA ASN N 32 0.59 4.24 -11.71
C ASN N 32 -0.02 5.60 -11.36
N VAL N 33 -0.98 5.58 -10.46
CA VAL N 33 -1.59 6.81 -9.95
C VAL N 33 -1.12 7.05 -8.52
N ILE N 34 -0.35 8.11 -8.34
CA ILE N 34 0.23 8.43 -7.03
C ILE N 34 -0.34 9.72 -6.46
N ASN N 35 -0.97 9.61 -5.29
CA ASN N 35 -1.53 10.76 -4.57
C ASN N 35 -0.71 11.10 -3.34
N GLY N 36 -0.38 12.38 -3.19
CA GLY N 36 0.44 12.86 -2.09
C GLY N 36 -0.34 13.15 -0.81
N PRO N 37 0.22 13.99 0.08
CA PRO N 37 -0.37 14.32 1.38
C PRO N 37 -1.80 14.84 1.31
N ASN N 38 -2.60 14.50 2.32
CA ASN N 38 -3.96 15.02 2.50
C ASN N 38 -5.01 14.56 1.48
N LEU N 39 -4.58 13.80 0.47
CA LEU N 39 -5.48 13.34 -0.58
C LEU N 39 -6.26 12.08 -0.19
N GLY N 40 -5.83 11.41 0.88
CA GLY N 40 -6.59 10.31 1.45
C GLY N 40 -7.78 10.82 2.26
N ARG N 41 -7.82 12.13 2.47
CA ARG N 41 -8.88 12.77 3.24
C ARG N 41 -10.02 13.31 2.39
N LEU N 42 -10.01 12.98 1.10
CA LEU N 42 -11.05 13.41 0.17
C LEU N 42 -12.45 13.01 0.62
N GLY N 43 -13.42 13.90 0.40
CA GLY N 43 -14.79 13.70 0.84
C GLY N 43 -15.19 14.66 1.95
N ARG N 44 -14.29 14.84 2.91
CA ARG N 44 -14.51 15.75 4.04
C ARG N 44 -13.50 16.90 4.06
N ARG N 45 -12.44 16.78 3.27
CA ARG N 45 -11.41 17.80 3.17
C ARG N 45 -11.85 18.90 2.21
N GLU N 46 -12.38 19.99 2.77
CA GLU N 46 -12.86 21.15 2.01
C GLU N 46 -13.70 20.78 0.77
N PRO N 47 -14.95 20.31 0.98
CA PRO N 47 -15.80 19.82 -0.12
C PRO N 47 -16.08 20.86 -1.21
N ALA N 48 -16.03 22.14 -0.84
CA ALA N 48 -16.24 23.23 -1.80
C ALA N 48 -15.03 23.42 -2.73
N VAL N 49 -13.87 22.93 -2.29
CA VAL N 49 -12.62 23.07 -3.05
C VAL N 49 -12.26 21.79 -3.81
N TYR N 50 -12.28 20.65 -3.11
CA TYR N 50 -11.82 19.39 -3.68
C TYR N 50 -12.93 18.41 -4.06
N GLY N 51 -14.18 18.76 -3.74
CA GLY N 51 -15.31 17.88 -4.02
C GLY N 51 -15.59 16.91 -2.88
N GLY N 52 -16.79 16.34 -2.88
CA GLY N 52 -17.22 15.43 -1.81
C GLY N 52 -16.99 13.96 -2.08
N THR N 53 -16.27 13.64 -3.15
CA THR N 53 -15.98 12.27 -3.52
C THR N 53 -14.81 11.75 -2.69
N THR N 54 -15.01 10.61 -2.02
CA THR N 54 -13.97 10.00 -1.18
C THR N 54 -12.89 9.33 -2.02
N HIS N 55 -11.73 9.11 -1.41
CA HIS N 55 -10.59 8.48 -2.08
C HIS N 55 -10.89 7.03 -2.47
N ASP N 56 -11.64 6.32 -1.63
CA ASP N 56 -12.06 4.95 -1.91
C ASP N 56 -12.98 4.89 -3.14
N GLU N 57 -13.88 5.86 -3.24
CA GLU N 57 -14.77 6.00 -4.39
C GLU N 57 -13.99 6.39 -5.65
N LEU N 58 -12.94 7.18 -5.46
CA LEU N 58 -12.06 7.60 -6.55
C LEU N 58 -11.31 6.42 -7.18
N VAL N 59 -10.76 5.55 -6.32
CA VAL N 59 -10.08 4.34 -6.77
C VAL N 59 -11.02 3.48 -7.63
N ALA N 60 -12.25 3.29 -7.14
CA ALA N 60 -13.29 2.56 -7.85
C ALA N 60 -13.66 3.17 -9.20
N LEU N 61 -13.57 4.50 -9.29
CA LEU N 61 -13.86 5.23 -10.53
C LEU N 61 -12.69 5.15 -11.52
N ILE N 62 -11.46 5.18 -11.00
CA ILE N 62 -10.26 5.07 -11.82
C ILE N 62 -10.14 3.66 -12.42
N GLU N 63 -10.33 2.64 -11.58
CA GLU N 63 -10.25 1.24 -12.00
C GLU N 63 -11.32 0.87 -13.01
N ARG N 64 -12.50 1.49 -12.90
CA ARG N 64 -13.60 1.27 -13.84
C ARG N 64 -13.28 1.86 -15.21
N GLU N 65 -12.74 3.09 -15.20
CA GLU N 65 -12.37 3.79 -16.42
C GLU N 65 -11.20 3.13 -17.13
N ALA N 66 -10.26 2.61 -16.36
CA ALA N 66 -9.10 1.89 -16.89
C ALA N 66 -9.51 0.55 -17.53
N ALA N 67 -10.53 -0.09 -16.94
CA ALA N 67 -11.06 -1.35 -17.46
C ALA N 67 -11.79 -1.17 -18.78
N GLU N 68 -12.48 -0.04 -18.93
CA GLU N 68 -13.19 0.30 -20.16
C GLU N 68 -12.23 0.61 -21.31
N LEU N 69 -11.07 1.18 -20.96
CA LEU N 69 -10.05 1.53 -21.95
C LEU N 69 -9.13 0.35 -22.27
N GLY N 70 -8.87 -0.49 -21.27
CA GLY N 70 -7.96 -1.63 -21.42
C GLY N 70 -6.62 -1.37 -20.75
N LEU N 71 -6.67 -0.85 -19.53
CA LEU N 71 -5.48 -0.50 -18.76
C LEU N 71 -5.57 -1.04 -17.34
N LYS N 72 -4.42 -1.24 -16.71
CA LYS N 72 -4.35 -1.59 -15.29
C LYS N 72 -3.99 -0.33 -14.49
N ALA N 73 -4.84 0.00 -13.52
CA ALA N 73 -4.64 1.19 -12.69
C ALA N 73 -4.21 0.82 -11.27
N VAL N 74 -3.01 1.27 -10.91
CA VAL N 74 -2.47 1.05 -9.56
C VAL N 74 -2.52 2.37 -8.78
N VAL N 75 -3.66 2.62 -8.15
CA VAL N 75 -3.89 3.87 -7.41
C VAL N 75 -3.40 3.73 -5.98
N ARG N 76 -2.41 4.55 -5.62
CA ARG N 76 -1.84 4.52 -4.27
C ARG N 76 -1.65 5.92 -3.68
N GLN N 77 -1.98 6.04 -2.40
CA GLN N 77 -1.91 7.32 -1.68
C GLN N 77 -1.05 7.20 -0.42
N SER N 78 -0.24 8.22 -0.17
CA SER N 78 0.58 8.31 1.04
C SER N 78 0.88 9.75 1.41
N ASP N 79 0.89 10.02 2.71
CA ASP N 79 1.27 11.32 3.25
C ASP N 79 2.78 11.43 3.44
N SER N 80 3.47 10.30 3.36
CA SER N 80 4.92 10.26 3.51
C SER N 80 5.63 10.53 2.20
N GLU N 81 6.60 11.45 2.24
CA GLU N 81 7.39 11.83 1.07
C GLU N 81 8.22 10.66 0.54
N ALA N 82 8.80 9.89 1.45
CA ALA N 82 9.63 8.73 1.11
C ALA N 82 8.85 7.67 0.33
N GLN N 83 7.62 7.39 0.79
CA GLN N 83 6.74 6.42 0.15
C GLN N 83 6.35 6.84 -1.27
N LEU N 84 6.16 8.15 -1.46
CA LEU N 84 5.89 8.71 -2.79
C LEU N 84 7.11 8.54 -3.68
N LEU N 85 8.29 8.85 -3.13
CA LEU N 85 9.56 8.68 -3.83
C LEU N 85 9.79 7.21 -4.22
N ASP N 86 9.43 6.30 -3.32
CA ASP N 86 9.60 4.87 -3.53
C ASP N 86 8.73 4.33 -4.67
N TRP N 87 7.48 4.77 -4.73
CA TRP N 87 6.54 4.29 -5.73
C TRP N 87 6.90 4.71 -7.17
N ILE N 88 7.45 5.90 -7.32
CA ILE N 88 7.87 6.39 -8.64
C ILE N 88 9.22 5.84 -9.08
N HIS N 89 10.02 5.36 -8.13
CA HIS N 89 11.25 4.63 -8.44
C HIS N 89 10.91 3.31 -9.13
N GLN N 90 9.88 2.64 -8.62
CA GLN N 90 9.35 1.41 -9.21
C GLN N 90 8.78 1.66 -10.60
N ALA N 91 8.18 2.83 -10.80
CA ALA N 91 7.64 3.24 -12.09
C ALA N 91 8.75 3.60 -13.08
N ALA N 92 9.87 4.09 -12.54
CA ALA N 92 11.04 4.44 -13.35
C ALA N 92 11.76 3.20 -13.87
N ASP N 93 11.84 2.17 -13.02
CA ASP N 93 12.48 0.90 -13.38
C ASP N 93 11.63 0.08 -14.35
N ALA N 94 10.32 0.08 -14.13
CA ALA N 94 9.39 -0.67 -14.96
C ALA N 94 8.99 0.08 -16.24
N ALA N 95 9.44 1.34 -16.34
CA ALA N 95 9.10 2.23 -17.45
C ALA N 95 7.58 2.33 -17.65
N GLU N 96 6.87 2.62 -16.57
CA GLU N 96 5.42 2.72 -16.56
C GLU N 96 4.97 4.18 -16.41
N PRO N 97 3.90 4.58 -17.12
CA PRO N 97 3.35 5.94 -17.04
C PRO N 97 2.86 6.32 -15.63
N VAL N 98 2.98 7.60 -15.30
CA VAL N 98 2.63 8.10 -13.98
C VAL N 98 1.62 9.26 -14.02
N ILE N 99 0.48 9.08 -13.36
CA ILE N 99 -0.45 10.15 -13.08
C ILE N 99 -0.23 10.59 -11.64
N LEU N 100 0.30 11.79 -11.45
CA LEU N 100 0.75 12.23 -10.14
C LEU N 100 0.04 13.48 -9.61
N ASN N 101 -0.42 13.37 -8.37
CA ASN N 101 -0.91 14.51 -7.60
C ASN N 101 -0.14 14.56 -6.29
N ALA N 102 0.88 15.41 -6.23
CA ALA N 102 1.78 15.48 -5.08
C ALA N 102 1.18 16.24 -3.90
N GLY N 103 -0.03 16.76 -4.07
CA GLY N 103 -0.69 17.56 -3.04
C GLY N 103 0.10 18.82 -2.74
N GLY N 104 0.37 19.06 -1.46
CA GLY N 104 1.12 20.23 -1.03
C GLY N 104 2.59 20.22 -1.44
N LEU N 105 3.15 19.03 -1.60
CA LEU N 105 4.55 18.86 -1.97
C LEU N 105 4.87 19.30 -3.40
N THR N 106 3.82 19.45 -4.22
CA THR N 106 3.95 19.96 -5.59
C THR N 106 4.67 21.32 -5.60
N HIS N 107 4.37 22.14 -4.60
CA HIS N 107 4.87 23.51 -4.52
C HIS N 107 6.19 23.64 -3.77
N THR N 108 6.63 22.56 -3.12
CA THR N 108 7.78 22.62 -2.21
C THR N 108 8.90 21.60 -2.47
N SER N 109 8.52 20.39 -2.88
CA SER N 109 9.48 19.29 -2.97
C SER N 109 10.33 19.28 -4.24
N VAL N 110 11.61 19.57 -4.08
CA VAL N 110 12.60 19.43 -5.15
C VAL N 110 13.02 17.95 -5.23
N ALA N 111 13.01 17.27 -4.09
CA ALA N 111 13.35 15.85 -4.01
C ALA N 111 12.42 15.00 -4.88
N LEU N 112 11.13 15.28 -4.82
CA LEU N 112 10.13 14.58 -5.62
C LEU N 112 10.28 14.91 -7.10
N ARG N 113 10.68 16.15 -7.39
CA ARG N 113 10.97 16.59 -8.75
C ARG N 113 12.14 15.81 -9.35
N ASP N 114 13.15 15.52 -8.53
CA ASP N 114 14.33 14.78 -8.94
C ASP N 114 14.04 13.31 -9.21
N ALA N 115 13.11 12.74 -8.44
CA ALA N 115 12.68 11.35 -8.64
C ALA N 115 11.79 11.22 -9.88
N CYS N 116 11.01 12.27 -10.14
CA CYS N 116 10.15 12.33 -11.33
C CYS N 116 10.97 12.53 -12.61
N ALA N 117 12.18 13.06 -12.45
CA ALA N 117 13.09 13.30 -13.58
C ALA N 117 13.65 11.99 -14.16
N GLU N 118 13.61 10.93 -13.37
CA GLU N 118 14.08 9.60 -13.78
C GLU N 118 13.13 8.91 -14.76
N LEU N 119 11.87 9.32 -14.75
CA LEU N 119 10.83 8.69 -15.57
C LEU N 119 11.04 8.93 -17.06
N SER N 120 11.33 7.86 -17.79
CA SER N 120 11.41 7.90 -19.25
C SER N 120 10.01 7.83 -19.83
N ALA N 121 9.12 7.12 -19.14
CA ALA N 121 7.70 7.05 -19.48
C ALA N 121 7.01 8.38 -19.14
N PRO N 122 5.90 8.69 -19.85
CA PRO N 122 5.21 9.97 -19.67
C PRO N 122 4.76 10.27 -18.24
N LEU N 123 5.10 11.46 -17.75
CA LEU N 123 4.64 11.94 -16.45
C LEU N 123 3.57 13.00 -16.64
N ILE N 124 2.39 12.76 -16.08
CA ILE N 124 1.28 13.69 -16.20
C ILE N 124 0.81 14.17 -14.82
N GLU N 125 0.91 15.49 -14.60
CA GLU N 125 0.56 16.11 -13.33
C GLU N 125 -0.94 16.40 -13.28
N VAL N 126 -1.58 16.04 -12.17
CA VAL N 126 -3.01 16.24 -12.00
C VAL N 126 -3.34 16.98 -10.70
N HIS N 127 -4.15 18.03 -10.79
CA HIS N 127 -4.72 18.69 -9.62
C HIS N 127 -6.24 18.79 -9.72
N ILE N 128 -6.92 18.50 -8.61
CA ILE N 128 -8.38 18.49 -8.55
C ILE N 128 -8.95 19.91 -8.66
N SER N 129 -8.46 20.81 -7.81
CA SER N 129 -8.89 22.22 -7.82
C SER N 129 -8.05 23.03 -8.80
N ASN N 130 -8.59 24.17 -9.23
CA ASN N 130 -7.84 25.11 -10.07
C ASN N 130 -6.78 25.84 -9.25
N VAL N 131 -5.56 25.33 -9.33
CA VAL N 131 -4.43 25.78 -8.52
C VAL N 131 -4.03 27.24 -8.83
N HIS N 132 -4.41 27.73 -10.01
CA HIS N 132 -4.11 29.10 -10.42
C HIS N 132 -5.18 30.09 -9.97
N ALA N 133 -6.29 29.58 -9.44
CA ALA N 133 -7.39 30.41 -8.94
C ALA N 133 -7.36 30.55 -7.42
N ARG N 134 -6.25 30.14 -6.82
CA ARG N 134 -6.10 30.13 -5.36
C ARG N 134 -4.93 31.02 -4.92
N GLU N 135 -4.27 30.63 -3.83
CA GLU N 135 -3.11 31.37 -3.30
C GLU N 135 -1.96 31.41 -4.32
N GLU N 136 -1.23 32.53 -4.33
CA GLU N 136 -0.15 32.76 -5.30
C GLU N 136 1.01 31.76 -5.21
N PHE N 137 1.24 31.20 -4.02
CA PHE N 137 2.32 30.22 -3.83
C PHE N 137 2.02 28.86 -4.44
N ARG N 138 0.78 28.66 -4.88
CA ARG N 138 0.36 27.43 -5.54
C ARG N 138 0.55 27.48 -7.06
N ARG N 139 0.92 28.66 -7.57
CA ARG N 139 1.03 28.89 -9.01
C ARG N 139 2.42 28.59 -9.59
N HIS N 140 3.33 28.05 -8.77
CA HIS N 140 4.72 27.84 -9.19
C HIS N 140 5.20 26.41 -8.92
N SER N 141 4.52 25.44 -9.53
CA SER N 141 4.83 24.02 -9.36
C SER N 141 6.26 23.67 -9.75
N TYR N 142 6.89 22.80 -8.95
CA TYR N 142 8.21 22.29 -9.24
C TYR N 142 8.16 21.12 -10.22
N LEU N 143 7.01 20.45 -10.28
CA LEU N 143 6.83 19.26 -11.11
C LEU N 143 6.47 19.59 -12.56
N SER N 144 5.79 20.71 -12.76
CA SER N 144 5.34 21.15 -14.08
C SER N 144 6.45 21.27 -15.15
N PRO N 145 7.58 21.93 -14.82
CA PRO N 145 8.64 22.11 -15.82
C PRO N 145 9.34 20.82 -16.29
N ILE N 146 9.12 19.72 -15.57
CA ILE N 146 9.73 18.44 -15.94
C ILE N 146 8.69 17.36 -16.30
N ALA N 147 7.41 17.71 -16.17
CA ALA N 147 6.32 16.81 -16.56
C ALA N 147 6.07 16.88 -18.06
N THR N 148 5.33 15.91 -18.58
CA THR N 148 4.91 15.92 -19.98
C THR N 148 3.68 16.82 -20.13
N GLY N 149 2.70 16.63 -19.24
CA GLY N 149 1.46 17.40 -19.27
C GLY N 149 0.90 17.70 -17.89
N VAL N 150 0.03 18.71 -17.83
CA VAL N 150 -0.61 19.12 -16.59
C VAL N 150 -2.12 19.29 -16.78
N ILE N 151 -2.90 18.61 -15.93
CA ILE N 151 -4.36 18.80 -15.89
C ILE N 151 -4.74 19.35 -14.52
N VAL N 152 -5.38 20.52 -14.52
CA VAL N 152 -5.69 21.25 -13.29
C VAL N 152 -7.13 21.75 -13.32
N GLY N 153 -7.84 21.58 -12.20
CA GLY N 153 -9.14 22.23 -12.01
C GLY N 153 -10.36 21.51 -12.56
N LEU N 154 -10.15 20.34 -13.15
CA LEU N 154 -11.24 19.58 -13.75
C LEU N 154 -11.84 18.54 -12.78
N GLY N 155 -11.64 18.78 -11.49
CA GLY N 155 -12.21 17.95 -10.43
C GLY N 155 -11.75 16.51 -10.48
N ILE N 156 -12.70 15.60 -10.26
CA ILE N 156 -12.44 14.16 -10.24
C ILE N 156 -12.19 13.60 -11.65
N GLN N 157 -12.68 14.32 -12.66
CA GLN N 157 -12.54 13.95 -14.07
C GLN N 157 -11.08 13.98 -14.54
N GLY N 158 -10.26 14.80 -13.88
CA GLY N 158 -8.85 14.98 -14.23
C GLY N 158 -8.02 13.72 -14.31
N TYR N 159 -8.21 12.81 -13.36
CA TYR N 159 -7.52 11.53 -13.34
C TYR N 159 -7.91 10.64 -14.52
N LEU N 160 -9.21 10.65 -14.84
CA LEU N 160 -9.77 9.82 -15.91
C LEU N 160 -9.38 10.33 -17.30
N LEU N 161 -9.19 11.64 -17.42
CA LEU N 161 -8.73 12.24 -18.66
C LEU N 161 -7.24 11.99 -18.87
N ALA N 162 -6.49 12.00 -17.78
CA ALA N 162 -5.06 11.69 -17.80
C ALA N 162 -4.80 10.24 -18.19
N LEU N 163 -5.72 9.35 -17.83
CA LEU N 163 -5.68 7.95 -18.24
C LEU N 163 -5.85 7.77 -19.74
N ARG N 164 -6.81 8.51 -20.30
CA ARG N 164 -7.15 8.41 -21.72
C ARG N 164 -6.03 8.90 -22.63
N TYR N 165 -5.23 9.85 -22.12
CA TYR N 165 -4.06 10.35 -22.82
C TYR N 165 -3.02 9.23 -23.00
N LEU N 166 -2.78 8.48 -21.93
CA LEU N 166 -1.83 7.38 -21.93
C LEU N 166 -2.37 6.17 -22.69
N ALA N 167 -3.70 6.06 -22.75
CA ALA N 167 -4.38 4.98 -23.45
C ALA N 167 -4.23 5.08 -24.96
N GLU N 168 -4.26 6.31 -25.48
CA GLU N 168 -4.16 6.55 -26.93
C GLU N 168 -2.71 6.68 -27.42
N HIS N 169 -1.82 7.16 -26.56
CA HIS N 169 -0.40 7.30 -26.89
C HIS N 169 0.40 6.04 -26.60
N LEU O 29 38.82 8.64 15.29
CA LEU O 29 37.75 9.60 14.92
C LEU O 29 36.73 8.97 13.97
N ILE O 30 35.45 9.19 14.27
CA ILE O 30 34.35 8.63 13.49
C ILE O 30 33.71 9.71 12.62
N VAL O 31 33.59 9.44 11.33
CA VAL O 31 32.98 10.36 10.37
C VAL O 31 31.71 9.77 9.77
N ASN O 32 30.62 10.51 9.86
CA ASN O 32 29.33 10.08 9.33
C ASN O 32 29.08 10.57 7.91
N VAL O 33 28.65 9.67 7.04
CA VAL O 33 28.28 10.00 5.67
C VAL O 33 26.79 9.76 5.49
N ILE O 34 26.05 10.84 5.22
CA ILE O 34 24.59 10.77 5.11
C ILE O 34 24.13 11.28 3.74
N ASN O 35 23.34 10.45 3.06
CA ASN O 35 22.77 10.79 1.76
C ASN O 35 21.25 10.91 1.82
N GLY O 36 20.73 11.98 1.22
CA GLY O 36 19.30 12.24 1.19
C GLY O 36 18.59 11.49 0.07
N PRO O 37 17.33 11.87 -0.21
CA PRO O 37 16.49 11.25 -1.24
C PRO O 37 17.15 11.11 -2.61
N ASN O 38 16.79 10.04 -3.32
CA ASN O 38 17.23 9.78 -4.70
C ASN O 38 18.70 9.37 -4.88
N LEU O 39 19.49 9.50 -3.82
CA LEU O 39 20.91 9.12 -3.86
C LEU O 39 21.13 7.62 -3.72
N GLY O 40 20.06 6.90 -3.36
CA GLY O 40 20.06 5.44 -3.41
C GLY O 40 19.81 4.94 -4.82
N ARG O 41 19.45 5.86 -5.71
CA ARG O 41 19.15 5.55 -7.11
C ARG O 41 20.32 5.91 -8.05
N LEU O 42 21.50 6.12 -7.47
CA LEU O 42 22.71 6.43 -8.23
C LEU O 42 23.09 5.33 -9.22
N GLY O 43 23.65 5.73 -10.36
CA GLY O 43 23.98 4.80 -11.44
C GLY O 43 22.99 4.91 -12.58
N ARG O 44 21.71 4.90 -12.24
CA ARG O 44 20.63 5.06 -13.22
C ARG O 44 19.93 6.43 -13.12
N ARG O 45 20.33 7.23 -12.12
CA ARG O 45 19.87 8.61 -12.01
C ARG O 45 20.70 9.52 -12.91
N GLU O 46 20.04 10.12 -13.90
CA GLU O 46 20.66 11.07 -14.83
C GLU O 46 22.19 10.98 -14.87
N PRO O 47 22.74 9.96 -15.58
CA PRO O 47 24.18 9.71 -15.64
C PRO O 47 25.00 10.88 -16.16
N ALA O 48 24.38 11.74 -16.97
CA ALA O 48 25.05 12.92 -17.55
C ALA O 48 25.55 13.91 -16.48
N VAL O 49 24.79 14.08 -15.41
CA VAL O 49 25.16 15.01 -14.34
C VAL O 49 25.61 14.33 -13.04
N TYR O 50 25.15 13.10 -12.80
CA TYR O 50 25.44 12.39 -11.55
C TYR O 50 26.49 11.28 -11.67
N GLY O 51 26.69 10.76 -12.87
CA GLY O 51 27.67 9.70 -13.11
C GLY O 51 27.07 8.30 -13.10
N GLY O 52 27.86 7.33 -13.55
CA GLY O 52 27.43 5.94 -13.64
C GLY O 52 27.85 5.06 -12.47
N THR O 53 28.23 5.70 -11.37
CA THR O 53 28.63 5.00 -10.16
C THR O 53 27.42 4.80 -9.24
N THR O 54 27.20 3.55 -8.84
CA THR O 54 26.07 3.21 -7.96
C THR O 54 26.36 3.57 -6.51
N HIS O 55 25.31 3.59 -5.69
CA HIS O 55 25.42 3.91 -4.26
C HIS O 55 26.23 2.86 -3.50
N ASP O 56 26.03 1.59 -3.85
CA ASP O 56 26.78 0.48 -3.24
C ASP O 56 28.28 0.57 -3.54
N GLU O 57 28.61 1.02 -4.75
CA GLU O 57 30.00 1.26 -5.14
C GLU O 57 30.56 2.50 -4.42
N LEU O 58 29.69 3.48 -4.17
CA LEU O 58 30.06 4.68 -3.42
C LEU O 58 30.36 4.35 -1.95
N VAL O 59 29.57 3.45 -1.37
CA VAL O 59 29.79 2.96 -0.01
C VAL O 59 31.16 2.32 0.12
N ALA O 60 31.50 1.48 -0.87
CA ALA O 60 32.78 0.77 -0.90
C ALA O 60 33.97 1.70 -1.12
N LEU O 61 33.77 2.76 -1.91
CA LEU O 61 34.82 3.74 -2.20
C LEU O 61 35.18 4.60 -1.00
N ILE O 62 34.16 4.98 -0.22
CA ILE O 62 34.35 5.79 0.98
C ILE O 62 35.01 4.98 2.11
N GLU O 63 34.55 3.74 2.28
CA GLU O 63 35.09 2.83 3.30
C GLU O 63 36.57 2.51 3.08
N ARG O 64 36.96 2.36 1.81
CA ARG O 64 38.35 2.12 1.44
C ARG O 64 39.21 3.37 1.64
N GLU O 65 38.67 4.53 1.23
CA GLU O 65 39.38 5.81 1.32
C GLU O 65 39.64 6.23 2.77
N ALA O 66 38.68 5.94 3.64
CA ALA O 66 38.79 6.27 5.06
C ALA O 66 39.86 5.44 5.77
N ALA O 67 40.16 4.27 5.22
CA ALA O 67 41.18 3.37 5.78
C ALA O 67 42.61 3.90 5.58
N GLU O 68 42.84 4.59 4.48
CA GLU O 68 44.14 5.22 4.20
C GLU O 68 44.39 6.43 5.09
N LEU O 69 43.32 7.08 5.53
CA LEU O 69 43.41 8.26 6.38
C LEU O 69 43.32 7.91 7.87
N GLY O 70 43.02 6.65 8.16
CA GLY O 70 42.91 6.16 9.53
C GLY O 70 41.62 6.58 10.21
N LEU O 71 40.51 6.47 9.49
CA LEU O 71 39.19 6.86 10.01
C LEU O 71 38.14 5.79 9.70
N LYS O 72 37.05 5.81 10.44
CA LYS O 72 35.91 4.94 10.19
C LYS O 72 34.75 5.74 9.60
N ALA O 73 34.09 5.18 8.59
CA ALA O 73 33.00 5.86 7.91
C ALA O 73 31.77 4.96 7.72
N VAL O 74 30.64 5.44 8.24
CA VAL O 74 29.36 4.76 8.07
C VAL O 74 28.52 5.53 7.05
N VAL O 75 28.21 4.88 5.94
CA VAL O 75 27.47 5.51 4.84
C VAL O 75 26.00 5.08 4.87
N ARG O 76 25.11 6.05 5.06
CA ARG O 76 23.68 5.77 5.18
C ARG O 76 22.85 6.64 4.23
N GLN O 77 21.87 6.00 3.59
CA GLN O 77 20.99 6.67 2.64
C GLN O 77 19.53 6.46 3.04
N SER O 78 18.73 7.52 2.90
CA SER O 78 17.30 7.46 3.14
C SER O 78 16.54 8.53 2.35
N ASP O 79 15.35 8.16 1.89
CA ASP O 79 14.43 9.10 1.24
C ASP O 79 13.55 9.80 2.28
N SER O 80 13.56 9.28 3.50
CA SER O 80 12.73 9.80 4.59
C SER O 80 13.44 10.90 5.38
N GLU O 81 12.85 12.09 5.40
CA GLU O 81 13.38 13.26 6.11
C GLU O 81 13.56 12.98 7.60
N ALA O 82 12.60 12.26 8.20
CA ALA O 82 12.66 11.88 9.61
C ALA O 82 13.87 11.00 9.93
N GLN O 83 14.23 10.13 8.99
CA GLN O 83 15.38 9.24 9.14
C GLN O 83 16.70 10.00 9.02
N LEU O 84 16.72 11.04 8.18
CA LEU O 84 17.91 11.89 8.03
C LEU O 84 18.15 12.74 9.29
N LEU O 85 17.07 13.27 9.86
CA LEU O 85 17.16 14.13 11.04
C LEU O 85 17.67 13.37 12.27
N ASP O 86 17.22 12.13 12.42
CA ASP O 86 17.62 11.27 13.53
C ASP O 86 19.13 10.96 13.52
N TRP O 87 19.71 10.84 12.32
CA TRP O 87 21.14 10.59 12.17
C TRP O 87 21.99 11.81 12.49
N ILE O 88 21.46 13.00 12.20
CA ILE O 88 22.14 14.27 12.49
C ILE O 88 22.15 14.56 13.98
N HIS O 89 21.07 14.22 14.67
CA HIS O 89 20.97 14.37 16.13
C HIS O 89 21.96 13.48 16.86
N GLN O 90 22.18 12.28 16.33
CA GLN O 90 23.14 11.33 16.89
C GLN O 90 24.58 11.81 16.72
N ALA O 91 24.84 12.48 15.61
CA ALA O 91 26.17 13.05 15.34
C ALA O 91 26.46 14.29 16.19
N ALA O 92 25.39 15.00 16.57
CA ALA O 92 25.50 16.20 17.39
C ALA O 92 25.87 15.89 18.84
N ASP O 93 25.27 14.83 19.38
CA ASP O 93 25.54 14.39 20.76
C ASP O 93 26.91 13.73 20.90
N ALA O 94 27.32 13.02 19.85
CA ALA O 94 28.62 12.34 19.82
C ALA O 94 29.76 13.26 19.36
N ALA O 95 29.39 14.49 18.98
CA ALA O 95 30.33 15.49 18.46
C ALA O 95 31.20 14.96 17.32
N GLU O 96 30.56 14.32 16.35
CA GLU O 96 31.24 13.71 15.21
C GLU O 96 31.02 14.52 13.93
N PRO O 97 32.09 14.72 13.14
CA PRO O 97 31.98 15.40 11.85
C PRO O 97 31.11 14.64 10.86
N VAL O 98 30.40 15.37 10.00
CA VAL O 98 29.41 14.76 9.12
C VAL O 98 29.52 15.23 7.65
N ILE O 99 29.60 14.25 6.76
CA ILE O 99 29.51 14.47 5.32
C ILE O 99 28.04 14.46 4.95
N LEU O 100 27.55 15.57 4.39
CA LEU O 100 26.12 15.71 4.12
C LEU O 100 25.79 16.09 2.67
N ASN O 101 25.10 15.18 2.00
CA ASN O 101 24.47 15.44 0.70
C ASN O 101 22.98 15.18 0.86
N ALA O 102 22.22 16.26 1.04
CA ALA O 102 20.79 16.17 1.31
C ALA O 102 19.97 15.90 0.05
N GLY O 103 20.57 16.15 -1.11
CA GLY O 103 19.89 15.98 -2.39
C GLY O 103 18.87 17.08 -2.63
N GLY O 104 17.61 16.68 -2.77
CA GLY O 104 16.51 17.62 -2.99
C GLY O 104 16.15 18.44 -1.76
N LEU O 105 16.43 17.89 -0.58
CA LEU O 105 16.13 18.55 0.69
C LEU O 105 17.09 19.70 1.00
N THR O 106 18.18 19.78 0.25
CA THR O 106 19.18 20.85 0.39
C THR O 106 18.56 22.25 0.26
N HIS O 107 17.73 22.42 -0.76
CA HIS O 107 17.19 23.75 -1.10
C HIS O 107 15.77 23.97 -0.58
N THR O 108 15.27 23.04 0.23
CA THR O 108 13.87 23.06 0.67
C THR O 108 13.66 22.99 2.18
N SER O 109 14.52 22.24 2.88
CA SER O 109 14.31 21.94 4.29
C SER O 109 15.05 22.86 5.26
N VAL O 110 14.28 23.66 6.00
CA VAL O 110 14.83 24.47 7.10
C VAL O 110 15.01 23.57 8.33
N ALA O 111 14.14 22.56 8.44
CA ALA O 111 14.21 21.59 9.52
C ALA O 111 15.55 20.85 9.54
N LEU O 112 16.08 20.57 8.36
CA LEU O 112 17.39 19.95 8.21
C LEU O 112 18.50 20.92 8.61
N ARG O 113 18.33 22.19 8.25
CA ARG O 113 19.25 23.26 8.62
C ARG O 113 19.31 23.46 10.13
N ASP O 114 18.14 23.40 10.78
CA ASP O 114 18.04 23.56 12.24
C ASP O 114 18.75 22.45 13.01
N ALA O 115 18.69 21.22 12.48
CA ALA O 115 19.38 20.08 13.07
C ALA O 115 20.89 20.21 12.94
N CYS O 116 21.34 20.74 11.80
CA CYS O 116 22.75 20.95 11.52
C CYS O 116 23.34 22.13 12.30
N ALA O 117 22.47 22.99 12.82
CA ALA O 117 22.88 24.14 13.62
C ALA O 117 23.42 23.76 15.00
N GLU O 118 23.05 22.57 15.47
CA GLU O 118 23.50 22.04 16.76
C GLU O 118 24.96 21.59 16.76
N LEU O 119 25.48 21.28 15.57
CA LEU O 119 26.80 20.68 15.40
C LEU O 119 27.95 21.60 15.84
N SER O 120 28.79 21.08 16.75
CA SER O 120 29.99 21.77 17.20
C SER O 120 31.19 21.37 16.33
N ALA O 121 31.17 20.12 15.86
CA ALA O 121 32.18 19.60 14.95
C ALA O 121 31.96 20.17 13.54
N PRO O 122 33.04 20.29 12.74
CA PRO O 122 32.95 20.85 11.38
C PRO O 122 31.98 20.10 10.47
N LEU O 123 31.06 20.83 9.86
CA LEU O 123 30.08 20.27 8.93
C LEU O 123 30.46 20.60 7.48
N ILE O 124 30.50 19.57 6.65
CA ILE O 124 30.86 19.74 5.24
C ILE O 124 29.75 19.24 4.29
N GLU O 125 29.29 20.14 3.43
CA GLU O 125 28.22 19.85 2.47
C GLU O 125 28.80 19.39 1.13
N VAL O 126 28.30 18.28 0.62
CA VAL O 126 28.78 17.70 -0.64
C VAL O 126 27.68 17.61 -1.69
N HIS O 127 28.03 17.93 -2.93
CA HIS O 127 27.13 17.74 -4.08
C HIS O 127 27.89 17.18 -5.28
N ILE O 128 27.34 16.13 -5.88
CA ILE O 128 27.95 15.45 -7.02
C ILE O 128 28.03 16.36 -8.24
N SER O 129 26.88 16.90 -8.63
CA SER O 129 26.80 17.81 -9.77
C SER O 129 27.00 19.26 -9.34
N ASN O 130 27.37 20.11 -10.29
CA ASN O 130 27.48 21.54 -10.06
C ASN O 130 26.09 22.17 -10.04
N VAL O 131 25.58 22.41 -8.83
CA VAL O 131 24.25 22.99 -8.64
C VAL O 131 24.14 24.43 -9.12
N HIS O 132 25.28 25.11 -9.23
CA HIS O 132 25.34 26.50 -9.67
C HIS O 132 25.28 26.61 -11.19
N ALA O 133 25.49 25.48 -11.88
CA ALA O 133 25.43 25.42 -13.33
C ALA O 133 24.08 24.90 -13.83
N ARG O 134 23.19 24.61 -12.89
CA ARG O 134 21.86 24.07 -13.21
C ARG O 134 20.78 25.14 -13.03
N GLU O 135 19.60 24.75 -12.54
CA GLU O 135 18.49 25.67 -12.34
C GLU O 135 18.80 26.70 -11.25
N GLU O 136 18.04 27.79 -11.24
CA GLU O 136 18.22 28.88 -10.28
C GLU O 136 17.92 28.49 -8.84
N PHE O 137 16.95 27.59 -8.64
CA PHE O 137 16.54 27.18 -7.29
C PHE O 137 17.57 26.30 -6.57
N ARG O 138 18.55 25.78 -7.32
CA ARG O 138 19.62 24.96 -6.74
C ARG O 138 20.81 25.78 -6.26
N ARG O 139 20.78 27.08 -6.55
CA ARG O 139 21.89 27.98 -6.22
C ARG O 139 21.79 28.59 -4.81
N HIS O 140 20.75 28.22 -4.07
CA HIS O 140 20.47 28.87 -2.79
C HIS O 140 20.28 27.86 -1.64
N SER O 141 21.36 27.15 -1.34
CA SER O 141 21.35 26.13 -0.28
C SER O 141 21.08 26.74 1.08
N TYR O 142 20.18 26.11 1.83
CA TYR O 142 19.89 26.50 3.21
C TYR O 142 20.96 25.97 4.16
N LEU O 143 21.66 24.93 3.74
CA LEU O 143 22.68 24.27 4.56
C LEU O 143 24.04 24.95 4.48
N SER O 144 24.30 25.66 3.39
CA SER O 144 25.60 26.31 3.15
C SER O 144 25.99 27.43 4.13
N PRO O 145 25.03 28.32 4.51
CA PRO O 145 25.38 29.41 5.42
C PRO O 145 25.82 28.97 6.82
N ILE O 146 25.34 27.81 7.28
CA ILE O 146 25.68 27.31 8.62
C ILE O 146 26.82 26.29 8.62
N ALA O 147 27.06 25.67 7.47
CA ALA O 147 28.16 24.71 7.32
C ALA O 147 29.52 25.39 7.31
N THR O 148 30.55 24.68 7.74
CA THR O 148 31.92 25.21 7.75
C THR O 148 32.48 25.31 6.33
N GLY O 149 32.14 24.32 5.50
CA GLY O 149 32.57 24.28 4.11
C GLY O 149 31.64 23.51 3.19
N VAL O 150 31.72 23.79 1.89
CA VAL O 150 30.90 23.13 0.88
C VAL O 150 31.72 22.72 -0.34
N ILE O 151 31.50 21.50 -0.81
CA ILE O 151 32.10 20.99 -2.05
C ILE O 151 31.00 20.67 -3.07
N VAL O 152 31.13 21.21 -4.27
CA VAL O 152 30.12 21.07 -5.31
C VAL O 152 30.76 20.82 -6.69
N GLY O 153 30.20 19.85 -7.42
CA GLY O 153 30.53 19.65 -8.83
C GLY O 153 31.75 18.80 -9.15
N LEU O 154 32.37 18.23 -8.13
CA LEU O 154 33.56 17.40 -8.32
C LEU O 154 33.22 15.91 -8.36
N GLY O 155 32.03 15.60 -8.85
CA GLY O 155 31.56 14.22 -9.05
C GLY O 155 31.50 13.38 -7.79
N ILE O 156 31.66 12.07 -7.98
CA ILE O 156 31.61 11.10 -6.89
C ILE O 156 32.82 11.23 -5.95
N GLN O 157 33.85 11.92 -6.41
CA GLN O 157 35.08 12.15 -5.63
C GLN O 157 34.92 13.24 -4.58
N GLY O 158 33.77 13.93 -4.60
CA GLY O 158 33.46 14.98 -3.63
C GLY O 158 33.44 14.49 -2.20
N TYR O 159 32.95 13.28 -2.00
CA TYR O 159 32.92 12.65 -0.68
C TYR O 159 34.32 12.34 -0.15
N LEU O 160 35.19 11.87 -1.04
CA LEU O 160 36.56 11.45 -0.68
C LEU O 160 37.46 12.63 -0.32
N LEU O 161 37.23 13.77 -0.98
CA LEU O 161 37.98 15.00 -0.70
C LEU O 161 37.52 15.66 0.59
N ALA O 162 36.24 15.45 0.93
CA ALA O 162 35.66 15.97 2.17
C ALA O 162 36.23 15.25 3.40
N LEU O 163 36.54 13.97 3.24
CA LEU O 163 37.15 13.16 4.29
C LEU O 163 38.57 13.61 4.60
N ARG O 164 39.29 14.01 3.55
CA ARG O 164 40.69 14.41 3.66
C ARG O 164 40.87 15.71 4.44
N TYR O 165 39.90 16.62 4.33
CA TYR O 165 39.90 17.87 5.09
C TYR O 165 39.76 17.59 6.59
N LEU O 166 38.84 16.71 6.95
CA LEU O 166 38.55 16.38 8.34
C LEU O 166 39.69 15.61 9.00
N ALA O 167 40.41 14.82 8.20
CA ALA O 167 41.57 14.06 8.69
C ALA O 167 42.75 14.98 8.99
N GLU O 168 42.89 16.04 8.20
CA GLU O 168 43.98 17.01 8.37
C GLU O 168 43.69 17.96 9.54
N HIS O 169 42.44 18.41 9.64
CA HIS O 169 42.01 19.30 10.71
C HIS O 169 41.36 18.53 11.86
N LEU P 29 15.71 39.77 -55.09
CA LEU P 29 16.16 39.64 -53.67
C LEU P 29 15.28 40.49 -52.74
N ILE P 30 14.19 39.88 -52.29
CA ILE P 30 13.20 40.59 -51.46
C ILE P 30 13.64 40.72 -50.02
N VAL P 31 13.53 41.94 -49.49
CA VAL P 31 13.68 42.20 -48.07
C VAL P 31 12.39 42.85 -47.56
N ASN P 32 11.79 42.25 -46.53
CA ASN P 32 10.58 42.80 -45.95
C ASN P 32 10.87 43.78 -44.82
N VAL P 33 10.50 45.03 -45.02
CA VAL P 33 10.50 46.02 -43.96
C VAL P 33 9.08 46.13 -43.43
N ILE P 34 8.90 45.82 -42.14
CA ILE P 34 7.58 45.84 -41.52
C ILE P 34 7.56 46.83 -40.36
N ASN P 35 6.70 47.83 -40.46
CA ASN P 35 6.50 48.81 -39.40
C ASN P 35 5.18 48.61 -38.67
N GLY P 36 5.21 48.73 -37.35
CA GLY P 36 4.04 48.50 -36.51
C GLY P 36 3.32 49.77 -36.12
N PRO P 37 2.46 49.69 -35.07
CA PRO P 37 1.60 50.76 -34.60
C PRO P 37 2.30 52.11 -34.44
N ASN P 38 1.61 53.17 -34.88
CA ASN P 38 2.05 54.57 -34.72
C ASN P 38 3.24 55.01 -35.58
N LEU P 39 3.81 54.08 -36.35
CA LEU P 39 4.92 54.40 -37.23
C LEU P 39 4.47 55.06 -38.54
N GLY P 40 3.20 54.89 -38.89
CA GLY P 40 2.60 55.61 -40.01
C GLY P 40 2.42 57.08 -39.67
N ARG P 41 2.64 57.42 -38.40
CA ARG P 41 2.45 58.78 -37.89
C ARG P 41 3.74 59.61 -37.87
N LEU P 42 4.85 58.99 -38.28
CA LEU P 42 6.15 59.67 -38.33
C LEU P 42 6.11 61.03 -39.03
N GLY P 43 6.89 61.98 -38.51
CA GLY P 43 6.91 63.34 -39.02
C GLY P 43 6.35 64.30 -37.99
N ARG P 44 5.04 64.21 -37.76
CA ARG P 44 4.37 65.02 -36.74
C ARG P 44 4.33 64.32 -35.38
N ARG P 45 4.66 63.03 -35.39
CA ARG P 45 4.68 62.22 -34.17
C ARG P 45 5.95 62.49 -33.36
N GLU P 46 5.77 63.07 -32.17
CA GLU P 46 6.88 63.44 -31.27
C GLU P 46 8.22 63.64 -31.99
N PRO P 47 8.37 64.78 -32.69
CA PRO P 47 9.57 65.05 -33.51
C PRO P 47 10.89 64.97 -32.74
N ALA P 48 10.90 65.43 -31.49
CA ALA P 48 12.10 65.40 -30.65
C ALA P 48 12.59 63.97 -30.37
N VAL P 49 11.67 63.02 -30.38
CA VAL P 49 11.99 61.62 -30.13
C VAL P 49 12.26 60.88 -31.44
N TYR P 50 11.35 61.04 -32.41
CA TYR P 50 11.36 60.22 -33.63
C TYR P 50 11.87 60.89 -34.90
N GLY P 51 12.08 62.21 -34.85
CA GLY P 51 12.55 62.96 -36.03
C GLY P 51 11.41 63.53 -36.86
N GLY P 52 11.78 64.30 -37.89
CA GLY P 52 10.80 65.00 -38.73
C GLY P 52 10.49 64.34 -40.06
N THR P 53 11.15 63.22 -40.36
CA THR P 53 10.91 62.45 -41.58
C THR P 53 9.57 61.72 -41.49
N THR P 54 8.75 61.86 -42.53
CA THR P 54 7.46 61.16 -42.60
C THR P 54 7.65 59.70 -43.01
N HIS P 55 6.60 58.89 -42.85
CA HIS P 55 6.66 57.49 -43.26
C HIS P 55 6.77 57.35 -44.78
N ASP P 56 6.08 58.23 -45.51
CA ASP P 56 6.18 58.29 -46.97
C ASP P 56 7.62 58.51 -47.43
N GLU P 57 8.33 59.41 -46.74
CA GLU P 57 9.73 59.70 -47.05
C GLU P 57 10.64 58.56 -46.61
N LEU P 58 10.26 57.89 -45.54
CA LEU P 58 10.98 56.71 -45.04
C LEU P 58 10.92 55.57 -46.05
N VAL P 59 9.73 55.33 -46.62
CA VAL P 59 9.53 54.28 -47.62
C VAL P 59 10.46 54.53 -48.83
N ALA P 60 10.45 55.75 -49.34
CA ALA P 60 11.25 56.13 -50.50
C ALA P 60 12.75 55.97 -50.24
N LEU P 61 13.20 56.37 -49.05
CA LEU P 61 14.61 56.25 -48.66
C LEU P 61 15.07 54.79 -48.59
N ILE P 62 14.22 53.92 -48.05
CA ILE P 62 14.52 52.50 -47.91
C ILE P 62 14.59 51.81 -49.27
N GLU P 63 13.61 52.10 -50.13
CA GLU P 63 13.55 51.51 -51.46
C GLU P 63 14.76 51.91 -52.31
N ARG P 64 15.13 53.19 -52.23
CA ARG P 64 16.30 53.73 -52.92
C ARG P 64 17.58 53.07 -52.46
N GLU P 65 17.72 52.90 -51.14
CA GLU P 65 18.91 52.27 -50.57
C GLU P 65 19.01 50.79 -50.94
N ALA P 66 17.88 50.10 -50.91
CA ALA P 66 17.80 48.69 -51.32
C ALA P 66 18.30 48.50 -52.76
N ALA P 67 17.90 49.41 -53.64
CA ALA P 67 18.31 49.38 -55.04
C ALA P 67 19.81 49.60 -55.20
N GLU P 68 20.37 50.51 -54.40
CA GLU P 68 21.80 50.77 -54.41
C GLU P 68 22.60 49.53 -53.97
N LEU P 69 21.96 48.68 -53.17
CA LEU P 69 22.58 47.45 -52.67
C LEU P 69 22.25 46.22 -53.53
N GLY P 70 21.48 46.44 -54.59
CA GLY P 70 21.06 45.34 -55.48
C GLY P 70 19.95 44.49 -54.90
N LEU P 71 19.21 45.06 -53.96
CA LEU P 71 18.09 44.37 -53.31
C LEU P 71 16.77 45.05 -53.68
N LYS P 72 15.66 44.43 -53.27
CA LYS P 72 14.35 45.05 -53.37
C LYS P 72 13.69 45.04 -52.00
N ALA P 73 13.29 46.21 -51.53
CA ALA P 73 12.61 46.34 -50.26
C ALA P 73 11.09 46.50 -50.42
N VAL P 74 10.35 45.63 -49.73
CA VAL P 74 8.90 45.75 -49.64
C VAL P 74 8.57 46.33 -48.27
N VAL P 75 8.16 47.59 -48.26
CA VAL P 75 7.93 48.32 -47.01
C VAL P 75 6.43 48.44 -46.74
N ARG P 76 6.01 47.91 -45.59
CA ARG P 76 4.59 47.90 -45.21
C ARG P 76 4.40 48.33 -43.76
N GLN P 77 3.32 49.07 -43.50
CA GLN P 77 3.01 49.58 -42.17
C GLN P 77 1.57 49.22 -41.79
N SER P 78 1.40 48.82 -40.53
CA SER P 78 0.07 48.51 -39.99
C SER P 78 -0.01 48.79 -38.49
N ASP P 79 -1.18 49.28 -38.07
CA ASP P 79 -1.50 49.44 -36.65
C ASP P 79 -2.12 48.17 -36.07
N SER P 80 -2.43 47.21 -36.95
CA SER P 80 -3.06 45.96 -36.58
C SER P 80 -2.04 44.87 -36.29
N GLU P 81 -2.10 44.32 -35.07
CA GLU P 81 -1.24 43.21 -34.65
C GLU P 81 -1.45 41.98 -35.54
N ALA P 82 -2.71 41.65 -35.84
CA ALA P 82 -3.04 40.53 -36.72
C ALA P 82 -2.41 40.67 -38.10
N GLN P 83 -2.34 41.90 -38.61
CA GLN P 83 -1.79 42.15 -39.94
C GLN P 83 -0.28 41.91 -39.97
N LEU P 84 0.41 42.36 -38.93
CA LEU P 84 1.85 42.12 -38.79
C LEU P 84 2.14 40.62 -38.74
N LEU P 85 1.29 39.88 -38.03
CA LEU P 85 1.40 38.41 -37.96
C LEU P 85 1.29 37.77 -39.35
N ASP P 86 0.33 38.23 -40.15
CA ASP P 86 0.14 37.74 -41.51
C ASP P 86 1.39 37.95 -42.36
N TRP P 87 1.94 39.17 -42.31
CA TRP P 87 3.15 39.51 -43.06
C TRP P 87 4.37 38.69 -42.62
N ILE P 88 4.48 38.45 -41.31
CA ILE P 88 5.52 37.60 -40.78
C ILE P 88 5.36 36.16 -41.30
N HIS P 89 4.11 35.66 -41.27
CA HIS P 89 3.80 34.32 -41.78
C HIS P 89 4.19 34.18 -43.25
N GLN P 90 3.86 35.19 -44.04
CA GLN P 90 4.14 35.19 -45.47
C GLN P 90 5.65 35.25 -45.74
N ALA P 91 6.37 35.99 -44.91
CA ALA P 91 7.83 36.08 -45.00
C ALA P 91 8.51 34.76 -44.58
N ALA P 92 7.88 34.03 -43.67
CA ALA P 92 8.36 32.71 -43.26
C ALA P 92 8.15 31.66 -44.35
N ASP P 93 7.00 31.71 -45.01
CA ASP P 93 6.69 30.79 -46.12
C ASP P 93 7.57 31.05 -47.35
N ALA P 94 7.88 32.32 -47.59
CA ALA P 94 8.70 32.73 -48.73
C ALA P 94 10.20 32.72 -48.39
N ALA P 95 10.52 32.44 -47.13
CA ALA P 95 11.90 32.42 -46.61
C ALA P 95 12.65 33.73 -46.88
N GLU P 96 11.94 34.84 -46.69
CA GLU P 96 12.48 36.18 -46.93
C GLU P 96 12.90 36.84 -45.61
N PRO P 97 14.02 37.61 -45.63
CA PRO P 97 14.47 38.36 -44.46
C PRO P 97 13.48 39.43 -44.02
N VAL P 98 13.55 39.81 -42.74
CA VAL P 98 12.64 40.80 -42.17
C VAL P 98 13.38 41.86 -41.35
N ILE P 99 13.12 43.12 -41.68
CA ILE P 99 13.52 44.25 -40.85
C ILE P 99 12.25 44.72 -40.15
N LEU P 100 12.20 44.52 -38.83
CA LEU P 100 10.97 44.76 -38.07
C LEU P 100 11.10 45.87 -37.04
N ASN P 101 10.26 46.89 -37.18
CA ASN P 101 10.03 47.88 -36.14
C ASN P 101 8.58 47.78 -35.70
N ALA P 102 8.35 47.01 -34.65
CA ALA P 102 7.00 46.70 -34.19
C ALA P 102 6.35 47.82 -33.38
N GLY P 103 7.09 48.90 -33.15
CA GLY P 103 6.59 50.00 -32.34
C GLY P 103 6.32 49.56 -30.90
N GLY P 104 5.12 49.86 -30.41
CA GLY P 104 4.73 49.52 -29.04
C GLY P 104 4.64 48.03 -28.77
N LEU P 105 4.26 47.26 -29.79
CA LEU P 105 4.10 45.81 -29.68
C LEU P 105 5.40 45.07 -29.40
N THR P 106 6.53 45.73 -29.66
CA THR P 106 7.86 45.23 -29.33
C THR P 106 7.95 44.79 -27.86
N HIS P 107 7.27 45.53 -26.99
CA HIS P 107 7.43 45.38 -25.54
C HIS P 107 6.29 44.57 -24.90
N THR P 108 5.30 44.20 -25.70
CA THR P 108 4.06 43.65 -25.15
C THR P 108 3.59 42.35 -25.79
N SER P 109 3.90 42.16 -27.08
CA SER P 109 3.32 41.08 -27.86
C SER P 109 4.14 39.79 -27.91
N VAL P 110 3.68 38.78 -27.16
CA VAL P 110 4.23 37.42 -27.24
C VAL P 110 3.82 36.78 -28.57
N ALA P 111 2.61 37.08 -29.02
CA ALA P 111 2.08 36.56 -30.29
C ALA P 111 2.95 36.92 -31.50
N LEU P 112 3.48 38.14 -31.50
CA LEU P 112 4.37 38.60 -32.56
C LEU P 112 5.71 37.89 -32.50
N ARG P 113 6.22 37.68 -31.27
CA ARG P 113 7.44 36.91 -31.04
C ARG P 113 7.28 35.49 -31.57
N ASP P 114 6.14 34.87 -31.30
CA ASP P 114 5.85 33.51 -31.75
C ASP P 114 5.80 33.38 -33.27
N ALA P 115 5.25 34.39 -33.93
CA ALA P 115 5.22 34.45 -35.39
C ALA P 115 6.63 34.55 -35.97
N CYS P 116 7.46 35.38 -35.33
CA CYS P 116 8.84 35.61 -35.77
C CYS P 116 9.73 34.39 -35.61
N ALA P 117 9.34 33.47 -34.72
CA ALA P 117 10.08 32.25 -34.46
C ALA P 117 10.13 31.30 -35.67
N GLU P 118 9.18 31.47 -36.59
CA GLU P 118 9.11 30.66 -37.82
C GLU P 118 10.09 31.09 -38.90
N LEU P 119 10.63 32.30 -38.76
CA LEU P 119 11.53 32.86 -39.78
C LEU P 119 12.85 32.10 -39.85
N SER P 120 13.17 31.60 -41.04
CA SER P 120 14.45 30.91 -41.28
C SER P 120 15.51 31.91 -41.74
N ALA P 121 15.07 32.97 -42.39
CA ALA P 121 15.95 34.05 -42.86
C ALA P 121 16.15 35.07 -41.73
N PRO P 122 17.23 35.87 -41.82
CA PRO P 122 17.57 36.82 -40.75
C PRO P 122 16.45 37.78 -40.36
N LEU P 123 16.34 38.04 -39.06
CA LEU P 123 15.39 39.01 -38.52
C LEU P 123 16.15 40.12 -37.83
N ILE P 124 16.02 41.34 -38.35
CA ILE P 124 16.68 42.50 -37.77
C ILE P 124 15.65 43.42 -37.12
N GLU P 125 15.79 43.62 -35.81
CA GLU P 125 14.95 44.55 -35.07
C GLU P 125 15.54 45.95 -35.18
N VAL P 126 14.70 46.90 -35.59
CA VAL P 126 15.14 48.28 -35.73
C VAL P 126 14.22 49.21 -34.91
N HIS P 127 14.84 50.12 -34.17
CA HIS P 127 14.11 51.21 -33.53
C HIS P 127 14.77 52.54 -33.85
N ILE P 128 13.93 53.54 -34.16
CA ILE P 128 14.39 54.89 -34.50
C ILE P 128 15.00 55.58 -33.27
N SER P 129 14.27 55.60 -32.17
CA SER P 129 14.75 56.19 -30.93
C SER P 129 15.65 55.22 -30.16
N ASN P 130 16.49 55.77 -29.29
CA ASN P 130 17.25 54.94 -28.35
C ASN P 130 16.33 54.49 -27.23
N VAL P 131 15.88 53.24 -27.33
CA VAL P 131 14.86 52.69 -26.45
C VAL P 131 15.36 52.51 -25.01
N HIS P 132 16.68 52.50 -24.85
CA HIS P 132 17.31 52.32 -23.54
C HIS P 132 17.51 53.63 -22.79
N ALA P 133 17.34 54.74 -23.51
CA ALA P 133 17.43 56.08 -22.91
C ALA P 133 16.07 56.59 -22.46
N ARG P 134 15.03 55.79 -22.70
CA ARG P 134 13.65 56.19 -22.40
C ARG P 134 13.11 55.46 -21.16
N GLU P 135 11.81 55.20 -21.12
CA GLU P 135 11.18 54.54 -19.97
C GLU P 135 11.67 53.10 -19.82
N GLU P 136 11.70 52.63 -18.58
CA GLU P 136 12.18 51.29 -18.25
C GLU P 136 11.45 50.18 -18.99
N PHE P 137 10.13 50.33 -19.16
CA PHE P 137 9.31 49.31 -19.82
C PHE P 137 9.63 49.11 -21.30
N ARG P 138 10.44 50.00 -21.86
CA ARG P 138 10.86 49.90 -23.27
C ARG P 138 12.16 49.14 -23.45
N ARG P 139 12.82 48.81 -22.34
CA ARG P 139 14.15 48.19 -22.37
C ARG P 139 14.16 46.66 -22.40
N HIS P 140 12.97 46.05 -22.53
CA HIS P 140 12.84 44.59 -22.39
C HIS P 140 12.11 43.92 -23.55
N SER P 141 12.56 44.21 -24.77
CA SER P 141 11.94 43.67 -26.00
C SER P 141 11.72 42.17 -25.97
N TYR P 142 10.52 41.76 -26.44
CA TYR P 142 10.21 40.34 -26.60
C TYR P 142 10.86 39.76 -27.85
N LEU P 143 11.21 40.63 -28.80
CA LEU P 143 11.75 40.23 -30.10
C LEU P 143 13.26 40.12 -30.12
N SER P 144 13.94 40.93 -29.31
CA SER P 144 15.40 40.94 -29.24
C SER P 144 16.06 39.57 -29.04
N PRO P 145 15.56 38.74 -28.09
CA PRO P 145 16.18 37.43 -27.86
C PRO P 145 16.04 36.43 -29.02
N ILE P 146 15.13 36.69 -29.95
CA ILE P 146 14.93 35.77 -31.08
C ILE P 146 15.39 36.35 -32.42
N ALA P 147 15.70 37.63 -32.43
CA ALA P 147 16.20 38.31 -33.62
C ALA P 147 17.67 37.96 -33.88
N THR P 148 18.13 38.20 -35.11
CA THR P 148 19.54 38.07 -35.45
C THR P 148 20.31 39.21 -34.79
N GLY P 149 19.79 40.43 -34.95
CA GLY P 149 20.41 41.62 -34.40
C GLY P 149 19.46 42.77 -34.15
N VAL P 150 19.93 43.77 -33.41
CA VAL P 150 19.13 44.93 -33.05
C VAL P 150 19.87 46.23 -33.38
N ILE P 151 19.21 47.13 -34.09
CA ILE P 151 19.72 48.49 -34.30
C ILE P 151 18.77 49.47 -33.62
N VAL P 152 19.32 50.26 -32.70
CA VAL P 152 18.53 51.13 -31.85
C VAL P 152 19.16 52.53 -31.79
N GLY P 153 18.33 53.56 -31.93
CA GLY P 153 18.76 54.94 -31.68
C GLY P 153 19.51 55.64 -32.78
N LEU P 154 19.63 55.00 -33.94
CA LEU P 154 20.35 55.59 -35.06
C LEU P 154 19.40 56.25 -36.06
N GLY P 155 18.19 56.54 -35.58
CA GLY P 155 17.17 57.22 -36.36
C GLY P 155 16.71 56.42 -37.56
N ILE P 156 16.36 57.14 -38.61
CA ILE P 156 15.85 56.57 -39.84
C ILE P 156 16.91 55.71 -40.56
N GLN P 157 18.18 56.06 -40.38
CA GLN P 157 19.30 55.37 -41.01
C GLN P 157 19.46 53.93 -40.53
N GLY P 158 18.93 53.63 -39.34
CA GLY P 158 18.90 52.27 -38.78
C GLY P 158 18.33 51.24 -39.74
N TYR P 159 17.26 51.62 -40.44
CA TYR P 159 16.66 50.78 -41.48
C TYR P 159 17.63 50.51 -42.63
N LEU P 160 18.35 51.55 -43.05
CA LEU P 160 19.28 51.46 -44.18
C LEU P 160 20.52 50.63 -43.83
N LEU P 161 20.96 50.73 -42.57
CA LEU P 161 22.08 49.93 -42.08
C LEU P 161 21.68 48.46 -41.97
N ALA P 162 20.44 48.21 -41.58
CA ALA P 162 19.89 46.86 -41.54
C ALA P 162 19.89 46.23 -42.93
N LEU P 163 19.49 47.01 -43.94
CA LEU P 163 19.51 46.58 -45.33
C LEU P 163 20.92 46.21 -45.80
N ARG P 164 21.89 47.02 -45.37
CA ARG P 164 23.29 46.83 -45.75
C ARG P 164 23.87 45.56 -45.13
N TYR P 165 23.43 45.24 -43.91
CA TYR P 165 23.79 43.97 -43.29
C TYR P 165 23.27 42.80 -44.14
N LEU P 166 22.00 42.89 -44.54
CA LEU P 166 21.36 41.85 -45.35
C LEU P 166 21.95 41.75 -46.75
N ALA P 167 22.42 42.87 -47.29
CA ALA P 167 23.10 42.89 -48.60
C ALA P 167 24.38 42.04 -48.54
N GLU P 168 25.04 42.09 -47.39
CA GLU P 168 26.12 41.15 -47.07
C GLU P 168 25.47 39.87 -46.54
N HIS P 169 26.23 38.79 -46.43
CA HIS P 169 25.72 37.50 -45.92
C HIS P 169 24.83 36.79 -46.95
N LEU Q 29 -12.61 19.35 28.17
CA LEU Q 29 -12.17 19.46 26.75
C LEU Q 29 -10.72 18.99 26.58
N ILE Q 30 -10.47 18.28 25.49
CA ILE Q 30 -9.13 17.77 25.17
C ILE Q 30 -8.40 18.70 24.21
N VAL Q 31 -7.20 19.12 24.61
CA VAL Q 31 -6.38 20.03 23.82
C VAL Q 31 -5.12 19.31 23.32
N ASN Q 32 -4.91 19.35 22.00
CA ASN Q 32 -3.75 18.71 21.38
C ASN Q 32 -2.57 19.66 21.19
N VAL Q 33 -1.43 19.28 21.75
CA VAL Q 33 -0.19 20.03 21.59
C VAL Q 33 0.77 19.23 20.70
N ILE Q 34 1.03 19.75 19.51
CA ILE Q 34 1.90 19.09 18.54
C ILE Q 34 3.16 19.91 18.31
N ASN Q 35 4.31 19.28 18.58
CA ASN Q 35 5.61 19.89 18.32
C ASN Q 35 6.31 19.24 17.13
N GLY Q 36 6.80 20.09 16.22
CA GLY Q 36 7.45 19.63 14.99
C GLY Q 36 8.91 19.23 15.19
N PRO Q 37 9.66 19.11 14.08
CA PRO Q 37 11.06 18.68 14.10
C PRO Q 37 11.98 19.58 14.92
N ASN Q 38 13.00 18.97 15.53
CA ASN Q 38 14.02 19.67 16.33
C ASN Q 38 13.56 20.16 17.70
N LEU Q 39 12.25 20.09 17.96
CA LEU Q 39 11.68 20.55 19.22
C LEU Q 39 11.82 19.56 20.37
N GLY Q 40 12.09 18.30 20.04
CA GLY Q 40 12.40 17.27 21.03
C GLY Q 40 13.84 17.36 21.49
N ARG Q 41 14.55 18.38 21.00
CA ARG Q 41 15.97 18.59 21.27
C ARG Q 41 16.22 19.86 22.09
N LEU Q 42 15.19 20.35 22.76
CA LEU Q 42 15.26 21.59 23.53
C LEU Q 42 16.29 21.53 24.66
N GLY Q 43 16.98 22.65 24.86
CA GLY Q 43 18.13 22.73 25.76
C GLY Q 43 19.39 23.02 24.97
N ARG Q 44 19.35 22.68 23.68
CA ARG Q 44 20.44 22.94 22.74
C ARG Q 44 19.87 23.48 21.42
N ARG Q 45 20.34 24.64 20.96
CA ARG Q 45 21.35 25.43 21.66
C ARG Q 45 20.80 26.81 22.05
N GLU Q 46 21.41 27.40 23.08
CA GLU Q 46 21.01 28.71 23.57
C GLU Q 46 19.73 28.62 24.40
N GLY Q 52 17.17 27.22 26.96
CA GLY Q 52 17.46 26.92 28.35
C GLY Q 52 16.65 25.75 28.88
N THR Q 53 15.33 25.85 28.77
CA THR Q 53 14.41 24.81 29.24
C THR Q 53 14.38 23.65 28.24
N THR Q 54 14.29 22.42 28.78
CA THR Q 54 14.27 21.21 27.96
C THR Q 54 12.85 20.76 27.62
N HIS Q 55 12.74 19.84 26.65
CA HIS Q 55 11.45 19.34 26.17
C HIS Q 55 10.71 18.50 27.22
N ASP Q 56 11.46 17.77 28.05
CA ASP Q 56 10.89 16.96 29.12
C ASP Q 56 10.16 17.81 30.16
N GLU Q 57 10.74 18.96 30.48
CA GLU Q 57 10.14 19.93 31.40
C GLU Q 57 8.87 20.54 30.81
N LEU Q 58 8.91 20.78 29.49
CA LEU Q 58 7.80 21.37 28.76
C LEU Q 58 6.51 20.53 28.86
N VAL Q 59 6.65 19.22 28.63
CA VAL Q 59 5.51 18.29 28.71
C VAL Q 59 4.90 18.29 30.11
N ALA Q 60 5.77 18.31 31.12
CA ALA Q 60 5.35 18.35 32.52
C ALA Q 60 4.65 19.67 32.88
N LEU Q 61 5.14 20.77 32.33
CA LEU Q 61 4.57 22.11 32.56
C LEU Q 61 3.19 22.28 31.91
N ILE Q 62 3.03 21.73 30.72
CA ILE Q 62 1.75 21.79 29.98
C ILE Q 62 0.65 21.02 30.71
N GLU Q 63 0.95 19.80 31.11
CA GLU Q 63 0.00 18.94 31.85
C GLU Q 63 -0.35 19.53 33.21
N ARG Q 64 0.60 20.27 33.80
CA ARG Q 64 0.41 20.92 35.09
C ARG Q 64 -0.54 22.11 34.95
N GLU Q 65 -0.37 22.88 33.88
CA GLU Q 65 -1.20 24.05 33.60
C GLU Q 65 -2.61 23.64 33.16
N ALA Q 66 -2.70 22.54 32.43
CA ALA Q 66 -3.98 22.03 31.92
C ALA Q 66 -4.93 21.60 33.04
N ALA Q 67 -4.38 20.98 34.09
CA ALA Q 67 -5.16 20.54 35.23
C ALA Q 67 -5.73 21.70 36.04
N GLU Q 68 -4.97 22.79 36.12
CA GLU Q 68 -5.38 24.00 36.82
C GLU Q 68 -6.49 24.75 36.07
N LEU Q 69 -6.50 24.58 34.75
CA LEU Q 69 -7.49 25.24 33.89
C LEU Q 69 -8.70 24.34 33.60
N GLY Q 70 -8.61 23.08 34.03
CA GLY Q 70 -9.69 22.11 33.82
C GLY Q 70 -9.71 21.55 32.41
N LEU Q 71 -8.52 21.23 31.90
CA LEU Q 71 -8.37 20.67 30.55
C LEU Q 71 -7.51 19.41 30.58
N LYS Q 72 -7.65 18.59 29.53
CA LYS Q 72 -6.83 17.40 29.37
C LYS Q 72 -5.91 17.61 28.16
N ALA Q 73 -4.60 17.70 28.42
CA ALA Q 73 -3.64 18.00 27.38
C ALA Q 73 -2.91 16.76 26.86
N VAL Q 74 -2.76 16.69 25.53
CA VAL Q 74 -2.01 15.62 24.88
C VAL Q 74 -0.82 16.25 24.14
N VAL Q 75 0.38 16.02 24.68
CA VAL Q 75 1.60 16.58 24.08
C VAL Q 75 2.32 15.50 23.27
N ARG Q 76 2.48 15.77 21.98
CA ARG Q 76 3.10 14.83 21.06
C ARG Q 76 4.18 15.52 20.21
N GLN Q 77 5.29 14.82 19.99
CA GLN Q 77 6.42 15.35 19.23
C GLN Q 77 6.93 14.35 18.20
N SER Q 78 7.14 14.81 16.98
CA SER Q 78 7.66 13.99 15.89
C SER Q 78 8.49 14.80 14.90
N ASP Q 79 9.48 14.14 14.30
CA ASP Q 79 10.30 14.74 13.25
C ASP Q 79 9.77 14.36 11.86
N SER Q 80 8.84 13.41 11.84
CA SER Q 80 8.21 12.96 10.60
C SER Q 80 7.03 13.86 10.24
N GLU Q 81 7.04 14.35 9.00
CA GLU Q 81 5.94 15.18 8.50
C GLU Q 81 4.65 14.38 8.41
N ALA Q 82 4.76 13.13 7.94
CA ALA Q 82 3.63 12.23 7.80
C ALA Q 82 2.92 11.97 9.13
N GLN Q 83 3.71 11.88 10.21
CA GLN Q 83 3.17 11.69 11.55
C GLN Q 83 2.51 12.97 12.07
N LEU Q 84 3.16 14.11 11.84
CA LEU Q 84 2.60 15.42 12.18
C LEU Q 84 1.25 15.63 11.50
N LEU Q 85 1.15 15.19 10.26
CA LEU Q 85 -0.09 15.26 9.49
C LEU Q 85 -1.17 14.35 10.08
N ASP Q 86 -0.78 13.11 10.41
CA ASP Q 86 -1.71 12.11 10.94
C ASP Q 86 -2.42 12.59 12.22
N TRP Q 87 -1.68 13.28 13.09
CA TRP Q 87 -2.21 13.75 14.37
C TRP Q 87 -3.27 14.85 14.22
N ILE Q 88 -3.00 15.83 13.36
CA ILE Q 88 -3.97 16.90 13.10
C ILE Q 88 -5.16 16.42 12.24
N HIS Q 89 -4.94 15.34 11.50
CA HIS Q 89 -6.02 14.64 10.80
C HIS Q 89 -7.01 14.05 11.80
N GLN Q 90 -6.49 13.44 12.87
CA GLN Q 90 -7.30 12.88 13.95
C GLN Q 90 -7.97 13.98 14.77
N ALA Q 91 -7.26 15.09 14.94
CA ALA Q 91 -7.77 16.25 15.67
C ALA Q 91 -8.91 16.96 14.93
N ALA Q 92 -8.91 16.85 13.62
CA ALA Q 92 -9.98 17.40 12.78
C ALA Q 92 -11.27 16.60 12.90
N ASP Q 93 -11.14 15.27 12.92
CA ASP Q 93 -12.28 14.37 13.05
C ASP Q 93 -12.89 14.39 14.45
N ALA Q 94 -12.06 14.65 15.46
CA ALA Q 94 -12.50 14.73 16.84
C ALA Q 94 -12.89 16.15 17.25
N ALA Q 95 -12.65 17.11 16.35
CA ALA Q 95 -12.92 18.54 16.57
C ALA Q 95 -12.25 19.07 17.86
N GLU Q 96 -10.93 18.88 17.94
CA GLU Q 96 -10.17 19.28 19.13
C GLU Q 96 -9.17 20.40 18.81
N PRO Q 97 -9.05 21.38 19.73
CA PRO Q 97 -8.12 22.51 19.57
C PRO Q 97 -6.67 22.05 19.44
N VAL Q 98 -5.89 22.79 18.63
CA VAL Q 98 -4.49 22.44 18.38
C VAL Q 98 -3.55 23.60 18.69
N ILE Q 99 -2.59 23.33 19.58
CA ILE Q 99 -1.44 24.22 19.80
C ILE Q 99 -0.28 23.66 19.02
N LEU Q 100 0.19 24.41 18.02
CA LEU Q 100 1.16 23.88 17.06
C LEU Q 100 2.44 24.70 16.93
N ASN Q 101 3.57 24.05 17.24
CA ASN Q 101 4.89 24.55 16.91
C ASN Q 101 5.53 23.57 15.95
N ALA Q 102 5.64 23.98 14.68
CA ALA Q 102 6.15 23.10 13.63
C ALA Q 102 7.65 23.25 13.40
N GLY Q 103 8.28 24.14 14.18
CA GLY Q 103 9.72 24.38 14.09
C GLY Q 103 10.15 24.87 12.72
N GLY Q 104 10.91 24.03 12.02
CA GLY Q 104 11.41 24.34 10.68
C GLY Q 104 10.35 24.24 9.59
N LEU Q 105 9.44 23.28 9.74
CA LEU Q 105 8.38 23.04 8.74
C LEU Q 105 7.30 24.14 8.71
N THR Q 106 7.38 25.06 9.66
CA THR Q 106 6.49 26.22 9.71
C THR Q 106 6.69 27.12 8.48
N HIS Q 107 7.94 27.22 8.04
CA HIS Q 107 8.33 28.17 7.00
C HIS Q 107 8.38 27.56 5.60
N THR Q 108 8.21 26.24 5.51
CA THR Q 108 8.40 25.53 4.23
C THR Q 108 7.23 24.64 3.80
N SER Q 109 6.53 24.04 4.75
CA SER Q 109 5.52 23.03 4.44
C SER Q 109 4.15 23.61 4.06
N VAL Q 110 3.71 23.29 2.85
CA VAL Q 110 2.36 23.62 2.39
C VAL Q 110 1.40 22.48 2.75
N ALA Q 111 1.94 21.26 2.76
CA ALA Q 111 1.17 20.06 3.11
C ALA Q 111 0.64 20.10 4.54
N LEU Q 112 1.42 20.68 5.44
CA LEU Q 112 1.01 20.86 6.84
C LEU Q 112 -0.07 21.93 6.96
N ARG Q 113 0.03 22.96 6.12
CA ARG Q 113 -0.95 24.04 6.09
C ARG Q 113 -2.33 23.53 5.67
N ASP Q 114 -2.38 22.72 4.62
CA ASP Q 114 -3.65 22.20 4.08
C ASP Q 114 -4.31 21.18 4.99
N ALA Q 115 -3.52 20.52 5.83
CA ALA Q 115 -4.05 19.61 6.85
C ALA Q 115 -4.69 20.40 7.98
N CYS Q 116 -4.06 21.53 8.33
CA CYS Q 116 -4.55 22.42 9.38
C CYS Q 116 -5.83 23.16 8.98
N ALA Q 117 -6.11 23.22 7.68
CA ALA Q 117 -7.32 23.87 7.16
C ALA Q 117 -8.58 23.06 7.48
N GLU Q 118 -8.40 21.78 7.76
CA GLU Q 118 -9.50 20.88 8.13
C GLU Q 118 -10.01 21.12 9.55
N LEU Q 119 -9.17 21.71 10.40
CA LEU Q 119 -9.50 21.93 11.81
C LEU Q 119 -10.67 22.89 11.99
N SER Q 120 -11.72 22.39 12.64
CA SER Q 120 -12.90 23.21 12.97
C SER Q 120 -12.67 23.99 14.26
N ALA Q 121 -11.98 23.35 15.20
CA ALA Q 121 -11.62 23.97 16.47
C ALA Q 121 -10.44 24.93 16.29
N PRO Q 122 -10.29 25.92 17.21
CA PRO Q 122 -9.22 26.92 17.11
C PRO Q 122 -7.81 26.34 16.99
N LEU Q 123 -6.99 26.99 16.16
CA LEU Q 123 -5.60 26.59 15.96
C LEU Q 123 -4.69 27.75 16.35
N ILE Q 124 -3.75 27.48 17.25
CA ILE Q 124 -2.82 28.51 17.72
C ILE Q 124 -1.36 28.13 17.46
N GLU Q 125 -0.64 29.04 16.80
CA GLU Q 125 0.77 28.85 16.46
C GLU Q 125 1.65 29.41 17.58
N VAL Q 126 2.61 28.60 18.02
CA VAL Q 126 3.53 28.99 19.07
C VAL Q 126 4.98 28.88 18.60
N HIS Q 127 5.79 29.87 18.95
CA HIS Q 127 7.24 29.83 18.72
C HIS Q 127 7.99 30.36 19.93
N ILE Q 128 9.05 29.65 20.30
CA ILE Q 128 9.83 29.97 21.50
C ILE Q 128 10.67 31.24 21.31
N SER Q 129 11.47 31.26 20.24
CA SER Q 129 12.31 32.41 19.93
C SER Q 129 11.53 33.48 19.16
N ASN Q 130 12.01 34.72 19.21
CA ASN Q 130 11.46 35.78 18.38
C ASN Q 130 11.88 35.54 16.93
N VAL Q 131 10.94 34.99 16.16
CA VAL Q 131 11.20 34.54 14.80
C VAL Q 131 11.37 35.73 13.85
N HIS Q 132 10.92 36.90 14.27
CA HIS Q 132 11.02 38.14 13.49
C HIS Q 132 12.33 38.89 13.77
N ALA Q 133 13.07 38.42 14.77
CA ALA Q 133 14.36 39.00 15.13
C ALA Q 133 15.51 38.20 14.50
N ARG Q 134 15.16 37.08 13.89
CA ARG Q 134 16.14 36.17 13.29
C ARG Q 134 16.16 36.31 11.76
N GLU Q 135 16.56 35.25 11.05
CA GLU Q 135 16.67 35.27 9.60
C GLU Q 135 15.35 35.59 8.90
N GLU Q 136 15.45 36.21 7.72
CA GLU Q 136 14.27 36.66 6.96
C GLU Q 136 13.34 35.54 6.53
N PHE Q 137 13.90 34.38 6.17
CA PHE Q 137 13.09 33.23 5.72
C PHE Q 137 12.23 32.63 6.84
N ARG Q 138 12.49 33.04 8.08
CA ARG Q 138 11.72 32.60 9.24
C ARG Q 138 10.51 33.49 9.52
N ARG Q 139 10.40 34.60 8.78
CA ARG Q 139 9.38 35.63 9.04
C ARG Q 139 8.11 35.48 8.20
N HIS Q 140 8.05 34.45 7.36
CA HIS Q 140 6.93 34.27 6.43
C HIS Q 140 6.26 32.91 6.60
N SER Q 141 5.68 32.70 7.80
CA SER Q 141 5.02 31.45 8.16
C SER Q 141 3.85 31.10 7.26
N TYR Q 142 3.78 29.83 6.85
CA TYR Q 142 2.66 29.31 6.06
C TYR Q 142 1.43 29.02 6.93
N LEU Q 143 1.66 28.82 8.22
CA LEU Q 143 0.59 28.45 9.15
C LEU Q 143 -0.13 29.66 9.73
N SER Q 144 0.60 30.79 9.84
CA SER Q 144 0.06 32.03 10.41
C SER Q 144 -1.25 32.54 9.78
N PRO Q 145 -1.34 32.57 8.44
CA PRO Q 145 -2.57 33.08 7.80
C PRO Q 145 -3.82 32.23 8.04
N ILE Q 146 -3.65 30.96 8.38
CA ILE Q 146 -4.80 30.07 8.58
C ILE Q 146 -5.05 29.68 10.05
N ALA Q 147 -4.14 30.10 10.94
CA ALA Q 147 -4.31 29.89 12.37
C ALA Q 147 -5.20 30.99 12.97
N THR Q 148 -5.72 30.73 14.17
CA THR Q 148 -6.49 31.72 14.92
C THR Q 148 -5.57 32.80 15.46
N GLY Q 149 -4.45 32.39 16.07
CA GLY Q 149 -3.50 33.31 16.65
C GLY Q 149 -2.07 32.80 16.66
N VAL Q 150 -1.12 33.71 16.85
CA VAL Q 150 0.31 33.35 16.85
C VAL Q 150 1.05 33.99 18.03
N ILE Q 151 1.63 33.14 18.89
CA ILE Q 151 2.46 33.59 20.01
C ILE Q 151 3.93 33.32 19.70
N VAL Q 152 4.73 34.38 19.68
CA VAL Q 152 6.14 34.30 19.30
C VAL Q 152 7.04 35.06 20.29
N GLY Q 153 8.21 34.49 20.58
CA GLY Q 153 9.27 35.21 21.29
C GLY Q 153 9.24 35.19 22.81
N LEU Q 154 8.13 34.74 23.38
CA LEU Q 154 7.94 34.75 24.82
C LEU Q 154 8.67 33.59 25.51
N GLY Q 155 8.93 32.53 24.75
CA GLY Q 155 9.68 31.39 25.26
C GLY Q 155 8.80 30.17 25.51
N ILE Q 156 9.20 29.38 26.51
CA ILE Q 156 8.50 28.15 26.87
C ILE Q 156 7.09 28.42 27.43
N GLN Q 157 6.88 29.63 27.94
CA GLN Q 157 5.61 30.03 28.53
C GLN Q 157 4.54 30.28 27.46
N GLY Q 158 4.98 30.50 26.22
CA GLY Q 158 4.06 30.68 25.09
C GLY Q 158 3.06 29.54 24.95
N TYR Q 159 3.51 28.33 25.26
CA TYR Q 159 2.65 27.14 25.27
C TYR Q 159 1.60 27.21 26.37
N LEU Q 160 2.02 27.69 27.55
CA LEU Q 160 1.12 27.81 28.71
C LEU Q 160 0.06 28.88 28.47
N LEU Q 161 0.48 29.99 27.86
CA LEU Q 161 -0.42 31.09 27.53
C LEU Q 161 -1.39 30.73 26.40
N ALA Q 162 -0.99 29.77 25.57
CA ALA Q 162 -1.85 29.24 24.51
C ALA Q 162 -3.01 28.43 25.09
N LEU Q 163 -2.72 27.69 26.16
CA LEU Q 163 -3.72 26.88 26.86
C LEU Q 163 -4.81 27.74 27.51
N ARG Q 164 -4.39 28.84 28.14
CA ARG Q 164 -5.30 29.73 28.86
C ARG Q 164 -6.32 30.39 27.94
N TYR Q 165 -5.91 30.66 26.69
CA TYR Q 165 -6.81 31.16 25.66
C TYR Q 165 -7.90 30.14 25.35
N LEU Q 166 -7.49 28.87 25.21
CA LEU Q 166 -8.41 27.79 24.84
C LEU Q 166 -9.27 27.33 26.03
N ALA Q 167 -8.82 27.62 27.25
CA ALA Q 167 -9.59 27.34 28.46
C ALA Q 167 -10.81 28.27 28.55
N GLU Q 168 -10.62 29.53 28.14
CA GLU Q 168 -11.68 30.52 28.11
C GLU Q 168 -12.58 30.32 26.88
N HIS Q 169 -12.01 29.77 25.81
CA HIS Q 169 -12.72 29.54 24.55
C HIS Q 169 -13.09 28.08 24.37
N LEU R 29 -25.74 19.74 -27.10
CA LEU R 29 -25.11 20.97 -26.56
C LEU R 29 -23.95 21.43 -27.44
N ILE R 30 -23.89 22.75 -27.67
CA ILE R 30 -22.87 23.35 -28.52
C ILE R 30 -21.63 23.73 -27.69
N VAL R 31 -20.46 23.35 -28.18
CA VAL R 31 -19.19 23.70 -27.55
C VAL R 31 -18.33 24.53 -28.50
N ASN R 32 -17.85 25.67 -28.03
CA ASN R 32 -16.99 26.54 -28.82
C ASN R 32 -15.51 26.29 -28.56
N VAL R 33 -14.80 25.92 -29.62
CA VAL R 33 -13.35 25.73 -29.55
C VAL R 33 -12.69 26.91 -30.25
N ILE R 34 -12.03 27.76 -29.47
CA ILE R 34 -11.47 29.01 -29.98
C ILE R 34 -9.94 29.01 -29.88
N ASN R 35 -9.29 29.14 -31.03
CA ASN R 35 -7.83 29.20 -31.11
C ASN R 35 -7.34 30.61 -31.46
N GLY R 36 -6.33 31.06 -30.72
CA GLY R 36 -5.76 32.39 -30.92
C GLY R 36 -4.63 32.43 -31.93
N PRO R 37 -3.82 33.52 -31.89
CA PRO R 37 -2.74 33.80 -32.84
C PRO R 37 -1.75 32.65 -33.06
N ASN R 38 -1.37 32.47 -34.33
CA ASN R 38 -0.34 31.50 -34.75
C ASN R 38 -0.77 30.02 -34.71
N LEU R 39 -1.99 29.75 -34.26
CA LEU R 39 -2.50 28.39 -34.22
C LEU R 39 -3.05 27.93 -35.57
N GLY R 40 -3.29 28.88 -36.47
CA GLY R 40 -3.60 28.57 -37.87
C GLY R 40 -2.37 28.10 -38.62
N ARG R 41 -1.20 28.29 -38.00
CA ARG R 41 0.08 27.93 -38.59
C ARG R 41 0.53 26.51 -38.24
N LEU R 42 -0.27 25.82 -37.43
CA LEU R 42 0.04 24.44 -37.01
C LEU R 42 0.37 23.53 -38.19
N GLY R 43 1.37 22.68 -38.00
CA GLY R 43 1.86 21.79 -39.05
C GLY R 43 3.32 22.05 -39.36
N ARG R 44 3.62 23.28 -39.77
CA ARG R 44 5.01 23.68 -40.02
C ARG R 44 5.55 24.67 -38.98
N ARG R 45 4.65 25.15 -38.11
CA ARG R 45 5.03 26.04 -37.01
C ARG R 45 5.73 25.23 -35.91
N GLU R 46 7.01 25.53 -35.69
CA GLU R 46 7.86 24.88 -34.69
C GLU R 46 7.44 23.43 -34.39
N PRO R 47 7.70 22.51 -35.34
CA PRO R 47 7.25 21.11 -35.28
C PRO R 47 7.63 20.38 -33.99
N ALA R 48 8.83 20.61 -33.47
CA ALA R 48 9.31 19.94 -32.25
C ALA R 48 8.53 20.38 -31.01
N VAL R 49 7.98 21.59 -31.06
CA VAL R 49 7.24 22.16 -29.93
C VAL R 49 5.74 21.86 -30.02
N TYR R 50 5.14 22.12 -31.19
CA TYR R 50 3.68 22.06 -31.35
C TYR R 50 3.15 20.83 -32.10
N GLY R 51 4.05 20.01 -32.63
CA GLY R 51 3.66 18.80 -33.35
C GLY R 51 3.59 19.02 -34.85
N GLY R 52 3.06 18.02 -35.56
CA GLY R 52 2.99 18.06 -37.02
C GLY R 52 1.58 18.04 -37.62
N THR R 53 0.57 18.16 -36.76
CA THR R 53 -0.82 18.20 -37.21
C THR R 53 -1.22 19.62 -37.59
N THR R 54 -1.84 19.77 -38.76
CA THR R 54 -2.32 21.06 -39.23
C THR R 54 -3.62 21.44 -38.51
N HIS R 55 -4.03 22.70 -38.65
CA HIS R 55 -5.24 23.20 -38.00
C HIS R 55 -6.51 22.61 -38.61
N ASP R 56 -6.52 22.43 -39.93
CA ASP R 56 -7.65 21.81 -40.63
C ASP R 56 -7.90 20.37 -40.15
N GLU R 57 -6.81 19.65 -39.88
CA GLU R 57 -6.87 18.29 -39.37
C GLU R 57 -7.29 18.27 -37.90
N LEU R 58 -6.90 19.31 -37.16
CA LEU R 58 -7.29 19.47 -35.76
C LEU R 58 -8.80 19.71 -35.63
N VAL R 59 -9.35 20.51 -36.53
CA VAL R 59 -10.79 20.76 -36.59
C VAL R 59 -11.56 19.46 -36.83
N ALA R 60 -11.07 18.65 -37.77
CA ALA R 60 -11.70 17.37 -38.12
C ALA R 60 -11.66 16.35 -36.98
N LEU R 61 -10.56 16.36 -36.22
CA LEU R 61 -10.42 15.48 -35.06
C LEU R 61 -11.33 15.89 -33.91
N ILE R 62 -11.52 17.19 -33.74
CA ILE R 62 -12.39 17.74 -32.70
C ILE R 62 -13.87 17.49 -33.01
N GLU R 63 -14.25 17.69 -34.28
CA GLU R 63 -15.61 17.45 -34.74
C GLU R 63 -16.00 15.98 -34.68
N ARG R 64 -15.01 15.10 -34.86
CA ARG R 64 -15.19 13.66 -34.78
C ARG R 64 -15.44 13.22 -33.34
N GLU R 65 -14.64 13.77 -32.43
CA GLU R 65 -14.74 13.45 -31.00
C GLU R 65 -16.03 13.97 -30.39
N ALA R 66 -16.45 15.16 -30.81
CA ALA R 66 -17.67 15.79 -30.29
C ALA R 66 -18.93 15.03 -30.71
N ALA R 67 -18.98 14.62 -31.97
CA ALA R 67 -20.10 13.85 -32.51
C ALA R 67 -20.20 12.47 -31.85
N GLU R 68 -19.05 11.96 -31.40
CA GLU R 68 -18.97 10.71 -30.66
C GLU R 68 -19.51 10.87 -29.23
N LEU R 69 -19.31 12.07 -28.67
CA LEU R 69 -19.74 12.38 -27.31
C LEU R 69 -21.13 13.00 -27.25
N GLY R 70 -21.78 13.12 -28.41
CA GLY R 70 -23.12 13.68 -28.50
C GLY R 70 -23.17 15.20 -28.40
N LEU R 71 -22.04 15.84 -28.72
CA LEU R 71 -21.93 17.30 -28.69
C LEU R 71 -21.70 17.86 -30.09
N LYS R 72 -21.92 19.17 -30.24
CA LYS R 72 -21.67 19.85 -31.52
C LYS R 72 -20.58 20.90 -31.33
N ALA R 73 -19.40 20.62 -31.87
CA ALA R 73 -18.25 21.51 -31.71
C ALA R 73 -18.12 22.51 -32.86
N VAL R 74 -17.97 23.78 -32.50
CA VAL R 74 -17.69 24.83 -33.47
C VAL R 74 -16.26 25.30 -33.25
N VAL R 75 -15.38 24.96 -34.19
CA VAL R 75 -13.96 25.28 -34.07
C VAL R 75 -13.61 26.47 -34.96
N ARG R 76 -13.02 27.50 -34.34
CA ARG R 76 -12.62 28.71 -35.07
C ARG R 76 -11.24 29.19 -34.62
N GLN R 77 -10.50 29.76 -35.56
CA GLN R 77 -9.17 30.31 -35.30
C GLN R 77 -9.05 31.71 -35.86
N SER R 78 -8.37 32.59 -35.10
CA SER R 78 -8.07 33.95 -35.55
C SER R 78 -6.80 34.50 -34.92
N ASP R 79 -6.05 35.27 -35.71
CA ASP R 79 -4.88 36.02 -35.23
C ASP R 79 -5.31 37.36 -34.63
N SER R 80 -6.58 37.72 -34.82
CA SER R 80 -7.10 38.99 -34.35
C SER R 80 -7.76 38.88 -32.97
N GLU R 81 -7.25 39.68 -32.03
CA GLU R 81 -7.77 39.73 -30.66
C GLU R 81 -9.25 40.16 -30.64
N ALA R 82 -9.57 41.18 -31.44
CA ALA R 82 -10.95 41.69 -31.57
C ALA R 82 -11.93 40.60 -32.00
N GLN R 83 -11.47 39.73 -32.91
CA GLN R 83 -12.28 38.63 -33.40
C GLN R 83 -12.51 37.58 -32.31
N LEU R 84 -11.47 37.29 -31.53
CA LEU R 84 -11.56 36.37 -30.41
C LEU R 84 -12.58 36.87 -29.38
N LEU R 85 -12.51 38.16 -29.07
CA LEU R 85 -13.44 38.82 -28.16
C LEU R 85 -14.88 38.69 -28.63
N ASP R 86 -15.12 38.94 -29.93
CA ASP R 86 -16.43 38.79 -30.54
C ASP R 86 -16.99 37.38 -30.33
N TRP R 87 -16.14 36.37 -30.54
CA TRP R 87 -16.54 34.98 -30.38
C TRP R 87 -16.87 34.59 -28.93
N ILE R 88 -16.07 35.09 -27.99
CA ILE R 88 -16.34 34.87 -26.56
C ILE R 88 -17.63 35.59 -26.13
N HIS R 89 -17.84 36.80 -26.64
CA HIS R 89 -19.08 37.55 -26.39
C HIS R 89 -20.32 36.76 -26.81
N GLN R 90 -20.28 36.18 -28.00
CA GLN R 90 -21.37 35.35 -28.53
C GLN R 90 -21.63 34.12 -27.65
N ALA R 91 -20.55 33.53 -27.14
CA ALA R 91 -20.64 32.37 -26.26
C ALA R 91 -21.20 32.72 -24.87
N ALA R 92 -21.02 33.97 -24.46
CA ALA R 92 -21.57 34.48 -23.21
C ALA R 92 -23.07 34.70 -23.31
N ASP R 93 -23.51 35.20 -24.46
CA ASP R 93 -24.94 35.44 -24.71
C ASP R 93 -25.72 34.15 -24.88
N ALA R 94 -25.07 33.14 -25.47
CA ALA R 94 -25.71 31.85 -25.74
C ALA R 94 -25.52 30.85 -24.58
N ALA R 95 -24.75 31.26 -23.57
CA ALA R 95 -24.40 30.41 -22.42
C ALA R 95 -23.79 29.06 -22.84
N GLU R 96 -22.82 29.13 -23.75
CA GLU R 96 -22.16 27.93 -24.27
C GLU R 96 -20.75 27.79 -23.71
N PRO R 97 -20.33 26.55 -23.40
CA PRO R 97 -18.97 26.29 -22.92
C PRO R 97 -17.89 26.67 -23.93
N VAL R 98 -16.73 27.07 -23.43
CA VAL R 98 -15.63 27.53 -24.28
C VAL R 98 -14.35 26.76 -23.99
N ILE R 99 -13.77 26.19 -25.04
CA ILE R 99 -12.42 25.63 -25.00
C ILE R 99 -11.50 26.63 -25.68
N LEU R 100 -10.62 27.25 -24.91
CA LEU R 100 -9.81 28.36 -25.40
C LEU R 100 -8.30 28.11 -25.37
N ASN R 101 -7.68 28.22 -26.53
CA ASN R 101 -6.23 28.30 -26.66
C ASN R 101 -5.88 29.65 -27.28
N ALA R 102 -5.56 30.62 -26.43
CA ALA R 102 -5.33 32.00 -26.88
C ALA R 102 -3.95 32.22 -27.48
N GLY R 103 -3.09 31.20 -27.43
CA GLY R 103 -1.74 31.32 -27.96
C GLY R 103 -0.91 32.32 -27.16
N GLY R 104 -0.30 33.28 -27.86
CA GLY R 104 0.51 34.31 -27.24
C GLY R 104 -0.27 35.28 -26.35
N LEU R 105 -1.54 35.49 -26.71
CA LEU R 105 -2.44 36.38 -25.96
C LEU R 105 -2.77 35.88 -24.55
N THR R 106 -2.52 34.58 -24.31
CA THR R 106 -2.74 33.98 -23.00
C THR R 106 -1.97 34.71 -21.90
N HIS R 107 -0.74 35.09 -22.24
CA HIS R 107 0.21 35.65 -21.27
C HIS R 107 0.17 37.17 -21.20
N THR R 108 -0.61 37.80 -22.08
CA THR R 108 -0.54 39.25 -22.26
C THR R 108 -1.87 40.00 -22.17
N SER R 109 -2.96 39.35 -22.57
CA SER R 109 -4.23 40.07 -22.78
C SER R 109 -5.17 40.10 -21.57
N VAL R 110 -5.30 41.27 -20.97
CA VAL R 110 -6.30 41.50 -19.93
C VAL R 110 -7.69 41.63 -20.57
N ALA R 111 -7.73 42.22 -21.76
CA ALA R 111 -8.97 42.38 -22.54
C ALA R 111 -9.66 41.04 -22.80
N LEU R 112 -8.87 40.02 -23.16
CA LEU R 112 -9.39 38.68 -23.40
C LEU R 112 -9.88 38.01 -22.11
N ARG R 113 -9.14 38.24 -21.02
CA ARG R 113 -9.52 37.76 -19.70
C ARG R 113 -10.87 38.36 -19.27
N ASP R 114 -11.04 39.66 -19.52
CA ASP R 114 -12.26 40.38 -19.18
C ASP R 114 -13.48 39.87 -19.95
N ALA R 115 -13.29 39.47 -21.20
CA ALA R 115 -14.36 38.88 -22.00
C ALA R 115 -14.76 37.52 -21.45
N CYS R 116 -13.76 36.72 -21.05
CA CYS R 116 -13.98 35.37 -20.53
C CYS R 116 -14.66 35.35 -19.16
N ALA R 117 -14.50 36.44 -18.40
CA ALA R 117 -15.14 36.58 -17.08
C ALA R 117 -16.67 36.69 -17.18
N GLU R 118 -17.16 36.94 -18.39
CA GLU R 118 -18.58 37.10 -18.65
C GLU R 118 -19.26 35.75 -18.91
N LEU R 119 -18.45 34.72 -19.18
CA LEU R 119 -18.97 33.39 -19.49
C LEU R 119 -19.58 32.72 -18.26
N SER R 120 -20.85 32.33 -18.39
CA SER R 120 -21.57 31.64 -17.32
C SER R 120 -21.33 30.14 -17.37
N ALA R 121 -21.17 29.62 -18.59
CA ALA R 121 -20.83 28.22 -18.81
C ALA R 121 -19.33 27.99 -18.59
N PRO R 122 -18.91 26.74 -18.35
CA PRO R 122 -17.51 26.43 -18.05
C PRO R 122 -16.52 26.85 -19.13
N LEU R 123 -15.38 27.41 -18.69
CA LEU R 123 -14.29 27.76 -19.57
C LEU R 123 -13.11 26.84 -19.28
N ILE R 124 -12.55 26.26 -20.34
CA ILE R 124 -11.41 25.37 -20.18
C ILE R 124 -10.24 25.78 -21.09
N GLU R 125 -9.14 26.15 -20.44
CA GLU R 125 -7.94 26.61 -21.13
C GLU R 125 -7.12 25.42 -21.62
N VAL R 126 -6.74 25.47 -22.89
CA VAL R 126 -5.94 24.39 -23.49
C VAL R 126 -4.65 24.93 -24.10
N HIS R 127 -3.55 24.23 -23.86
CA HIS R 127 -2.28 24.51 -24.53
C HIS R 127 -1.64 23.22 -25.02
N ILE R 128 -1.14 23.27 -26.25
CA ILE R 128 -0.55 22.11 -26.91
C ILE R 128 0.80 21.72 -26.27
N SER R 129 1.67 22.71 -26.09
CA SER R 129 2.98 22.48 -25.49
C SER R 129 2.92 22.62 -23.97
N ASN R 130 3.90 22.04 -23.28
CA ASN R 130 4.02 22.25 -21.84
C ASN R 130 4.60 23.61 -21.56
N VAL R 131 3.70 24.57 -21.36
CA VAL R 131 4.03 25.98 -21.21
C VAL R 131 4.90 26.28 -19.99
N HIS R 132 4.87 25.36 -19.01
CA HIS R 132 5.65 25.50 -17.78
C HIS R 132 7.08 24.99 -17.95
N ALA R 133 7.33 24.28 -19.05
CA ALA R 133 8.66 23.76 -19.37
C ALA R 133 9.42 24.67 -20.32
N ARG R 134 8.79 25.80 -20.67
CA ARG R 134 9.37 26.74 -21.63
C ARG R 134 9.85 28.01 -20.94
N GLU R 135 9.80 29.15 -21.64
CA GLU R 135 10.25 30.43 -21.08
C GLU R 135 9.41 30.84 -19.87
N GLU R 136 10.02 31.64 -18.98
CA GLU R 136 9.37 32.09 -17.75
C GLU R 136 8.08 32.89 -17.97
N PHE R 137 8.09 33.77 -18.97
CA PHE R 137 6.94 34.63 -19.26
C PHE R 137 5.69 33.88 -19.72
N ARG R 138 5.85 32.58 -19.98
CA ARG R 138 4.75 31.72 -20.42
C ARG R 138 4.04 31.02 -19.25
N ARG R 139 4.59 31.15 -18.05
CA ARG R 139 4.11 30.42 -16.89
C ARG R 139 3.09 31.17 -16.03
N HIS R 140 2.65 32.33 -16.50
CA HIS R 140 1.76 33.20 -15.72
C HIS R 140 0.55 33.66 -16.53
N SER R 141 -0.28 32.69 -16.94
CA SER R 141 -1.47 32.96 -17.73
C SER R 141 -2.46 33.90 -17.03
N TYR R 142 -3.02 34.82 -17.81
CA TYR R 142 -4.07 35.70 -17.34
C TYR R 142 -5.42 34.99 -17.29
N LEU R 143 -5.56 33.93 -18.09
CA LEU R 143 -6.82 33.21 -18.24
C LEU R 143 -7.01 32.09 -17.20
N SER R 144 -5.91 31.54 -16.70
CA SER R 144 -5.95 30.43 -15.75
C SER R 144 -6.76 30.69 -14.47
N PRO R 145 -6.55 31.85 -13.81
CA PRO R 145 -7.29 32.13 -12.56
C PRO R 145 -8.81 32.25 -12.72
N ILE R 146 -9.28 32.52 -13.94
CA ILE R 146 -10.72 32.70 -14.19
C ILE R 146 -11.37 31.55 -14.97
N ALA R 147 -10.57 30.55 -15.35
CA ALA R 147 -11.07 29.36 -16.04
C ALA R 147 -11.47 28.27 -15.05
N THR R 148 -12.30 27.33 -15.50
CA THR R 148 -12.68 26.17 -14.68
C THR R 148 -11.49 25.23 -14.53
N GLY R 149 -10.81 24.97 -15.64
CA GLY R 149 -9.65 24.08 -15.65
C GLY R 149 -8.67 24.38 -16.76
N VAL R 150 -7.45 23.89 -16.59
CA VAL R 150 -6.37 24.10 -17.57
C VAL R 150 -5.77 22.75 -17.99
N ILE R 151 -5.65 22.54 -19.30
CA ILE R 151 -4.95 21.37 -19.84
C ILE R 151 -3.73 21.83 -20.65
N VAL R 152 -2.55 21.43 -20.20
CA VAL R 152 -1.29 21.90 -20.77
C VAL R 152 -0.37 20.72 -21.11
N GLY R 153 0.24 20.76 -22.30
CA GLY R 153 1.30 19.83 -22.66
C GLY R 153 0.92 18.44 -23.14
N LEU R 154 -0.38 18.23 -23.38
CA LEU R 154 -0.86 16.93 -23.84
C LEU R 154 -1.09 16.90 -25.35
N GLY R 155 -0.57 17.92 -26.03
CA GLY R 155 -0.67 18.03 -27.48
C GLY R 155 -2.07 18.28 -27.97
N ILE R 156 -2.36 17.77 -29.16
CA ILE R 156 -3.67 17.91 -29.81
C ILE R 156 -4.80 17.26 -29.00
N GLN R 157 -4.48 16.17 -28.30
CA GLN R 157 -5.48 15.43 -27.53
C GLN R 157 -6.07 16.23 -26.37
N GLY R 158 -5.40 17.30 -25.98
CA GLY R 158 -5.86 18.20 -24.92
C GLY R 158 -7.22 18.82 -25.18
N TYR R 159 -7.52 19.09 -26.45
CA TYR R 159 -8.83 19.59 -26.86
C TYR R 159 -9.91 18.53 -26.71
N LEU R 160 -9.56 17.29 -27.08
CA LEU R 160 -10.49 16.17 -27.05
C LEU R 160 -10.88 15.80 -25.62
N LEU R 161 -9.90 15.87 -24.72
CA LEU R 161 -10.13 15.62 -23.29
C LEU R 161 -10.96 16.73 -22.67
N ALA R 162 -10.80 17.95 -23.19
CA ALA R 162 -11.60 19.10 -22.75
C ALA R 162 -13.07 18.94 -23.15
N LEU R 163 -13.30 18.32 -24.31
CA LEU R 163 -14.65 18.02 -24.78
C LEU R 163 -15.33 16.97 -23.91
N ARG R 164 -14.57 15.97 -23.49
CA ARG R 164 -15.07 14.87 -22.69
C ARG R 164 -15.51 15.31 -21.30
N TYR R 165 -14.80 16.27 -20.72
CA TYR R 165 -15.16 16.87 -19.44
C TYR R 165 -16.51 17.58 -19.53
N LEU R 166 -16.71 18.34 -20.60
CA LEU R 166 -17.94 19.09 -20.82
C LEU R 166 -19.12 18.18 -21.20
N ALA R 167 -18.81 17.01 -21.74
CA ALA R 167 -19.81 16.00 -22.08
C ALA R 167 -20.52 15.45 -20.86
N GLU R 168 -19.89 15.61 -19.69
CA GLU R 168 -20.47 15.15 -18.42
C GLU R 168 -20.89 16.32 -17.51
N HIS R 169 -20.64 17.54 -17.98
CA HIS R 169 -21.01 18.75 -17.26
C HIS R 169 -21.84 19.68 -18.14
N LEU S 29 -17.37 72.95 -30.20
CA LEU S 29 -16.17 72.24 -29.70
C LEU S 29 -16.44 70.73 -29.58
N ILE S 30 -15.66 69.94 -30.32
CA ILE S 30 -15.86 68.49 -30.38
C ILE S 30 -15.00 67.75 -29.36
N VAL S 31 -15.64 66.91 -28.56
CA VAL S 31 -14.95 66.07 -27.58
C VAL S 31 -15.13 64.60 -27.95
N ASN S 32 -14.02 63.88 -28.08
CA ASN S 32 -14.05 62.46 -28.42
C ASN S 32 -14.09 61.59 -27.16
N VAL S 33 -15.16 60.80 -27.04
CA VAL S 33 -15.26 59.81 -25.98
C VAL S 33 -15.01 58.44 -26.60
N ILE S 34 -13.92 57.80 -26.20
CA ILE S 34 -13.49 56.54 -26.80
C ILE S 34 -13.45 55.41 -25.76
N ASN S 35 -14.26 54.38 -26.01
CA ASN S 35 -14.30 53.20 -25.16
C ASN S 35 -13.62 52.01 -25.83
N GLY S 36 -12.81 51.29 -25.06
CA GLY S 36 -12.06 50.14 -25.57
C GLY S 36 -12.79 48.82 -25.39
N PRO S 37 -12.04 47.69 -25.50
CA PRO S 37 -12.57 46.33 -25.47
C PRO S 37 -13.55 46.04 -24.33
N ASN S 38 -14.59 45.28 -24.66
CA ASN S 38 -15.60 44.80 -23.70
C ASN S 38 -16.53 45.86 -23.11
N LEU S 39 -16.34 47.11 -23.52
CA LEU S 39 -17.18 48.20 -23.04
C LEU S 39 -18.47 48.34 -23.83
N GLY S 40 -18.53 47.69 -24.99
CA GLY S 40 -19.78 47.56 -25.74
C GLY S 40 -20.72 46.58 -25.07
N ARG S 41 -20.18 45.82 -24.11
CA ARG S 41 -20.94 44.80 -23.38
C ARG S 41 -21.63 45.32 -22.12
N LEU S 42 -21.48 46.61 -21.85
CA LEU S 42 -22.07 47.23 -20.66
C LEU S 42 -23.55 46.93 -20.49
N GLY S 43 -23.96 46.67 -19.25
CA GLY S 43 -25.32 46.26 -18.95
C GLY S 43 -25.34 44.88 -18.34
N ARG S 44 -25.09 43.87 -19.17
CA ARG S 44 -25.09 42.48 -18.72
C ARG S 44 -23.71 42.03 -18.21
N ARG S 45 -22.67 42.79 -18.59
CA ARG S 45 -21.29 42.47 -18.23
C ARG S 45 -21.03 42.83 -16.77
N GLU S 46 -20.71 41.82 -15.97
CA GLU S 46 -20.44 41.97 -14.54
C GLU S 46 -21.15 43.19 -13.90
N PRO S 47 -22.48 43.12 -13.76
CA PRO S 47 -23.28 44.26 -13.28
C PRO S 47 -22.86 44.79 -11.91
N ALA S 48 -22.40 43.90 -11.03
CA ALA S 48 -21.92 44.28 -9.70
C ALA S 48 -20.63 45.10 -9.75
N VAL S 49 -19.90 44.99 -10.86
CA VAL S 49 -18.63 45.69 -11.06
C VAL S 49 -18.81 46.98 -11.87
N TYR S 50 -19.54 46.88 -12.98
CA TYR S 50 -19.63 47.97 -13.96
C TYR S 50 -20.99 48.68 -14.04
N GLY S 51 -21.95 48.23 -13.22
CA GLY S 51 -23.30 48.80 -13.23
C GLY S 51 -24.19 48.21 -14.30
N GLY S 52 -25.47 48.59 -14.28
CA GLY S 52 -26.46 48.05 -15.21
C GLY S 52 -26.77 48.90 -16.42
N THR S 53 -26.06 50.03 -16.55
CA THR S 53 -26.24 50.95 -17.68
C THR S 53 -25.55 50.41 -18.93
N THR S 54 -26.30 50.33 -20.03
CA THR S 54 -25.77 49.84 -21.30
C THR S 54 -24.97 50.92 -22.03
N HIS S 55 -24.20 50.50 -23.03
CA HIS S 55 -23.41 51.44 -23.83
C HIS S 55 -24.27 52.41 -24.63
N ASP S 56 -25.39 51.92 -25.16
CA ASP S 56 -26.37 52.75 -25.86
C ASP S 56 -26.93 53.84 -24.94
N GLU S 57 -27.24 53.46 -23.70
CA GLU S 57 -27.72 54.40 -22.69
C GLU S 57 -26.61 55.36 -22.26
N LEU S 58 -25.36 54.87 -22.25
CA LEU S 58 -24.20 55.69 -21.93
C LEU S 58 -23.95 56.77 -22.99
N VAL S 59 -24.10 56.40 -24.26
CA VAL S 59 -23.94 57.33 -25.37
C VAL S 59 -24.93 58.49 -25.24
N ALA S 60 -26.19 58.16 -24.97
CA ALA S 60 -27.26 59.14 -24.81
C ALA S 60 -27.03 60.09 -23.64
N LEU S 61 -26.60 59.53 -22.51
CA LEU S 61 -26.30 60.32 -21.31
C LEU S 61 -25.16 61.31 -21.52
N ILE S 62 -24.11 60.87 -22.23
CA ILE S 62 -22.96 61.70 -22.54
C ILE S 62 -23.34 62.84 -23.51
N GLU S 63 -24.03 62.49 -24.59
CA GLU S 63 -24.50 63.46 -25.58
C GLU S 63 -25.44 64.51 -24.98
N ARG S 64 -26.26 64.09 -24.02
CA ARG S 64 -27.17 64.98 -23.29
C ARG S 64 -26.37 65.99 -22.47
N GLU S 65 -25.47 65.48 -21.63
CA GLU S 65 -24.63 66.32 -20.77
C GLU S 65 -23.76 67.28 -21.56
N ALA S 66 -23.16 66.78 -22.64
CA ALA S 66 -22.30 67.59 -23.51
C ALA S 66 -23.05 68.76 -24.12
N ALA S 67 -24.28 68.51 -24.57
CA ALA S 67 -25.14 69.53 -25.16
C ALA S 67 -25.53 70.60 -24.15
N GLU S 68 -25.66 70.21 -22.88
CA GLU S 68 -25.94 71.13 -21.79
C GLU S 68 -24.74 72.02 -21.48
N LEU S 69 -23.55 71.49 -21.72
CA LEU S 69 -22.29 72.20 -21.45
C LEU S 69 -21.79 73.02 -22.64
N GLY S 70 -22.47 72.89 -23.78
CA GLY S 70 -22.10 73.61 -25.00
C GLY S 70 -21.04 72.90 -25.84
N LEU S 71 -20.94 71.58 -25.66
CA LEU S 71 -19.97 70.77 -26.39
C LEU S 71 -20.68 69.74 -27.28
N LYS S 72 -19.98 69.27 -28.30
CA LYS S 72 -20.46 68.14 -29.10
C LYS S 72 -19.62 66.92 -28.78
N ALA S 73 -20.28 65.84 -28.36
CA ALA S 73 -19.59 64.61 -27.99
C ALA S 73 -19.73 63.54 -29.06
N VAL S 74 -18.60 63.02 -29.51
CA VAL S 74 -18.57 61.88 -30.42
C VAL S 74 -18.16 60.66 -29.60
N VAL S 75 -19.14 59.77 -29.35
CA VAL S 75 -18.92 58.59 -28.52
C VAL S 75 -18.78 57.36 -29.41
N ARG S 76 -17.62 56.70 -29.30
CA ARG S 76 -17.33 55.51 -30.11
C ARG S 76 -16.71 54.39 -29.27
N GLN S 77 -16.95 53.15 -29.70
CA GLN S 77 -16.46 51.97 -29.00
C GLN S 77 -15.93 50.95 -30.01
N SER S 78 -14.81 50.32 -29.66
CA SER S 78 -14.26 49.23 -30.45
C SER S 78 -13.48 48.23 -29.58
N ASP S 79 -13.60 46.95 -29.95
CA ASP S 79 -12.78 45.89 -29.36
C ASP S 79 -11.45 45.77 -30.08
N SER S 80 -11.30 46.53 -31.17
CA SER S 80 -10.11 46.48 -32.01
C SER S 80 -9.13 47.60 -31.66
N GLU S 81 -7.94 47.22 -31.20
CA GLU S 81 -6.88 48.16 -30.88
C GLU S 81 -6.54 49.08 -32.05
N ALA S 82 -6.44 48.49 -33.26
CA ALA S 82 -6.13 49.24 -34.48
C ALA S 82 -7.13 50.36 -34.75
N GLN S 83 -8.42 50.05 -34.55
CA GLN S 83 -9.48 51.05 -34.69
C GLN S 83 -9.35 52.17 -33.65
N LEU S 84 -9.01 51.81 -32.42
CA LEU S 84 -8.83 52.78 -31.35
C LEU S 84 -7.66 53.73 -31.63
N LEU S 85 -6.57 53.18 -32.18
CA LEU S 85 -5.42 53.97 -32.58
C LEU S 85 -5.79 54.99 -33.67
N ASP S 86 -6.59 54.55 -34.63
CA ASP S 86 -7.06 55.41 -35.73
C ASP S 86 -7.87 56.60 -35.23
N TRP S 87 -8.77 56.36 -34.27
CA TRP S 87 -9.58 57.43 -33.67
C TRP S 87 -8.72 58.44 -32.90
N ILE S 88 -7.73 57.93 -32.16
CA ILE S 88 -6.80 58.79 -31.44
C ILE S 88 -5.91 59.60 -32.40
N HIS S 89 -5.52 58.98 -33.51
CA HIS S 89 -4.76 59.68 -34.55
C HIS S 89 -5.56 60.87 -35.12
N GLN S 90 -6.84 60.63 -35.41
CA GLN S 90 -7.73 61.66 -35.94
C GLN S 90 -7.93 62.81 -34.96
N ALA S 91 -8.03 62.48 -33.68
CA ALA S 91 -8.16 63.48 -32.61
C ALA S 91 -6.89 64.30 -32.44
N ALA S 92 -5.74 63.67 -32.70
CA ALA S 92 -4.45 64.35 -32.66
C ALA S 92 -4.31 65.35 -33.81
N ASP S 93 -4.77 64.95 -35.00
CA ASP S 93 -4.74 65.82 -36.17
C ASP S 93 -5.72 66.97 -36.05
N ALA S 94 -6.88 66.69 -35.45
CA ALA S 94 -7.94 67.69 -35.30
C ALA S 94 -7.83 68.50 -34.01
N ALA S 95 -6.77 68.24 -33.23
CA ALA S 95 -6.51 68.90 -31.94
C ALA S 95 -7.74 68.90 -31.01
N GLU S 96 -8.38 67.74 -30.89
CA GLU S 96 -9.60 67.58 -30.11
C GLU S 96 -9.35 66.80 -28.82
N PRO S 97 -9.99 67.20 -27.71
CA PRO S 97 -9.87 66.50 -26.43
C PRO S 97 -10.36 65.05 -26.52
N VAL S 98 -9.78 64.19 -25.70
CA VAL S 98 -10.15 62.77 -25.67
C VAL S 98 -10.47 62.31 -24.25
N ILE S 99 -11.67 61.76 -24.08
CA ILE S 99 -12.02 61.02 -22.87
C ILE S 99 -11.90 59.54 -23.24
N LEU S 100 -10.98 58.84 -22.58
CA LEU S 100 -10.66 57.47 -22.97
C LEU S 100 -10.79 56.44 -21.84
N ASN S 101 -11.61 55.43 -22.10
CA ASN S 101 -11.62 54.21 -21.29
C ASN S 101 -11.18 53.04 -22.17
N ALA S 102 -9.90 52.70 -22.07
CA ALA S 102 -9.31 51.67 -22.92
C ALA S 102 -9.63 50.24 -22.48
N GLY S 103 -10.37 50.11 -21.38
CA GLY S 103 -10.74 48.79 -20.85
C GLY S 103 -9.52 48.00 -20.43
N GLY S 104 -9.43 46.75 -20.89
CA GLY S 104 -8.29 45.88 -20.59
C GLY S 104 -6.98 46.38 -21.15
N LEU S 105 -7.03 47.11 -22.26
CA LEU S 105 -5.83 47.63 -22.93
C LEU S 105 -5.10 48.70 -22.12
N THR S 106 -5.81 49.29 -21.17
CA THR S 106 -5.27 50.25 -20.21
C THR S 106 -4.01 49.71 -19.52
N HIS S 107 -4.05 48.42 -19.19
CA HIS S 107 -3.01 47.79 -18.38
C HIS S 107 -1.91 47.10 -19.19
N THR S 108 -2.08 47.05 -20.51
CA THR S 108 -1.18 46.26 -21.36
C THR S 108 -0.58 46.99 -22.56
N SER S 109 -1.33 47.93 -23.13
CA SER S 109 -0.98 48.50 -24.43
C SER S 109 -0.03 49.69 -24.39
N VAL S 110 1.20 49.48 -24.84
CA VAL S 110 2.15 50.57 -25.03
C VAL S 110 1.79 51.34 -26.31
N ALA S 111 1.31 50.60 -27.31
CA ALA S 111 0.91 51.19 -28.60
C ALA S 111 -0.19 52.25 -28.44
N LEU S 112 -1.12 52.00 -27.53
CA LEU S 112 -2.20 52.95 -27.24
C LEU S 112 -1.67 54.19 -26.52
N ARG S 113 -0.74 53.97 -25.59
CA ARG S 113 -0.05 55.06 -24.89
C ARG S 113 0.68 55.98 -25.88
N ASP S 114 1.42 55.38 -26.80
CA ASP S 114 2.18 56.11 -27.82
C ASP S 114 1.29 56.98 -28.72
N ALA S 115 0.14 56.43 -29.11
CA ALA S 115 -0.85 57.17 -29.90
C ALA S 115 -1.36 58.38 -29.12
N CYS S 116 -1.65 58.18 -27.84
CA CYS S 116 -2.16 59.22 -26.96
C CYS S 116 -1.15 60.33 -26.66
N ALA S 117 0.14 60.03 -26.84
CA ALA S 117 1.21 61.00 -26.61
C ALA S 117 1.24 62.13 -27.66
N GLU S 118 0.58 61.90 -28.79
CA GLU S 118 0.48 62.90 -29.86
C GLU S 118 -0.48 64.02 -29.53
N LEU S 119 -1.47 63.73 -28.68
CA LEU S 119 -2.56 64.66 -28.39
C LEU S 119 -2.08 65.94 -27.71
N SER S 120 -2.39 67.07 -28.35
CA SER S 120 -2.04 68.39 -27.79
C SER S 120 -3.16 68.92 -26.90
N ALA S 121 -4.39 68.52 -27.21
CA ALA S 121 -5.56 68.81 -26.37
C ALA S 121 -5.58 67.82 -25.20
N PRO S 122 -6.29 68.18 -24.11
CA PRO S 122 -6.26 67.32 -22.92
C PRO S 122 -6.75 65.89 -23.16
N LEU S 123 -6.10 64.95 -22.47
CA LEU S 123 -6.52 63.56 -22.47
C LEU S 123 -6.89 63.17 -21.04
N ILE S 124 -8.13 62.70 -20.87
CA ILE S 124 -8.59 62.32 -19.55
C ILE S 124 -9.02 60.85 -19.52
N GLU S 125 -8.35 60.10 -18.65
CA GLU S 125 -8.57 58.67 -18.48
C GLU S 125 -9.73 58.45 -17.51
N VAL S 126 -10.68 57.59 -17.92
CA VAL S 126 -11.85 57.30 -17.11
C VAL S 126 -12.00 55.79 -16.94
N HIS S 127 -12.27 55.36 -15.71
CA HIS S 127 -12.65 53.98 -15.43
C HIS S 127 -13.91 53.93 -14.57
N ILE S 128 -14.85 53.07 -14.99
CA ILE S 128 -16.12 52.91 -14.29
C ILE S 128 -15.91 52.30 -12.90
N SER S 129 -15.21 51.16 -12.84
CA SER S 129 -14.92 50.48 -11.59
C SER S 129 -13.73 51.12 -10.90
N ASN S 130 -13.61 50.92 -9.58
CA ASN S 130 -12.40 51.32 -8.87
C ASN S 130 -11.29 50.33 -9.17
N VAL S 131 -10.41 50.74 -10.08
CA VAL S 131 -9.36 49.87 -10.61
C VAL S 131 -8.29 49.52 -9.57
N HIS S 132 -8.28 50.28 -8.47
CA HIS S 132 -7.32 50.07 -7.39
C HIS S 132 -7.88 49.16 -6.29
N ALA S 133 -9.18 48.86 -6.36
CA ALA S 133 -9.84 47.99 -5.39
C ALA S 133 -9.95 46.55 -5.89
N ARG S 134 -9.37 46.29 -7.07
CA ARG S 134 -9.48 44.98 -7.71
C ARG S 134 -8.12 44.29 -7.76
N GLU S 135 -7.86 43.52 -8.82
CA GLU S 135 -6.58 42.80 -8.96
C GLU S 135 -5.40 43.74 -9.07
N GLU S 136 -4.26 43.30 -8.56
CA GLU S 136 -3.04 44.11 -8.52
C GLU S 136 -2.58 44.60 -9.90
N PHE S 137 -2.79 43.75 -10.93
CA PHE S 137 -2.34 44.08 -12.29
C PHE S 137 -3.14 45.23 -12.94
N ARG S 138 -4.28 45.57 -12.35
CA ARG S 138 -5.12 46.65 -12.86
C ARG S 138 -4.70 48.02 -12.32
N ARG S 139 -3.73 48.02 -11.41
CA ARG S 139 -3.32 49.23 -10.69
C ARG S 139 -2.16 49.99 -11.34
N HIS S 140 -1.70 49.54 -12.51
CA HIS S 140 -0.51 50.12 -13.14
C HIS S 140 -0.76 50.56 -14.59
N SER S 141 -1.70 51.48 -14.76
CA SER S 141 -2.08 52.00 -16.08
C SER S 141 -0.90 52.58 -16.86
N TYR S 142 -0.82 52.23 -18.15
CA TYR S 142 0.16 52.79 -19.07
C TYR S 142 -0.23 54.21 -19.48
N LEU S 143 -1.53 54.50 -19.42
CA LEU S 143 -2.06 55.78 -19.90
C LEU S 143 -2.00 56.89 -18.85
N SER S 144 -2.12 56.51 -17.58
CA SER S 144 -2.14 57.47 -16.47
C SER S 144 -0.96 58.48 -16.45
N PRO S 145 0.29 58.01 -16.69
CA PRO S 145 1.42 58.94 -16.67
C PRO S 145 1.42 59.99 -17.78
N ILE S 146 0.73 59.70 -18.89
CA ILE S 146 0.70 60.64 -20.02
C ILE S 146 -0.65 61.39 -20.17
N ALA S 147 -1.61 61.04 -19.33
CA ALA S 147 -2.92 61.71 -19.32
C ALA S 147 -2.85 63.02 -18.54
N THR S 148 -3.78 63.93 -18.86
CA THR S 148 -3.95 65.16 -18.09
C THR S 148 -4.44 64.78 -16.68
N GLY S 149 -5.42 63.88 -16.63
CA GLY S 149 -5.98 63.42 -15.37
C GLY S 149 -6.66 62.07 -15.46
N VAL S 150 -7.04 61.52 -14.31
CA VAL S 150 -7.68 60.21 -14.23
C VAL S 150 -8.89 60.27 -13.30
N ILE S 151 -10.02 59.71 -13.76
CA ILE S 151 -11.21 59.52 -12.92
C ILE S 151 -11.52 58.04 -12.83
N VAL S 152 -11.56 57.53 -11.59
CA VAL S 152 -11.73 56.10 -11.35
C VAL S 152 -12.81 55.84 -10.29
N GLY S 153 -13.58 54.77 -10.49
CA GLY S 153 -14.50 54.26 -9.46
C GLY S 153 -15.79 55.03 -9.25
N LEU S 154 -15.98 56.09 -10.03
CA LEU S 154 -17.17 56.93 -9.88
C LEU S 154 -18.28 56.51 -10.84
N GLY S 155 -18.15 55.30 -11.38
CA GLY S 155 -19.17 54.72 -12.25
C GLY S 155 -19.31 55.42 -13.57
N ILE S 156 -20.54 55.44 -14.08
CA ILE S 156 -20.86 55.99 -15.38
C ILE S 156 -20.66 57.50 -15.44
N GLN S 157 -20.85 58.17 -14.29
CA GLN S 157 -20.75 59.63 -14.19
C GLN S 157 -19.34 60.16 -14.46
N GLY S 158 -18.34 59.27 -14.35
CA GLY S 158 -16.95 59.61 -14.62
C GLY S 158 -16.74 60.26 -15.98
N TYR S 159 -17.49 59.81 -16.98
CA TYR S 159 -17.47 60.41 -18.32
C TYR S 159 -18.02 61.82 -18.31
N LEU S 160 -19.11 62.02 -17.56
CA LEU S 160 -19.81 63.30 -17.48
C LEU S 160 -18.98 64.34 -16.71
N LEU S 161 -18.31 63.88 -15.65
CA LEU S 161 -17.40 64.72 -14.89
C LEU S 161 -16.16 65.08 -15.71
N ALA S 162 -15.74 64.16 -16.58
CA ALA S 162 -14.66 64.41 -17.52
C ALA S 162 -15.06 65.48 -18.54
N LEU S 163 -16.30 65.41 -19.02
CA LEU S 163 -16.86 66.42 -19.92
C LEU S 163 -16.88 67.81 -19.29
N ARG S 164 -17.28 67.88 -18.03
CA ARG S 164 -17.39 69.15 -17.30
C ARG S 164 -16.06 69.85 -17.12
N TYR S 165 -15.01 69.06 -16.88
CA TYR S 165 -13.64 69.57 -16.77
C TYR S 165 -13.21 70.24 -18.09
N LEU S 166 -13.51 69.58 -19.20
CA LEU S 166 -13.16 70.10 -20.53
C LEU S 166 -13.99 71.31 -20.92
N ALA S 167 -15.24 71.36 -20.46
CA ALA S 167 -16.12 72.50 -20.68
C ALA S 167 -15.65 73.74 -19.91
N GLU S 168 -15.01 73.51 -18.76
CA GLU S 168 -14.51 74.59 -17.91
C GLU S 168 -13.08 75.01 -18.29
N HIS S 169 -12.43 74.20 -19.13
CA HIS S 169 -11.06 74.46 -19.58
C HIS S 169 -10.98 74.64 -21.09
N LEU T 29 52.68 18.22 -17.16
CA LEU T 29 51.40 18.64 -16.54
C LEU T 29 51.59 19.85 -15.64
N ILE T 30 50.92 20.95 -15.98
CA ILE T 30 51.01 22.19 -15.21
C ILE T 30 49.62 22.66 -14.77
N VAL T 31 49.46 22.85 -13.46
CA VAL T 31 48.22 23.39 -12.90
C VAL T 31 48.42 24.87 -12.56
N ASN T 32 47.52 25.71 -13.04
CA ASN T 32 47.59 27.15 -12.82
C ASN T 32 46.80 27.59 -11.59
N VAL T 33 47.51 28.18 -10.62
CA VAL T 33 46.86 28.73 -9.43
C VAL T 33 46.86 30.25 -9.53
N ILE T 34 45.67 30.82 -9.69
CA ILE T 34 45.52 32.25 -9.87
C ILE T 34 44.69 32.85 -8.73
N ASN T 35 45.25 33.88 -8.09
CA ASN T 35 44.58 34.58 -7.00
C ASN T 35 44.34 36.05 -7.31
N GLY T 36 43.13 36.51 -7.02
CA GLY T 36 42.72 37.89 -7.31
C GLY T 36 43.13 38.89 -6.24
N PRO T 37 42.57 40.12 -6.32
CA PRO T 37 42.92 41.23 -5.42
C PRO T 37 42.75 40.93 -3.94
N ASN T 38 43.60 41.56 -3.12
CA ASN T 38 43.59 41.45 -1.65
C ASN T 38 44.22 40.19 -1.08
N LEU T 39 44.43 39.19 -1.91
CA LEU T 39 45.12 37.96 -1.49
C LEU T 39 46.63 38.17 -1.39
N GLY T 40 47.10 39.33 -1.84
CA GLY T 40 48.49 39.74 -1.66
C GLY T 40 48.73 40.34 -0.28
N ARG T 41 47.68 40.33 0.54
CA ARG T 41 47.74 40.84 1.91
C ARG T 41 47.26 39.79 2.91
N LEU T 42 47.27 38.53 2.49
CA LEU T 42 46.77 37.41 3.29
C LEU T 42 47.56 37.21 4.59
N GLY T 43 46.89 36.62 5.59
CA GLY T 43 47.52 36.38 6.89
C GLY T 43 47.22 37.46 7.90
N ARG T 44 47.42 38.71 7.48
CA ARG T 44 47.09 39.88 8.30
C ARG T 44 45.65 40.30 8.02
N ARG T 45 45.15 39.94 6.84
CA ARG T 45 43.81 40.31 6.39
C ARG T 45 42.74 39.41 7.00
N GLU T 46 42.02 39.96 7.98
CA GLU T 46 40.92 39.27 8.68
C GLU T 46 41.23 37.81 9.06
N PRO T 47 42.02 37.62 10.14
CA PRO T 47 42.45 36.28 10.57
C PRO T 47 41.28 35.35 10.96
N ALA T 48 40.23 35.93 11.54
CA ALA T 48 39.06 35.17 11.96
C ALA T 48 38.20 34.74 10.75
N VAL T 49 38.23 35.55 9.69
CA VAL T 49 37.44 35.28 8.49
C VAL T 49 38.16 34.33 7.54
N TYR T 50 39.43 34.62 7.28
CA TYR T 50 40.20 33.88 6.27
C TYR T 50 41.26 32.94 6.88
N GLY T 51 42.18 33.48 7.66
CA GLY T 51 43.24 32.69 8.29
C GLY T 51 44.51 33.47 8.56
N GLY T 52 45.54 32.76 9.02
CA GLY T 52 46.82 33.39 9.36
C GLY T 52 48.00 32.86 8.56
N THR T 53 47.85 32.86 7.23
CA THR T 53 48.92 32.45 6.33
C THR T 53 49.23 33.60 5.36
N THR T 54 50.50 34.01 5.32
CA THR T 54 50.91 35.18 4.52
C THR T 54 50.93 34.88 3.01
N HIS T 55 51.11 35.94 2.22
CA HIS T 55 51.15 35.84 0.76
C HIS T 55 52.35 35.03 0.25
N ASP T 56 53.49 35.21 0.91
CA ASP T 56 54.72 34.47 0.55
C ASP T 56 54.64 33.01 0.98
N GLU T 57 54.03 32.76 2.15
CA GLU T 57 53.87 31.41 2.70
C GLU T 57 52.83 30.58 1.94
N LEU T 58 51.91 31.27 1.28
CA LEU T 58 50.87 30.61 0.47
C LEU T 58 51.46 29.91 -0.75
N VAL T 59 52.35 30.62 -1.46
CA VAL T 59 53.01 30.11 -2.67
C VAL T 59 53.89 28.89 -2.36
N ALA T 60 54.57 28.93 -1.22
CA ALA T 60 55.47 27.86 -0.80
C ALA T 60 54.74 26.63 -0.26
N LEU T 61 53.48 26.80 0.14
CA LEU T 61 52.68 25.72 0.70
C LEU T 61 52.04 24.83 -0.37
N ILE T 62 51.55 25.45 -1.44
CA ILE T 62 50.82 24.76 -2.51
C ILE T 62 51.73 23.83 -3.33
N GLU T 63 52.97 24.26 -3.57
CA GLU T 63 53.91 23.53 -4.42
C GLU T 63 54.29 22.14 -3.91
N ARG T 64 54.25 21.94 -2.60
CA ARG T 64 54.59 20.66 -1.99
C ARG T 64 53.56 19.56 -2.27
N GLU T 65 52.29 19.96 -2.30
CA GLU T 65 51.17 19.02 -2.54
C GLU T 65 51.14 18.53 -3.99
N ALA T 66 51.55 19.40 -4.92
CA ALA T 66 51.61 19.05 -6.34
C ALA T 66 52.64 17.96 -6.62
N ALA T 67 53.80 18.08 -5.97
CA ALA T 67 54.87 17.10 -6.10
C ALA T 67 54.57 15.79 -5.38
N GLU T 68 53.65 15.84 -4.42
CA GLU T 68 53.26 14.68 -3.62
C GLU T 68 52.54 13.61 -4.45
N LEU T 69 51.76 14.04 -5.44
CA LEU T 69 51.03 13.12 -6.30
C LEU T 69 51.68 12.97 -7.68
N GLY T 70 51.85 14.09 -8.38
CA GLY T 70 52.51 14.09 -9.69
C GLY T 70 52.07 15.22 -10.60
N LEU T 71 52.17 16.45 -10.09
CA LEU T 71 51.79 17.66 -10.83
C LEU T 71 52.75 18.81 -10.56
N LYS T 72 52.63 19.87 -11.35
CA LYS T 72 53.38 21.10 -11.11
C LYS T 72 52.42 22.27 -10.93
N ALA T 73 52.66 23.08 -9.89
CA ALA T 73 51.80 24.20 -9.58
C ALA T 73 52.49 25.55 -9.79
N VAL T 74 51.84 26.43 -10.53
CA VAL T 74 52.31 27.80 -10.72
C VAL T 74 51.33 28.76 -10.03
N VAL T 75 51.77 29.37 -8.94
CA VAL T 75 50.93 30.25 -8.14
C VAL T 75 51.23 31.71 -8.45
N ARG T 76 50.23 32.41 -8.99
CA ARG T 76 50.36 33.81 -9.38
C ARG T 76 49.24 34.65 -8.77
N GLN T 77 49.57 35.90 -8.43
CA GLN T 77 48.64 36.80 -7.76
C GLN T 77 48.80 38.24 -8.24
N SER T 78 47.66 38.92 -8.40
CA SER T 78 47.64 40.33 -8.80
C SER T 78 46.36 41.02 -8.34
N ASP T 79 46.45 42.33 -8.14
CA ASP T 79 45.29 43.17 -7.80
C ASP T 79 44.68 43.80 -9.06
N SER T 80 45.33 43.56 -10.20
CA SER T 80 44.89 44.12 -11.48
C SER T 80 44.03 43.13 -12.27
N GLU T 81 42.89 43.62 -12.76
CA GLU T 81 41.97 42.81 -13.56
C GLU T 81 42.61 42.36 -14.87
N ALA T 82 43.30 43.27 -15.54
CA ALA T 82 43.95 43.00 -16.83
C ALA T 82 45.02 41.91 -16.74
N GLN T 83 45.79 41.94 -15.65
CA GLN T 83 46.84 40.95 -15.41
C GLN T 83 46.25 39.56 -15.20
N LEU T 84 45.15 39.48 -14.45
CA LEU T 84 44.45 38.22 -14.20
C LEU T 84 43.91 37.62 -15.48
N LEU T 85 43.29 38.47 -16.31
CA LEU T 85 42.78 38.07 -17.62
C LEU T 85 43.88 37.50 -18.51
N ASP T 86 45.05 38.13 -18.48
CA ASP T 86 46.22 37.71 -19.25
C ASP T 86 46.63 36.27 -18.90
N TRP T 87 46.64 35.95 -17.60
CA TRP T 87 47.00 34.62 -17.14
C TRP T 87 46.01 33.52 -17.57
N ILE T 88 44.73 33.90 -17.68
CA ILE T 88 43.69 32.97 -18.12
C ILE T 88 43.81 32.69 -19.62
N HIS T 89 44.13 33.73 -20.40
CA HIS T 89 44.31 33.59 -21.84
C HIS T 89 45.47 32.66 -22.18
N GLN T 90 46.55 32.77 -21.40
CA GLN T 90 47.71 31.89 -21.53
C GLN T 90 47.36 30.46 -21.13
N ALA T 91 46.53 30.33 -20.10
CA ALA T 91 46.03 29.03 -19.63
C ALA T 91 45.06 28.40 -20.63
N ALA T 92 44.35 29.25 -21.36
CA ALA T 92 43.44 28.80 -22.41
C ALA T 92 44.20 28.28 -23.63
N ASP T 93 45.27 28.99 -24.00
CA ASP T 93 46.10 28.62 -25.14
C ASP T 93 46.91 27.34 -24.89
N ALA T 94 47.37 27.18 -23.65
CA ALA T 94 48.13 26.00 -23.25
C ALA T 94 47.23 24.81 -22.89
N ALA T 95 45.94 25.09 -22.71
CA ALA T 95 44.93 24.09 -22.31
C ALA T 95 45.28 23.39 -21.00
N GLU T 96 45.66 24.19 -20.00
CA GLU T 96 46.08 23.69 -18.70
C GLU T 96 45.00 23.96 -17.65
N PRO T 97 44.85 23.05 -16.65
CA PRO T 97 43.89 23.22 -15.55
C PRO T 97 44.08 24.54 -14.79
N VAL T 98 42.99 25.07 -14.25
CA VAL T 98 43.03 26.36 -13.55
C VAL T 98 42.33 26.32 -12.19
N ILE T 99 43.10 26.63 -11.15
CA ILE T 99 42.56 26.88 -9.81
C ILE T 99 42.47 28.40 -9.64
N LEU T 100 41.25 28.90 -9.43
CA LEU T 100 41.02 30.34 -9.38
C LEU T 100 40.27 30.81 -8.13
N ASN T 101 40.88 31.77 -7.43
CA ASN T 101 40.22 32.52 -6.37
C ASN T 101 40.32 34.01 -6.70
N ALA T 102 39.24 34.54 -7.28
CA ALA T 102 39.25 35.91 -7.82
C ALA T 102 39.11 36.99 -6.76
N GLY T 103 38.72 36.60 -5.54
CA GLY T 103 38.51 37.56 -4.45
C GLY T 103 37.27 38.42 -4.67
N GLY T 104 37.46 39.73 -4.69
CA GLY T 104 36.36 40.69 -4.84
C GLY T 104 35.80 40.80 -6.25
N LEU T 105 36.52 40.24 -7.22
CA LEU T 105 36.09 40.26 -8.61
C LEU T 105 35.17 39.09 -8.96
N THR T 106 35.14 38.09 -8.09
CA THR T 106 34.33 36.87 -8.27
C THR T 106 32.84 37.16 -8.47
N HIS T 107 32.31 38.14 -7.74
CA HIS T 107 30.89 38.47 -7.77
C HIS T 107 30.59 39.79 -8.50
N THR T 108 31.57 40.31 -9.23
CA THR T 108 31.40 41.57 -9.98
C THR T 108 31.82 41.50 -11.44
N SER T 109 32.92 40.82 -11.73
CA SER T 109 33.53 40.88 -13.06
C SER T 109 32.97 39.88 -14.08
N VAL T 110 32.27 40.39 -15.09
CA VAL T 110 31.81 39.60 -16.22
C VAL T 110 32.99 39.36 -17.18
N ALA T 111 33.85 40.37 -17.31
CA ALA T 111 35.06 40.27 -18.12
C ALA T 111 35.92 39.08 -17.72
N LEU T 112 36.01 38.84 -16.41
CA LEU T 112 36.75 37.72 -15.86
C LEU T 112 36.07 36.38 -16.19
N ARG T 113 34.74 36.38 -16.17
CA ARG T 113 33.93 35.22 -16.55
C ARG T 113 34.11 34.86 -18.03
N ASP T 114 34.22 35.88 -18.88
CA ASP T 114 34.37 35.68 -20.33
C ASP T 114 35.69 35.00 -20.69
N ALA T 115 36.76 35.35 -19.97
CA ALA T 115 38.08 34.74 -20.19
C ALA T 115 38.09 33.27 -19.80
N CYS T 116 37.40 32.93 -18.72
CA CYS T 116 37.30 31.55 -18.22
C CYS T 116 36.51 30.64 -19.16
N ALA T 117 35.65 31.23 -19.99
CA ALA T 117 34.85 30.49 -20.96
C ALA T 117 35.69 29.83 -22.06
N GLU T 118 36.89 30.37 -22.29
CA GLU T 118 37.83 29.83 -23.27
C GLU T 118 38.49 28.52 -22.82
N LEU T 119 38.49 28.29 -21.51
CA LEU T 119 39.19 27.15 -20.91
C LEU T 119 38.56 25.80 -21.28
N SER T 120 39.36 24.95 -21.92
CA SER T 120 38.94 23.60 -22.28
C SER T 120 39.26 22.60 -21.17
N ALA T 121 40.38 22.83 -20.48
CA ALA T 121 40.77 22.03 -19.32
C ALA T 121 39.91 22.41 -18.11
N PRO T 122 39.75 21.47 -17.14
CA PRO T 122 38.88 21.68 -15.98
C PRO T 122 39.17 22.98 -15.22
N LEU T 123 38.12 23.71 -14.89
CA LEU T 123 38.22 24.92 -14.08
C LEU T 123 37.57 24.68 -12.72
N ILE T 124 38.29 25.00 -11.65
CA ILE T 124 37.79 24.77 -10.30
C ILE T 124 37.88 26.03 -9.44
N GLU T 125 36.75 26.42 -8.86
CA GLU T 125 36.65 27.63 -8.05
C GLU T 125 36.92 27.32 -6.58
N VAL T 126 37.88 28.02 -5.99
CA VAL T 126 38.27 27.84 -4.59
C VAL T 126 38.05 29.13 -3.80
N HIS T 127 37.41 29.01 -2.64
CA HIS T 127 37.26 30.13 -1.73
C HIS T 127 37.59 29.70 -0.29
N ILE T 128 38.58 30.34 0.30
CA ILE T 128 39.09 29.96 1.63
C ILE T 128 38.05 30.15 2.74
N SER T 129 37.29 31.24 2.67
CA SER T 129 36.21 31.50 3.62
C SER T 129 34.86 31.11 3.00
N ASN T 130 33.92 30.72 3.86
CA ASN T 130 32.57 30.37 3.43
C ASN T 130 31.79 31.62 3.05
N VAL T 131 31.74 31.91 1.74
CA VAL T 131 31.06 33.10 1.21
C VAL T 131 29.54 33.08 1.44
N HIS T 132 28.97 31.88 1.52
CA HIS T 132 27.55 31.71 1.80
C HIS T 132 27.19 32.16 3.22
N ALA T 133 28.15 32.06 4.13
CA ALA T 133 27.99 32.50 5.51
C ALA T 133 28.19 34.01 5.66
N ARG T 134 28.87 34.61 4.69
CA ARG T 134 29.19 36.04 4.72
C ARG T 134 27.99 36.91 4.33
N GLU T 135 28.29 38.05 3.70
CA GLU T 135 27.27 39.00 3.25
C GLU T 135 26.54 38.47 2.02
N GLU T 136 25.33 38.98 1.79
CA GLU T 136 24.43 38.45 0.77
C GLU T 136 24.99 38.53 -0.65
N PHE T 137 25.71 39.61 -0.96
CA PHE T 137 26.24 39.84 -2.31
C PHE T 137 27.40 38.91 -2.69
N ARG T 138 27.94 38.18 -1.71
CA ARG T 138 29.03 37.24 -1.95
C ARG T 138 28.52 35.83 -2.27
N ARG T 139 27.19 35.68 -2.40
CA ARG T 139 26.57 34.39 -2.64
C ARG T 139 26.23 34.15 -4.11
N HIS T 140 26.54 35.12 -4.96
CA HIS T 140 26.16 35.07 -6.38
C HIS T 140 27.37 35.32 -7.29
N SER T 141 28.32 34.38 -7.26
CA SER T 141 29.55 34.52 -8.05
C SER T 141 29.29 34.26 -9.53
N TYR T 142 29.95 35.07 -10.38
CA TYR T 142 29.83 34.93 -11.83
C TYR T 142 30.60 33.74 -12.39
N LEU T 143 31.49 33.17 -11.59
CA LEU T 143 32.41 32.13 -12.07
C LEU T 143 31.93 30.70 -11.80
N SER T 144 31.07 30.53 -10.80
CA SER T 144 30.56 29.20 -10.42
C SER T 144 29.78 28.46 -11.51
N PRO T 145 28.87 29.15 -12.24
CA PRO T 145 28.06 28.45 -13.27
C PRO T 145 28.86 27.89 -14.45
N ILE T 146 30.04 28.46 -14.71
CA ILE T 146 30.87 28.00 -15.84
C ILE T 146 32.00 27.04 -15.42
N ALA T 147 32.37 27.09 -14.14
CA ALA T 147 33.43 26.23 -13.61
C ALA T 147 32.96 24.78 -13.45
N THR T 148 33.92 23.85 -13.45
CA THR T 148 33.62 22.43 -13.30
C THR T 148 33.17 22.11 -11.88
N GLY T 149 33.89 22.65 -10.90
CA GLY T 149 33.62 22.40 -9.48
C GLY T 149 33.85 23.60 -8.59
N VAL T 150 33.34 23.51 -7.36
CA VAL T 150 33.43 24.60 -6.38
C VAL T 150 33.77 24.06 -4.99
N ILE T 151 34.87 24.56 -4.41
CA ILE T 151 35.25 24.27 -3.04
C ILE T 151 35.28 25.56 -2.23
N VAL T 152 34.44 25.63 -1.20
CA VAL T 152 34.31 26.85 -0.40
C VAL T 152 34.41 26.58 1.11
N GLY T 153 35.02 27.53 1.83
CA GLY T 153 35.03 27.52 3.30
C GLY T 153 35.96 26.53 3.97
N LEU T 154 36.78 25.83 3.19
CA LEU T 154 37.67 24.80 3.74
C LEU T 154 39.10 25.30 3.93
N GLY T 155 39.24 26.62 4.08
CA GLY T 155 40.53 27.25 4.36
C GLY T 155 41.54 27.10 3.24
N ILE T 156 42.81 27.04 3.63
CA ILE T 156 43.92 26.92 2.69
C ILE T 156 43.94 25.56 1.95
N GLN T 157 43.40 24.53 2.60
CA GLN T 157 43.37 23.18 2.05
C GLN T 157 42.44 23.07 0.81
N GLY T 158 41.60 24.08 0.62
CA GLY T 158 40.74 24.17 -0.56
C GLY T 158 41.52 24.09 -1.86
N TYR T 159 42.67 24.75 -1.90
CA TYR T 159 43.59 24.68 -3.04
C TYR T 159 44.17 23.27 -3.20
N LEU T 160 44.51 22.64 -2.07
CA LEU T 160 45.15 21.32 -2.05
C LEU T 160 44.19 20.20 -2.45
N LEU T 161 42.94 20.31 -2.03
CA LEU T 161 41.90 19.34 -2.38
C LEU T 161 41.48 19.45 -3.85
N ALA T 162 41.65 20.65 -4.41
CA ALA T 162 41.39 20.89 -5.83
C ALA T 162 42.44 20.22 -6.70
N LEU T 163 43.68 20.18 -6.20
CA LEU T 163 44.79 19.54 -6.91
C LEU T 163 44.65 18.01 -6.98
N ARG T 164 44.07 17.42 -5.93
CA ARG T 164 43.90 15.97 -5.86
C ARG T 164 42.80 15.48 -6.82
N TYR T 165 41.78 16.30 -7.02
CA TYR T 165 40.73 16.02 -8.00
C TYR T 165 41.30 15.98 -9.42
N LEU T 166 42.16 16.94 -9.74
CA LEU T 166 42.74 17.09 -11.07
C LEU T 166 43.67 15.94 -11.46
N ALA T 167 44.20 15.26 -10.46
CA ALA T 167 45.08 14.10 -10.66
C ALA T 167 44.30 12.87 -11.13
N GLU T 168 43.14 12.63 -10.54
CA GLU T 168 42.27 11.53 -10.93
C GLU T 168 41.48 11.82 -12.21
N HIS T 169 41.36 13.09 -12.56
CA HIS T 169 40.65 13.52 -13.76
C HIS T 169 41.58 14.24 -14.73
N LEU U 29 38.50 63.85 -40.37
CA LEU U 29 37.42 63.45 -39.42
C LEU U 29 37.74 62.11 -38.76
N ILE U 30 38.19 62.18 -37.51
CA ILE U 30 38.66 61.01 -36.78
C ILE U 30 37.53 60.33 -36.00
N VAL U 31 37.48 59.01 -36.09
CA VAL U 31 36.55 58.19 -35.32
C VAL U 31 37.34 57.19 -34.47
N ASN U 32 37.02 57.12 -33.18
CA ASN U 32 37.71 56.20 -32.29
C ASN U 32 36.90 54.92 -32.05
N VAL U 33 37.42 53.81 -32.52
CA VAL U 33 36.83 52.50 -32.26
C VAL U 33 37.57 51.86 -31.10
N ILE U 34 36.87 51.66 -29.98
CA ILE U 34 37.47 51.17 -28.76
C ILE U 34 36.86 49.83 -28.35
N ASN U 35 37.70 48.81 -28.25
CA ASN U 35 37.29 47.48 -27.81
C ASN U 35 37.79 47.18 -26.40
N GLY U 36 36.92 46.62 -25.58
CA GLY U 36 37.23 46.29 -24.19
C GLY U 36 37.85 44.92 -24.01
N PRO U 37 37.82 44.39 -22.77
CA PRO U 37 38.46 43.13 -22.40
C PRO U 37 38.00 41.93 -23.22
N ASN U 38 38.94 41.02 -23.48
CA ASN U 38 38.69 39.77 -24.20
C ASN U 38 38.50 39.90 -25.72
N LEU U 39 38.45 41.13 -26.22
CA LEU U 39 38.23 41.39 -27.65
C LEU U 39 39.51 41.34 -28.49
N GLY U 40 40.66 41.23 -27.82
CA GLY U 40 41.92 40.98 -28.50
C GLY U 40 42.08 39.50 -28.79
N ARG U 41 41.19 38.70 -28.21
CA ARG U 41 41.19 37.24 -28.36
C ARG U 41 40.32 36.77 -29.52
N LEU U 42 39.60 37.70 -30.16
CA LEU U 42 38.71 37.41 -31.28
C LEU U 42 39.35 36.50 -32.33
N GLY U 43 38.56 35.56 -32.86
CA GLY U 43 39.04 34.60 -33.83
C GLY U 43 39.11 33.20 -33.25
N ARG U 44 39.76 33.08 -32.09
CA ARG U 44 39.84 31.80 -31.37
C ARG U 44 38.93 31.80 -30.14
N ARG U 45 38.50 33.00 -29.72
CA ARG U 45 37.62 33.17 -28.57
C ARG U 45 36.19 32.77 -28.92
N GLU U 46 35.78 31.61 -28.40
CA GLU U 46 34.46 31.01 -28.68
C GLU U 46 33.81 31.46 -30.00
N PRO U 47 34.31 30.91 -31.14
CA PRO U 47 33.93 31.34 -32.50
C PRO U 47 32.44 31.21 -32.79
N ALA U 48 31.78 30.25 -32.17
CA ALA U 48 30.34 30.03 -32.36
C ALA U 48 29.50 31.20 -31.85
N VAL U 49 30.12 32.08 -31.06
CA VAL U 49 29.45 33.24 -30.49
C VAL U 49 29.96 34.56 -31.11
N TYR U 50 31.27 34.64 -31.36
CA TYR U 50 31.88 35.90 -31.80
C TYR U 50 32.46 35.89 -33.22
N GLY U 51 32.39 34.75 -33.90
CA GLY U 51 32.90 34.62 -35.26
C GLY U 51 34.37 34.24 -35.31
N GLY U 52 34.87 33.99 -36.53
CA GLY U 52 36.25 33.54 -36.73
C GLY U 52 37.23 34.62 -37.14
N THR U 53 36.76 35.86 -37.23
CA THR U 53 37.60 36.99 -37.60
C THR U 53 38.44 37.45 -36.41
N THR U 54 39.76 37.56 -36.60
CA THR U 54 40.67 38.02 -35.56
C THR U 54 40.58 39.54 -35.38
N HIS U 55 41.15 40.04 -34.30
CA HIS U 55 41.15 41.48 -34.03
C HIS U 55 42.02 42.24 -35.03
N ASP U 56 43.17 41.67 -35.39
CA ASP U 56 44.05 42.24 -36.41
C ASP U 56 43.32 42.41 -37.74
N GLU U 57 42.54 41.41 -38.12
CA GLU U 57 41.71 41.47 -39.32
C GLU U 57 40.60 42.50 -39.18
N LEU U 58 40.01 42.58 -37.98
CA LEU U 58 38.95 43.55 -37.69
C LEU U 58 39.44 44.99 -37.83
N VAL U 59 40.62 45.27 -37.26
CA VAL U 59 41.25 46.59 -37.39
C VAL U 59 41.36 46.99 -38.87
N ALA U 60 41.90 46.09 -39.69
CA ALA U 60 42.07 46.33 -41.13
C ALA U 60 40.75 46.60 -41.85
N LEU U 61 39.71 45.84 -41.50
CA LEU U 61 38.39 46.01 -42.12
C LEU U 61 37.76 47.36 -41.77
N ILE U 62 37.87 47.74 -40.50
CA ILE U 62 37.37 49.02 -40.01
C ILE U 62 38.09 50.19 -40.68
N GLU U 63 39.42 50.13 -40.71
CA GLU U 63 40.26 51.19 -41.28
C GLU U 63 39.94 51.46 -42.76
N ARG U 64 39.74 50.40 -43.53
CA ARG U 64 39.44 50.51 -44.95
C ARG U 64 38.04 51.10 -45.18
N GLU U 65 37.06 50.60 -44.44
CA GLU U 65 35.67 51.04 -44.56
C GLU U 65 35.53 52.51 -44.18
N ALA U 66 36.21 52.93 -43.11
CA ALA U 66 36.20 54.32 -42.67
C ALA U 66 36.79 55.24 -43.73
N ALA U 67 37.93 54.82 -44.31
CA ALA U 67 38.62 55.61 -45.34
C ALA U 67 37.78 55.73 -46.60
N GLU U 68 37.04 54.67 -46.92
CA GLU U 68 36.11 54.65 -48.05
C GLU U 68 34.97 55.64 -47.84
N LEU U 69 34.62 55.86 -46.58
CA LEU U 69 33.55 56.80 -46.19
C LEU U 69 34.06 58.22 -45.97
N GLY U 70 35.36 58.41 -46.13
CA GLY U 70 35.99 59.73 -45.94
C GLY U 70 36.26 60.04 -44.48
N LEU U 71 36.57 59.00 -43.70
CA LEU U 71 36.88 59.12 -42.29
C LEU U 71 38.21 58.42 -41.97
N LYS U 72 38.76 58.70 -40.80
CA LYS U 72 39.96 58.02 -40.33
C LYS U 72 39.66 57.29 -39.01
N ALA U 73 39.80 55.97 -39.03
CA ALA U 73 39.50 55.16 -37.86
C ALA U 73 40.75 54.90 -37.02
N VAL U 74 40.61 55.09 -35.71
CA VAL U 74 41.66 54.74 -34.76
C VAL U 74 41.12 53.58 -33.92
N VAL U 75 41.60 52.37 -34.22
CA VAL U 75 41.11 51.17 -33.56
C VAL U 75 42.07 50.72 -32.46
N ARG U 76 41.56 50.68 -31.23
CA ARG U 76 42.34 50.34 -30.06
C ARG U 76 41.62 49.34 -29.15
N GLN U 77 42.39 48.46 -28.52
CA GLN U 77 41.85 47.41 -27.66
C GLN U 77 42.71 47.27 -26.41
N SER U 78 42.05 47.07 -25.26
CA SER U 78 42.74 46.85 -23.99
C SER U 78 41.88 46.07 -23.00
N ASP U 79 42.53 45.15 -22.28
CA ASP U 79 41.88 44.40 -21.21
C ASP U 79 41.85 45.22 -19.91
N SER U 80 42.49 46.38 -19.93
CA SER U 80 42.61 47.25 -18.76
C SER U 80 41.57 48.36 -18.80
N GLU U 81 40.77 48.45 -17.73
CA GLU U 81 39.73 49.46 -17.59
C GLU U 81 40.31 50.89 -17.66
N ALA U 82 41.42 51.10 -16.95
CA ALA U 82 42.10 52.40 -16.90
C ALA U 82 42.53 52.90 -18.27
N GLN U 83 43.05 52.00 -19.10
CA GLN U 83 43.50 52.34 -20.45
C GLN U 83 42.32 52.76 -21.34
N LEU U 84 41.20 52.05 -21.21
CA LEU U 84 39.98 52.39 -21.94
C LEU U 84 39.44 53.76 -21.53
N LEU U 85 39.52 54.05 -20.23
CA LEU U 85 39.09 55.34 -19.69
C LEU U 85 39.95 56.49 -20.21
N ASP U 86 41.25 56.25 -20.32
CA ASP U 86 42.20 57.23 -20.86
C ASP U 86 41.86 57.60 -22.31
N TRP U 87 41.57 56.58 -23.12
CA TRP U 87 41.22 56.77 -24.53
C TRP U 87 39.93 57.56 -24.72
N ILE U 88 38.95 57.32 -23.84
CA ILE U 88 37.69 58.06 -23.86
C ILE U 88 37.92 59.54 -23.56
N HIS U 89 38.76 59.82 -22.56
CA HIS U 89 39.08 61.20 -22.17
C HIS U 89 39.69 62.01 -23.32
N GLN U 90 40.58 61.36 -24.09
CA GLN U 90 41.22 61.99 -25.24
C GLN U 90 40.23 62.31 -26.35
N ALA U 91 39.25 61.42 -26.55
CA ALA U 91 38.19 61.61 -27.53
C ALA U 91 37.23 62.72 -27.12
N ALA U 92 37.06 62.89 -25.80
CA ALA U 92 36.22 63.96 -25.26
C ALA U 92 36.87 65.33 -25.43
N ASP U 93 38.19 65.37 -25.32
CA ASP U 93 38.96 66.61 -25.49
C ASP U 93 38.98 67.09 -26.93
N ALA U 94 39.08 66.14 -27.87
CA ALA U 94 39.17 66.46 -29.29
C ALA U 94 37.79 66.50 -29.96
N ALA U 95 36.74 66.27 -29.17
CA ALA U 95 35.36 66.21 -29.66
C ALA U 95 35.21 65.25 -30.85
N GLU U 96 35.68 64.02 -30.66
CA GLU U 96 35.65 63.00 -31.69
C GLU U 96 34.64 61.90 -31.37
N PRO U 97 33.96 61.35 -32.41
CA PRO U 97 33.02 60.24 -32.25
C PRO U 97 33.67 58.99 -31.68
N VAL U 98 32.88 58.17 -31.00
CA VAL U 98 33.37 56.93 -30.39
C VAL U 98 32.45 55.75 -30.70
N ILE U 99 33.05 54.67 -31.19
CA ILE U 99 32.38 53.38 -31.32
C ILE U 99 32.98 52.48 -30.24
N LEU U 100 32.13 52.00 -29.34
CA LEU U 100 32.61 51.28 -28.16
C LEU U 100 31.99 49.90 -27.95
N ASN U 101 32.85 48.88 -27.96
CA ASN U 101 32.49 47.54 -27.50
C ASN U 101 33.27 47.28 -26.23
N ALA U 102 32.65 47.54 -25.09
CA ALA U 102 33.33 47.45 -23.80
C ALA U 102 33.45 46.02 -23.28
N GLY U 103 32.93 45.06 -24.04
CA GLY U 103 32.96 43.66 -23.66
C GLY U 103 32.21 43.41 -22.36
N GLY U 104 32.87 42.75 -21.41
CA GLY U 104 32.28 42.47 -20.10
C GLY U 104 32.01 43.71 -19.27
N LEU U 105 32.80 44.76 -19.48
CA LEU U 105 32.68 46.01 -18.73
C LEU U 105 31.41 46.80 -19.08
N THR U 106 30.76 46.42 -20.18
CA THR U 106 29.50 47.04 -20.59
C THR U 106 28.42 46.83 -19.52
N HIS U 107 28.45 45.66 -18.88
CA HIS U 107 27.42 45.27 -17.92
C HIS U 107 27.79 45.61 -16.48
N THR U 108 28.99 46.15 -16.26
CA THR U 108 29.54 46.29 -14.91
C THR U 108 30.18 47.63 -14.55
N SER U 109 30.67 48.36 -15.56
CA SER U 109 31.46 49.57 -15.29
C SER U 109 30.66 50.88 -15.30
N VAL U 110 30.57 51.49 -14.13
CA VAL U 110 29.97 52.82 -13.99
C VAL U 110 31.02 53.89 -14.36
N ALA U 111 32.28 53.61 -14.03
CA ALA U 111 33.38 54.51 -14.35
C ALA U 111 33.45 54.83 -15.84
N LEU U 112 33.30 53.80 -16.67
CA LEU U 112 33.31 53.97 -18.12
C LEU U 112 32.13 54.80 -18.62
N ARG U 113 30.96 54.57 -18.01
CA ARG U 113 29.77 55.36 -18.29
C ARG U 113 30.00 56.83 -18.00
N ASP U 114 30.62 57.11 -16.85
CA ASP U 114 30.94 58.47 -16.44
C ASP U 114 31.92 59.15 -17.39
N ALA U 115 32.90 58.40 -17.88
CA ALA U 115 33.86 58.91 -18.86
C ALA U 115 33.17 59.22 -20.18
N CYS U 116 32.27 58.33 -20.61
CA CYS U 116 31.53 58.48 -21.86
C CYS U 116 30.57 59.67 -21.84
N ALA U 117 30.11 60.05 -20.66
CA ALA U 117 29.19 61.18 -20.50
C ALA U 117 29.83 62.53 -20.87
N GLU U 118 31.15 62.57 -20.87
CA GLU U 118 31.91 63.77 -21.24
C GLU U 118 31.92 64.03 -22.75
N LEU U 119 31.62 62.99 -23.53
CA LEU U 119 31.69 63.06 -25.00
C LEU U 119 30.64 64.00 -25.58
N SER U 120 31.11 65.00 -26.33
CA SER U 120 30.22 65.92 -27.04
C SER U 120 29.78 65.33 -28.39
N ALA U 121 30.64 64.52 -28.99
CA ALA U 121 30.36 63.85 -30.25
C ALA U 121 29.52 62.57 -30.00
N PRO U 122 28.91 62.00 -31.07
CA PRO U 122 28.07 60.81 -30.90
C PRO U 122 28.81 59.57 -30.38
N LEU U 123 28.13 58.79 -29.56
CA LEU U 123 28.66 57.55 -29.01
C LEU U 123 27.82 56.36 -29.47
N ILE U 124 28.46 55.40 -30.14
CA ILE U 124 27.76 54.23 -30.67
C ILE U 124 28.24 52.96 -29.97
N GLU U 125 27.33 52.28 -29.30
CA GLU U 125 27.62 51.00 -28.65
C GLU U 125 27.47 49.87 -29.65
N VAL U 126 28.49 49.02 -29.75
CA VAL U 126 28.47 47.90 -30.68
C VAL U 126 28.78 46.59 -29.96
N HIS U 127 27.94 45.58 -30.18
CA HIS U 127 28.23 44.22 -29.73
C HIS U 127 28.16 43.25 -30.89
N ILE U 128 29.14 42.35 -30.94
CA ILE U 128 29.24 41.36 -32.02
C ILE U 128 28.13 40.31 -31.93
N SER U 129 27.98 39.73 -30.74
CA SER U 129 26.92 38.74 -30.48
C SER U 129 25.62 39.45 -30.12
N ASN U 130 24.50 38.73 -30.28
CA ASN U 130 23.22 39.22 -29.80
C ASN U 130 23.15 39.07 -28.28
N VAL U 131 23.53 40.15 -27.60
CA VAL U 131 23.56 40.23 -26.14
C VAL U 131 22.21 39.90 -25.47
N HIS U 132 21.12 40.08 -26.20
CA HIS U 132 19.77 39.86 -25.67
C HIS U 132 19.30 38.40 -25.79
N ALA U 133 20.03 37.61 -26.58
CA ALA U 133 19.71 36.19 -26.77
C ALA U 133 20.54 35.29 -25.85
N ARG U 134 21.29 35.90 -24.94
CA ARG U 134 22.23 35.18 -24.08
C ARG U 134 21.78 35.23 -22.61
N GLU U 135 22.74 35.38 -21.69
CA GLU U 135 22.43 35.46 -20.26
C GLU U 135 21.69 36.75 -19.92
N GLU U 136 20.82 36.67 -18.91
CA GLU U 136 20.02 37.82 -18.47
C GLU U 136 20.84 39.03 -18.01
N PHE U 137 21.99 38.79 -17.38
CA PHE U 137 22.86 39.87 -16.89
C PHE U 137 23.54 40.66 -18.01
N ARG U 138 23.43 40.17 -19.25
CA ARG U 138 24.02 40.85 -20.40
C ARG U 138 23.06 41.88 -21.03
N ARG U 139 21.82 41.89 -20.57
CA ARG U 139 20.75 42.68 -21.20
C ARG U 139 20.52 44.06 -20.57
N HIS U 140 21.39 44.47 -19.66
CA HIS U 140 21.19 45.71 -18.90
C HIS U 140 22.43 46.60 -18.90
N SER U 141 22.89 46.92 -20.12
CA SER U 141 24.07 47.75 -20.34
C SER U 141 24.03 49.09 -19.62
N TYR U 142 25.14 49.45 -18.97
CA TYR U 142 25.30 50.76 -18.34
C TYR U 142 25.55 51.86 -19.36
N LEU U 143 25.93 51.46 -20.58
CA LEU U 143 26.32 52.41 -21.63
C LEU U 143 25.17 52.83 -22.54
N SER U 144 24.23 51.91 -22.77
CA SER U 144 23.10 52.12 -23.67
C SER U 144 22.30 53.41 -23.44
N PRO U 145 21.93 53.72 -22.18
CA PRO U 145 21.10 54.91 -21.92
C PRO U 145 21.75 56.25 -22.27
N ILE U 146 23.07 56.31 -22.26
CA ILE U 146 23.77 57.57 -22.56
C ILE U 146 24.38 57.62 -23.97
N ALA U 147 24.37 56.48 -24.65
CA ALA U 147 24.84 56.40 -26.02
C ALA U 147 23.82 56.98 -27.00
N THR U 148 24.29 57.38 -28.17
CA THR U 148 23.42 57.83 -29.26
C THR U 148 22.62 56.64 -29.78
N GLY U 149 23.31 55.54 -30.04
CA GLY U 149 22.66 54.33 -30.53
C GLY U 149 23.38 53.05 -30.14
N VAL U 150 22.75 51.92 -30.42
CA VAL U 150 23.32 50.60 -30.13
C VAL U 150 23.11 49.66 -31.30
N ILE U 151 24.18 48.98 -31.71
CA ILE U 151 24.11 47.91 -32.71
C ILE U 151 24.57 46.61 -32.07
N VAL U 152 23.70 45.60 -32.12
CA VAL U 152 23.93 44.35 -31.41
C VAL U 152 23.61 43.15 -32.33
N GLY U 153 24.50 42.16 -32.32
CA GLY U 153 24.23 40.88 -32.97
C GLY U 153 24.46 40.79 -34.48
N LEU U 154 24.99 41.87 -35.06
CA LEU U 154 25.24 41.90 -36.50
C LEU U 154 26.69 41.54 -36.83
N GLY U 155 27.36 40.91 -35.87
CA GLY U 155 28.74 40.47 -36.04
C GLY U 155 29.73 41.62 -36.21
N ILE U 156 30.80 41.34 -36.95
CA ILE U 156 31.85 42.31 -37.25
C ILE U 156 31.34 43.52 -38.03
N GLN U 157 30.35 43.30 -38.90
CA GLN U 157 29.78 44.36 -39.73
C GLN U 157 29.15 45.48 -38.88
N GLY U 158 28.77 45.14 -37.65
CA GLY U 158 28.23 46.12 -36.70
C GLY U 158 29.11 47.35 -36.56
N TYR U 159 30.42 47.16 -36.49
CA TYR U 159 31.39 48.25 -36.42
C TYR U 159 31.33 49.13 -37.67
N LEU U 160 31.23 48.49 -38.83
CA LEU U 160 31.24 49.19 -40.13
C LEU U 160 29.96 49.98 -40.35
N LEU U 161 28.84 49.43 -39.88
CA LEU U 161 27.54 50.10 -39.96
C LEU U 161 27.51 51.32 -39.05
N ALA U 162 28.17 51.22 -37.89
CA ALA U 162 28.33 52.36 -36.99
C ALA U 162 29.14 53.48 -37.65
N LEU U 163 30.19 53.11 -38.40
CA LEU U 163 31.01 54.06 -39.15
C LEU U 163 30.19 54.83 -40.18
N ARG U 164 29.29 54.12 -40.86
CA ARG U 164 28.44 54.71 -41.90
C ARG U 164 27.43 55.70 -41.33
N TYR U 165 26.94 55.42 -40.12
CA TYR U 165 26.07 56.36 -39.40
C TYR U 165 26.81 57.67 -39.12
N LEU U 166 28.04 57.55 -38.62
CA LEU U 166 28.86 58.71 -38.27
C LEU U 166 29.30 59.51 -39.50
N ALA U 167 29.45 58.82 -40.63
CA ALA U 167 29.80 59.46 -41.90
C ALA U 167 28.66 60.34 -42.42
N GLU U 168 27.42 59.94 -42.14
CA GLU U 168 26.24 60.61 -42.65
C GLU U 168 25.75 61.73 -41.72
N HIS U 169 26.32 61.77 -40.51
CA HIS U 169 25.93 62.77 -39.51
C HIS U 169 27.08 63.69 -39.12
N LEU V 29 49.86 62.73 12.91
CA LEU V 29 49.05 61.75 12.13
C LEU V 29 48.99 62.13 10.65
N ILE V 30 49.07 61.12 9.79
CA ILE V 30 49.01 61.32 8.34
C ILE V 30 47.74 60.69 7.76
N VAL V 31 47.00 61.48 6.99
CA VAL V 31 45.76 61.02 6.35
C VAL V 31 45.93 60.93 4.84
N ASN V 32 45.51 59.80 4.27
CA ASN V 32 45.58 59.58 2.82
C ASN V 32 44.30 59.97 2.11
N VAL V 33 44.41 60.95 1.20
CA VAL V 33 43.29 61.35 0.36
C VAL V 33 43.43 60.65 -0.99
N ILE V 34 42.46 59.81 -1.32
CA ILE V 34 42.53 58.97 -2.52
C ILE V 34 41.32 59.18 -3.43
N ASN V 35 41.60 59.60 -4.67
CA ASN V 35 40.58 59.81 -5.68
C ASN V 35 40.60 58.76 -6.78
N GLY V 36 39.42 58.31 -7.19
CA GLY V 36 39.28 57.26 -8.20
C GLY V 36 39.05 57.77 -9.61
N PRO V 37 38.57 56.88 -10.51
CA PRO V 37 38.36 57.15 -11.93
C PRO V 37 37.59 58.44 -12.24
N ASN V 38 38.03 59.11 -13.31
CA ASN V 38 37.37 60.31 -13.85
C ASN V 38 37.52 61.59 -13.03
N LEU V 39 38.07 61.47 -11.82
CA LEU V 39 38.20 62.62 -10.92
C LEU V 39 39.38 63.53 -11.25
N GLY V 40 40.31 63.01 -12.05
CA GLY V 40 41.42 63.82 -12.58
C GLY V 40 40.96 64.72 -13.72
N ARG V 41 39.72 64.52 -14.15
CA ARG V 41 39.13 65.26 -15.27
C ARG V 41 38.26 66.43 -14.82
N LEU V 42 38.30 66.75 -13.52
CA LEU V 42 37.51 67.83 -12.95
C LEU V 42 37.82 69.19 -13.58
N GLY V 43 36.80 70.05 -13.65
CA GLY V 43 36.91 71.35 -14.30
C GLY V 43 36.14 71.37 -15.60
N ARG V 44 36.53 70.48 -16.52
CA ARG V 44 35.84 70.31 -17.80
C ARG V 44 34.69 69.30 -17.69
N ARG V 45 34.75 68.44 -16.69
CA ARG V 45 33.69 67.49 -16.36
C ARG V 45 32.40 68.22 -16.04
N GLU V 46 31.29 67.72 -16.58
CA GLU V 46 29.94 68.31 -16.44
C GLU V 46 29.86 69.43 -15.39
N PRO V 47 29.95 70.70 -15.85
CA PRO V 47 30.00 71.88 -14.98
C PRO V 47 28.76 72.06 -14.11
N ALA V 48 27.62 71.59 -14.60
CA ALA V 48 26.36 71.66 -13.86
C ALA V 48 26.31 70.66 -12.71
N VAL V 49 27.08 69.57 -12.85
CA VAL V 49 27.07 68.47 -11.88
C VAL V 49 28.22 68.58 -10.87
N TYR V 50 29.43 68.80 -11.35
CA TYR V 50 30.62 68.76 -10.50
C TYR V 50 31.29 70.13 -10.26
N GLY V 51 31.03 71.09 -11.15
CA GLY V 51 31.56 72.44 -11.00
C GLY V 51 32.64 72.80 -12.00
N GLY V 52 33.43 73.82 -11.68
CA GLY V 52 34.49 74.30 -12.56
C GLY V 52 35.90 74.21 -11.99
N THR V 53 36.00 73.66 -10.78
CA THR V 53 37.29 73.53 -10.10
C THR V 53 38.03 72.28 -10.59
N THR V 54 39.28 72.47 -11.00
CA THR V 54 40.13 71.37 -11.49
C THR V 54 40.70 70.55 -10.33
N HIS V 55 41.23 69.38 -10.65
CA HIS V 55 41.82 68.48 -9.64
C HIS V 55 43.12 69.05 -9.06
N ASP V 56 43.87 69.79 -9.87
CA ASP V 56 45.09 70.45 -9.42
C ASP V 56 44.80 71.54 -8.38
N GLU V 57 43.67 72.23 -8.58
CA GLU V 57 43.20 73.24 -7.63
C GLU V 57 42.64 72.60 -6.36
N LEU V 58 42.09 71.40 -6.52
CA LEU V 58 41.53 70.63 -5.40
C LEU V 58 42.61 70.18 -4.42
N VAL V 59 43.77 69.77 -4.94
CA VAL V 59 44.90 69.37 -4.11
C VAL V 59 45.45 70.56 -3.31
N ALA V 60 45.52 71.71 -3.97
CA ALA V 60 46.03 72.95 -3.36
C ALA V 60 45.19 73.43 -2.17
N LEU V 61 43.88 73.19 -2.23
CA LEU V 61 42.97 73.54 -1.15
C LEU V 61 43.06 72.56 0.02
N ILE V 62 43.21 71.28 -0.30
CA ILE V 62 43.34 70.21 0.70
C ILE V 62 44.66 70.34 1.48
N GLU V 63 45.75 70.62 0.76
CA GLU V 63 47.07 70.79 1.37
C GLU V 63 47.14 72.01 2.28
N ARG V 64 46.37 73.04 1.94
CA ARG V 64 46.28 74.26 2.75
C ARG V 64 45.47 74.02 4.03
N GLU V 65 44.36 73.29 3.89
CA GLU V 65 43.45 73.03 5.00
C GLU V 65 44.05 72.08 6.04
N ALA V 66 44.79 71.08 5.57
CA ALA V 66 45.42 70.09 6.44
C ALA V 66 46.56 70.69 7.28
N ALA V 67 47.27 71.65 6.69
CA ALA V 67 48.36 72.35 7.37
C ALA V 67 47.84 73.25 8.49
N GLU V 68 46.66 73.81 8.28
CA GLU V 68 46.01 74.67 9.28
C GLU V 68 45.41 73.87 10.43
N LEU V 69 45.09 72.59 10.16
CA LEU V 69 44.54 71.68 11.18
C LEU V 69 45.64 70.90 11.91
N GLY V 70 46.86 70.96 11.37
CA GLY V 70 48.01 70.28 11.97
C GLY V 70 48.13 68.82 11.58
N LEU V 71 47.85 68.52 10.31
CA LEU V 71 47.92 67.15 9.80
C LEU V 71 48.62 67.11 8.43
N LYS V 72 49.11 65.93 8.07
CA LYS V 72 49.72 65.71 6.76
C LYS V 72 48.75 64.97 5.85
N ALA V 73 48.51 65.51 4.67
CA ALA V 73 47.61 64.92 3.70
C ALA V 73 48.30 64.59 2.38
N VAL V 74 48.20 63.32 1.97
CA VAL V 74 48.76 62.86 0.71
C VAL V 74 47.63 62.61 -0.28
N VAL V 75 47.57 63.42 -1.33
CA VAL V 75 46.51 63.35 -2.33
C VAL V 75 47.02 62.67 -3.61
N ARG V 76 46.37 61.56 -3.97
CA ARG V 76 46.74 60.80 -5.17
C ARG V 76 45.50 60.39 -5.96
N GLN V 77 45.60 60.47 -7.29
CA GLN V 77 44.49 60.16 -8.19
C GLN V 77 44.90 59.11 -9.22
N SER V 78 44.01 58.15 -9.45
CA SER V 78 44.22 57.10 -10.44
C SER V 78 42.91 56.55 -10.98
N ASP V 79 42.92 56.20 -12.27
CA ASP V 79 41.77 55.55 -12.91
C ASP V 79 41.87 54.03 -12.79
N SER V 80 43.00 53.54 -12.31
CA SER V 80 43.26 52.10 -12.18
C SER V 80 42.86 51.58 -10.80
N GLU V 81 42.06 50.52 -10.81
CA GLU V 81 41.57 49.87 -9.59
C GLU V 81 42.71 49.32 -8.73
N ALA V 82 43.68 48.68 -9.38
CA ALA V 82 44.82 48.07 -8.70
C ALA V 82 45.71 49.10 -8.00
N GLN V 83 45.82 50.28 -8.62
CA GLN V 83 46.61 51.39 -8.06
C GLN V 83 45.96 51.96 -6.81
N LEU V 84 44.63 51.99 -6.78
CA LEU V 84 43.89 52.44 -5.61
C LEU V 84 43.94 51.41 -4.48
N LEU V 85 43.94 50.12 -4.86
CA LEU V 85 44.00 49.02 -3.90
C LEU V 85 45.32 48.99 -3.14
N ASP V 86 46.41 49.36 -3.81
CA ASP V 86 47.74 49.37 -3.21
C ASP V 86 47.87 50.49 -2.17
N TRP V 87 47.24 51.64 -2.44
CA TRP V 87 47.32 52.80 -1.56
C TRP V 87 46.59 52.61 -0.23
N ILE V 88 45.47 51.88 -0.27
CA ILE V 88 44.71 51.57 0.95
C ILE V 88 45.30 50.39 1.73
N HIS V 89 46.13 49.60 1.06
CA HIS V 89 46.91 48.55 1.72
C HIS V 89 48.07 49.16 2.50
N GLN V 90 48.66 50.21 1.95
CA GLN V 90 49.74 50.94 2.60
C GLN V 90 49.22 51.71 3.81
N ALA V 91 47.97 52.17 3.72
CA ALA V 91 47.31 52.88 4.81
C ALA V 91 46.87 51.93 5.92
N ALA V 92 46.62 50.67 5.57
CA ALA V 92 46.24 49.63 6.53
C ALA V 92 47.43 49.20 7.39
N ASP V 93 48.60 49.07 6.76
CA ASP V 93 49.82 48.66 7.45
C ASP V 93 50.38 49.78 8.34
N ALA V 94 50.21 51.02 7.89
CA ALA V 94 50.68 52.18 8.62
C ALA V 94 49.64 52.75 9.59
N ALA V 95 48.47 52.11 9.61
CA ALA V 95 47.32 52.53 10.44
C ALA V 95 46.94 54.00 10.23
N GLU V 96 46.81 54.37 8.96
CA GLU V 96 46.52 55.75 8.58
C GLU V 96 45.08 55.91 8.07
N PRO V 97 44.39 56.99 8.52
CA PRO V 97 43.02 57.29 8.08
C PRO V 97 42.95 57.61 6.59
N VAL V 98 41.81 57.28 5.97
CA VAL V 98 41.65 57.43 4.52
C VAL V 98 40.41 58.24 4.15
N ILE V 99 40.61 59.34 3.43
CA ILE V 99 39.53 60.06 2.77
C ILE V 99 39.44 59.51 1.35
N LEU V 100 38.39 58.75 1.07
CA LEU V 100 38.26 58.03 -0.19
C LEU V 100 37.08 58.50 -1.04
N ASN V 101 37.37 58.80 -2.31
CA ASN V 101 36.34 59.03 -3.31
C ASN V 101 36.63 58.13 -4.51
N ALA V 102 35.95 57.00 -4.57
CA ALA V 102 36.19 55.99 -5.61
C ALA V 102 35.54 56.35 -6.94
N GLY V 103 34.65 57.35 -6.93
CA GLY V 103 33.94 57.77 -8.12
C GLY V 103 32.93 56.73 -8.55
N GLY V 104 33.14 56.17 -9.75
CA GLY V 104 32.28 55.12 -10.28
C GLY V 104 32.45 53.79 -9.58
N LEU V 105 33.67 53.52 -9.12
CA LEU V 105 33.99 52.25 -8.45
C LEU V 105 33.33 52.10 -7.07
N THR V 106 32.76 53.19 -6.56
CA THR V 106 32.02 53.18 -5.30
C THR V 106 30.83 52.20 -5.33
N HIS V 107 30.20 52.08 -6.49
CA HIS V 107 28.96 51.32 -6.64
C HIS V 107 29.17 49.91 -7.21
N THR V 108 30.42 49.60 -7.58
CA THR V 108 30.71 48.38 -8.33
C THR V 108 31.82 47.51 -7.74
N SER V 109 32.82 48.14 -7.13
CA SER V 109 34.02 47.43 -6.67
C SER V 109 33.89 46.82 -5.27
N VAL V 110 33.77 45.50 -5.22
CA VAL V 110 33.74 44.74 -3.96
C VAL V 110 35.18 44.52 -3.47
N ALA V 111 36.10 44.38 -4.42
CA ALA V 111 37.53 44.23 -4.12
C ALA V 111 38.06 45.43 -3.33
N LEU V 112 37.55 46.62 -3.66
CA LEU V 112 37.92 47.85 -2.96
C LEU V 112 37.35 47.87 -1.53
N ARG V 113 36.18 47.27 -1.35
CA ARG V 113 35.54 47.16 -0.04
C ARG V 113 36.33 46.26 0.90
N ASP V 114 36.85 45.16 0.36
CA ASP V 114 37.61 44.18 1.14
C ASP V 114 38.98 44.69 1.59
N ALA V 115 39.55 45.61 0.80
CA ALA V 115 40.82 46.24 1.13
C ALA V 115 40.65 47.33 2.17
N CYS V 116 39.51 48.02 2.13
CA CYS V 116 39.18 49.07 3.09
C CYS V 116 38.83 48.49 4.46
N ALA V 117 38.44 47.22 4.48
CA ALA V 117 38.08 46.50 5.70
C ALA V 117 39.26 46.33 6.66
N GLU V 118 40.47 46.34 6.10
CA GLU V 118 41.70 46.19 6.89
C GLU V 118 42.07 47.45 7.68
N LEU V 119 41.51 48.59 7.27
CA LEU V 119 41.83 49.87 7.90
C LEU V 119 41.35 49.97 9.35
N SER V 120 42.31 49.98 10.27
CA SER V 120 42.03 50.14 11.69
C SER V 120 41.66 51.59 12.01
N ALA V 121 42.32 52.52 11.32
CA ALA V 121 42.03 53.93 11.44
C ALA V 121 40.76 54.29 10.65
N PRO V 122 39.98 55.28 11.13
CA PRO V 122 38.70 55.69 10.54
C PRO V 122 38.75 55.96 9.03
N LEU V 123 37.68 55.58 8.33
CA LEU V 123 37.56 55.78 6.89
C LEU V 123 36.33 56.62 6.56
N ILE V 124 36.53 57.66 5.75
CA ILE V 124 35.43 58.54 5.34
C ILE V 124 35.24 58.61 3.82
N GLU V 125 33.98 58.55 3.41
CA GLU V 125 33.59 58.60 2.01
C GLU V 125 33.15 60.01 1.62
N VAL V 126 33.64 60.50 0.48
CA VAL V 126 33.32 61.85 0.01
C VAL V 126 32.81 61.81 -1.43
N HIS V 127 31.74 62.56 -1.69
CA HIS V 127 31.25 62.77 -3.06
C HIS V 127 30.93 64.24 -3.31
N ILE V 128 31.30 64.73 -4.49
CA ILE V 128 31.13 66.14 -4.87
C ILE V 128 29.65 66.50 -5.12
N SER V 129 29.03 65.77 -6.04
CA SER V 129 27.62 65.99 -6.38
C SER V 129 26.72 65.19 -5.43
N ASN V 130 25.45 65.56 -5.38
CA ASN V 130 24.49 64.81 -4.59
C ASN V 130 24.10 63.51 -5.30
N VAL V 131 24.70 62.42 -4.83
CA VAL V 131 24.54 61.08 -5.39
C VAL V 131 23.08 60.61 -5.42
N HIS V 132 22.35 60.92 -4.35
CA HIS V 132 20.97 60.48 -4.20
C HIS V 132 19.97 61.27 -5.03
N ALA V 133 20.44 62.35 -5.65
CA ALA V 133 19.61 63.19 -6.52
C ALA V 133 19.82 62.85 -7.99
N ARG V 134 20.50 61.72 -8.25
CA ARG V 134 20.83 61.31 -9.60
C ARG V 134 20.23 59.95 -9.95
N GLU V 135 20.99 59.09 -10.62
CA GLU V 135 20.52 57.76 -11.01
C GLU V 135 20.34 56.84 -9.80
N GLU V 136 19.48 55.84 -9.93
CA GLU V 136 19.13 54.94 -8.83
C GLU V 136 20.28 54.00 -8.43
N PHE V 137 21.00 53.48 -9.42
CA PHE V 137 22.13 52.57 -9.17
C PHE V 137 23.28 53.26 -8.44
N ARG V 138 23.23 54.58 -8.39
CA ARG V 138 24.24 55.39 -7.73
C ARG V 138 23.95 55.46 -6.23
N ARG V 139 22.68 55.27 -5.86
CA ARG V 139 22.24 55.38 -4.46
C ARG V 139 22.65 54.21 -3.56
N HIS V 140 23.41 53.27 -4.11
CA HIS V 140 23.88 52.10 -3.37
C HIS V 140 25.40 52.02 -3.41
N SER V 141 26.02 52.06 -2.24
CA SER V 141 27.48 52.00 -2.13
C SER V 141 27.93 50.75 -1.39
N TYR V 142 29.04 50.18 -1.85
CA TYR V 142 29.69 49.07 -1.16
C TYR V 142 30.60 49.58 -0.05
N LEU V 143 31.06 50.82 -0.20
CA LEU V 143 32.00 51.42 0.75
C LEU V 143 31.33 51.99 1.99
N SER V 144 30.07 52.38 1.86
CA SER V 144 29.33 53.04 2.94
C SER V 144 29.07 52.22 4.21
N PRO V 145 28.74 50.91 4.08
CA PRO V 145 28.49 50.09 5.27
C PRO V 145 29.73 49.76 6.11
N ILE V 146 30.92 50.01 5.58
CA ILE V 146 32.17 49.71 6.29
C ILE V 146 33.00 50.95 6.63
N ALA V 147 32.54 52.11 6.17
CA ALA V 147 33.19 53.39 6.47
C ALA V 147 32.64 54.00 7.76
N THR V 148 33.42 54.92 8.35
CA THR V 148 33.00 55.63 9.55
C THR V 148 31.97 56.71 9.21
N GLY V 149 32.31 57.60 8.28
CA GLY V 149 31.42 58.69 7.86
C GLY V 149 31.29 58.85 6.36
N VAL V 150 30.23 59.52 5.94
CA VAL V 150 29.96 59.78 4.52
C VAL V 150 29.50 61.23 4.31
N ILE V 151 30.17 61.93 3.40
CA ILE V 151 29.79 63.29 3.01
C ILE V 151 29.47 63.32 1.52
N VAL V 152 28.27 63.76 1.18
CA VAL V 152 27.80 63.74 -0.21
C VAL V 152 27.10 65.05 -0.58
N GLY V 153 27.48 65.63 -1.71
CA GLY V 153 26.74 66.74 -2.31
C GLY V 153 27.10 68.15 -1.86
N LEU V 154 28.19 68.31 -1.12
CA LEU V 154 28.60 69.62 -0.64
C LEU V 154 29.65 70.29 -1.54
N GLY V 155 29.74 69.81 -2.78
CA GLY V 155 30.64 70.38 -3.78
C GLY V 155 32.11 70.18 -3.46
N ILE V 156 32.92 71.18 -3.78
CA ILE V 156 34.36 71.12 -3.59
C ILE V 156 34.77 71.30 -2.12
N GLN V 157 33.85 71.83 -1.31
CA GLN V 157 34.09 72.06 0.11
C GLN V 157 33.97 70.77 0.93
N GLY V 158 33.37 69.75 0.33
CA GLY V 158 33.17 68.45 0.98
C GLY V 158 34.45 67.78 1.46
N TYR V 159 35.52 67.93 0.67
CA TYR V 159 36.84 67.40 1.02
C TYR V 159 37.42 68.11 2.25
N LEU V 160 37.24 69.42 2.31
CA LEU V 160 37.77 70.25 3.39
C LEU V 160 37.06 70.01 4.73
N LEU V 161 35.79 69.65 4.65
CA LEU V 161 34.98 69.36 5.84
C LEU V 161 35.28 67.98 6.42
N ALA V 162 35.77 67.07 5.56
CA ALA V 162 36.22 65.75 5.98
C ALA V 162 37.54 65.82 6.75
N LEU V 163 38.39 66.78 6.36
CA LEU V 163 39.66 67.03 7.03
C LEU V 163 39.46 67.58 8.44
N ARG V 164 38.41 68.38 8.61
CA ARG V 164 38.09 69.02 9.88
C ARG V 164 37.66 68.01 10.94
N TYR V 165 36.96 66.96 10.50
CA TYR V 165 36.50 65.90 11.39
C TYR V 165 37.65 65.10 11.99
N LEU V 166 38.64 64.77 11.16
CA LEU V 166 39.78 63.92 11.56
C LEU V 166 40.70 64.57 12.58
N ALA V 167 40.74 65.90 12.60
CA ALA V 167 41.54 66.65 13.56
C ALA V 167 40.87 66.69 14.94
N GLU V 168 39.54 66.66 14.95
CA GLU V 168 38.76 66.67 16.18
C GLU V 168 38.54 65.28 16.76
N HIS V 169 38.22 64.32 15.88
CA HIS V 169 37.92 62.95 16.29
C HIS V 169 39.14 62.04 16.10
N LEU W 29 5.63 46.66 40.78
CA LEU W 29 6.17 46.98 39.43
C LEU W 29 5.06 47.48 38.50
N ILE W 30 5.34 48.57 37.78
CA ILE W 30 4.38 49.20 36.89
C ILE W 30 4.54 48.70 35.45
N VAL W 31 3.43 48.28 34.85
CA VAL W 31 3.40 47.83 33.47
C VAL W 31 2.60 48.79 32.60
N ASN W 32 3.24 49.32 31.57
CA ASN W 32 2.59 50.27 30.65
C ASN W 32 1.93 49.55 29.46
N VAL W 33 0.65 49.84 29.25
CA VAL W 33 -0.08 49.33 28.09
C VAL W 33 -0.40 50.51 27.17
N ILE W 34 0.24 50.52 26.00
CA ILE W 34 0.12 51.63 25.05
C ILE W 34 -0.64 51.19 23.80
N ASN W 35 -1.71 51.91 23.48
CA ASN W 35 -2.47 51.67 22.25
C ASN W 35 -2.34 52.83 21.26
N GLY W 36 -2.00 52.49 20.01
CA GLY W 36 -1.79 53.46 18.95
C GLY W 36 -3.07 53.93 18.28
N PRO W 37 -2.94 54.55 17.09
CA PRO W 37 -4.06 55.15 16.34
C PRO W 37 -5.24 54.20 16.11
N ASN W 38 -6.44 54.77 16.15
CA ASN W 38 -7.70 54.05 15.88
C ASN W 38 -8.15 53.05 16.96
N LEU W 39 -7.29 52.79 17.94
CA LEU W 39 -7.58 51.80 18.97
C LEU W 39 -8.44 52.31 20.12
N GLY W 40 -8.70 53.61 20.13
CA GLY W 40 -9.63 54.22 21.08
C GLY W 40 -11.08 54.03 20.65
N ARG W 41 -11.27 53.37 19.51
CA ARG W 41 -12.60 53.15 18.94
C ARG W 41 -13.00 51.67 18.97
N LEU W 42 -12.31 50.89 19.79
CA LEU W 42 -12.59 49.46 19.96
C LEU W 42 -14.03 49.21 20.37
N GLY W 43 -14.60 48.12 19.85
CA GLY W 43 -16.01 47.81 20.04
C GLY W 43 -16.82 48.25 18.84
N ARG W 44 -16.66 49.53 18.47
CA ARG W 44 -17.31 50.08 17.27
C ARG W 44 -16.52 49.76 16.00
N ARG W 45 -15.21 49.99 16.06
CA ARG W 45 -14.34 49.82 14.89
C ARG W 45 -14.27 48.37 14.43
N GLU W 46 -14.92 48.11 13.28
CA GLU W 46 -14.92 46.80 12.62
C GLU W 46 -14.99 45.60 13.58
N PRO W 47 -16.18 45.35 14.17
CA PRO W 47 -16.37 44.29 15.18
C PRO W 47 -16.05 42.89 14.67
N ALA W 48 -16.21 42.66 13.37
CA ALA W 48 -15.89 41.39 12.75
C ALA W 48 -14.38 41.13 12.70
N VAL W 49 -13.61 42.20 12.82
CA VAL W 49 -12.14 42.13 12.76
C VAL W 49 -11.49 42.28 14.14
N TYR W 50 -11.96 43.27 14.92
CA TYR W 50 -11.33 43.61 16.20
C TYR W 50 -12.15 43.27 17.46
N GLY W 51 -13.36 42.76 17.27
CA GLY W 51 -14.22 42.39 18.40
C GLY W 51 -15.15 43.50 18.86
N GLY W 52 -15.99 43.18 19.85
CA GLY W 52 -17.01 44.12 20.33
C GLY W 52 -16.78 44.66 21.73
N THR W 53 -15.56 44.50 22.25
CA THR W 53 -15.21 45.02 23.57
C THR W 53 -14.68 46.45 23.43
N THR W 54 -15.27 47.37 24.21
CA THR W 54 -14.89 48.78 24.17
C THR W 54 -13.54 49.02 24.86
N HIS W 55 -12.96 50.19 24.60
CA HIS W 55 -11.66 50.55 25.18
C HIS W 55 -11.74 50.71 26.70
N ASP W 56 -12.83 51.30 27.19
CA ASP W 56 -13.07 51.44 28.63
C ASP W 56 -13.17 50.08 29.33
N GLU W 57 -13.84 49.13 28.68
CA GLU W 57 -13.96 47.76 29.19
C GLU W 57 -12.61 47.04 29.18
N LEU W 58 -11.79 47.34 28.16
CA LEU W 58 -10.45 46.78 28.05
C LEU W 58 -9.54 47.26 29.18
N VAL W 59 -9.63 48.56 29.51
CA VAL W 59 -8.88 49.16 30.61
C VAL W 59 -9.17 48.43 31.93
N ALA W 60 -10.46 48.25 32.23
CA ALA W 60 -10.91 47.60 33.46
C ALA W 60 -10.51 46.13 33.53
N LEU W 61 -10.48 45.46 32.38
CA LEU W 61 -10.04 44.06 32.29
C LEU W 61 -8.54 43.92 32.56
N ILE W 62 -7.75 44.88 32.04
CA ILE W 62 -6.31 44.91 32.26
C ILE W 62 -5.98 45.21 33.72
N GLU W 63 -6.72 46.15 34.32
CA GLU W 63 -6.54 46.52 35.72
C GLU W 63 -6.87 45.37 36.67
N ARG W 64 -7.91 44.61 36.35
CA ARG W 64 -8.35 43.49 37.17
C ARG W 64 -7.40 42.29 37.07
N GLU W 65 -6.82 42.09 35.89
CA GLU W 65 -5.86 41.01 35.66
C GLU W 65 -4.52 41.31 36.34
N ALA W 66 -4.03 42.54 36.20
CA ALA W 66 -2.75 42.96 36.78
C ALA W 66 -2.76 42.94 38.30
N ALA W 67 -3.89 43.29 38.89
CA ALA W 67 -4.07 43.26 40.35
C ALA W 67 -3.94 41.85 40.91
N GLU W 68 -4.46 40.87 40.17
CA GLU W 68 -4.36 39.46 40.52
C GLU W 68 -2.94 38.93 40.32
N LEU W 69 -2.21 39.54 39.38
CA LEU W 69 -0.83 39.18 39.11
C LEU W 69 0.17 39.98 39.95
N GLY W 70 -0.35 40.87 40.79
CA GLY W 70 0.48 41.69 41.68
C GLY W 70 1.21 42.81 40.98
N LEU W 71 0.54 43.42 40.00
CA LEU W 71 1.13 44.50 39.20
C LEU W 71 0.17 45.69 39.09
N LYS W 72 0.74 46.89 38.89
CA LYS W 72 -0.05 48.08 38.63
C LYS W 72 0.02 48.42 37.15
N ALA W 73 -1.14 48.50 36.51
CA ALA W 73 -1.22 48.69 35.06
C ALA W 73 -1.67 50.10 34.67
N VAL W 74 -0.92 50.70 33.75
CA VAL W 74 -1.24 52.02 33.20
C VAL W 74 -1.61 51.86 31.73
N VAL W 75 -2.90 52.03 31.42
CA VAL W 75 -3.41 51.88 30.05
C VAL W 75 -3.67 53.24 29.42
N ARG W 76 -2.97 53.53 28.33
CA ARG W 76 -3.08 54.81 27.64
C ARG W 76 -3.25 54.65 26.13
N GLN W 77 -4.00 55.57 25.52
CA GLN W 77 -4.30 55.52 24.10
C GLN W 77 -4.17 56.90 23.46
N SER W 78 -3.56 56.94 22.27
CA SER W 78 -3.42 58.18 21.50
C SER W 78 -3.30 57.93 20.00
N ASP W 79 -3.86 58.85 19.22
CA ASP W 79 -3.72 58.83 17.76
C ASP W 79 -2.51 59.63 17.31
N SER W 80 -1.92 60.40 18.24
CA SER W 80 -0.76 61.23 17.96
C SER W 80 0.54 60.45 18.19
N GLU W 81 1.39 60.43 17.17
CA GLU W 81 2.68 59.74 17.23
C GLU W 81 3.61 60.37 18.27
N ALA W 82 3.63 61.69 18.34
CA ALA W 82 4.44 62.43 19.31
C ALA W 82 4.10 62.07 20.75
N GLN W 83 2.82 61.87 21.02
CA GLN W 83 2.33 61.47 22.35
C GLN W 83 2.81 60.06 22.70
N LEU W 84 2.69 59.13 21.74
CA LEU W 84 3.12 57.75 21.94
C LEU W 84 4.63 57.66 22.18
N LEU W 85 5.38 58.52 21.50
CA LEU W 85 6.84 58.61 21.69
C LEU W 85 7.17 59.05 23.11
N ASP W 86 6.41 60.02 23.62
CA ASP W 86 6.60 60.56 24.97
C ASP W 86 6.35 59.50 26.05
N TRP W 87 5.36 58.63 25.82
CA TRP W 87 5.04 57.56 26.75
C TRP W 87 6.10 56.47 26.80
N ILE W 88 6.69 56.15 25.63
CA ILE W 88 7.76 55.17 25.55
C ILE W 88 9.05 55.68 26.21
N HIS W 89 9.32 56.98 26.03
CA HIS W 89 10.47 57.63 26.67
C HIS W 89 10.37 57.61 28.18
N GLN W 90 9.16 57.85 28.70
CA GLN W 90 8.89 57.79 30.13
C GLN W 90 9.07 56.38 30.67
N ALA W 91 8.72 55.38 29.86
CA ALA W 91 8.88 53.98 30.21
C ALA W 91 10.35 53.55 30.14
N ALA W 92 11.11 54.22 29.27
CA ALA W 92 12.54 53.94 29.12
C ALA W 92 13.37 54.49 30.28
N ASP W 93 12.94 55.64 30.81
CA ASP W 93 13.60 56.26 31.96
C ASP W 93 13.29 55.52 33.27
N ALA W 94 12.04 55.08 33.41
CA ALA W 94 11.59 54.39 34.61
C ALA W 94 11.86 52.88 34.57
N ALA W 95 12.41 52.42 33.44
CA ALA W 95 12.70 50.99 33.20
C ALA W 95 11.49 50.10 33.43
N GLU W 96 10.35 50.50 32.87
CA GLU W 96 9.09 49.79 33.01
C GLU W 96 8.78 48.97 31.75
N PRO W 97 8.28 47.74 31.92
CA PRO W 97 7.89 46.88 30.79
C PRO W 97 6.72 47.48 30.01
N VAL W 98 6.70 47.25 28.69
CA VAL W 98 5.69 47.84 27.82
C VAL W 98 4.95 46.78 27.00
N ILE W 99 3.63 46.76 27.11
CA ILE W 99 2.78 45.99 26.21
C ILE W 99 2.22 46.97 25.18
N LEU W 100 2.65 46.80 23.93
CA LEU W 100 2.37 47.79 22.89
C LEU W 100 1.53 47.26 21.73
N ASN W 101 0.47 48.00 21.41
CA ASN W 101 -0.27 47.84 20.17
C ASN W 101 -0.22 49.17 19.43
N ALA W 102 0.70 49.28 18.47
CA ALA W 102 0.96 50.54 17.78
C ALA W 102 -0.04 50.84 16.65
N GLY W 103 -0.95 49.92 16.40
CA GLY W 103 -1.95 50.07 15.34
C GLY W 103 -1.33 50.07 13.96
N GLY W 104 -1.69 51.07 13.16
CA GLY W 104 -1.17 51.21 11.79
C GLY W 104 0.27 51.70 11.75
N LEU W 105 0.76 52.23 12.88
CA LEU W 105 2.13 52.70 12.99
C LEU W 105 3.12 51.54 13.14
N THR W 106 2.59 50.35 13.45
CA THR W 106 3.38 49.13 13.57
C THR W 106 4.12 48.82 12.26
N HIS W 107 3.46 49.09 11.14
CA HIS W 107 3.98 48.73 9.82
C HIS W 107 4.69 49.91 9.13
N THR W 108 4.57 51.10 9.71
CA THR W 108 5.07 52.32 9.07
C THR W 108 6.19 53.04 9.83
N SER W 109 6.01 53.21 11.14
CA SER W 109 6.84 54.13 11.91
C SER W 109 8.20 53.57 12.34
N VAL W 110 9.25 54.18 11.81
CA VAL W 110 10.63 53.91 12.24
C VAL W 110 10.94 54.74 13.50
N ALA W 111 10.31 55.91 13.60
CA ALA W 111 10.46 56.79 14.76
C ALA W 111 10.01 56.12 16.06
N LEU W 112 8.89 55.40 16.00
CA LEU W 112 8.37 54.65 17.13
C LEU W 112 9.26 53.45 17.46
N ARG W 113 9.86 52.86 16.43
CA ARG W 113 10.81 51.75 16.58
C ARG W 113 12.07 52.22 17.32
N ASP W 114 12.53 53.42 16.99
CA ASP W 114 13.72 54.01 17.62
C ASP W 114 13.51 54.36 19.08
N ALA W 115 12.27 54.68 19.45
CA ALA W 115 11.92 54.97 20.84
C ALA W 115 11.90 53.71 21.69
N CYS W 116 11.37 52.62 21.12
CA CYS W 116 11.31 51.32 21.80
C CYS W 116 12.68 50.68 21.99
N ALA W 117 13.64 51.13 21.19
CA ALA W 117 15.03 50.66 21.28
C ALA W 117 15.68 51.09 22.61
N GLU W 118 15.17 52.17 23.20
CA GLU W 118 15.66 52.67 24.48
C GLU W 118 15.23 51.82 25.67
N LEU W 119 14.16 51.04 25.49
CA LEU W 119 13.60 50.22 26.57
C LEU W 119 14.52 49.08 26.99
N SER W 120 14.91 49.09 28.27
CA SER W 120 15.73 48.02 28.85
C SER W 120 14.85 46.90 29.37
N ALA W 121 13.64 47.25 29.80
CA ALA W 121 12.64 46.28 30.25
C ALA W 121 11.93 45.65 29.05
N PRO W 122 11.42 44.41 29.20
CA PRO W 122 10.80 43.66 28.10
C PRO W 122 9.65 44.38 27.40
N LEU W 123 9.66 44.36 26.07
CA LEU W 123 8.62 44.95 25.24
C LEU W 123 7.86 43.87 24.49
N ILE W 124 6.55 43.81 24.70
CA ILE W 124 5.71 42.84 23.99
C ILE W 124 4.79 43.53 22.99
N GLU W 125 4.88 43.12 21.74
CA GLU W 125 3.97 43.58 20.70
C GLU W 125 2.68 42.77 20.75
N VAL W 126 1.54 43.46 20.71
CA VAL W 126 0.24 42.81 20.78
C VAL W 126 -0.67 43.28 19.64
N HIS W 127 -1.29 42.33 18.95
CA HIS W 127 -2.29 42.62 17.94
C HIS W 127 -3.58 41.85 18.22
N ILE W 128 -4.71 42.54 18.12
CA ILE W 128 -6.02 41.96 18.41
C ILE W 128 -6.45 40.99 17.31
N SER W 129 -6.41 41.44 16.06
CA SER W 129 -6.74 40.61 14.91
C SER W 129 -5.52 39.83 14.44
N ASN W 130 -5.74 38.76 13.67
CA ASN W 130 -4.64 38.03 13.05
C ASN W 130 -4.07 38.82 11.88
N VAL W 131 -2.98 39.53 12.15
CA VAL W 131 -2.36 40.45 11.21
C VAL W 131 -1.74 39.75 9.99
N HIS W 132 -1.52 38.44 10.12
CA HIS W 132 -0.94 37.63 9.04
C HIS W 132 -2.01 37.00 8.14
N ALA W 133 -3.27 37.11 8.55
CA ALA W 133 -4.39 36.59 7.78
C ALA W 133 -5.06 37.67 6.93
N ARG W 134 -4.44 38.85 6.89
CA ARG W 134 -5.00 40.01 6.22
C ARG W 134 -4.14 40.43 5.03
N GLU W 135 -4.00 41.74 4.81
CA GLU W 135 -3.18 42.28 3.72
C GLU W 135 -1.70 41.99 3.95
N GLU W 136 -0.94 41.94 2.86
CA GLU W 136 0.49 41.62 2.91
C GLU W 136 1.37 42.69 3.57
N PHE W 137 1.00 43.96 3.41
CA PHE W 137 1.76 45.07 3.99
C PHE W 137 1.69 45.13 5.52
N ARG W 138 0.79 44.34 6.11
CA ARG W 138 0.63 44.27 7.55
C ARG W 138 1.51 43.18 8.18
N ARG W 139 2.19 42.41 7.32
CA ARG W 139 2.98 41.26 7.76
C ARG W 139 4.45 41.57 8.00
N HIS W 140 4.83 42.85 7.89
CA HIS W 140 6.22 43.26 8.01
C HIS W 140 6.44 44.34 9.08
N SER W 141 6.15 43.97 10.33
CA SER W 141 6.25 44.90 11.46
C SER W 141 7.67 45.41 11.68
N TYR W 142 7.78 46.71 11.97
CA TYR W 142 9.05 47.34 12.32
C TYR W 142 9.41 47.10 13.79
N LEU W 143 8.41 46.76 14.59
CA LEU W 143 8.58 46.62 16.03
C LEU W 143 8.87 45.18 16.46
N SER W 144 8.42 44.22 15.67
CA SER W 144 8.60 42.79 15.95
C SER W 144 10.07 42.33 16.06
N PRO W 145 10.98 42.84 15.20
CA PRO W 145 12.38 42.46 15.31
C PRO W 145 13.08 42.97 16.58
N ILE W 146 12.59 44.07 17.16
CA ILE W 146 13.20 44.65 18.36
C ILE W 146 12.43 44.35 19.65
N ALA W 147 11.22 43.83 19.50
CA ALA W 147 10.40 43.43 20.64
C ALA W 147 10.92 42.13 21.27
N THR W 148 10.52 41.88 22.51
CA THR W 148 10.86 40.64 23.19
C THR W 148 9.97 39.52 22.66
N GLY W 149 8.68 39.81 22.49
CA GLY W 149 7.72 38.85 21.97
C GLY W 149 6.56 39.49 21.23
N VAL W 150 5.84 38.67 20.48
CA VAL W 150 4.70 39.13 19.67
C VAL W 150 3.50 38.21 19.91
N ILE W 151 2.37 38.80 20.28
CA ILE W 151 1.11 38.07 20.43
C ILE W 151 0.10 38.64 19.44
N VAL W 152 -0.42 37.78 18.57
CA VAL W 152 -1.29 38.22 17.48
C VAL W 152 -2.55 37.35 17.39
N GLY W 153 -3.68 37.97 17.08
CA GLY W 153 -4.91 37.26 16.72
C GLY W 153 -5.67 36.58 17.83
N LEU W 154 -5.30 36.88 19.08
CA LEU W 154 -5.96 36.26 20.22
C LEU W 154 -7.00 37.17 20.87
N GLY W 155 -7.42 38.19 20.11
CA GLY W 155 -8.45 39.11 20.54
C GLY W 155 -8.02 39.99 21.69
N ILE W 156 -8.95 40.23 22.61
CA ILE W 156 -8.72 41.12 23.74
C ILE W 156 -7.79 40.48 24.79
N GLN W 157 -7.77 39.15 24.81
CA GLN W 157 -7.02 38.38 25.80
C GLN W 157 -5.51 38.50 25.62
N GLY W 158 -5.08 38.84 24.40
CA GLY W 158 -3.66 39.06 24.07
C GLY W 158 -2.95 40.02 25.01
N TYR W 159 -3.65 41.08 25.41
CA TYR W 159 -3.13 42.04 26.39
C TYR W 159 -2.92 41.38 27.75
N LEU W 160 -3.92 40.59 28.17
CA LEU W 160 -3.92 39.95 29.49
C LEU W 160 -2.88 38.84 29.61
N LEU W 161 -2.66 38.13 28.51
CA LEU W 161 -1.64 37.07 28.45
C LEU W 161 -0.24 37.66 28.49
N ALA W 162 -0.09 38.84 27.89
CA ALA W 162 1.16 39.60 27.92
C ALA W 162 1.52 40.04 29.34
N LEU W 163 0.50 40.35 30.14
CA LEU W 163 0.68 40.68 31.55
C LEU W 163 1.15 39.46 32.35
N ARG W 164 0.62 38.30 31.99
CA ARG W 164 0.95 37.04 32.66
C ARG W 164 2.40 36.61 32.39
N TYR W 165 2.93 36.98 31.22
CA TYR W 165 4.33 36.74 30.90
C TYR W 165 5.26 37.60 31.75
N LEU W 166 4.93 38.88 31.85
CA LEU W 166 5.75 39.85 32.58
C LEU W 166 5.74 39.61 34.08
N ALA W 167 4.63 39.08 34.58
CA ALA W 167 4.51 38.70 36.00
C ALA W 167 5.35 37.47 36.31
N GLU W 168 5.55 36.62 35.30
CA GLU W 168 6.39 35.43 35.42
C GLU W 168 7.87 35.77 35.30
N HIS W 169 8.19 36.75 34.45
CA HIS W 169 9.56 37.21 34.24
C HIS W 169 9.81 38.54 34.93
N LEU X 29 22.36 87.17 7.90
CA LEU X 29 21.75 85.89 7.41
C LEU X 29 21.34 85.00 8.58
N ILE X 30 20.16 84.41 8.47
CA ILE X 30 19.61 83.54 9.51
C ILE X 30 19.59 82.08 9.07
N VAL X 31 20.07 81.20 9.93
CA VAL X 31 20.16 79.77 9.64
C VAL X 31 19.26 78.97 10.59
N ASN X 32 18.46 78.07 10.03
CA ASN X 32 17.57 77.21 10.81
C ASN X 32 18.11 75.79 10.97
N VAL X 33 18.17 75.31 12.20
CA VAL X 33 18.56 73.92 12.48
C VAL X 33 17.38 73.19 13.10
N ILE X 34 16.92 72.14 12.42
CA ILE X 34 15.71 71.42 12.83
C ILE X 34 15.97 69.95 13.10
N ASN X 35 15.66 69.51 14.31
CA ASN X 35 15.83 68.12 14.72
C ASN X 35 14.48 67.41 14.89
N GLY X 36 14.39 66.20 14.34
CA GLY X 36 13.16 65.41 14.39
C GLY X 36 13.00 64.61 15.67
N PRO X 37 12.14 63.56 15.63
CA PRO X 37 11.84 62.70 16.78
C PRO X 37 13.08 61.99 17.35
N ASN X 38 13.05 61.75 18.65
CA ASN X 38 14.11 61.02 19.38
C ASN X 38 15.45 61.74 19.50
N LEU X 39 15.61 62.85 18.79
CA LEU X 39 16.83 63.67 18.88
C LEU X 39 16.92 64.41 20.21
N GLY X 40 15.78 64.62 20.86
CA GLY X 40 15.74 65.20 22.20
C GLY X 40 16.04 64.17 23.29
N ARG X 41 16.40 62.96 22.86
CA ARG X 41 16.72 61.86 23.76
C ARG X 41 18.19 61.45 23.67
N LEU X 42 19.02 62.38 23.18
CA LEU X 42 20.46 62.15 23.07
C LEU X 42 21.14 62.18 24.45
N GLY X 43 22.06 61.25 24.65
CA GLY X 43 22.75 61.10 25.93
C GLY X 43 22.65 59.67 26.44
N ARG X 44 21.46 59.29 26.87
CA ARG X 44 21.19 57.94 27.35
C ARG X 44 20.76 57.00 26.23
N GLY X 52 26.76 59.99 23.76
CA GLY X 52 27.15 60.57 25.05
C GLY X 52 26.73 62.02 25.21
N THR X 53 26.79 62.77 24.12
CA THR X 53 26.44 64.19 24.12
C THR X 53 24.92 64.39 24.17
N THR X 54 24.48 65.28 25.05
CA THR X 54 23.05 65.60 25.19
C THR X 54 22.62 66.63 24.14
N HIS X 55 21.31 66.82 24.00
CA HIS X 55 20.76 67.78 23.04
C HIS X 55 20.99 69.23 23.46
N ASP X 56 21.07 69.47 24.77
CA ASP X 56 21.30 70.79 25.33
C ASP X 56 22.67 71.35 24.98
N GLU X 57 23.65 70.45 24.84
CA GLU X 57 25.01 70.81 24.46
C GLU X 57 25.10 71.19 22.98
N LEU X 58 24.32 70.49 22.16
CA LEU X 58 24.30 70.72 20.71
C LEU X 58 23.82 72.12 20.33
N VAL X 59 22.80 72.61 21.04
CA VAL X 59 22.25 73.95 20.82
C VAL X 59 23.33 75.02 21.08
N ALA X 60 24.08 74.84 22.16
CA ALA X 60 25.16 75.76 22.54
C ALA X 60 26.34 75.69 21.59
N LEU X 61 26.60 74.51 21.04
CA LEU X 61 27.71 74.30 20.10
C LEU X 61 27.44 74.94 18.73
N ILE X 62 26.19 74.86 18.27
CA ILE X 62 25.79 75.42 16.98
C ILE X 62 25.79 76.95 17.00
N GLU X 63 25.24 77.53 18.06
CA GLU X 63 25.17 78.98 18.22
C GLU X 63 26.55 79.62 18.44
N ARG X 64 27.48 78.84 18.99
CA ARG X 64 28.85 79.29 19.21
C ARG X 64 29.65 79.29 17.91
N GLU X 65 29.40 78.29 17.07
CA GLU X 65 30.06 78.16 15.77
C GLU X 65 29.50 79.18 14.77
N ALA X 66 28.21 79.49 14.91
CA ALA X 66 27.54 80.46 14.04
C ALA X 66 28.05 81.89 14.25
N ALA X 67 28.40 82.23 15.49
CA ALA X 67 28.93 83.54 15.83
C ALA X 67 30.33 83.76 15.27
N GLU X 68 31.04 82.65 15.01
CA GLU X 68 32.38 82.69 14.43
C GLU X 68 32.34 82.99 12.93
N LEU X 69 31.29 82.53 12.27
CA LEU X 69 31.14 82.65 10.82
C LEU X 69 30.32 83.89 10.42
N GLY X 70 29.61 84.47 11.38
CA GLY X 70 28.77 85.64 11.14
C GLY X 70 27.35 85.26 10.75
N LEU X 71 26.81 84.25 11.43
CA LEU X 71 25.46 83.76 11.18
C LEU X 71 24.64 83.72 12.46
N LYS X 72 23.32 83.80 12.31
CA LYS X 72 22.39 83.68 13.43
C LYS X 72 21.67 82.33 13.32
N ALA X 73 21.93 81.44 14.28
CA ALA X 73 21.40 80.08 14.23
C ALA X 73 20.42 79.77 15.36
N VAL X 74 19.35 79.05 15.01
CA VAL X 74 18.35 78.59 15.98
C VAL X 74 18.12 77.09 15.87
N VAL X 75 18.21 76.40 17.01
CA VAL X 75 18.06 74.95 17.07
C VAL X 75 16.71 74.59 17.67
N ARG X 76 15.92 73.80 16.93
CA ARG X 76 14.59 73.41 17.37
C ARG X 76 14.32 71.92 17.16
N GLN X 77 13.95 71.25 18.25
CA GLN X 77 13.68 69.81 18.24
C GLN X 77 12.20 69.54 18.57
N SER X 78 11.62 68.59 17.85
CA SER X 78 10.23 68.17 18.09
C SER X 78 9.99 66.72 17.68
N ASP X 79 9.17 66.03 18.47
CA ASP X 79 8.77 64.65 18.18
C ASP X 79 7.55 64.62 17.26
N SER X 80 6.94 65.77 17.04
CA SER X 80 5.74 65.89 16.22
C SER X 80 6.07 66.21 14.77
N GLU X 81 5.49 65.44 13.86
CA GLU X 81 5.65 65.64 12.42
C GLU X 81 5.07 66.99 11.98
N ALA X 82 3.91 67.34 12.54
CA ALA X 82 3.23 68.60 12.23
C ALA X 82 4.06 69.83 12.59
N GLN X 83 4.74 69.77 13.72
CA GLN X 83 5.60 70.87 14.19
C GLN X 83 6.82 71.02 13.28
N LEU X 84 7.40 69.90 12.86
CA LEU X 84 8.54 69.90 11.94
C LEU X 84 8.15 70.53 10.60
N LEU X 85 6.95 70.20 10.12
CA LEU X 85 6.42 70.73 8.87
C LEU X 85 6.28 72.25 8.91
N ASP X 86 5.73 72.75 10.02
CA ASP X 86 5.51 74.20 10.21
C ASP X 86 6.81 75.01 10.19
N TRP X 87 7.89 74.41 10.70
CA TRP X 87 9.18 75.09 10.78
C TRP X 87 9.85 75.36 9.42
N ILE X 88 9.73 74.42 8.48
CA ILE X 88 10.26 74.67 7.12
C ILE X 88 9.35 75.56 6.28
N HIS X 89 8.06 75.60 6.62
CA HIS X 89 7.12 76.51 5.95
C HIS X 89 7.51 77.97 6.16
N GLN X 90 7.89 78.31 7.39
CA GLN X 90 8.37 79.64 7.73
C GLN X 90 9.73 79.91 7.09
N ALA X 91 10.57 78.88 7.04
CA ALA X 91 11.90 78.95 6.42
C ALA X 91 11.82 79.19 4.91
N ALA X 92 10.74 78.71 4.29
CA ALA X 92 10.49 78.91 2.87
C ALA X 92 10.03 80.33 2.58
N ASP X 93 9.14 80.85 3.43
CA ASP X 93 8.63 82.22 3.30
C ASP X 93 9.70 83.28 3.54
N ALA X 94 10.65 82.95 4.42
CA ALA X 94 11.75 83.86 4.75
C ALA X 94 13.01 83.57 3.93
N ALA X 95 12.94 82.53 3.10
CA ALA X 95 14.06 82.08 2.25
C ALA X 95 15.35 81.80 3.04
N GLU X 96 15.21 81.01 4.11
CA GLU X 96 16.31 80.73 5.03
C GLU X 96 16.80 79.29 4.91
N PRO X 97 18.13 79.09 4.97
CA PRO X 97 18.75 77.76 4.90
C PRO X 97 18.34 76.84 6.05
N VAL X 98 18.37 75.53 5.81
CA VAL X 98 17.96 74.54 6.81
C VAL X 98 18.98 73.41 6.94
N ILE X 99 19.35 73.10 8.18
CA ILE X 99 20.04 71.85 8.49
C ILE X 99 19.03 70.94 9.18
N LEU X 100 18.74 69.81 8.55
CA LEU X 100 17.65 68.94 9.00
C LEU X 100 18.09 67.52 9.31
N ASN X 101 17.81 67.10 10.55
CA ASN X 101 17.91 65.71 10.95
C ASN X 101 16.52 65.24 11.35
N ALA X 102 15.82 64.61 10.42
CA ALA X 102 14.44 64.18 10.63
C ALA X 102 14.33 62.94 11.52
N GLY X 103 15.47 62.30 11.81
CA GLY X 103 15.51 61.09 12.62
C GLY X 103 14.83 59.92 11.93
N GLY X 104 13.88 59.30 12.63
CA GLY X 104 13.15 58.16 12.09
C GLY X 104 12.26 58.49 10.89
N LEU X 105 11.82 59.74 10.82
CA LEU X 105 10.92 60.20 9.75
C LEU X 105 11.63 60.37 8.39
N THR X 106 12.97 60.39 8.41
CA THR X 106 13.76 60.55 7.20
C THR X 106 13.48 59.43 6.18
N HIS X 107 13.20 58.24 6.71
CA HIS X 107 13.02 57.05 5.89
C HIS X 107 11.55 56.74 5.59
N THR X 108 10.64 57.52 6.18
CA THR X 108 9.21 57.21 6.10
C THR X 108 8.28 58.35 5.66
N SER X 109 8.68 59.60 5.91
CA SER X 109 7.78 60.74 5.70
C SER X 109 7.90 61.39 4.31
N VAL X 110 6.88 61.17 3.48
CA VAL X 110 6.73 61.86 2.21
C VAL X 110 6.21 63.27 2.44
N ALA X 111 5.40 63.44 3.50
CA ALA X 111 4.86 64.74 3.88
C ALA X 111 5.97 65.75 4.15
N LEU X 112 7.00 65.33 4.90
CA LEU X 112 8.14 66.18 5.21
C LEU X 112 8.97 66.49 3.96
N ARG X 113 8.95 65.58 3.00
CA ARG X 113 9.64 65.76 1.72
C ARG X 113 8.99 66.88 0.89
N ASP X 114 7.66 66.87 0.82
CA ASP X 114 6.89 67.86 0.06
C ASP X 114 7.06 69.28 0.60
N ALA X 115 7.26 69.40 1.90
CA ALA X 115 7.46 70.69 2.56
C ALA X 115 8.85 71.27 2.28
N CYS X 116 9.85 70.40 2.23
CA CYS X 116 11.24 70.80 1.98
C CYS X 116 11.49 71.24 0.54
N ALA X 117 10.60 70.84 -0.36
CA ALA X 117 10.68 71.24 -1.78
C ALA X 117 10.42 72.73 -1.98
N GLU X 118 9.73 73.34 -1.01
CA GLU X 118 9.42 74.77 -1.03
C GLU X 118 10.65 75.65 -0.74
N LEU X 119 11.68 75.04 -0.15
CA LEU X 119 12.87 75.78 0.27
C LEU X 119 13.69 76.30 -0.91
N SER X 120 13.89 77.62 -0.94
CA SER X 120 14.70 78.27 -1.97
C SER X 120 16.17 78.20 -1.62
N ALA X 121 16.49 78.51 -0.36
CA ALA X 121 17.85 78.43 0.16
C ALA X 121 18.28 76.97 0.34
N PRO X 122 19.60 76.70 0.37
CA PRO X 122 20.11 75.33 0.47
C PRO X 122 19.59 74.53 1.67
N LEU X 123 19.49 73.22 1.50
CA LEU X 123 19.03 72.31 2.54
C LEU X 123 20.06 71.18 2.72
N ILE X 124 20.54 71.02 3.95
CA ILE X 124 21.53 70.00 4.25
C ILE X 124 20.98 68.98 5.25
N GLU X 125 20.97 67.71 4.86
CA GLU X 125 20.54 66.62 5.73
C GLU X 125 21.72 66.09 6.54
N VAL X 126 21.48 65.82 7.82
CA VAL X 126 22.52 65.33 8.73
C VAL X 126 22.03 64.11 9.52
N HIS X 127 22.91 63.12 9.66
CA HIS X 127 22.66 61.97 10.54
C HIS X 127 23.88 61.70 11.40
N ILE X 128 23.64 61.37 12.68
CA ILE X 128 24.70 61.18 13.66
C ILE X 128 25.45 59.86 13.45
N SER X 129 24.69 58.76 13.42
CA SER X 129 25.28 57.43 13.23
C SER X 129 25.49 57.14 11.75
N ASN X 130 26.34 56.15 11.45
CA ASN X 130 26.49 55.67 10.08
C ASN X 130 25.27 54.83 9.72
N VAL X 131 24.35 55.47 9.00
CA VAL X 131 23.04 54.90 8.70
C VAL X 131 23.10 53.78 7.65
N HIS X 132 24.23 53.69 6.93
CA HIS X 132 24.44 52.68 5.91
C HIS X 132 25.04 51.38 6.47
N ALA X 133 25.52 51.44 7.72
CA ALA X 133 26.13 50.30 8.38
C ALA X 133 25.15 49.50 9.23
N ARG X 134 23.92 50.00 9.31
CA ARG X 134 22.88 49.39 10.15
C ARG X 134 21.85 48.63 9.32
N GLU X 135 20.57 48.79 9.66
CA GLU X 135 19.49 48.10 8.95
C GLU X 135 19.31 48.62 7.53
N GLU X 136 18.78 47.76 6.66
CA GLU X 136 18.60 48.07 5.24
C GLU X 136 17.61 49.21 4.99
N PHE X 137 16.53 49.27 5.77
CA PHE X 137 15.51 50.30 5.61
C PHE X 137 15.99 51.72 5.93
N ARG X 138 17.16 51.82 6.54
CA ARG X 138 17.75 53.11 6.90
C ARG X 138 18.61 53.70 5.78
N ARG X 139 19.04 52.84 4.87
CA ARG X 139 19.92 53.25 3.76
C ARG X 139 19.17 54.02 2.66
N HIS X 140 17.86 54.16 2.83
CA HIS X 140 17.02 54.86 1.88
C HIS X 140 16.39 56.10 2.53
N SER X 141 16.55 57.24 1.86
CA SER X 141 16.09 58.52 2.41
C SER X 141 15.21 59.26 1.41
N TYR X 142 14.08 59.76 1.90
CA TYR X 142 13.14 60.55 1.08
C TYR X 142 13.64 61.98 0.88
N LEU X 143 14.46 62.46 1.81
CA LEU X 143 14.93 63.85 1.80
C LEU X 143 16.21 64.05 1.02
N SER X 144 16.98 62.97 0.85
CA SER X 144 18.28 63.02 0.15
C SER X 144 18.22 63.53 -1.31
N PRO X 145 17.22 63.07 -2.10
CA PRO X 145 17.17 63.50 -3.50
C PRO X 145 16.82 64.98 -3.72
N ILE X 146 16.23 65.62 -2.71
CA ILE X 146 15.83 67.03 -2.83
C ILE X 146 16.73 68.00 -2.05
N ALA X 147 17.61 67.45 -1.22
CA ALA X 147 18.55 68.26 -0.43
C ALA X 147 19.79 68.64 -1.24
N THR X 148 20.54 69.62 -0.75
CA THR X 148 21.81 70.01 -1.35
C THR X 148 22.88 68.97 -1.02
N GLY X 149 22.98 68.60 0.25
CA GLY X 149 23.97 67.63 0.70
C GLY X 149 23.55 66.77 1.87
N VAL X 150 24.25 65.65 2.06
CA VAL X 150 23.98 64.71 3.15
C VAL X 150 25.27 64.37 3.90
N ILE X 151 25.25 64.57 5.22
CA ILE X 151 26.37 64.21 6.09
C ILE X 151 25.94 63.10 7.05
N VAL X 152 26.63 61.97 7.00
CA VAL X 152 26.28 60.78 7.79
C VAL X 152 27.50 60.21 8.52
N GLY X 153 27.28 59.76 9.75
CA GLY X 153 28.29 58.99 10.49
C GLY X 153 29.47 59.73 11.08
N LEU X 154 29.39 61.06 11.11
CA LEU X 154 30.47 61.88 11.67
C LEU X 154 30.16 62.36 13.09
N GLY X 155 29.16 61.73 13.71
CA GLY X 155 28.77 62.06 15.08
C GLY X 155 28.06 63.40 15.17
N ILE X 156 28.32 64.11 16.27
CA ILE X 156 27.69 65.39 16.54
C ILE X 156 28.27 66.53 15.68
N GLN X 157 29.52 66.36 15.25
CA GLN X 157 30.24 67.38 14.48
C GLN X 157 29.64 67.64 13.09
N GLY X 158 28.78 66.74 12.63
CA GLY X 158 28.12 66.86 11.33
C GLY X 158 27.33 68.15 11.14
N TYR X 159 26.69 68.61 12.21
CA TYR X 159 25.93 69.87 12.20
C TYR X 159 26.82 71.09 11.94
N LEU X 160 27.97 71.13 12.61
CA LEU X 160 28.89 72.26 12.53
C LEU X 160 29.52 72.43 11.14
N LEU X 161 29.76 71.31 10.47
CA LEU X 161 30.34 71.30 9.13
C LEU X 161 29.36 71.83 8.08
N ALA X 162 28.07 71.60 8.32
CA ALA X 162 27.02 72.09 7.44
C ALA X 162 26.89 73.61 7.50
N LEU X 163 27.11 74.17 8.69
CA LEU X 163 27.07 75.63 8.90
C LEU X 163 28.14 76.36 8.09
N ARG X 164 29.32 75.75 8.00
CA ARG X 164 30.47 76.33 7.30
C ARG X 164 30.24 76.44 5.79
N TYR X 165 29.45 75.51 5.25
CA TYR X 165 29.10 75.52 3.83
C TYR X 165 28.21 76.72 3.48
N LEU X 166 27.25 77.03 4.36
CA LEU X 166 26.30 78.11 4.13
C LEU X 166 26.90 79.50 4.30
N ALA X 167 27.96 79.59 5.10
CA ALA X 167 28.66 80.85 5.37
C ALA X 167 29.43 81.35 4.14
N GLU X 168 29.75 80.43 3.24
CA GLU X 168 30.44 80.77 2.00
C GLU X 168 29.51 80.68 0.79
N HIS X 169 28.22 80.44 1.08
CA HIS X 169 27.18 80.35 0.05
C HIS X 169 25.96 81.18 0.44
#